data_5MYE
#
_entry.id   5MYE
#
loop_
_entity.id
_entity.type
_entity.pdbx_description
1 polymer 'Dehydroascorbate reductase family protein'
2 non-polymer (5R)-5-[(1S)-1,2-bis(oxidanyl)ethyl]oxolane-2,3,4-trione
#
_entity_poly.entity_id   1
_entity_poly.type   'polypeptide(L)'
_entity_poly.pdbx_seq_one_letter_code
;MALEICVKAAVGAPNILGDSPFCQRVLLSLEEKKIPYKSHLINLGDKPQWFLEISPEGKVPVVKIDDKWVADSDVIVGIL
EEKNPEPPLATPPEFASVGSKIFPSFVKFLKSKDPNDGTEQALLEELKALDGHLKVHGPFIAGEKITAVDLSLAPKLYHL
EVALGHFKNWPIPDNLTHVLNYIKLLFSRESFKKTRAAEEHVIAGWEPKVNAHHHHHH
;
_entity_poly.pdbx_strand_id   A
#
# COMPACT_ATOMS: atom_id res chain seq x y z
N MET A 1 -18.03 -16.98 -0.17
CA MET A 1 -17.87 -17.23 -1.62
C MET A 1 -17.58 -15.94 -2.36
N ALA A 2 -16.96 -16.05 -3.55
CA ALA A 2 -16.24 -14.98 -4.26
C ALA A 2 -15.08 -14.37 -3.44
N LEU A 3 -14.34 -13.42 -4.02
CA LEU A 3 -13.25 -12.72 -3.33
C LEU A 3 -13.79 -11.89 -2.14
N GLU A 4 -13.66 -12.43 -0.93
CA GLU A 4 -14.06 -11.76 0.31
C GLU A 4 -12.82 -11.15 0.99
N ILE A 5 -12.56 -9.88 0.68
CA ILE A 5 -11.43 -9.13 1.23
C ILE A 5 -11.79 -8.67 2.64
N CYS A 6 -11.04 -9.09 3.67
CA CYS A 6 -11.32 -8.75 5.07
C CYS A 6 -10.20 -7.88 5.63
N VAL A 7 -10.51 -6.60 5.86
CA VAL A 7 -9.51 -5.52 5.84
C VAL A 7 -9.74 -4.54 6.99
N LYS A 8 -8.65 -4.05 7.61
CA LYS A 8 -8.78 -2.91 8.51
C LYS A 8 -9.17 -1.66 7.72
N ALA A 9 -10.27 -1.05 8.15
CA ALA A 9 -10.75 0.27 7.75
C ALA A 9 -9.94 1.38 8.44
N ALA A 10 -10.36 2.63 8.23
CA ALA A 10 -10.02 3.74 9.12
C ALA A 10 -10.42 3.45 10.58
N VAL A 11 -9.67 4.02 11.52
CA VAL A 11 -10.10 4.16 12.92
C VAL A 11 -11.42 4.94 12.99
N GLY A 12 -12.39 4.41 13.74
CA GLY A 12 -13.72 4.99 13.92
C GLY A 12 -14.72 4.78 12.77
N ALA A 13 -14.26 4.47 11.55
CA ALA A 13 -15.12 4.46 10.35
C ALA A 13 -14.96 3.16 9.53
N PRO A 14 -15.77 2.11 9.82
CA PRO A 14 -15.72 0.79 9.17
C PRO A 14 -16.28 0.75 7.73
N ASN A 15 -16.15 1.83 6.97
CA ASN A 15 -16.64 1.99 5.59
C ASN A 15 -15.62 2.67 4.65
N ILE A 16 -14.43 3.04 5.14
CA ILE A 16 -13.40 3.78 4.39
C ILE A 16 -11.99 3.30 4.76
N LEU A 17 -11.03 3.52 3.87
CA LEU A 17 -9.77 2.76 3.81
C LEU A 17 -8.65 3.27 4.73
N GLY A 18 -8.73 4.54 5.18
CA GLY A 18 -7.94 5.17 6.24
C GLY A 18 -6.46 4.81 6.35
N ASP A 19 -6.01 4.58 7.59
CA ASP A 19 -4.61 4.47 8.01
C ASP A 19 -3.88 3.19 7.56
N SER A 20 -4.49 2.37 6.70
CA SER A 20 -3.92 1.10 6.25
C SER A 20 -3.70 1.12 4.76
N PRO A 21 -2.48 1.55 4.26
CA PRO A 21 -2.07 1.34 2.87
C PRO A 21 -1.92 -0.16 2.55
N PHE A 22 -1.69 -0.95 3.59
CA PHE A 22 -1.73 -2.41 3.64
C PHE A 22 -3.06 -3.02 3.13
N CYS A 23 -4.26 -2.47 3.49
CA CYS A 23 -5.51 -2.96 2.92
C CYS A 23 -5.75 -2.38 1.55
N GLN A 24 -5.29 -1.17 1.26
CA GLN A 24 -5.43 -0.50 -0.04
C GLN A 24 -4.66 -1.21 -1.17
N ARG A 25 -3.57 -1.94 -0.84
CA ARG A 25 -2.86 -2.86 -1.76
C ARG A 25 -3.77 -3.94 -2.37
N VAL A 26 -4.62 -4.52 -1.53
CA VAL A 26 -5.41 -5.72 -1.87
C VAL A 26 -6.47 -5.37 -2.92
N LEU A 27 -7.01 -4.15 -2.83
CA LEU A 27 -7.86 -3.55 -3.84
C LEU A 27 -7.06 -3.27 -5.13
N LEU A 28 -5.85 -2.71 -5.01
CA LEU A 28 -4.93 -2.42 -6.12
C LEU A 28 -4.60 -3.66 -6.97
N SER A 29 -4.16 -4.78 -6.38
CA SER A 29 -3.74 -5.96 -7.17
C SER A 29 -4.90 -6.68 -7.87
N LEU A 30 -6.15 -6.48 -7.41
CA LEU A 30 -7.36 -7.02 -8.04
C LEU A 30 -7.99 -6.04 -9.05
N GLU A 31 -7.97 -4.74 -8.76
CA GLU A 31 -8.40 -3.69 -9.70
C GLU A 31 -7.47 -3.53 -10.90
N GLU A 32 -6.17 -3.84 -10.76
CA GLU A 32 -5.28 -3.90 -11.92
C GLU A 32 -5.65 -5.06 -12.86
N LYS A 33 -5.98 -6.24 -12.30
CA LYS A 33 -6.56 -7.39 -13.01
C LYS A 33 -8.02 -7.20 -13.46
N LYS A 34 -8.71 -6.16 -12.99
CA LYS A 34 -10.15 -5.90 -13.18
C LYS A 34 -11.10 -6.94 -12.55
N ILE A 35 -10.59 -7.90 -11.77
CA ILE A 35 -11.37 -9.00 -11.19
C ILE A 35 -12.25 -8.51 -10.01
N PRO A 36 -13.56 -8.84 -9.98
CA PRO A 36 -14.48 -8.33 -8.95
C PRO A 36 -14.31 -8.99 -7.58
N TYR A 37 -14.66 -8.25 -6.54
CA TYR A 37 -14.52 -8.63 -5.12
C TYR A 37 -15.57 -7.92 -4.25
N LYS A 38 -15.59 -8.24 -2.95
CA LYS A 38 -16.28 -7.46 -1.90
C LYS A 38 -15.33 -7.16 -0.74
N SER A 39 -15.44 -5.95 -0.18
CA SER A 39 -14.54 -5.44 0.86
C SER A 39 -15.24 -5.38 2.23
N HIS A 40 -15.00 -6.38 3.07
CA HIS A 40 -15.44 -6.44 4.46
C HIS A 40 -14.53 -5.56 5.34
N LEU A 41 -14.86 -4.26 5.43
CA LEU A 41 -14.10 -3.26 6.19
C LEU A 41 -14.36 -3.35 7.70
N ILE A 42 -13.29 -3.46 8.49
CA ILE A 42 -13.29 -3.63 9.94
C ILE A 42 -12.69 -2.40 10.63
N ASN A 43 -13.44 -1.74 11.51
CA ASN A 43 -12.88 -0.80 12.48
C ASN A 43 -12.36 -1.57 13.70
N LEU A 44 -11.05 -1.87 13.71
CA LEU A 44 -10.26 -2.40 14.85
C LEU A 44 -10.67 -3.77 15.44
N GLY A 45 -11.85 -4.29 15.10
CA GLY A 45 -12.44 -5.50 15.67
C GLY A 45 -13.97 -5.51 15.68
N ASP A 46 -14.65 -4.51 15.09
CA ASP A 46 -16.11 -4.38 15.11
C ASP A 46 -16.86 -5.45 14.28
N LYS A 47 -16.15 -6.32 13.54
CA LYS A 47 -16.72 -7.51 12.89
C LYS A 47 -16.21 -8.77 13.61
N PRO A 48 -17.07 -9.77 13.87
CA PRO A 48 -16.73 -10.94 14.69
C PRO A 48 -15.68 -11.87 14.04
N GLN A 49 -15.28 -12.90 14.79
CA GLN A 49 -14.22 -13.87 14.45
C GLN A 49 -14.26 -14.46 13.04
N TRP A 50 -15.43 -14.66 12.43
CA TRP A 50 -15.59 -15.11 11.03
C TRP A 50 -14.90 -14.22 9.98
N PHE A 51 -14.67 -12.94 10.30
CA PHE A 51 -13.94 -11.97 9.47
C PHE A 51 -12.42 -11.88 9.79
N LEU A 52 -11.96 -12.55 10.85
CA LEU A 52 -10.60 -12.49 11.41
C LEU A 52 -9.85 -13.83 11.28
N GLU A 53 -10.57 -14.94 11.42
CA GLU A 53 -10.14 -16.35 11.32
C GLU A 53 -9.66 -16.77 9.91
N ILE A 54 -9.80 -15.86 8.94
CA ILE A 54 -9.22 -15.94 7.59
C ILE A 54 -7.69 -15.71 7.63
N SER A 55 -7.18 -15.06 8.69
CA SER A 55 -5.76 -14.86 8.95
C SER A 55 -5.18 -15.97 9.83
N PRO A 56 -3.95 -16.46 9.56
CA PRO A 56 -3.23 -17.34 10.48
C PRO A 56 -2.76 -16.61 11.75
N GLU A 57 -2.70 -15.28 11.73
CA GLU A 57 -2.39 -14.40 12.86
C GLU A 57 -3.65 -13.87 13.58
N GLY A 58 -4.85 -14.14 13.05
CA GLY A 58 -6.10 -13.44 13.40
C GLY A 58 -6.16 -11.96 12.95
N LYS A 59 -5.12 -11.46 12.27
CA LYS A 59 -4.97 -10.07 11.84
C LYS A 59 -5.59 -9.85 10.47
N VAL A 60 -6.45 -8.83 10.34
CA VAL A 60 -6.70 -8.18 9.05
C VAL A 60 -5.61 -7.13 8.78
N PRO A 61 -5.21 -6.85 7.52
CA PRO A 61 -5.83 -7.27 6.25
C PRO A 61 -5.43 -8.67 5.72
N VAL A 62 -6.44 -9.43 5.29
CA VAL A 62 -6.34 -10.78 4.67
C VAL A 62 -7.47 -11.00 3.64
N VAL A 63 -7.46 -12.13 2.92
CA VAL A 63 -8.51 -12.44 1.92
C VAL A 63 -8.97 -13.90 1.95
N LYS A 64 -10.24 -14.10 1.62
CA LYS A 64 -10.75 -15.35 1.03
C LYS A 64 -10.74 -15.25 -0.48
N ILE A 65 -10.22 -16.28 -1.14
CA ILE A 65 -10.37 -16.50 -2.59
C ILE A 65 -11.49 -17.52 -2.80
N ASP A 66 -12.73 -17.03 -2.74
CA ASP A 66 -13.94 -17.87 -2.72
C ASP A 66 -13.97 -18.83 -1.50
N ASP A 67 -13.97 -18.23 -0.31
CA ASP A 67 -13.79 -18.87 1.01
C ASP A 67 -12.45 -19.59 1.30
N LYS A 68 -11.60 -19.81 0.29
CA LYS A 68 -10.26 -20.40 0.45
C LYS A 68 -9.27 -19.34 0.95
N TRP A 69 -8.90 -19.41 2.23
CA TRP A 69 -8.21 -18.32 2.93
C TRP A 69 -6.74 -18.10 2.48
N VAL A 70 -6.26 -16.87 2.70
CA VAL A 70 -4.92 -16.36 2.37
C VAL A 70 -4.51 -15.32 3.41
N ALA A 71 -3.25 -15.42 3.86
CA ALA A 71 -2.62 -14.56 4.87
C ALA A 71 -2.33 -13.11 4.39
N ASP A 72 -1.59 -12.35 5.20
CA ASP A 72 -1.61 -10.88 5.27
C ASP A 72 -1.13 -10.11 4.03
N SER A 73 -1.40 -8.80 4.00
CA SER A 73 -1.15 -7.85 2.89
C SER A 73 0.27 -7.83 2.28
N ASP A 74 1.26 -8.39 2.97
CA ASP A 74 2.67 -8.36 2.61
C ASP A 74 3.14 -9.71 2.02
N VAL A 75 2.34 -10.78 2.19
CA VAL A 75 2.46 -12.06 1.45
C VAL A 75 1.33 -12.28 0.44
N ILE A 76 0.24 -11.50 0.50
CA ILE A 76 -0.77 -11.37 -0.57
C ILE A 76 -0.15 -10.99 -1.93
N VAL A 77 0.93 -10.21 -1.92
CA VAL A 77 1.68 -9.80 -3.13
C VAL A 77 2.32 -11.00 -3.87
N GLY A 78 2.41 -12.16 -3.23
CA GLY A 78 2.56 -13.46 -3.89
C GLY A 78 1.27 -14.28 -3.93
N ILE A 79 0.63 -14.55 -2.78
CA ILE A 79 -0.36 -15.63 -2.65
C ILE A 79 -1.72 -15.29 -3.32
N LEU A 80 -2.10 -14.02 -3.39
CA LEU A 80 -3.30 -13.57 -4.13
C LEU A 80 -3.07 -13.52 -5.65
N GLU A 81 -1.81 -13.57 -6.07
CA GLU A 81 -1.38 -13.63 -7.47
C GLU A 81 -1.22 -15.09 -7.94
N GLU A 82 -0.62 -15.94 -7.09
CA GLU A 82 -0.51 -17.40 -7.20
C GLU A 82 -1.86 -18.09 -7.46
N LYS A 83 -2.89 -17.68 -6.72
CA LYS A 83 -4.21 -18.33 -6.70
C LYS A 83 -5.26 -17.62 -7.58
N ASN A 84 -4.83 -16.67 -8.41
CA ASN A 84 -5.72 -15.86 -9.24
C ASN A 84 -6.04 -16.56 -10.58
N PRO A 85 -7.29 -16.50 -11.09
CA PRO A 85 -7.58 -16.89 -12.47
C PRO A 85 -7.15 -15.83 -13.50
N GLU A 86 -7.11 -14.55 -13.11
CA GLU A 86 -6.61 -13.45 -13.95
C GLU A 86 -5.09 -13.26 -13.79
N PRO A 87 -4.38 -12.62 -14.74
CA PRO A 87 -2.92 -12.60 -14.79
C PRO A 87 -2.20 -12.19 -13.48
N PRO A 88 -1.28 -13.03 -12.97
CA PRO A 88 -0.47 -12.72 -11.78
C PRO A 88 0.39 -11.46 -11.94
N LEU A 89 0.51 -10.69 -10.87
CA LEU A 89 1.28 -9.44 -10.77
C LEU A 89 2.47 -9.54 -9.80
N ALA A 90 2.78 -10.74 -9.28
CA ALA A 90 3.85 -10.99 -8.31
C ALA A 90 5.28 -10.78 -8.84
N THR A 91 5.47 -10.64 -10.16
CA THR A 91 6.79 -10.66 -10.81
C THR A 91 7.72 -9.57 -10.25
N PRO A 92 8.86 -9.94 -9.62
CA PRO A 92 9.81 -8.98 -9.06
C PRO A 92 10.81 -8.50 -10.13
N PRO A 93 10.82 -7.21 -10.51
CA PRO A 93 11.91 -6.61 -11.29
C PRO A 93 13.13 -6.29 -10.41
N GLU A 94 14.15 -5.69 -11.01
CA GLU A 94 15.31 -5.08 -10.35
C GLU A 94 14.90 -4.02 -9.30
N PHE A 95 13.82 -3.28 -9.58
CA PHE A 95 13.23 -2.28 -8.68
C PHE A 95 12.74 -2.85 -7.33
N ALA A 96 12.50 -4.16 -7.23
CA ALA A 96 12.19 -4.81 -5.97
C ALA A 96 13.34 -4.76 -4.95
N SER A 97 14.60 -4.67 -5.42
CA SER A 97 15.78 -4.55 -4.55
C SER A 97 15.75 -3.26 -3.71
N VAL A 98 15.71 -2.10 -4.38
CA VAL A 98 15.60 -0.78 -3.73
C VAL A 98 14.22 -0.58 -3.10
N GLY A 99 13.16 -1.08 -3.74
CA GLY A 99 11.79 -1.02 -3.23
C GLY A 99 11.59 -1.77 -1.91
N SER A 100 12.33 -2.86 -1.68
CA SER A 100 12.32 -3.59 -0.40
C SER A 100 12.98 -2.84 0.76
N LYS A 101 13.83 -1.83 0.48
CA LYS A 101 14.40 -0.91 1.48
C LYS A 101 13.49 0.28 1.76
N ILE A 102 12.85 0.82 0.71
CA ILE A 102 11.82 1.88 0.77
C ILE A 102 10.57 1.41 1.55
N PHE A 103 10.18 0.14 1.36
CA PHE A 103 8.99 -0.48 1.96
C PHE A 103 8.90 -0.32 3.49
N PRO A 104 9.90 -0.74 4.30
CA PRO A 104 9.94 -0.49 5.73
C PRO A 104 10.41 0.93 6.08
N SER A 105 11.32 1.54 5.31
CA SER A 105 11.87 2.86 5.67
C SER A 105 10.81 3.98 5.61
N PHE A 106 9.81 3.84 4.72
CA PHE A 106 8.64 4.73 4.65
C PHE A 106 7.56 4.41 5.70
N VAL A 107 7.53 3.21 6.29
CA VAL A 107 6.76 2.96 7.53
C VAL A 107 7.45 3.60 8.72
N LYS A 108 8.78 3.50 8.80
CA LYS A 108 9.58 4.10 9.88
C LYS A 108 9.60 5.64 9.83
N PHE A 109 9.44 6.23 8.65
CA PHE A 109 9.23 7.67 8.46
C PHE A 109 7.97 8.18 9.20
N LEU A 110 6.90 7.39 9.16
CA LEU A 110 5.65 7.59 9.90
C LEU A 110 5.68 7.10 11.37
N LYS A 111 6.86 6.71 11.89
CA LYS A 111 7.15 6.26 13.27
C LYS A 111 8.53 6.77 13.73
N SER A 112 8.85 7.99 13.29
CA SER A 112 10.17 8.64 13.42
C SER A 112 10.40 9.28 14.79
N LYS A 113 10.34 8.44 15.83
CA LYS A 113 10.89 8.73 17.17
C LYS A 113 12.42 8.90 17.07
N ASP A 114 13.04 7.98 16.34
CA ASP A 114 14.32 8.08 15.65
C ASP A 114 14.16 9.13 14.52
N PRO A 115 14.92 10.24 14.48
CA PRO A 115 14.55 11.42 13.70
C PRO A 115 14.32 11.19 12.19
N ASN A 116 13.22 11.75 11.68
CA ASN A 116 12.94 11.79 10.24
C ASN A 116 13.91 12.72 9.49
N ASP A 117 14.38 13.78 10.14
CA ASP A 117 15.41 14.70 9.63
C ASP A 117 16.74 14.03 9.28
N GLY A 118 17.12 12.96 10.01
CA GLY A 118 18.28 12.12 9.70
C GLY A 118 17.96 10.96 8.75
N THR A 119 16.76 10.39 8.86
CA THR A 119 16.26 9.30 8.01
C THR A 119 16.13 9.71 6.55
N GLU A 120 15.61 10.92 6.30
CA GLU A 120 15.34 11.52 4.98
C GLU A 120 16.61 11.64 4.11
N GLN A 121 17.78 11.77 4.76
CA GLN A 121 19.08 11.81 4.09
C GLN A 121 19.46 10.46 3.45
N ALA A 122 18.85 9.35 3.88
CA ALA A 122 18.91 8.07 3.17
C ALA A 122 17.73 7.90 2.17
N LEU A 123 16.54 8.40 2.51
CA LEU A 123 15.35 8.24 1.66
C LEU A 123 15.46 8.97 0.32
N LEU A 124 16.13 10.13 0.27
CA LEU A 124 16.41 10.82 -0.99
C LEU A 124 17.32 10.00 -1.92
N GLU A 125 18.29 9.27 -1.38
CA GLU A 125 19.20 8.43 -2.17
C GLU A 125 18.57 7.07 -2.54
N GLU A 126 17.68 6.53 -1.69
CA GLU A 126 16.80 5.41 -2.04
C GLU A 126 15.85 5.75 -3.19
N LEU A 127 15.21 6.92 -3.14
CA LEU A 127 14.36 7.41 -4.24
C LEU A 127 15.17 7.68 -5.51
N LYS A 128 16.38 8.25 -5.44
CA LYS A 128 17.25 8.47 -6.61
C LYS A 128 17.68 7.15 -7.26
N ALA A 129 18.03 6.14 -6.47
CA ALA A 129 18.45 4.83 -6.98
C ALA A 129 17.31 4.11 -7.72
N LEU A 130 16.08 4.27 -7.25
CA LEU A 130 14.87 3.79 -7.94
C LEU A 130 14.56 4.64 -9.19
N ASP A 131 14.44 5.96 -9.01
CA ASP A 131 14.02 6.94 -10.02
C ASP A 131 14.97 7.06 -11.22
N GLY A 132 16.28 6.91 -11.00
CA GLY A 132 17.30 6.96 -12.04
C GLY A 132 17.14 5.88 -13.12
N HIS A 133 16.65 4.70 -12.73
CA HIS A 133 16.31 3.62 -13.66
C HIS A 133 14.81 3.60 -14.04
N LEU A 134 13.89 4.07 -13.18
CA LEU A 134 12.46 4.18 -13.53
C LEU A 134 12.20 5.21 -14.63
N LYS A 135 12.97 6.29 -14.71
CA LYS A 135 12.90 7.28 -15.81
C LYS A 135 13.33 6.73 -17.18
N VAL A 136 13.92 5.54 -17.24
CA VAL A 136 14.17 4.81 -18.50
C VAL A 136 12.96 3.97 -18.94
N HIS A 137 12.14 3.52 -17.98
CA HIS A 137 10.98 2.65 -18.24
C HIS A 137 9.66 3.43 -18.39
N GLY A 138 9.47 4.51 -17.61
CA GLY A 138 8.40 5.50 -17.82
C GLY A 138 7.31 5.56 -16.73
N PRO A 139 6.39 4.58 -16.62
CA PRO A 139 5.07 4.81 -16.02
C PRO A 139 4.86 4.36 -14.56
N PHE A 140 5.46 3.24 -14.10
CA PHE A 140 5.12 2.60 -12.82
C PHE A 140 6.36 2.22 -12.00
N ILE A 141 6.20 2.06 -10.69
CA ILE A 141 7.31 1.80 -9.75
C ILE A 141 7.92 0.39 -9.87
N ALA A 142 7.26 -0.53 -10.58
CA ALA A 142 7.84 -1.79 -11.05
C ALA A 142 8.36 -1.77 -12.51
N GLY A 143 8.30 -0.62 -13.21
CA GLY A 143 8.75 -0.47 -14.60
C GLY A 143 7.60 -0.19 -15.58
N GLU A 144 7.58 -0.88 -16.72
CA GLU A 144 6.64 -0.63 -17.82
C GLU A 144 5.17 -0.92 -17.48
N LYS A 145 4.90 -1.80 -16.51
CA LYS A 145 3.57 -2.12 -16.00
C LYS A 145 3.59 -2.28 -14.48
N ILE A 146 2.41 -2.25 -13.88
CA ILE A 146 2.20 -2.60 -12.46
C ILE A 146 2.53 -4.09 -12.21
N THR A 147 3.50 -4.33 -11.33
CA THR A 147 3.78 -5.61 -10.64
C THR A 147 4.26 -5.33 -9.21
N ALA A 148 4.86 -6.31 -8.53
CA ALA A 148 5.02 -6.39 -7.08
C ALA A 148 5.56 -5.11 -6.39
N VAL A 149 6.39 -4.28 -7.02
CA VAL A 149 6.95 -3.08 -6.37
C VAL A 149 5.91 -1.96 -6.20
N ASP A 150 5.02 -1.76 -7.18
CA ASP A 150 3.81 -0.94 -7.01
C ASP A 150 2.88 -1.53 -5.94
N LEU A 151 2.72 -2.86 -5.92
CA LEU A 151 1.93 -3.53 -4.89
C LEU A 151 2.53 -3.37 -3.48
N SER A 152 3.87 -3.31 -3.34
CA SER A 152 4.52 -3.01 -2.06
C SER A 152 4.33 -1.56 -1.61
N LEU A 153 4.36 -0.58 -2.53
CA LEU A 153 4.61 0.83 -2.24
C LEU A 153 3.49 1.83 -2.57
N ALA A 154 2.67 1.61 -3.61
CA ALA A 154 1.83 2.66 -4.21
C ALA A 154 0.89 3.38 -3.22
N PRO A 155 0.03 2.68 -2.44
CA PRO A 155 -0.79 3.34 -1.42
C PRO A 155 0.02 3.84 -0.21
N LYS A 156 1.24 3.32 0.03
CA LYS A 156 2.11 3.81 1.10
C LYS A 156 2.70 5.19 0.78
N LEU A 157 2.93 5.49 -0.50
CA LEU A 157 3.33 6.82 -0.96
C LEU A 157 2.20 7.85 -0.80
N TYR A 158 0.96 7.47 -1.15
CA TYR A 158 -0.22 8.30 -0.88
C TYR A 158 -0.51 8.48 0.62
N HIS A 159 -0.32 7.44 1.45
CA HIS A 159 -0.39 7.57 2.90
C HIS A 159 0.72 8.48 3.47
N LEU A 160 1.92 8.50 2.87
CA LEU A 160 2.97 9.44 3.28
C LEU A 160 2.60 10.89 2.92
N GLU A 161 2.16 11.12 1.68
CA GLU A 161 1.66 12.41 1.18
C GLU A 161 0.58 13.01 2.09
N VAL A 162 -0.40 12.20 2.50
CA VAL A 162 -1.48 12.60 3.42
C VAL A 162 -1.02 12.73 4.87
N ALA A 163 -0.45 11.67 5.46
CA ALA A 163 -0.23 11.62 6.91
C ALA A 163 1.05 12.35 7.37
N LEU A 164 2.12 12.31 6.57
CA LEU A 164 3.30 13.14 6.81
C LEU A 164 3.02 14.62 6.49
N GLY A 165 2.15 14.89 5.51
CA GLY A 165 1.63 16.22 5.18
C GLY A 165 0.98 16.96 6.36
N HIS A 166 0.44 16.23 7.34
CA HIS A 166 -0.15 16.78 8.55
C HIS A 166 0.85 17.46 9.53
N PHE A 167 2.16 17.18 9.43
CA PHE A 167 3.16 17.76 10.35
C PHE A 167 4.50 18.15 9.68
N LYS A 168 4.89 17.48 8.59
CA LYS A 168 6.10 17.73 7.82
C LYS A 168 5.86 17.38 6.35
N ASN A 169 5.24 18.30 5.61
CA ASN A 169 4.89 18.14 4.19
C ASN A 169 6.13 18.08 3.29
N TRP A 170 6.82 16.94 3.30
CA TRP A 170 8.14 16.71 2.72
C TRP A 170 8.09 16.70 1.18
N PRO A 171 8.70 17.68 0.48
CA PRO A 171 8.60 17.80 -0.97
C PRO A 171 9.46 16.76 -1.69
N ILE A 172 8.93 16.23 -2.80
CA ILE A 172 9.70 15.47 -3.79
C ILE A 172 10.20 16.43 -4.89
N PRO A 173 11.52 16.68 -5.04
CA PRO A 173 12.04 17.57 -6.08
C PRO A 173 11.84 17.00 -7.48
N ASP A 174 11.79 17.85 -8.50
CA ASP A 174 11.64 17.47 -9.92
C ASP A 174 12.80 16.65 -10.51
N ASN A 175 13.95 16.61 -9.81
CA ASN A 175 15.05 15.69 -10.09
C ASN A 175 14.63 14.21 -9.92
N LEU A 176 13.70 13.92 -9.01
CA LEU A 176 12.99 12.64 -8.87
C LEU A 176 11.79 12.57 -9.82
N THR A 177 12.09 12.72 -11.11
CA THR A 177 11.11 13.09 -12.14
C THR A 177 10.09 11.99 -12.43
N HIS A 178 10.39 10.72 -12.15
CA HIS A 178 9.38 9.66 -12.11
C HIS A 178 8.54 9.78 -10.83
N VAL A 179 9.16 9.86 -9.65
CA VAL A 179 8.44 9.86 -8.34
C VAL A 179 7.43 11.00 -8.24
N LEU A 180 7.83 12.23 -8.60
CA LEU A 180 6.95 13.41 -8.54
C LEU A 180 5.75 13.32 -9.49
N ASN A 181 5.88 12.62 -10.61
CA ASN A 181 4.77 12.42 -11.55
C ASN A 181 3.95 11.14 -11.27
N TYR A 182 4.57 10.10 -10.73
CA TYR A 182 3.93 8.86 -10.29
C TYR A 182 2.94 9.08 -9.14
N ILE A 183 3.24 9.99 -8.20
CA ILE A 183 2.30 10.40 -7.15
C ILE A 183 1.01 11.00 -7.74
N LYS A 184 1.11 11.76 -8.83
CA LYS A 184 -0.06 12.28 -9.59
C LYS A 184 -0.87 11.16 -10.26
N LEU A 185 -0.24 10.06 -10.66
CA LEU A 185 -0.91 8.87 -11.20
C LEU A 185 -1.70 8.09 -10.14
N LEU A 186 -1.42 8.25 -8.84
CA LEU A 186 -2.21 7.62 -7.77
C LEU A 186 -3.66 8.14 -7.70
N PHE A 187 -3.89 9.35 -8.22
CA PHE A 187 -5.23 9.96 -8.41
C PHE A 187 -5.93 9.51 -9.72
N SER A 188 -5.47 8.42 -10.34
CA SER A 188 -5.91 7.88 -11.63
C SER A 188 -5.96 6.33 -11.66
N ARG A 189 -6.38 5.76 -12.80
CA ARG A 189 -6.66 4.32 -12.99
C ARG A 189 -7.74 3.78 -12.05
N GLU A 190 -8.10 2.52 -12.26
CA GLU A 190 -8.90 1.71 -11.34
C GLU A 190 -8.02 1.29 -10.16
N SER A 191 -6.81 0.84 -10.47
CA SER A 191 -5.82 0.28 -9.54
C SER A 191 -5.26 1.24 -8.49
N PHE A 192 -5.34 2.56 -8.68
CA PHE A 192 -4.97 3.53 -7.63
C PHE A 192 -6.15 4.39 -7.17
N LYS A 193 -6.93 4.99 -8.08
CA LYS A 193 -7.98 5.95 -7.68
C LYS A 193 -9.09 5.35 -6.82
N LYS A 194 -9.40 4.05 -6.98
CA LYS A 194 -10.38 3.33 -6.12
C LYS A 194 -9.85 3.00 -4.73
N THR A 195 -8.53 3.02 -4.53
CA THR A 195 -7.86 2.67 -3.27
C THR A 195 -7.51 3.89 -2.42
N ARG A 196 -7.80 5.10 -2.92
CA ARG A 196 -7.73 6.37 -2.19
C ARG A 196 -8.64 6.37 -0.95
N ALA A 197 -8.07 6.62 0.22
CA ALA A 197 -8.79 6.84 1.47
C ALA A 197 -9.40 8.26 1.57
N ALA A 198 -10.31 8.46 2.53
CA ALA A 198 -10.69 9.80 3.01
C ALA A 198 -9.64 10.31 4.02
N GLU A 199 -9.09 11.50 3.76
CA GLU A 199 -7.74 11.90 4.17
C GLU A 199 -7.58 12.28 5.65
N GLU A 200 -8.61 12.88 6.23
CA GLU A 200 -8.74 13.12 7.67
C GLU A 200 -8.72 11.80 8.45
N HIS A 201 -9.34 10.78 7.86
CA HIS A 201 -9.50 9.43 8.41
C HIS A 201 -8.27 8.53 8.14
N VAL A 202 -7.31 8.99 7.33
CA VAL A 202 -5.93 8.47 7.34
C VAL A 202 -5.18 9.03 8.54
N ILE A 203 -5.21 10.36 8.71
CA ILE A 203 -4.47 11.09 9.76
C ILE A 203 -4.91 10.68 11.16
N ALA A 204 -6.22 10.69 11.43
CA ALA A 204 -6.81 10.33 12.72
C ALA A 204 -6.70 8.83 13.06
N GLY A 205 -6.39 7.97 12.08
CA GLY A 205 -6.02 6.58 12.33
C GLY A 205 -4.51 6.34 12.45
N TRP A 206 -3.69 7.21 11.85
CA TRP A 206 -2.23 7.15 11.91
C TRP A 206 -1.64 7.70 13.21
N GLU A 207 -2.28 8.69 13.86
CA GLU A 207 -1.78 9.30 15.11
C GLU A 207 -1.36 8.28 16.19
N PRO A 208 -2.23 7.34 16.64
CA PRO A 208 -1.83 6.37 17.65
C PRO A 208 -0.82 5.35 17.11
N LYS A 209 -0.75 5.19 15.78
CA LYS A 209 0.21 4.33 15.06
C LYS A 209 1.56 5.01 14.78
N VAL A 210 1.79 6.24 15.25
CA VAL A 210 3.13 6.76 15.57
C VAL A 210 3.72 6.03 16.78
N ASN A 211 2.87 5.55 17.68
CA ASN A 211 3.25 4.78 18.86
C ASN A 211 3.14 3.26 18.67
N ALA A 212 1.97 2.77 18.23
CA ALA A 212 1.62 1.36 18.03
C ALA A 212 2.04 0.81 16.66
N MET A 1 -17.06 -17.56 -0.82
CA MET A 1 -17.42 -17.87 -2.23
C MET A 1 -16.97 -16.72 -3.13
N ALA A 2 -16.33 -17.03 -4.27
CA ALA A 2 -15.61 -16.05 -5.10
C ALA A 2 -14.61 -15.20 -4.28
N LEU A 3 -14.05 -14.14 -4.87
CA LEU A 3 -13.11 -13.26 -4.16
C LEU A 3 -13.85 -12.41 -3.11
N GLU A 4 -13.53 -12.63 -1.84
CA GLU A 4 -14.02 -11.83 -0.71
C GLU A 4 -12.81 -11.32 0.07
N ILE A 5 -12.58 -10.01 0.03
CA ILE A 5 -11.48 -9.34 0.74
C ILE A 5 -11.99 -8.88 2.10
N CYS A 6 -11.20 -9.12 3.15
CA CYS A 6 -11.38 -8.46 4.43
C CYS A 6 -10.20 -7.51 4.69
N VAL A 7 -10.48 -6.31 5.21
CA VAL A 7 -9.53 -5.18 5.18
C VAL A 7 -9.68 -4.35 6.46
N LYS A 8 -8.56 -3.85 7.01
CA LYS A 8 -8.63 -2.89 8.11
C LYS A 8 -9.23 -1.59 7.57
N ALA A 9 -10.30 -1.15 8.21
CA ALA A 9 -10.91 0.16 8.03
C ALA A 9 -10.18 1.24 8.83
N ALA A 10 -10.56 2.50 8.61
CA ALA A 10 -10.13 3.63 9.41
C ALA A 10 -10.43 3.41 10.91
N VAL A 11 -9.51 3.82 11.79
CA VAL A 11 -9.74 3.84 13.24
C VAL A 11 -11.02 4.63 13.57
N GLY A 12 -11.99 3.95 14.17
CA GLY A 12 -13.30 4.51 14.53
C GLY A 12 -14.36 4.53 13.41
N ALA A 13 -14.00 4.31 12.14
CA ALA A 13 -14.91 4.43 11.00
C ALA A 13 -14.89 3.17 10.11
N PRO A 14 -15.68 2.11 10.44
CA PRO A 14 -15.59 0.77 9.86
C PRO A 14 -16.00 0.60 8.39
N ASN A 15 -16.28 1.69 7.67
CA ASN A 15 -16.84 1.69 6.30
C ASN A 15 -15.93 2.39 5.27
N ILE A 16 -14.72 2.80 5.66
CA ILE A 16 -13.73 3.51 4.83
C ILE A 16 -12.31 3.03 5.16
N LEU A 17 -11.34 3.23 4.26
CA LEU A 17 -9.96 2.75 4.44
C LEU A 17 -9.14 3.52 5.49
N GLY A 18 -9.14 4.86 5.43
CA GLY A 18 -8.33 5.73 6.30
C GLY A 18 -6.85 5.33 6.41
N ASP A 19 -6.37 5.15 7.64
CA ASP A 19 -4.98 4.93 8.07
C ASP A 19 -4.31 3.62 7.59
N SER A 20 -4.82 2.94 6.58
CA SER A 20 -4.55 1.52 6.33
C SER A 20 -3.87 1.33 4.99
N PRO A 21 -2.54 1.65 4.83
CA PRO A 21 -1.83 1.45 3.58
C PRO A 21 -1.68 -0.04 3.24
N PHE A 22 -1.57 -0.90 4.26
CA PHE A 22 -1.60 -2.35 4.10
C PHE A 22 -2.93 -2.88 3.53
N CYS A 23 -4.12 -2.28 3.90
CA CYS A 23 -5.40 -2.59 3.28
C CYS A 23 -5.40 -2.19 1.82
N GLN A 24 -4.93 -0.99 1.50
CA GLN A 24 -4.91 -0.48 0.13
C GLN A 24 -4.14 -1.42 -0.83
N ARG A 25 -3.03 -2.06 -0.38
CA ARG A 25 -2.26 -3.04 -1.16
C ARG A 25 -3.13 -4.18 -1.71
N VAL A 26 -4.02 -4.68 -0.85
CA VAL A 26 -4.80 -5.91 -1.07
C VAL A 26 -5.99 -5.69 -2.00
N LEU A 27 -6.54 -4.47 -2.03
CA LEU A 27 -7.48 -4.06 -3.08
C LEU A 27 -6.75 -3.86 -4.42
N LEU A 28 -5.56 -3.24 -4.38
CA LEU A 28 -4.91 -2.63 -5.54
C LEU A 28 -4.61 -3.62 -6.69
N SER A 29 -4.24 -4.87 -6.39
CA SER A 29 -3.97 -5.88 -7.43
C SER A 29 -5.24 -6.32 -8.17
N LEU A 30 -6.30 -6.64 -7.43
CA LEU A 30 -7.58 -7.07 -7.99
C LEU A 30 -8.34 -5.92 -8.66
N GLU A 31 -8.19 -4.69 -8.17
CA GLU A 31 -8.77 -3.49 -8.78
C GLU A 31 -7.99 -2.99 -10.02
N GLU A 32 -6.70 -3.31 -10.15
CA GLU A 32 -5.93 -3.10 -11.39
C GLU A 32 -6.24 -4.16 -12.46
N LYS A 33 -6.37 -5.42 -12.03
CA LYS A 33 -6.95 -6.51 -12.83
C LYS A 33 -8.45 -6.33 -13.09
N LYS A 34 -9.10 -5.36 -12.43
CA LYS A 34 -10.54 -5.01 -12.48
C LYS A 34 -11.49 -6.15 -12.10
N ILE A 35 -10.98 -7.18 -11.42
CA ILE A 35 -11.75 -8.35 -10.98
C ILE A 35 -12.68 -7.93 -9.84
N PRO A 36 -14.01 -8.15 -9.93
CA PRO A 36 -14.92 -7.81 -8.84
C PRO A 36 -14.66 -8.71 -7.62
N TYR A 37 -14.74 -8.10 -6.44
CA TYR A 37 -14.61 -8.75 -5.15
C TYR A 37 -15.65 -8.18 -4.18
N LYS A 38 -15.93 -8.92 -3.11
CA LYS A 38 -16.79 -8.48 -1.99
C LYS A 38 -15.91 -7.86 -0.89
N SER A 39 -16.19 -6.61 -0.51
CA SER A 39 -15.43 -5.89 0.52
C SER A 39 -15.97 -6.13 1.93
N HIS A 40 -15.07 -6.40 2.88
CA HIS A 40 -15.33 -6.50 4.31
C HIS A 40 -14.35 -5.59 5.09
N LEU A 41 -14.60 -4.28 5.08
CA LEU A 41 -13.89 -3.30 5.91
C LEU A 41 -14.24 -3.48 7.39
N ILE A 42 -13.23 -3.49 8.28
CA ILE A 42 -13.37 -3.77 9.72
C ILE A 42 -12.55 -2.75 10.55
N ASN A 43 -13.20 -2.03 11.47
CA ASN A 43 -12.53 -1.20 12.47
C ASN A 43 -12.11 -2.06 13.66
N LEU A 44 -10.83 -2.47 13.69
CA LEU A 44 -10.14 -3.10 14.83
C LEU A 44 -10.71 -4.44 15.35
N GLY A 45 -11.86 -4.89 14.86
CA GLY A 45 -12.56 -6.11 15.28
C GLY A 45 -14.08 -5.98 15.41
N ASP A 46 -14.71 -4.91 14.92
CA ASP A 46 -16.16 -4.65 15.03
C ASP A 46 -17.05 -5.64 14.25
N LYS A 47 -16.47 -6.54 13.46
CA LYS A 47 -17.15 -7.50 12.57
C LYS A 47 -16.50 -8.89 12.75
N PRO A 48 -17.28 -9.99 12.66
CA PRO A 48 -16.94 -11.24 13.32
C PRO A 48 -15.65 -11.89 12.83
N GLN A 49 -15.09 -12.77 13.67
CA GLN A 49 -13.79 -13.43 13.48
C GLN A 49 -13.69 -14.36 12.26
N TRP A 50 -14.83 -14.66 11.63
CA TRP A 50 -14.95 -15.27 10.29
C TRP A 50 -14.24 -14.50 9.16
N PHE A 51 -13.95 -13.21 9.40
CA PHE A 51 -13.28 -12.27 8.50
C PHE A 51 -11.87 -11.86 8.99
N LEU A 52 -11.37 -12.54 10.02
CA LEU A 52 -10.07 -12.31 10.68
C LEU A 52 -9.24 -13.61 10.77
N GLU A 53 -9.89 -14.74 11.08
CA GLU A 53 -9.34 -16.12 11.18
C GLU A 53 -8.83 -16.69 9.85
N ILE A 54 -9.08 -15.96 8.76
CA ILE A 54 -8.43 -16.10 7.45
C ILE A 54 -6.90 -15.85 7.56
N SER A 55 -6.47 -15.19 8.64
CA SER A 55 -5.10 -15.17 9.18
C SER A 55 -5.03 -15.85 10.57
N PRO A 56 -3.95 -16.58 10.89
CA PRO A 56 -3.73 -17.10 12.24
C PRO A 56 -3.42 -16.01 13.27
N GLU A 57 -2.90 -14.85 12.85
CA GLU A 57 -2.67 -13.66 13.68
C GLU A 57 -3.94 -12.83 14.00
N GLY A 58 -5.13 -13.28 13.56
CA GLY A 58 -6.41 -12.64 13.88
C GLY A 58 -6.48 -11.18 13.41
N LYS A 59 -6.07 -10.95 12.17
CA LYS A 59 -5.81 -9.63 11.59
C LYS A 59 -6.58 -9.38 10.30
N VAL A 60 -6.42 -8.17 9.80
CA VAL A 60 -6.82 -7.70 8.49
C VAL A 60 -5.75 -6.72 8.00
N PRO A 61 -5.49 -6.62 6.68
CA PRO A 61 -6.19 -7.30 5.59
C PRO A 61 -5.89 -8.81 5.45
N VAL A 62 -6.81 -9.53 4.81
CA VAL A 62 -6.78 -10.98 4.50
C VAL A 62 -7.70 -11.24 3.30
N VAL A 63 -7.58 -12.38 2.60
CA VAL A 63 -8.47 -12.70 1.45
C VAL A 63 -8.97 -14.13 1.43
N LYS A 64 -10.19 -14.29 0.90
CA LYS A 64 -10.76 -15.55 0.41
C LYS A 64 -10.61 -15.63 -1.10
N ILE A 65 -10.03 -16.73 -1.59
CA ILE A 65 -9.90 -17.06 -3.02
C ILE A 65 -10.94 -18.13 -3.36
N ASP A 66 -12.22 -17.71 -3.35
CA ASP A 66 -13.37 -18.61 -3.27
C ASP A 66 -13.34 -19.50 -2.01
N ASP A 67 -13.33 -18.83 -0.85
CA ASP A 67 -13.20 -19.44 0.49
C ASP A 67 -11.93 -20.28 0.76
N LYS A 68 -10.91 -20.19 -0.11
CA LYS A 68 -9.54 -20.66 0.17
C LYS A 68 -8.74 -19.49 0.77
N TRP A 69 -8.36 -19.60 2.04
CA TRP A 69 -7.92 -18.46 2.87
C TRP A 69 -6.44 -18.08 2.68
N VAL A 70 -6.12 -16.80 2.86
CA VAL A 70 -4.75 -16.21 2.83
C VAL A 70 -4.66 -15.06 3.85
N ALA A 71 -3.56 -15.02 4.61
CA ALA A 71 -3.26 -14.06 5.68
C ALA A 71 -2.83 -12.65 5.16
N ASP A 72 -1.97 -11.91 5.88
CA ASP A 72 -1.68 -10.48 5.61
C ASP A 72 -1.27 -10.13 4.15
N SER A 73 -1.41 -8.84 3.84
CA SER A 73 -0.87 -8.14 2.67
C SER A 73 0.54 -8.56 2.21
N ASP A 74 1.51 -8.76 3.11
CA ASP A 74 2.88 -9.18 2.76
C ASP A 74 3.01 -10.65 2.32
N VAL A 75 2.01 -11.50 2.57
CA VAL A 75 1.89 -12.81 1.89
C VAL A 75 0.89 -12.80 0.74
N ILE A 76 -0.10 -11.91 0.74
CA ILE A 76 -1.05 -11.73 -0.37
C ILE A 76 -0.34 -11.29 -1.66
N VAL A 77 0.66 -10.39 -1.57
CA VAL A 77 1.44 -9.95 -2.75
C VAL A 77 2.27 -11.06 -3.41
N GLY A 78 2.30 -12.28 -2.85
CA GLY A 78 2.65 -13.51 -3.56
C GLY A 78 1.44 -14.44 -3.75
N ILE A 79 0.85 -14.92 -2.65
CA ILE A 79 -0.07 -16.07 -2.62
C ILE A 79 -1.44 -15.80 -3.27
N LEU A 80 -1.92 -14.55 -3.28
CA LEU A 80 -3.11 -14.21 -4.09
C LEU A 80 -2.77 -14.20 -5.58
N GLU A 81 -1.67 -13.56 -5.95
CA GLU A 81 -1.23 -13.39 -7.33
C GLU A 81 -0.77 -14.71 -7.98
N GLU A 82 -0.28 -15.66 -7.18
CA GLU A 82 -0.02 -17.07 -7.54
C GLU A 82 -1.30 -17.84 -7.93
N LYS A 83 -2.43 -17.50 -7.31
CA LYS A 83 -3.70 -18.28 -7.35
C LYS A 83 -4.83 -17.54 -8.08
N ASN A 84 -4.53 -16.35 -8.62
CA ASN A 84 -5.42 -15.55 -9.44
C ASN A 84 -5.33 -15.98 -10.92
N PRO A 85 -6.44 -16.00 -11.69
CA PRO A 85 -6.39 -16.43 -13.09
C PRO A 85 -5.72 -15.42 -14.04
N GLU A 86 -5.68 -14.13 -13.69
CA GLU A 86 -4.88 -13.14 -14.40
C GLU A 86 -3.41 -13.21 -13.92
N PRO A 87 -2.42 -12.95 -14.78
CA PRO A 87 -1.00 -13.13 -14.45
C PRO A 87 -0.52 -12.39 -13.19
N PRO A 88 0.49 -12.92 -12.47
CA PRO A 88 0.99 -12.32 -11.25
C PRO A 88 1.72 -10.99 -11.50
N LEU A 89 1.21 -9.93 -10.85
CA LEU A 89 1.96 -8.70 -10.53
C LEU A 89 3.14 -8.98 -9.58
N ALA A 90 3.13 -10.13 -8.90
CA ALA A 90 4.24 -10.69 -8.13
C ALA A 90 5.48 -11.07 -8.95
N THR A 91 5.41 -11.04 -10.28
CA THR A 91 6.58 -11.25 -11.15
C THR A 91 7.65 -10.18 -10.84
N PRO A 92 8.83 -10.53 -10.32
CA PRO A 92 9.74 -9.55 -9.73
C PRO A 92 10.42 -8.68 -10.80
N PRO A 93 10.32 -7.34 -10.70
CA PRO A 93 11.19 -6.43 -11.44
C PRO A 93 12.63 -6.47 -10.89
N GLU A 94 13.60 -6.05 -11.68
CA GLU A 94 14.94 -5.60 -11.25
C GLU A 94 14.88 -4.54 -10.12
N PHE A 95 13.86 -3.67 -10.15
CA PHE A 95 13.54 -2.70 -9.10
C PHE A 95 13.18 -3.31 -7.73
N ALA A 96 12.87 -4.61 -7.63
CA ALA A 96 12.54 -5.27 -6.36
C ALA A 96 13.67 -5.20 -5.31
N SER A 97 14.92 -5.20 -5.77
CA SER A 97 16.12 -5.04 -4.93
C SER A 97 16.31 -3.61 -4.37
N VAL A 98 15.49 -2.65 -4.80
CA VAL A 98 15.50 -1.25 -4.33
C VAL A 98 14.18 -0.90 -3.61
N GLY A 99 13.04 -1.36 -4.15
CA GLY A 99 11.73 -1.21 -3.52
C GLY A 99 11.58 -1.88 -2.16
N SER A 100 12.28 -3.00 -1.95
CA SER A 100 12.38 -3.69 -0.65
C SER A 100 13.15 -2.91 0.45
N LYS A 101 13.88 -1.83 0.10
CA LYS A 101 14.47 -0.87 1.05
C LYS A 101 13.52 0.30 1.37
N ILE A 102 12.90 0.82 0.31
CA ILE A 102 11.96 1.94 0.37
C ILE A 102 10.69 1.55 1.15
N PHE A 103 10.25 0.29 1.06
CA PHE A 103 9.08 -0.24 1.75
C PHE A 103 9.14 -0.14 3.29
N PRO A 104 10.22 -0.57 3.98
CA PRO A 104 10.44 -0.27 5.40
C PRO A 104 10.96 1.16 5.67
N SER A 105 11.57 1.85 4.69
CA SER A 105 11.94 3.26 4.87
C SER A 105 10.76 4.24 4.95
N PHE A 106 9.66 3.94 4.25
CA PHE A 106 8.37 4.58 4.52
C PHE A 106 7.77 4.20 5.89
N VAL A 107 8.04 3.02 6.46
CA VAL A 107 7.58 2.66 7.83
C VAL A 107 8.27 3.53 8.88
N LYS A 108 9.60 3.68 8.80
CA LYS A 108 10.38 4.57 9.67
C LYS A 108 9.95 6.03 9.55
N PHE A 109 9.75 6.51 8.31
CA PHE A 109 9.39 7.92 8.04
C PHE A 109 7.93 8.25 8.42
N LEU A 110 7.08 7.21 8.53
CA LEU A 110 5.75 7.27 9.12
C LEU A 110 5.72 6.84 10.59
N LYS A 111 6.86 6.86 11.30
CA LYS A 111 6.99 6.48 12.71
C LYS A 111 7.78 7.55 13.48
N SER A 112 7.23 8.76 13.52
CA SER A 112 7.88 10.02 13.92
C SER A 112 8.45 10.11 15.36
N LYS A 113 8.42 9.01 16.13
CA LYS A 113 9.35 8.81 17.25
C LYS A 113 10.81 8.70 16.75
N ASP A 114 11.04 8.12 15.58
CA ASP A 114 12.31 8.17 14.85
C ASP A 114 12.55 9.59 14.28
N PRO A 115 13.82 10.05 14.14
CA PRO A 115 14.12 11.39 13.65
C PRO A 115 13.85 11.48 12.14
N ASN A 116 12.62 11.84 11.77
CA ASN A 116 12.15 11.84 10.38
C ASN A 116 13.07 12.59 9.41
N ASP A 117 13.62 13.74 9.78
CA ASP A 117 14.51 14.54 8.92
C ASP A 117 15.90 13.90 8.69
N GLY A 118 16.25 12.85 9.45
CA GLY A 118 17.39 11.96 9.17
C GLY A 118 17.00 10.67 8.44
N THR A 119 15.80 10.13 8.72
CA THR A 119 15.18 9.04 7.94
C THR A 119 14.93 9.46 6.48
N GLU A 120 14.61 10.74 6.26
CA GLU A 120 14.50 11.44 4.99
C GLU A 120 15.76 11.30 4.14
N GLN A 121 16.93 11.47 4.76
CA GLN A 121 18.23 11.37 4.09
C GLN A 121 18.58 9.93 3.69
N ALA A 122 18.27 8.94 4.53
CA ALA A 122 18.41 7.53 4.17
C ALA A 122 17.45 7.11 3.03
N LEU A 123 16.20 7.58 3.08
CA LEU A 123 15.19 7.36 2.05
C LEU A 123 15.57 8.01 0.71
N LEU A 124 16.19 9.20 0.71
CA LEU A 124 16.64 9.88 -0.51
C LEU A 124 17.71 9.08 -1.27
N GLU A 125 18.67 8.44 -0.58
CA GLU A 125 19.66 7.57 -1.24
C GLU A 125 19.04 6.28 -1.81
N GLU A 126 18.04 5.72 -1.13
CA GLU A 126 17.26 4.57 -1.62
C GLU A 126 16.39 4.94 -2.85
N LEU A 127 15.81 6.15 -2.88
CA LEU A 127 15.04 6.65 -4.02
C LEU A 127 15.91 7.08 -5.21
N LYS A 128 17.13 7.61 -4.99
CA LYS A 128 18.09 7.91 -6.07
C LYS A 128 18.48 6.68 -6.89
N ALA A 129 18.61 5.53 -6.24
CA ALA A 129 18.87 4.25 -6.91
C ALA A 129 17.71 3.79 -7.82
N LEU A 130 16.50 4.32 -7.61
CA LEU A 130 15.29 4.00 -8.36
C LEU A 130 15.01 4.99 -9.50
N ASP A 131 14.94 6.29 -9.16
CA ASP A 131 14.17 7.27 -9.94
C ASP A 131 14.64 7.50 -11.38
N GLY A 132 15.95 7.58 -11.60
CA GLY A 132 16.53 7.75 -12.94
C GLY A 132 16.34 6.53 -13.84
N HIS A 133 16.20 5.34 -13.26
CA HIS A 133 16.10 4.08 -13.97
C HIS A 133 14.65 3.70 -14.34
N LEU A 134 13.65 4.15 -13.56
CA LEU A 134 12.23 4.02 -13.92
C LEU A 134 11.89 4.68 -15.26
N LYS A 135 12.48 5.87 -15.49
CA LYS A 135 12.32 6.71 -16.70
C LYS A 135 12.75 6.02 -18.00
N VAL A 136 13.58 4.99 -17.93
CA VAL A 136 14.03 4.19 -19.08
C VAL A 136 13.03 3.07 -19.45
N HIS A 137 12.24 2.61 -18.48
CA HIS A 137 11.36 1.43 -18.60
C HIS A 137 9.87 1.79 -18.74
N GLY A 138 9.39 2.83 -18.06
CA GLY A 138 7.98 3.25 -18.12
C GLY A 138 7.52 4.08 -16.92
N PRO A 139 6.22 4.44 -16.86
CA PRO A 139 5.69 5.47 -15.95
C PRO A 139 5.37 4.98 -14.52
N PHE A 140 5.55 3.70 -14.20
CA PHE A 140 5.21 3.12 -12.89
C PHE A 140 6.41 3.08 -11.94
N ILE A 141 6.19 2.81 -10.64
CA ILE A 141 7.29 2.71 -9.65
C ILE A 141 8.06 1.36 -9.74
N ALA A 142 7.76 0.59 -10.80
CA ALA A 142 8.59 -0.46 -11.37
C ALA A 142 8.67 -0.41 -12.92
N GLY A 143 8.62 0.78 -13.52
CA GLY A 143 8.86 0.96 -14.95
C GLY A 143 7.64 0.65 -15.82
N GLU A 144 7.73 -0.39 -16.66
CA GLU A 144 6.76 -0.65 -17.76
C GLU A 144 5.32 -0.90 -17.29
N LYS A 145 5.13 -1.39 -16.06
CA LYS A 145 3.83 -1.82 -15.51
C LYS A 145 3.79 -1.70 -13.99
N ILE A 146 2.58 -1.87 -13.45
CA ILE A 146 2.33 -2.14 -12.03
C ILE A 146 2.86 -3.54 -11.66
N THR A 147 3.49 -3.65 -10.50
CA THR A 147 4.10 -4.87 -9.94
C THR A 147 3.84 -4.98 -8.44
N ALA A 148 4.34 -6.03 -7.79
CA ALA A 148 4.39 -6.12 -6.33
C ALA A 148 5.24 -5.03 -5.65
N VAL A 149 6.12 -4.32 -6.38
CA VAL A 149 6.76 -3.10 -5.85
C VAL A 149 5.75 -1.95 -5.73
N ASP A 150 4.87 -1.75 -6.71
CA ASP A 150 3.71 -0.84 -6.61
C ASP A 150 2.71 -1.28 -5.53
N LEU A 151 2.43 -2.59 -5.41
CA LEU A 151 1.65 -3.19 -4.31
C LEU A 151 2.34 -3.12 -2.93
N SER A 152 3.48 -2.44 -2.82
CA SER A 152 4.19 -2.20 -1.55
C SER A 152 4.42 -0.70 -1.30
N LEU A 153 4.78 0.06 -2.35
CA LEU A 153 5.17 1.47 -2.26
C LEU A 153 4.01 2.45 -2.49
N ALA A 154 3.11 2.18 -3.43
CA ALA A 154 2.06 3.13 -3.84
C ALA A 154 1.12 3.56 -2.70
N PRO A 155 0.58 2.66 -1.86
CA PRO A 155 -0.27 3.09 -0.74
C PRO A 155 0.52 3.72 0.41
N LYS A 156 1.80 3.37 0.57
CA LYS A 156 2.69 4.04 1.53
C LYS A 156 3.09 5.45 1.09
N LEU A 157 3.20 5.71 -0.22
CA LEU A 157 3.30 7.07 -0.78
C LEU A 157 2.02 7.89 -0.58
N TYR A 158 0.84 7.28 -0.76
CA TYR A 158 -0.44 7.97 -0.49
C TYR A 158 -0.58 8.37 0.98
N HIS A 159 -0.25 7.44 1.89
CA HIS A 159 -0.22 7.70 3.33
C HIS A 159 0.85 8.72 3.72
N LEU A 160 1.96 8.85 2.96
CA LEU A 160 3.00 9.86 3.17
C LEU A 160 2.59 11.27 2.70
N GLU A 161 1.99 11.41 1.50
CA GLU A 161 1.49 12.72 0.99
C GLU A 161 0.40 13.29 1.92
N VAL A 162 -0.46 12.42 2.47
CA VAL A 162 -1.58 12.84 3.33
C VAL A 162 -1.20 12.96 4.81
N ALA A 163 -0.69 11.89 5.44
CA ALA A 163 -0.58 11.81 6.90
C ALA A 163 0.63 12.57 7.46
N LEU A 164 1.83 12.34 6.90
CA LEU A 164 3.01 13.16 7.26
C LEU A 164 2.86 14.60 6.76
N GLY A 165 2.29 14.77 5.57
CA GLY A 165 2.10 16.07 4.92
C GLY A 165 1.25 17.08 5.72
N HIS A 166 0.35 16.60 6.58
CA HIS A 166 -0.41 17.42 7.53
C HIS A 166 0.47 18.12 8.60
N PHE A 167 1.58 17.50 9.02
CA PHE A 167 2.46 18.03 10.08
C PHE A 167 3.81 18.56 9.56
N LYS A 168 4.33 17.96 8.48
CA LYS A 168 5.45 18.48 7.66
C LYS A 168 5.20 18.08 6.21
N ASN A 169 4.74 19.04 5.40
CA ASN A 169 4.62 18.89 3.95
C ASN A 169 6.01 18.80 3.30
N TRP A 170 6.56 17.59 3.27
CA TRP A 170 7.81 17.26 2.60
C TRP A 170 7.56 16.95 1.12
N PRO A 171 8.00 17.80 0.18
CA PRO A 171 7.96 17.46 -1.24
C PRO A 171 9.02 16.41 -1.55
N ILE A 172 8.67 15.43 -2.39
CA ILE A 172 9.67 14.64 -3.11
C ILE A 172 10.41 15.59 -4.08
N PRO A 173 11.74 15.76 -3.99
CA PRO A 173 12.48 16.74 -4.80
C PRO A 173 12.33 16.51 -6.31
N ASP A 174 12.57 17.56 -7.10
CA ASP A 174 12.60 17.51 -8.57
C ASP A 174 13.67 16.57 -9.14
N ASN A 175 14.79 16.38 -8.43
CA ASN A 175 15.80 15.38 -8.78
C ASN A 175 15.26 13.92 -8.76
N LEU A 176 14.18 13.69 -8.01
CA LEU A 176 13.37 12.46 -7.95
C LEU A 176 12.03 12.64 -8.71
N THR A 177 12.10 13.27 -9.89
CA THR A 177 10.98 13.58 -10.80
C THR A 177 10.02 12.41 -11.02
N HIS A 178 10.51 11.18 -11.15
CA HIS A 178 9.63 10.05 -11.47
C HIS A 178 8.78 9.64 -10.26
N VAL A 179 9.35 9.56 -9.07
CA VAL A 179 8.60 9.24 -7.85
C VAL A 179 7.68 10.40 -7.45
N LEU A 180 8.11 11.65 -7.70
CA LEU A 180 7.26 12.85 -7.60
C LEU A 180 6.04 12.82 -8.56
N ASN A 181 6.24 12.42 -9.82
CA ASN A 181 5.13 12.23 -10.77
C ASN A 181 4.25 11.02 -10.44
N TYR A 182 4.82 9.95 -9.86
CA TYR A 182 4.08 8.74 -9.49
C TYR A 182 3.02 8.98 -8.41
N ILE A 183 3.21 10.02 -7.58
CA ILE A 183 2.16 10.55 -6.69
C ILE A 183 0.88 10.89 -7.48
N LYS A 184 1.00 11.44 -8.68
CA LYS A 184 -0.16 11.85 -9.49
C LYS A 184 -0.87 10.70 -10.23
N LEU A 185 -0.29 9.50 -10.23
CA LEU A 185 -0.98 8.25 -10.54
C LEU A 185 -1.83 7.72 -9.39
N LEU A 186 -1.62 8.14 -8.13
CA LEU A 186 -2.38 7.66 -6.97
C LEU A 186 -3.87 8.05 -7.03
N PHE A 187 -4.22 9.07 -7.82
CA PHE A 187 -5.60 9.52 -8.03
C PHE A 187 -6.33 8.89 -9.24
N SER A 188 -5.68 7.94 -9.92
CA SER A 188 -5.97 7.51 -11.30
C SER A 188 -6.25 6.00 -11.46
N ARG A 189 -6.47 5.59 -12.72
CA ARG A 189 -6.90 4.22 -13.12
C ARG A 189 -8.20 3.81 -12.44
N GLU A 190 -8.54 2.53 -12.54
CA GLU A 190 -9.53 1.91 -11.66
C GLU A 190 -8.93 1.67 -10.26
N SER A 191 -7.68 1.19 -10.23
CA SER A 191 -6.95 0.73 -9.04
C SER A 191 -6.68 1.84 -8.02
N PHE A 192 -5.70 2.69 -8.24
CA PHE A 192 -5.27 3.67 -7.23
C PHE A 192 -6.40 4.58 -6.78
N LYS A 193 -7.26 4.99 -7.72
CA LYS A 193 -8.45 5.81 -7.48
C LYS A 193 -9.49 5.17 -6.56
N LYS A 194 -9.69 3.84 -6.58
CA LYS A 194 -10.56 3.13 -5.61
C LYS A 194 -9.89 2.98 -4.25
N THR A 195 -8.57 2.76 -4.23
CA THR A 195 -7.81 2.70 -2.96
C THR A 195 -7.69 4.06 -2.25
N ARG A 196 -7.96 5.20 -2.90
CA ARG A 196 -7.85 6.55 -2.34
C ARG A 196 -8.64 6.69 -1.04
N ALA A 197 -7.94 6.64 0.09
CA ALA A 197 -8.55 6.72 1.42
C ALA A 197 -8.90 8.17 1.79
N ALA A 198 -10.09 8.38 2.34
CA ALA A 198 -10.58 9.70 2.78
C ALA A 198 -9.62 10.36 3.78
N GLU A 199 -9.14 11.54 3.43
CA GLU A 199 -7.81 12.04 3.79
C GLU A 199 -7.66 12.37 5.29
N GLU A 200 -8.70 12.97 5.89
CA GLU A 200 -8.77 13.25 7.32
C GLU A 200 -8.72 11.98 8.18
N HIS A 201 -9.29 10.88 7.68
CA HIS A 201 -9.26 9.56 8.32
C HIS A 201 -7.95 8.78 8.07
N VAL A 202 -7.08 9.24 7.16
CA VAL A 202 -5.67 8.79 7.13
C VAL A 202 -4.89 9.46 8.25
N ILE A 203 -5.05 10.79 8.41
CA ILE A 203 -4.34 11.60 9.42
C ILE A 203 -4.74 11.20 10.84
N ALA A 204 -6.04 11.17 11.15
CA ALA A 204 -6.55 10.89 12.49
C ALA A 204 -6.26 9.45 12.98
N GLY A 205 -6.13 8.49 12.05
CA GLY A 205 -5.67 7.15 12.39
C GLY A 205 -4.15 6.98 12.35
N TRP A 206 -3.39 7.90 11.75
CA TRP A 206 -1.92 7.92 11.78
C TRP A 206 -1.35 8.57 13.05
N GLU A 207 -2.09 9.43 13.74
CA GLU A 207 -1.63 10.11 14.96
C GLU A 207 -0.99 9.18 16.02
N PRO A 208 -1.57 8.02 16.42
CA PRO A 208 -0.90 7.07 17.32
C PRO A 208 0.25 6.25 16.66
N LYS A 209 0.27 6.16 15.33
CA LYS A 209 1.24 5.37 14.54
C LYS A 209 2.61 6.04 14.34
N VAL A 210 2.76 7.27 14.84
CA VAL A 210 4.09 7.83 15.17
C VAL A 210 4.86 6.98 16.18
N ASN A 211 4.15 6.13 16.96
CA ASN A 211 4.71 5.07 17.79
C ASN A 211 4.27 3.65 17.42
N ALA A 212 3.05 3.45 16.90
CA ALA A 212 2.51 2.13 16.51
C ALA A 212 2.89 1.69 15.07
N MET A 1 -17.96 -16.79 -0.29
CA MET A 1 -17.76 -17.24 -1.69
C MET A 1 -17.43 -16.05 -2.59
N ALA A 2 -16.77 -16.32 -3.72
CA ALA A 2 -15.98 -15.32 -4.48
C ALA A 2 -14.91 -14.63 -3.60
N LEU A 3 -14.19 -13.65 -4.14
CA LEU A 3 -13.19 -12.89 -3.39
C LEU A 3 -13.84 -12.11 -2.24
N GLU A 4 -13.66 -12.58 -1.01
CA GLU A 4 -14.08 -11.88 0.22
C GLU A 4 -12.85 -11.32 0.93
N ILE A 5 -12.49 -10.08 0.59
CA ILE A 5 -11.42 -9.33 1.24
C ILE A 5 -11.88 -8.94 2.65
N CYS A 6 -11.07 -9.22 3.68
CA CYS A 6 -11.34 -8.81 5.06
C CYS A 6 -10.20 -7.92 5.55
N VAL A 7 -10.49 -6.63 5.76
CA VAL A 7 -9.50 -5.56 5.71
C VAL A 7 -9.68 -4.57 6.84
N LYS A 8 -8.57 -4.11 7.44
CA LYS A 8 -8.64 -2.98 8.38
C LYS A 8 -9.09 -1.71 7.63
N ALA A 9 -10.14 -1.09 8.17
CA ALA A 9 -10.68 0.21 7.82
C ALA A 9 -9.85 1.36 8.41
N ALA A 10 -10.36 2.58 8.29
CA ALA A 10 -10.04 3.67 9.20
C ALA A 10 -10.29 3.27 10.67
N VAL A 11 -9.47 3.79 11.59
CA VAL A 11 -9.84 3.86 13.01
C VAL A 11 -11.16 4.65 13.16
N GLY A 12 -12.12 4.06 13.87
CA GLY A 12 -13.44 4.63 14.13
C GLY A 12 -14.50 4.42 13.03
N ALA A 13 -14.10 4.21 11.77
CA ALA A 13 -15.02 4.26 10.62
C ALA A 13 -14.94 3.00 9.72
N PRO A 14 -15.71 1.93 10.02
CA PRO A 14 -15.67 0.63 9.31
C PRO A 14 -16.26 0.64 7.89
N ASN A 15 -16.42 1.81 7.27
CA ASN A 15 -16.95 2.01 5.91
C ASN A 15 -15.91 2.59 4.93
N ILE A 16 -14.70 2.94 5.39
CA ILE A 16 -13.65 3.62 4.61
C ILE A 16 -12.25 3.11 4.97
N LEU A 17 -11.27 3.33 4.09
CA LEU A 17 -9.93 2.71 4.19
C LEU A 17 -8.96 3.36 5.20
N GLY A 18 -9.07 4.68 5.40
CA GLY A 18 -8.28 5.46 6.36
C GLY A 18 -6.78 5.17 6.39
N ASP A 19 -6.26 4.94 7.59
CA ASP A 19 -4.84 4.78 7.92
C ASP A 19 -4.15 3.56 7.31
N SER A 20 -4.84 2.76 6.49
CA SER A 20 -4.42 1.42 6.10
C SER A 20 -3.99 1.39 4.66
N PRO A 21 -2.74 1.79 4.27
CA PRO A 21 -2.18 1.51 2.94
C PRO A 21 -2.01 0.00 2.72
N PHE A 22 -1.88 -0.77 3.81
CA PHE A 22 -1.86 -2.23 3.83
C PHE A 22 -3.16 -2.88 3.32
N CYS A 23 -4.39 -2.34 3.62
CA CYS A 23 -5.61 -2.85 2.99
C CYS A 23 -5.75 -2.32 1.58
N GLN A 24 -5.28 -1.12 1.29
CA GLN A 24 -5.25 -0.55 -0.06
C GLN A 24 -4.34 -1.34 -1.04
N ARG A 25 -3.29 -2.04 -0.55
CA ARG A 25 -2.49 -3.01 -1.35
C ARG A 25 -3.36 -4.08 -2.02
N VAL A 26 -4.32 -4.61 -1.25
CA VAL A 26 -5.14 -5.76 -1.63
C VAL A 26 -6.23 -5.36 -2.64
N LEU A 27 -6.74 -4.13 -2.54
CA LEU A 27 -7.57 -3.54 -3.59
C LEU A 27 -6.78 -3.34 -4.88
N LEU A 28 -5.57 -2.77 -4.79
CA LEU A 28 -4.70 -2.45 -5.93
C LEU A 28 -4.36 -3.69 -6.78
N SER A 29 -3.96 -4.82 -6.19
CA SER A 29 -3.58 -6.00 -7.01
C SER A 29 -4.77 -6.66 -7.73
N LEU A 30 -6.00 -6.47 -7.25
CA LEU A 30 -7.22 -6.99 -7.87
C LEU A 30 -7.83 -5.99 -8.86
N GLU A 31 -7.82 -4.69 -8.53
CA GLU A 31 -8.24 -3.61 -9.44
C GLU A 31 -7.30 -3.41 -10.63
N GLU A 32 -6.02 -3.79 -10.53
CA GLU A 32 -5.17 -3.84 -11.73
C GLU A 32 -5.50 -5.04 -12.64
N LYS A 33 -5.81 -6.21 -12.07
CA LYS A 33 -6.36 -7.36 -12.81
C LYS A 33 -7.80 -7.16 -13.28
N LYS A 34 -8.50 -6.13 -12.81
CA LYS A 34 -9.92 -5.84 -13.04
C LYS A 34 -10.90 -6.91 -12.51
N ILE A 35 -10.41 -7.89 -11.75
CA ILE A 35 -11.20 -8.98 -11.17
C ILE A 35 -12.11 -8.47 -10.03
N PRO A 36 -13.42 -8.79 -10.02
CA PRO A 36 -14.34 -8.30 -8.98
C PRO A 36 -14.12 -8.97 -7.63
N TYR A 37 -14.44 -8.23 -6.56
CA TYR A 37 -14.30 -8.65 -5.17
C TYR A 37 -15.37 -8.01 -4.28
N LYS A 38 -15.52 -8.54 -3.07
CA LYS A 38 -16.28 -7.98 -1.96
C LYS A 38 -15.32 -7.52 -0.87
N SER A 39 -15.50 -6.31 -0.36
CA SER A 39 -14.66 -5.73 0.70
C SER A 39 -15.39 -5.65 2.03
N HIS A 40 -14.81 -6.26 3.06
CA HIS A 40 -15.28 -6.22 4.44
C HIS A 40 -14.33 -5.35 5.28
N LEU A 41 -14.60 -4.04 5.28
CA LEU A 41 -13.86 -3.03 6.04
C LEU A 41 -14.18 -3.12 7.55
N ILE A 42 -13.15 -3.28 8.36
CA ILE A 42 -13.20 -3.64 9.79
C ILE A 42 -12.48 -2.58 10.61
N ASN A 43 -13.21 -1.90 11.49
CA ASN A 43 -12.65 -1.00 12.51
C ASN A 43 -12.20 -1.83 13.72
N LEU A 44 -10.92 -2.21 13.75
CA LEU A 44 -10.21 -2.75 14.93
C LEU A 44 -10.81 -4.03 15.58
N GLY A 45 -11.77 -4.69 14.94
CA GLY A 45 -12.50 -5.84 15.51
C GLY A 45 -13.98 -5.59 15.78
N ASP A 46 -14.62 -4.63 15.11
CA ASP A 46 -16.09 -4.44 15.11
C ASP A 46 -16.86 -5.65 14.49
N LYS A 47 -16.15 -6.62 13.90
CA LYS A 47 -16.72 -7.82 13.28
C LYS A 47 -16.18 -9.10 13.93
N PRO A 48 -16.98 -10.17 14.05
CA PRO A 48 -16.61 -11.39 14.76
C PRO A 48 -15.49 -12.17 14.06
N GLN A 49 -15.07 -13.27 14.71
CA GLN A 49 -13.96 -14.14 14.33
C GLN A 49 -14.00 -14.68 12.88
N TRP A 50 -15.19 -14.79 12.26
CA TRP A 50 -15.42 -15.13 10.84
C TRP A 50 -14.73 -14.20 9.81
N PHE A 51 -14.37 -12.98 10.22
CA PHE A 51 -13.66 -11.99 9.40
C PHE A 51 -12.15 -11.91 9.70
N LEU A 52 -11.66 -12.71 10.67
CA LEU A 52 -10.35 -12.60 11.31
C LEU A 52 -9.57 -13.94 11.28
N GLU A 53 -10.28 -15.07 11.46
CA GLU A 53 -9.78 -16.46 11.43
C GLU A 53 -9.14 -16.89 10.10
N ILE A 54 -9.43 -16.14 9.04
CA ILE A 54 -8.81 -16.21 7.72
C ILE A 54 -7.28 -15.97 7.80
N SER A 55 -6.85 -15.20 8.80
CA SER A 55 -5.46 -14.84 9.06
C SER A 55 -4.80 -15.79 10.07
N PRO A 56 -3.56 -16.24 9.84
CA PRO A 56 -2.76 -16.94 10.86
C PRO A 56 -2.29 -16.00 11.99
N GLU A 57 -2.34 -14.68 11.79
CA GLU A 57 -2.12 -13.66 12.83
C GLU A 57 -3.42 -13.29 13.60
N GLY A 58 -4.61 -13.66 13.07
CA GLY A 58 -5.91 -13.05 13.41
C GLY A 58 -6.09 -11.60 12.92
N LYS A 59 -4.99 -10.90 12.63
CA LYS A 59 -4.91 -9.60 11.94
C LYS A 59 -5.52 -9.65 10.55
N VAL A 60 -6.39 -8.69 10.28
CA VAL A 60 -6.69 -8.17 8.92
C VAL A 60 -5.70 -7.04 8.61
N PRO A 61 -5.26 -6.82 7.35
CA PRO A 61 -5.83 -7.27 6.07
C PRO A 61 -5.47 -8.69 5.59
N VAL A 62 -6.47 -9.39 5.04
CA VAL A 62 -6.39 -10.72 4.41
C VAL A 62 -7.45 -10.90 3.32
N VAL A 63 -7.48 -12.06 2.64
CA VAL A 63 -8.57 -12.45 1.72
C VAL A 63 -9.00 -13.90 1.91
N LYS A 64 -10.27 -14.17 1.56
CA LYS A 64 -10.68 -15.47 1.03
C LYS A 64 -10.71 -15.41 -0.50
N ILE A 65 -10.13 -16.38 -1.18
CA ILE A 65 -10.29 -16.60 -2.63
C ILE A 65 -11.38 -17.66 -2.85
N ASP A 66 -12.63 -17.22 -2.90
CA ASP A 66 -13.80 -18.10 -2.88
C ASP A 66 -13.84 -19.02 -1.63
N ASP A 67 -13.84 -18.39 -0.46
CA ASP A 67 -13.76 -19.03 0.86
C ASP A 67 -12.49 -19.84 1.17
N LYS A 68 -11.54 -19.94 0.25
CA LYS A 68 -10.21 -20.56 0.45
C LYS A 68 -9.23 -19.49 0.96
N TRP A 69 -8.85 -19.57 2.23
CA TRP A 69 -8.16 -18.50 2.94
C TRP A 69 -6.73 -18.21 2.43
N VAL A 70 -6.29 -16.97 2.64
CA VAL A 70 -4.93 -16.46 2.41
C VAL A 70 -4.57 -15.49 3.53
N ALA A 71 -3.31 -15.52 3.97
CA ALA A 71 -2.76 -14.68 5.03
C ALA A 71 -2.59 -13.19 4.64
N ASP A 72 -1.79 -12.45 5.42
CA ASP A 72 -1.66 -10.97 5.43
C ASP A 72 -1.41 -10.31 4.05
N SER A 73 -1.68 -9.00 3.94
CA SER A 73 -1.28 -8.15 2.80
C SER A 73 0.18 -8.29 2.38
N ASP A 74 1.07 -8.54 3.33
CA ASP A 74 2.52 -8.55 3.08
C ASP A 74 3.07 -9.92 2.64
N VAL A 75 2.21 -10.94 2.57
CA VAL A 75 2.45 -12.20 1.83
C VAL A 75 1.42 -12.45 0.71
N ILE A 76 0.30 -11.73 0.70
CA ILE A 76 -0.67 -11.63 -0.42
C ILE A 76 0.00 -11.20 -1.73
N VAL A 77 1.04 -10.36 -1.66
CA VAL A 77 1.86 -9.94 -2.83
C VAL A 77 2.55 -11.10 -3.56
N GLY A 78 2.65 -12.27 -2.92
CA GLY A 78 2.84 -13.56 -3.60
C GLY A 78 1.54 -14.36 -3.71
N ILE A 79 0.89 -14.68 -2.59
CA ILE A 79 -0.10 -15.79 -2.51
C ILE A 79 -1.45 -15.45 -3.19
N LEU A 80 -1.84 -14.18 -3.28
CA LEU A 80 -3.02 -13.76 -4.06
C LEU A 80 -2.74 -13.71 -5.57
N GLU A 81 -1.48 -13.52 -5.94
CA GLU A 81 -1.03 -13.52 -7.33
C GLU A 81 -0.84 -14.96 -7.86
N GLU A 82 -0.25 -15.83 -7.03
CA GLU A 82 -0.13 -17.29 -7.18
C GLU A 82 -1.46 -17.99 -7.51
N LYS A 83 -2.55 -17.53 -6.86
CA LYS A 83 -3.87 -18.17 -6.89
C LYS A 83 -4.89 -17.43 -7.76
N ASN A 84 -4.49 -16.37 -8.46
CA ASN A 84 -5.40 -15.59 -9.30
C ASN A 84 -5.63 -16.29 -10.66
N PRO A 85 -6.87 -16.29 -11.21
CA PRO A 85 -7.11 -16.72 -12.59
C PRO A 85 -6.65 -15.67 -13.62
N GLU A 86 -6.71 -14.39 -13.26
CA GLU A 86 -6.19 -13.27 -14.06
C GLU A 86 -4.67 -13.10 -13.86
N PRO A 87 -3.92 -12.42 -14.74
CA PRO A 87 -2.46 -12.45 -14.76
C PRO A 87 -1.76 -12.11 -13.41
N PRO A 88 -0.87 -12.98 -12.89
CA PRO A 88 -0.12 -12.74 -11.65
C PRO A 88 0.85 -11.55 -11.75
N LEU A 89 0.78 -10.64 -10.78
CA LEU A 89 1.60 -9.42 -10.70
C LEU A 89 2.74 -9.51 -9.67
N ALA A 90 3.01 -10.70 -9.13
CA ALA A 90 4.10 -10.96 -8.16
C ALA A 90 5.52 -10.79 -8.73
N THR A 91 5.69 -10.67 -10.05
CA THR A 91 7.00 -10.70 -10.71
C THR A 91 7.92 -9.59 -10.18
N PRO A 92 9.08 -9.92 -9.56
CA PRO A 92 10.02 -8.94 -9.04
C PRO A 92 10.90 -8.37 -10.17
N PRO A 93 10.86 -7.07 -10.47
CA PRO A 93 11.87 -6.41 -11.30
C PRO A 93 13.16 -6.17 -10.51
N GLU A 94 14.18 -5.61 -11.16
CA GLU A 94 15.39 -5.07 -10.50
C GLU A 94 15.07 -4.02 -9.43
N PHE A 95 14.00 -3.23 -9.63
CA PHE A 95 13.47 -2.25 -8.69
C PHE A 95 13.04 -2.82 -7.33
N ALA A 96 12.76 -4.12 -7.22
CA ALA A 96 12.52 -4.78 -5.94
C ALA A 96 13.73 -4.72 -4.99
N SER A 97 14.96 -4.60 -5.53
CA SER A 97 16.22 -4.47 -4.78
C SER A 97 16.35 -3.17 -3.97
N VAL A 98 15.53 -2.17 -4.28
CA VAL A 98 15.52 -0.85 -3.64
C VAL A 98 14.13 -0.51 -3.08
N GLY A 99 13.06 -0.90 -3.78
CA GLY A 99 11.69 -0.80 -3.30
C GLY A 99 11.40 -1.62 -2.02
N SER A 100 12.08 -2.76 -1.83
CA SER A 100 12.03 -3.53 -0.58
C SER A 100 12.69 -2.84 0.62
N LYS A 101 13.66 -1.94 0.41
CA LYS A 101 14.23 -1.05 1.44
C LYS A 101 13.29 0.10 1.78
N ILE A 102 12.67 0.69 0.76
CA ILE A 102 11.73 1.82 0.85
C ILE A 102 10.44 1.38 1.60
N PHE A 103 10.00 0.14 1.40
CA PHE A 103 8.77 -0.43 1.96
C PHE A 103 8.62 -0.35 3.49
N PRO A 104 9.61 -0.76 4.33
CA PRO A 104 9.56 -0.56 5.78
C PRO A 104 10.09 0.82 6.22
N SER A 105 11.08 1.39 5.52
CA SER A 105 11.77 2.60 5.99
C SER A 105 10.91 3.87 5.91
N PHE A 106 10.00 3.96 4.93
CA PHE A 106 8.96 5.00 4.95
C PHE A 106 7.82 4.76 5.96
N VAL A 107 7.59 3.51 6.41
CA VAL A 107 6.71 3.25 7.57
C VAL A 107 7.37 3.68 8.87
N LYS A 108 8.70 3.54 8.99
CA LYS A 108 9.51 4.12 10.08
C LYS A 108 9.49 5.66 10.08
N PHE A 109 9.46 6.28 8.89
CA PHE A 109 9.30 7.73 8.69
C PHE A 109 7.93 8.26 9.18
N LEU A 110 6.93 7.39 9.32
CA LEU A 110 5.61 7.67 9.92
C LEU A 110 5.51 7.31 11.42
N LYS A 111 6.56 6.74 12.03
CA LYS A 111 6.76 6.61 13.49
C LYS A 111 8.14 7.16 13.90
N SER A 112 8.35 8.41 13.51
CA SER A 112 9.58 9.24 13.47
C SER A 112 10.27 9.55 14.81
N LYS A 113 10.16 8.67 15.81
CA LYS A 113 10.88 8.74 17.09
C LYS A 113 12.40 8.56 16.91
N ASP A 114 12.78 7.83 15.87
CA ASP A 114 14.11 7.90 15.27
C ASP A 114 14.05 8.94 14.11
N PRO A 115 14.71 10.12 14.24
CA PRO A 115 14.26 11.33 13.54
C PRO A 115 14.19 11.24 12.01
N ASN A 116 13.16 11.88 11.46
CA ASN A 116 13.00 12.07 10.02
C ASN A 116 14.09 12.96 9.41
N ASP A 117 14.55 13.97 10.14
CA ASP A 117 15.51 14.97 9.63
C ASP A 117 16.92 14.40 9.39
N GLY A 118 17.22 13.24 9.99
CA GLY A 118 18.36 12.39 9.61
C GLY A 118 17.97 11.28 8.63
N THR A 119 16.84 10.60 8.87
CA THR A 119 16.37 9.46 8.07
C THR A 119 16.10 9.81 6.60
N GLU A 120 15.62 11.03 6.33
CA GLU A 120 15.32 11.52 4.98
C GLU A 120 16.54 11.55 4.05
N GLN A 121 17.74 11.69 4.62
CA GLN A 121 19.00 11.76 3.87
C GLN A 121 19.36 10.39 3.27
N ALA A 122 19.01 9.29 3.94
CA ALA A 122 19.06 7.94 3.35
C ALA A 122 17.92 7.70 2.35
N LEU A 123 16.70 8.14 2.69
CA LEU A 123 15.52 7.92 1.85
C LEU A 123 15.61 8.63 0.48
N LEU A 124 16.24 9.79 0.41
CA LEU A 124 16.49 10.51 -0.85
C LEU A 124 17.42 9.75 -1.79
N GLU A 125 18.49 9.14 -1.28
CA GLU A 125 19.44 8.39 -2.12
C GLU A 125 18.89 7.04 -2.58
N GLU A 126 18.07 6.36 -1.76
CA GLU A 126 17.32 5.17 -2.22
C GLU A 126 16.19 5.53 -3.21
N LEU A 127 15.48 6.66 -3.03
CA LEU A 127 14.52 7.14 -4.02
C LEU A 127 15.20 7.53 -5.34
N LYS A 128 16.38 8.15 -5.31
CA LYS A 128 17.18 8.46 -6.51
C LYS A 128 17.67 7.20 -7.23
N ALA A 129 18.11 6.18 -6.48
CA ALA A 129 18.55 4.90 -7.04
C ALA A 129 17.41 4.15 -7.76
N LEU A 130 16.19 4.26 -7.23
CA LEU A 130 14.97 3.76 -7.88
C LEU A 130 14.59 4.62 -9.11
N ASP A 131 14.45 5.93 -8.91
CA ASP A 131 13.94 6.90 -9.89
C ASP A 131 14.86 7.07 -11.12
N GLY A 132 16.18 6.98 -10.92
CA GLY A 132 17.19 7.09 -11.98
C GLY A 132 17.01 6.06 -13.11
N HIS A 133 16.54 4.86 -12.77
CA HIS A 133 16.23 3.81 -13.74
C HIS A 133 14.72 3.69 -14.05
N LEU A 134 13.82 4.11 -13.15
CA LEU A 134 12.38 4.18 -13.46
C LEU A 134 12.04 5.25 -14.51
N LYS A 135 12.78 6.36 -14.56
CA LYS A 135 12.65 7.37 -15.63
C LYS A 135 13.02 6.85 -17.03
N VAL A 136 13.76 5.75 -17.12
CA VAL A 136 14.05 5.05 -18.40
C VAL A 136 12.89 4.13 -18.81
N HIS A 137 12.18 3.54 -17.84
CA HIS A 137 11.03 2.65 -18.08
C HIS A 137 9.71 3.40 -18.27
N GLY A 138 9.54 4.56 -17.62
CA GLY A 138 8.37 5.42 -17.74
C GLY A 138 7.38 5.30 -16.57
N PRO A 139 6.27 4.54 -16.72
CA PRO A 139 4.98 4.90 -16.11
C PRO A 139 4.75 4.43 -14.66
N PHE A 140 5.26 3.27 -14.24
CA PHE A 140 4.88 2.64 -12.96
C PHE A 140 6.11 2.24 -12.11
N ILE A 141 5.95 2.12 -10.78
CA ILE A 141 7.10 2.10 -9.85
C ILE A 141 7.80 0.73 -9.81
N ALA A 142 7.28 -0.27 -10.51
CA ALA A 142 7.98 -1.49 -10.92
C ALA A 142 8.57 -1.46 -12.35
N GLY A 143 8.31 -0.41 -13.14
CA GLY A 143 8.77 -0.27 -14.54
C GLY A 143 7.62 -0.07 -15.54
N GLU A 144 7.54 -0.94 -16.56
CA GLU A 144 6.60 -0.81 -17.69
C GLU A 144 5.11 -0.88 -17.27
N LYS A 145 4.82 -1.55 -16.16
CA LYS A 145 3.47 -1.93 -15.70
C LYS A 145 3.48 -2.11 -14.17
N ILE A 146 2.30 -2.15 -13.59
CA ILE A 146 2.08 -2.37 -12.16
C ILE A 146 2.43 -3.84 -11.80
N THR A 147 3.49 -4.03 -11.01
CA THR A 147 3.83 -5.34 -10.38
C THR A 147 4.24 -5.17 -8.93
N ALA A 148 4.88 -6.16 -8.32
CA ALA A 148 5.09 -6.30 -6.87
C ALA A 148 5.65 -5.05 -6.15
N VAL A 149 6.36 -4.14 -6.84
CA VAL A 149 6.85 -2.88 -6.25
C VAL A 149 5.74 -1.83 -6.12
N ASP A 150 4.87 -1.66 -7.13
CA ASP A 150 3.60 -0.91 -7.01
C ASP A 150 2.68 -1.51 -5.95
N LEU A 151 2.53 -2.84 -5.95
CA LEU A 151 1.75 -3.58 -4.95
C LEU A 151 2.29 -3.43 -3.52
N SER A 152 3.50 -2.90 -3.35
CA SER A 152 4.15 -2.66 -2.06
C SER A 152 4.17 -1.17 -1.66
N LEU A 153 4.41 -0.27 -2.61
CA LEU A 153 4.67 1.16 -2.34
C LEU A 153 3.51 2.10 -2.64
N ALA A 154 2.66 1.81 -3.63
CA ALA A 154 1.75 2.81 -4.21
C ALA A 154 0.79 3.47 -3.19
N PRO A 155 0.04 2.71 -2.35
CA PRO A 155 -0.81 3.34 -1.33
C PRO A 155 -0.01 3.91 -0.16
N LYS A 156 1.23 3.43 0.10
CA LYS A 156 2.10 4.04 1.13
C LYS A 156 2.55 5.44 0.74
N LEU A 157 2.70 5.75 -0.56
CA LEU A 157 3.00 7.10 -1.04
C LEU A 157 1.83 8.09 -0.86
N TYR A 158 0.59 7.68 -1.15
CA TYR A 158 -0.59 8.51 -0.83
C TYR A 158 -0.80 8.66 0.69
N HIS A 159 -0.56 7.60 1.45
CA HIS A 159 -0.63 7.64 2.91
C HIS A 159 0.45 8.57 3.52
N LEU A 160 1.64 8.69 2.92
CA LEU A 160 2.63 9.70 3.30
C LEU A 160 2.16 11.12 2.95
N GLU A 161 1.72 11.34 1.72
CA GLU A 161 1.24 12.64 1.21
C GLU A 161 0.19 13.27 2.14
N VAL A 162 -0.72 12.44 2.66
CA VAL A 162 -1.72 12.83 3.64
C VAL A 162 -1.19 12.87 5.09
N ALA A 163 -0.73 11.74 5.63
CA ALA A 163 -0.49 11.59 7.07
C ALA A 163 0.84 12.19 7.54
N LEU A 164 1.89 12.13 6.71
CA LEU A 164 3.11 12.93 6.94
C LEU A 164 2.83 14.42 6.69
N GLY A 165 1.98 14.73 5.71
CA GLY A 165 1.51 16.09 5.41
C GLY A 165 0.90 16.85 6.59
N HIS A 166 0.31 16.14 7.56
CA HIS A 166 -0.25 16.72 8.78
C HIS A 166 0.78 17.37 9.73
N PHE A 167 2.07 17.03 9.64
CA PHE A 167 3.12 17.61 10.50
C PHE A 167 4.42 17.98 9.77
N LYS A 168 4.71 17.35 8.63
CA LYS A 168 5.87 17.61 7.77
C LYS A 168 5.54 17.18 6.35
N ASN A 169 4.90 18.07 5.58
CA ASN A 169 4.72 17.91 4.13
C ASN A 169 6.09 17.95 3.42
N TRP A 170 6.70 16.76 3.30
CA TRP A 170 8.07 16.56 2.87
C TRP A 170 8.16 16.40 1.35
N PRO A 171 8.75 17.35 0.61
CA PRO A 171 8.63 17.42 -0.84
C PRO A 171 9.43 16.32 -1.55
N ILE A 172 8.80 15.69 -2.54
CA ILE A 172 9.48 14.94 -3.61
C ILE A 172 9.99 15.95 -4.67
N PRO A 173 11.30 16.21 -4.81
CA PRO A 173 11.80 17.22 -5.76
C PRO A 173 11.63 16.75 -7.21
N ASP A 174 11.64 17.68 -8.17
CA ASP A 174 11.53 17.38 -9.61
C ASP A 174 12.69 16.56 -10.20
N ASN A 175 13.81 16.45 -9.49
CA ASN A 175 14.88 15.49 -9.80
C ASN A 175 14.42 14.02 -9.68
N LEU A 176 13.48 13.73 -8.79
CA LEU A 176 12.75 12.45 -8.68
C LEU A 176 11.57 12.40 -9.68
N THR A 177 11.87 12.63 -10.96
CA THR A 177 10.90 13.00 -11.99
C THR A 177 9.94 11.87 -12.36
N HIS A 178 10.28 10.59 -12.10
CA HIS A 178 9.29 9.52 -12.12
C HIS A 178 8.41 9.60 -10.88
N VAL A 179 9.00 9.61 -9.67
CA VAL A 179 8.23 9.51 -8.40
C VAL A 179 7.23 10.66 -8.22
N LEU A 180 7.62 11.88 -8.60
CA LEU A 180 6.76 13.07 -8.56
C LEU A 180 5.55 12.97 -9.50
N ASN A 181 5.66 12.25 -10.63
CA ASN A 181 4.57 12.02 -11.56
C ASN A 181 3.81 10.71 -11.30
N TYR A 182 4.46 9.72 -10.68
CA TYR A 182 3.82 8.50 -10.19
C TYR A 182 2.83 8.78 -9.05
N ILE A 183 3.15 9.73 -8.16
CA ILE A 183 2.22 10.20 -7.12
C ILE A 183 0.96 10.87 -7.73
N LYS A 184 1.11 11.59 -8.85
CA LYS A 184 -0.04 12.11 -9.63
C LYS A 184 -0.87 10.98 -10.27
N LEU A 185 -0.24 9.86 -10.66
CA LEU A 185 -0.93 8.67 -11.15
C LEU A 185 -1.72 7.91 -10.06
N LEU A 186 -1.45 8.12 -8.76
CA LEU A 186 -2.26 7.54 -7.67
C LEU A 186 -3.70 8.06 -7.66
N PHE A 187 -3.94 9.24 -8.22
CA PHE A 187 -5.27 9.82 -8.44
C PHE A 187 -5.94 9.33 -9.74
N SER A 188 -5.41 8.27 -10.36
CA SER A 188 -5.83 7.73 -11.65
C SER A 188 -5.92 6.19 -11.65
N ARG A 189 -6.40 5.61 -12.77
CA ARG A 189 -6.72 4.18 -12.96
C ARG A 189 -7.77 3.64 -11.97
N GLU A 190 -8.18 2.42 -12.19
CA GLU A 190 -8.93 1.61 -11.22
C GLU A 190 -8.00 1.19 -10.07
N SER A 191 -6.75 0.87 -10.42
CA SER A 191 -5.72 0.31 -9.54
C SER A 191 -5.33 1.21 -8.36
N PHE A 192 -5.40 2.54 -8.51
CA PHE A 192 -5.00 3.48 -7.45
C PHE A 192 -6.14 4.41 -7.02
N LYS A 193 -6.87 5.03 -7.95
CA LYS A 193 -7.90 6.03 -7.61
C LYS A 193 -9.01 5.47 -6.71
N LYS A 194 -9.36 4.19 -6.86
CA LYS A 194 -10.34 3.50 -6.00
C LYS A 194 -9.84 3.23 -4.58
N THR A 195 -8.53 3.17 -4.37
CA THR A 195 -7.92 2.94 -3.05
C THR A 195 -7.68 4.23 -2.25
N ARG A 196 -7.95 5.41 -2.83
CA ARG A 196 -7.81 6.71 -2.16
C ARG A 196 -8.71 6.78 -0.92
N ALA A 197 -8.10 6.71 0.26
CA ALA A 197 -8.76 6.95 1.53
C ALA A 197 -9.06 8.44 1.74
N ALA A 198 -10.23 8.76 2.32
CA ALA A 198 -10.62 10.11 2.71
C ALA A 198 -9.72 10.64 3.86
N GLU A 199 -9.12 11.80 3.63
CA GLU A 199 -7.85 12.23 4.23
C GLU A 199 -7.86 12.38 5.75
N GLU A 200 -8.90 12.97 6.32
CA GLU A 200 -9.03 13.17 7.78
C GLU A 200 -9.01 11.84 8.56
N HIS A 201 -9.60 10.80 7.96
CA HIS A 201 -9.63 9.43 8.50
C HIS A 201 -8.34 8.63 8.23
N VAL A 202 -7.44 9.13 7.37
CA VAL A 202 -6.06 8.64 7.29
C VAL A 202 -5.24 9.18 8.46
N ILE A 203 -5.35 10.48 8.73
CA ILE A 203 -4.62 11.18 9.80
C ILE A 203 -5.03 10.68 11.18
N ALA A 204 -6.34 10.62 11.46
CA ALA A 204 -6.88 10.20 12.75
C ALA A 204 -6.60 8.72 13.12
N GLY A 205 -6.32 7.88 12.11
CA GLY A 205 -5.85 6.51 12.35
C GLY A 205 -4.32 6.36 12.36
N TRP A 206 -3.58 7.24 11.67
CA TRP A 206 -2.11 7.29 11.73
C TRP A 206 -1.58 7.84 13.06
N GLU A 207 -2.25 8.81 13.68
CA GLU A 207 -1.80 9.46 14.93
C GLU A 207 -1.46 8.47 16.07
N PRO A 208 -2.35 7.52 16.45
CA PRO A 208 -1.99 6.49 17.42
C PRO A 208 -0.92 5.52 16.89
N LYS A 209 -0.76 5.40 15.57
CA LYS A 209 0.27 4.59 14.89
C LYS A 209 1.63 5.28 14.72
N VAL A 210 1.81 6.48 15.25
CA VAL A 210 3.14 6.99 15.68
C VAL A 210 3.67 6.15 16.86
N ASN A 211 2.77 5.52 17.62
CA ASN A 211 3.09 4.55 18.68
C ASN A 211 2.88 3.09 18.24
N ALA A 212 1.78 2.78 17.53
CA ALA A 212 1.33 1.43 17.16
C ALA A 212 1.48 1.13 15.65
N MET A 1 -17.75 -17.02 -0.49
CA MET A 1 -17.63 -17.46 -1.90
C MET A 1 -17.22 -16.29 -2.78
N ALA A 2 -16.55 -16.57 -3.91
CA ALA A 2 -15.78 -15.58 -4.68
C ALA A 2 -14.74 -14.83 -3.81
N LEU A 3 -14.12 -13.77 -4.35
CA LEU A 3 -13.13 -12.98 -3.61
C LEU A 3 -13.80 -12.21 -2.46
N GLU A 4 -13.53 -12.61 -1.22
CA GLU A 4 -13.96 -11.91 0.01
C GLU A 4 -12.74 -11.32 0.73
N ILE A 5 -12.39 -10.08 0.37
CA ILE A 5 -11.32 -9.32 1.01
C ILE A 5 -11.78 -8.92 2.42
N CYS A 6 -10.98 -9.21 3.44
CA CYS A 6 -11.28 -8.89 4.84
C CYS A 6 -10.18 -7.96 5.39
N VAL A 7 -10.48 -6.66 5.42
CA VAL A 7 -9.49 -5.57 5.43
C VAL A 7 -9.67 -4.68 6.66
N LYS A 8 -8.57 -4.19 7.24
CA LYS A 8 -8.67 -3.11 8.24
C LYS A 8 -9.21 -1.84 7.58
N ALA A 9 -10.28 -1.29 8.14
CA ALA A 9 -10.83 0.03 7.83
C ALA A 9 -10.06 1.15 8.55
N ALA A 10 -10.43 2.41 8.29
CA ALA A 10 -10.05 3.55 9.12
C ALA A 10 -10.39 3.32 10.61
N VAL A 11 -9.53 3.77 11.51
CA VAL A 11 -9.88 3.84 12.95
C VAL A 11 -11.14 4.68 13.14
N GLY A 12 -12.17 4.08 13.75
CA GLY A 12 -13.46 4.72 14.03
C GLY A 12 -14.45 4.77 12.86
N ALA A 13 -14.03 4.55 11.62
CA ALA A 13 -14.87 4.69 10.42
C ALA A 13 -14.84 3.42 9.53
N PRO A 14 -15.62 2.37 9.89
CA PRO A 14 -15.61 1.07 9.21
C PRO A 14 -16.09 1.06 7.75
N ASN A 15 -16.57 2.19 7.23
CA ASN A 15 -17.02 2.36 5.85
C ASN A 15 -15.90 2.78 4.87
N ILE A 16 -14.68 3.08 5.33
CA ILE A 16 -13.59 3.66 4.52
C ILE A 16 -12.20 3.10 4.87
N LEU A 17 -11.23 3.32 3.98
CA LEU A 17 -9.89 2.71 4.03
C LEU A 17 -8.86 3.41 4.94
N GLY A 18 -9.05 4.70 5.24
CA GLY A 18 -8.23 5.54 6.13
C GLY A 18 -6.72 5.24 6.19
N ASP A 19 -6.24 5.05 7.42
CA ASP A 19 -4.85 4.79 7.82
C ASP A 19 -4.21 3.49 7.29
N SER A 20 -4.88 2.73 6.41
CA SER A 20 -4.54 1.34 6.11
C SER A 20 -4.01 1.21 4.70
N PRO A 21 -2.74 1.63 4.38
CA PRO A 21 -2.14 1.44 3.06
C PRO A 21 -1.92 -0.05 2.76
N PHE A 22 -1.71 -0.86 3.80
CA PHE A 22 -1.71 -2.32 3.78
C PHE A 22 -3.03 -2.92 3.27
N CYS A 23 -4.23 -2.40 3.68
CA CYS A 23 -5.52 -2.78 3.11
C CYS A 23 -5.61 -2.36 1.66
N GLN A 24 -5.15 -1.15 1.35
CA GLN A 24 -5.23 -0.55 0.02
C GLN A 24 -4.37 -1.30 -1.01
N ARG A 25 -3.29 -1.99 -0.60
CA ARG A 25 -2.51 -2.94 -1.44
C ARG A 25 -3.40 -4.02 -2.07
N VAL A 26 -4.28 -4.59 -1.24
CA VAL A 26 -5.08 -5.78 -1.58
C VAL A 26 -6.22 -5.45 -2.55
N LEU A 27 -6.71 -4.20 -2.53
CA LEU A 27 -7.59 -3.70 -3.59
C LEU A 27 -6.82 -3.47 -4.89
N LEU A 28 -5.64 -2.83 -4.80
CA LEU A 28 -4.79 -2.44 -5.93
C LEU A 28 -4.42 -3.60 -6.86
N SER A 29 -3.98 -4.76 -6.34
CA SER A 29 -3.58 -5.87 -7.23
C SER A 29 -4.74 -6.51 -7.99
N LEU A 30 -5.97 -6.41 -7.46
CA LEU A 30 -7.19 -6.90 -8.09
C LEU A 30 -7.85 -5.86 -9.01
N GLU A 31 -7.80 -4.58 -8.66
CA GLU A 31 -8.28 -3.48 -9.50
C GLU A 31 -7.42 -3.22 -10.73
N GLU A 32 -6.11 -3.50 -10.67
CA GLU A 32 -5.27 -3.53 -11.87
C GLU A 32 -5.68 -4.66 -12.84
N LYS A 33 -5.95 -5.85 -12.28
CA LYS A 33 -6.49 -7.02 -13.00
C LYS A 33 -7.96 -6.89 -13.43
N LYS A 34 -8.69 -5.88 -12.94
CA LYS A 34 -10.14 -5.65 -13.14
C LYS A 34 -11.07 -6.71 -12.55
N ILE A 35 -10.55 -7.71 -11.84
CA ILE A 35 -11.35 -8.80 -11.24
C ILE A 35 -12.17 -8.28 -10.05
N PRO A 36 -13.52 -8.43 -10.06
CA PRO A 36 -14.37 -7.91 -8.99
C PRO A 36 -14.24 -8.71 -7.70
N TYR A 37 -14.47 -8.04 -6.58
CA TYR A 37 -14.35 -8.58 -5.23
C TYR A 37 -15.41 -7.98 -4.30
N LYS A 38 -15.66 -8.66 -3.18
CA LYS A 38 -16.39 -8.11 -2.03
C LYS A 38 -15.40 -7.63 -0.97
N SER A 39 -15.53 -6.37 -0.55
CA SER A 39 -14.70 -5.80 0.52
C SER A 39 -15.43 -5.75 1.86
N HIS A 40 -14.87 -6.42 2.87
CA HIS A 40 -15.29 -6.40 4.26
C HIS A 40 -14.33 -5.50 5.07
N LEU A 41 -14.61 -4.20 5.08
CA LEU A 41 -13.88 -3.20 5.87
C LEU A 41 -14.21 -3.31 7.37
N ILE A 42 -13.19 -3.53 8.20
CA ILE A 42 -13.27 -3.89 9.62
C ILE A 42 -12.56 -2.83 10.47
N ASN A 43 -13.31 -2.08 11.29
CA ASN A 43 -12.72 -1.16 12.26
C ASN A 43 -12.27 -1.93 13.51
N LEU A 44 -10.98 -2.25 13.59
CA LEU A 44 -10.30 -2.78 14.79
C LEU A 44 -10.91 -4.05 15.43
N GLY A 45 -11.75 -4.79 14.71
CA GLY A 45 -12.46 -5.97 15.22
C GLY A 45 -13.96 -5.79 15.42
N ASP A 46 -14.60 -4.82 14.74
CA ASP A 46 -16.07 -4.63 14.74
C ASP A 46 -16.88 -5.77 14.09
N LYS A 47 -16.28 -6.93 13.79
CA LYS A 47 -16.90 -8.11 13.17
C LYS A 47 -16.38 -9.40 13.84
N PRO A 48 -17.19 -10.48 13.92
CA PRO A 48 -16.82 -11.71 14.60
C PRO A 48 -15.64 -12.44 13.94
N GLN A 49 -15.19 -13.52 14.60
CA GLN A 49 -14.01 -14.31 14.27
C GLN A 49 -13.97 -14.87 12.82
N TRP A 50 -15.13 -14.98 12.16
CA TRP A 50 -15.30 -15.31 10.73
C TRP A 50 -14.56 -14.41 9.73
N PHE A 51 -14.19 -13.20 10.16
CA PHE A 51 -13.43 -12.22 9.37
C PHE A 51 -11.95 -12.10 9.78
N LEU A 52 -11.54 -12.84 10.81
CA LEU A 52 -10.20 -12.83 11.42
C LEU A 52 -9.49 -14.19 11.32
N GLU A 53 -10.23 -15.31 11.44
CA GLU A 53 -9.73 -16.70 11.36
C GLU A 53 -9.11 -17.09 10.02
N ILE A 54 -9.37 -16.30 8.98
CA ILE A 54 -8.71 -16.35 7.66
C ILE A 54 -7.20 -16.10 7.77
N SER A 55 -6.79 -15.28 8.76
CA SER A 55 -5.41 -14.94 9.11
C SER A 55 -4.86 -15.92 10.16
N PRO A 56 -3.61 -16.42 10.04
CA PRO A 56 -3.06 -17.40 10.97
C PRO A 56 -2.75 -16.85 12.39
N GLU A 57 -2.80 -15.54 12.58
CA GLU A 57 -2.66 -14.81 13.85
C GLU A 57 -3.82 -13.81 14.10
N GLY A 58 -4.90 -13.89 13.31
CA GLY A 58 -6.07 -13.00 13.38
C GLY A 58 -5.91 -11.61 12.72
N LYS A 59 -4.78 -11.32 12.06
CA LYS A 59 -4.43 -10.00 11.52
C LYS A 59 -4.96 -9.76 10.10
N VAL A 60 -6.16 -9.17 10.03
CA VAL A 60 -6.58 -8.40 8.85
C VAL A 60 -5.63 -7.20 8.62
N PRO A 61 -5.32 -6.81 7.37
CA PRO A 61 -5.90 -7.25 6.09
C PRO A 61 -5.45 -8.64 5.57
N VAL A 62 -6.42 -9.37 5.02
CA VAL A 62 -6.32 -10.71 4.40
C VAL A 62 -7.36 -10.87 3.26
N VAL A 63 -7.41 -12.05 2.61
CA VAL A 63 -8.52 -12.43 1.71
C VAL A 63 -8.96 -13.89 1.93
N LYS A 64 -10.21 -14.17 1.56
CA LYS A 64 -10.60 -15.47 1.02
C LYS A 64 -10.59 -15.44 -0.50
N ILE A 65 -10.06 -16.47 -1.14
CA ILE A 65 -10.27 -16.78 -2.56
C ILE A 65 -11.33 -17.89 -2.65
N ASP A 66 -12.59 -17.51 -2.85
CA ASP A 66 -13.74 -18.42 -2.82
C ASP A 66 -13.88 -19.23 -1.51
N ASP A 67 -13.88 -18.53 -0.38
CA ASP A 67 -13.77 -19.14 0.96
C ASP A 67 -12.49 -19.93 1.28
N LYS A 68 -11.58 -20.15 0.32
CA LYS A 68 -10.26 -20.74 0.58
C LYS A 68 -9.33 -19.64 1.13
N TRP A 69 -8.91 -19.76 2.38
CA TRP A 69 -8.21 -18.68 3.12
C TRP A 69 -6.81 -18.36 2.58
N VAL A 70 -6.37 -17.12 2.80
CA VAL A 70 -5.04 -16.57 2.48
C VAL A 70 -4.63 -15.60 3.61
N ALA A 71 -3.35 -15.59 3.95
CA ALA A 71 -2.76 -14.74 4.99
C ALA A 71 -2.64 -13.24 4.59
N ASP A 72 -1.78 -12.50 5.29
CA ASP A 72 -1.71 -11.03 5.33
C ASP A 72 -1.41 -10.35 3.99
N SER A 73 -1.60 -9.03 3.94
CA SER A 73 -1.33 -8.16 2.76
C SER A 73 0.09 -8.23 2.21
N ASP A 74 1.07 -8.69 3.00
CA ASP A 74 2.49 -8.60 2.71
C ASP A 74 3.11 -9.92 2.25
N VAL A 75 2.47 -11.06 2.54
CA VAL A 75 2.61 -12.32 1.77
C VAL A 75 1.57 -12.46 0.63
N ILE A 76 0.48 -11.69 0.65
CA ILE A 76 -0.53 -11.65 -0.43
C ILE A 76 0.06 -11.28 -1.80
N VAL A 77 1.10 -10.44 -1.83
CA VAL A 77 1.83 -10.08 -3.07
C VAL A 77 2.58 -11.27 -3.70
N GLY A 78 2.68 -12.40 -2.99
CA GLY A 78 2.94 -13.71 -3.57
C GLY A 78 1.65 -14.55 -3.71
N ILE A 79 0.94 -14.82 -2.62
CA ILE A 79 -0.08 -15.90 -2.57
C ILE A 79 -1.40 -15.55 -3.31
N LEU A 80 -1.85 -14.30 -3.28
CA LEU A 80 -3.01 -13.86 -4.08
C LEU A 80 -2.65 -13.68 -5.55
N GLU A 81 -1.38 -13.44 -5.85
CA GLU A 81 -0.86 -13.37 -7.21
C GLU A 81 -0.68 -14.76 -7.83
N GLU A 82 -0.18 -15.73 -7.06
CA GLU A 82 -0.09 -17.17 -7.39
C GLU A 82 -1.46 -17.78 -7.73
N LYS A 83 -2.47 -17.52 -6.90
CA LYS A 83 -3.80 -18.16 -6.97
C LYS A 83 -4.82 -17.41 -7.86
N ASN A 84 -4.39 -16.36 -8.55
CA ASN A 84 -5.30 -15.55 -9.37
C ASN A 84 -5.60 -16.24 -10.72
N PRO A 85 -6.86 -16.17 -11.22
CA PRO A 85 -7.16 -16.58 -12.60
C PRO A 85 -6.70 -15.54 -13.64
N GLU A 86 -6.65 -14.27 -13.25
CA GLU A 86 -6.06 -13.18 -14.05
C GLU A 86 -4.52 -13.15 -13.92
N PRO A 87 -3.77 -12.52 -14.84
CA PRO A 87 -2.31 -12.62 -14.88
C PRO A 87 -1.61 -12.20 -13.56
N PRO A 88 -0.74 -13.06 -12.98
CA PRO A 88 0.03 -12.74 -11.78
C PRO A 88 0.95 -11.52 -11.97
N LEU A 89 1.03 -10.66 -10.96
CA LEU A 89 1.83 -9.44 -10.94
C LEU A 89 2.99 -9.50 -9.92
N ALA A 90 3.25 -10.68 -9.33
CA ALA A 90 4.29 -10.92 -8.32
C ALA A 90 5.74 -10.76 -8.82
N THR A 91 5.97 -10.76 -10.13
CA THR A 91 7.32 -10.82 -10.72
C THR A 91 8.18 -9.64 -10.25
N PRO A 92 9.33 -9.87 -9.58
CA PRO A 92 10.18 -8.80 -9.10
C PRO A 92 11.03 -8.20 -10.24
N PRO A 93 10.93 -6.90 -10.53
CA PRO A 93 11.94 -6.17 -11.31
C PRO A 93 13.23 -5.96 -10.49
N GLU A 94 14.26 -5.37 -11.10
CA GLU A 94 15.41 -4.78 -10.40
C GLU A 94 15.01 -3.68 -9.40
N PHE A 95 13.90 -2.99 -9.64
CA PHE A 95 13.31 -2.04 -8.69
C PHE A 95 12.90 -2.68 -7.35
N ALA A 96 12.72 -4.00 -7.30
CA ALA A 96 12.42 -4.71 -6.06
C ALA A 96 13.57 -4.64 -5.03
N SER A 97 14.84 -4.63 -5.45
CA SER A 97 15.99 -4.53 -4.52
C SER A 97 16.24 -3.12 -3.96
N VAL A 98 15.39 -2.15 -4.31
CA VAL A 98 15.37 -0.80 -3.72
C VAL A 98 14.01 -0.51 -3.07
N GLY A 99 12.92 -0.95 -3.71
CA GLY A 99 11.57 -0.94 -3.17
C GLY A 99 11.40 -1.77 -1.89
N SER A 100 12.18 -2.84 -1.70
CA SER A 100 12.22 -3.63 -0.46
C SER A 100 12.82 -2.88 0.74
N LYS A 101 13.59 -1.82 0.50
CA LYS A 101 14.15 -0.93 1.55
C LYS A 101 13.20 0.22 1.87
N ILE A 102 12.62 0.80 0.81
CA ILE A 102 11.59 1.84 0.85
C ILE A 102 10.34 1.36 1.61
N PHE A 103 9.96 0.10 1.42
CA PHE A 103 8.77 -0.51 2.02
C PHE A 103 8.72 -0.45 3.56
N PRO A 104 9.81 -0.77 4.30
CA PRO A 104 9.92 -0.46 5.72
C PRO A 104 10.45 0.95 6.03
N SER A 105 11.37 1.54 5.25
CA SER A 105 12.04 2.81 5.63
C SER A 105 11.09 4.02 5.64
N PHE A 106 10.09 4.03 4.74
CA PHE A 106 9.01 5.02 4.75
C PHE A 106 7.95 4.77 5.83
N VAL A 107 7.75 3.50 6.23
CA VAL A 107 6.91 3.17 7.40
C VAL A 107 7.60 3.55 8.72
N LYS A 108 8.94 3.47 8.79
CA LYS A 108 9.75 3.99 9.91
C LYS A 108 9.67 5.52 10.00
N PHE A 109 9.64 6.22 8.87
CA PHE A 109 9.45 7.68 8.78
C PHE A 109 8.06 8.15 9.27
N LEU A 110 7.06 7.27 9.24
CA LEU A 110 5.73 7.47 9.84
C LEU A 110 5.63 7.02 11.32
N LYS A 111 6.76 6.72 11.98
CA LYS A 111 6.92 6.57 13.44
C LYS A 111 8.26 7.18 13.87
N SER A 112 8.38 8.46 13.55
CA SER A 112 9.54 9.38 13.49
C SER A 112 10.38 9.61 14.76
N LYS A 113 10.43 8.62 15.66
CA LYS A 113 11.17 8.63 16.93
C LYS A 113 12.67 8.42 16.74
N ASP A 114 13.05 7.74 15.65
CA ASP A 114 14.37 7.89 15.03
C ASP A 114 14.28 9.05 14.02
N PRO A 115 14.98 10.19 14.21
CA PRO A 115 14.60 11.47 13.60
C PRO A 115 14.44 11.44 12.08
N ASN A 116 13.33 12.01 11.60
CA ASN A 116 13.06 12.17 10.17
C ASN A 116 14.09 13.06 9.47
N ASP A 117 14.60 14.09 10.14
CA ASP A 117 15.59 15.04 9.58
C ASP A 117 16.97 14.40 9.28
N GLY A 118 17.26 13.25 9.90
CA GLY A 118 18.38 12.36 9.52
C GLY A 118 17.94 11.22 8.59
N THR A 119 16.80 10.58 8.88
CA THR A 119 16.28 9.46 8.09
C THR A 119 15.96 9.83 6.65
N GLU A 120 15.50 11.06 6.37
CA GLU A 120 15.19 11.53 5.02
C GLU A 120 16.39 11.56 4.07
N GLN A 121 17.60 11.69 4.63
CA GLN A 121 18.84 11.69 3.85
C GLN A 121 19.13 10.30 3.28
N ALA A 122 18.76 9.23 4.00
CA ALA A 122 18.71 7.88 3.44
C ALA A 122 17.53 7.69 2.47
N LEU A 123 16.34 8.23 2.78
CA LEU A 123 15.16 8.09 1.91
C LEU A 123 15.35 8.73 0.53
N LEU A 124 16.05 9.87 0.45
CA LEU A 124 16.34 10.54 -0.82
C LEU A 124 17.33 9.75 -1.68
N GLU A 125 18.36 9.12 -1.10
CA GLU A 125 19.26 8.25 -1.87
C GLU A 125 18.60 6.91 -2.26
N GLU A 126 17.69 6.37 -1.44
CA GLU A 126 16.83 5.23 -1.82
C GLU A 126 15.88 5.57 -2.97
N LEU A 127 15.21 6.73 -2.93
CA LEU A 127 14.37 7.19 -4.04
C LEU A 127 15.17 7.54 -5.29
N LYS A 128 16.38 8.12 -5.19
CA LYS A 128 17.24 8.39 -6.36
C LYS A 128 17.69 7.11 -7.05
N ALA A 129 18.07 6.08 -6.30
CA ALA A 129 18.47 4.78 -6.83
C ALA A 129 17.32 4.07 -7.57
N LEU A 130 16.08 4.28 -7.11
CA LEU A 130 14.87 3.83 -7.78
C LEU A 130 14.57 4.67 -9.05
N ASP A 131 14.44 5.99 -8.86
CA ASP A 131 14.00 6.96 -9.86
C ASP A 131 14.95 7.10 -11.06
N GLY A 132 16.27 7.01 -10.83
CA GLY A 132 17.29 7.13 -11.86
C GLY A 132 17.16 6.07 -12.96
N HIS A 133 16.69 4.87 -12.63
CA HIS A 133 16.38 3.82 -13.59
C HIS A 133 14.88 3.77 -13.98
N LEU A 134 13.95 4.18 -13.10
CA LEU A 134 12.52 4.27 -13.45
C LEU A 134 12.22 5.30 -14.55
N LYS A 135 12.99 6.39 -14.62
CA LYS A 135 12.89 7.38 -15.71
C LYS A 135 13.30 6.82 -17.09
N VAL A 136 13.97 5.68 -17.14
CA VAL A 136 14.27 4.94 -18.39
C VAL A 136 13.16 3.94 -18.74
N HIS A 137 12.54 3.30 -17.74
CA HIS A 137 11.50 2.28 -17.93
C HIS A 137 10.09 2.87 -18.14
N GLY A 138 9.84 4.09 -17.61
CA GLY A 138 8.71 4.93 -17.98
C GLY A 138 7.59 5.02 -16.93
N PRO A 139 6.49 4.25 -17.07
CA PRO A 139 5.16 4.62 -16.56
C PRO A 139 4.87 4.30 -15.08
N PHE A 140 5.40 3.22 -14.50
CA PHE A 140 5.00 2.74 -13.17
C PHE A 140 6.18 2.49 -12.22
N ILE A 141 5.95 2.47 -10.90
CA ILE A 141 7.04 2.42 -9.90
C ILE A 141 7.75 1.04 -9.84
N ALA A 142 7.23 0.04 -10.55
CA ALA A 142 7.90 -1.22 -10.85
C ALA A 142 8.52 -1.33 -12.27
N GLY A 143 8.33 -0.34 -13.15
CA GLY A 143 8.84 -0.35 -14.53
C GLY A 143 7.79 -0.04 -15.59
N GLU A 144 7.77 -0.82 -16.67
CA GLU A 144 6.84 -0.69 -17.80
C GLU A 144 5.39 -1.11 -17.49
N LYS A 145 5.20 -1.88 -16.41
CA LYS A 145 3.90 -2.35 -15.92
C LYS A 145 3.81 -2.21 -14.39
N ILE A 146 2.57 -2.08 -13.90
CA ILE A 146 2.23 -2.29 -12.49
C ILE A 146 2.52 -3.75 -12.10
N THR A 147 3.55 -3.95 -11.28
CA THR A 147 3.94 -5.26 -10.69
C THR A 147 4.33 -5.08 -9.21
N ALA A 148 5.00 -6.06 -8.60
CA ALA A 148 5.14 -6.21 -7.16
C ALA A 148 5.63 -4.95 -6.39
N VAL A 149 6.36 -4.01 -7.03
CA VAL A 149 6.79 -2.75 -6.39
C VAL A 149 5.66 -1.72 -6.30
N ASP A 150 4.81 -1.56 -7.33
CA ASP A 150 3.53 -0.84 -7.23
C ASP A 150 2.63 -1.42 -6.15
N LEU A 151 2.48 -2.76 -6.18
CA LEU A 151 1.69 -3.52 -5.21
C LEU A 151 2.23 -3.43 -3.78
N SER A 152 3.43 -2.87 -3.57
CA SER A 152 4.06 -2.67 -2.27
C SER A 152 4.11 -1.20 -1.82
N LEU A 153 4.26 -0.26 -2.76
CA LEU A 153 4.55 1.14 -2.45
C LEU A 153 3.40 2.12 -2.70
N ALA A 154 2.52 1.88 -3.68
CA ALA A 154 1.61 2.91 -4.18
C ALA A 154 0.72 3.58 -3.11
N PRO A 155 -0.01 2.83 -2.24
CA PRO A 155 -0.78 3.45 -1.16
C PRO A 155 0.09 3.96 0.01
N LYS A 156 1.33 3.47 0.17
CA LYS A 156 2.26 4.01 1.17
C LYS A 156 2.76 5.40 0.78
N LEU A 157 2.90 5.70 -0.51
CA LEU A 157 3.19 7.06 -0.99
C LEU A 157 2.00 8.02 -0.78
N TYR A 158 0.76 7.57 -0.99
CA TYR A 158 -0.43 8.36 -0.65
C TYR A 158 -0.59 8.61 0.86
N HIS A 159 -0.33 7.60 1.68
CA HIS A 159 -0.30 7.75 3.14
C HIS A 159 0.84 8.67 3.63
N LEU A 160 1.99 8.68 2.94
CA LEU A 160 3.08 9.61 3.25
C LEU A 160 2.66 11.07 3.01
N GLU A 161 2.11 11.34 1.83
CA GLU A 161 1.61 12.67 1.40
C GLU A 161 0.57 13.23 2.39
N VAL A 162 -0.48 12.45 2.66
CA VAL A 162 -1.60 12.91 3.50
C VAL A 162 -1.25 12.92 4.99
N ALA A 163 -0.72 11.82 5.53
CA ALA A 163 -0.57 11.68 6.97
C ALA A 163 0.60 12.52 7.52
N LEU A 164 1.78 12.38 6.91
CA LEU A 164 2.96 13.16 7.32
C LEU A 164 2.76 14.65 7.02
N GLY A 165 1.97 14.98 6.00
CA GLY A 165 1.55 16.34 5.65
C GLY A 165 0.90 17.15 6.78
N HIS A 166 0.33 16.48 7.78
CA HIS A 166 -0.24 17.12 8.98
C HIS A 166 0.79 17.80 9.90
N PHE A 167 2.08 17.42 9.83
CA PHE A 167 3.15 18.03 10.62
C PHE A 167 4.43 18.35 9.84
N LYS A 168 4.72 17.63 8.75
CA LYS A 168 5.87 17.81 7.87
C LYS A 168 5.52 17.31 6.45
N ASN A 169 4.88 18.17 5.66
CA ASN A 169 4.68 17.93 4.23
C ASN A 169 6.04 17.88 3.50
N TRP A 170 6.54 16.65 3.31
CA TRP A 170 7.91 16.36 2.90
C TRP A 170 8.00 16.28 1.37
N PRO A 171 8.64 17.26 0.69
CA PRO A 171 8.56 17.40 -0.75
C PRO A 171 9.38 16.32 -1.49
N ILE A 172 8.77 15.74 -2.53
CA ILE A 172 9.48 14.98 -3.57
C ILE A 172 10.06 15.97 -4.59
N PRO A 173 11.40 16.13 -4.71
CA PRO A 173 11.98 17.11 -5.63
C PRO A 173 11.78 16.72 -7.10
N ASP A 174 11.84 17.70 -8.00
CA ASP A 174 11.74 17.50 -9.46
C ASP A 174 12.81 16.58 -10.08
N ASN A 175 13.96 16.44 -9.40
CA ASN A 175 15.00 15.46 -9.77
C ASN A 175 14.55 14.00 -9.62
N LEU A 176 13.59 13.72 -8.74
CA LEU A 176 12.86 12.44 -8.63
C LEU A 176 11.70 12.39 -9.64
N THR A 177 12.02 12.62 -10.91
CA THR A 177 11.05 13.03 -11.95
C THR A 177 10.08 11.90 -12.34
N HIS A 178 10.43 10.63 -12.12
CA HIS A 178 9.43 9.55 -12.17
C HIS A 178 8.56 9.56 -10.91
N VAL A 179 9.14 9.56 -9.71
CA VAL A 179 8.37 9.45 -8.43
C VAL A 179 7.36 10.59 -8.28
N LEU A 180 7.74 11.82 -8.64
CA LEU A 180 6.87 12.99 -8.66
C LEU A 180 5.72 12.88 -9.66
N ASN A 181 5.90 12.19 -10.80
CA ASN A 181 4.84 11.89 -11.75
C ASN A 181 4.00 10.67 -11.34
N TYR A 182 4.60 9.66 -10.72
CA TYR A 182 3.92 8.47 -10.23
C TYR A 182 2.91 8.78 -9.12
N ILE A 183 3.22 9.73 -8.24
CA ILE A 183 2.28 10.21 -7.23
C ILE A 183 1.04 10.90 -7.84
N LYS A 184 1.18 11.51 -9.02
CA LYS A 184 0.02 12.02 -9.80
C LYS A 184 -0.85 10.88 -10.36
N LEU A 185 -0.26 9.73 -10.68
CA LEU A 185 -1.00 8.54 -11.12
C LEU A 185 -1.85 7.91 -10.00
N LEU A 186 -1.55 8.16 -8.72
CA LEU A 186 -2.35 7.68 -7.59
C LEU A 186 -3.80 8.22 -7.61
N PHE A 187 -4.00 9.36 -8.28
CA PHE A 187 -5.32 9.98 -8.51
C PHE A 187 -5.99 9.54 -9.82
N SER A 188 -5.53 8.42 -10.40
CA SER A 188 -5.95 7.85 -11.68
C SER A 188 -6.04 6.31 -11.65
N ARG A 189 -6.48 5.71 -12.77
CA ARG A 189 -6.79 4.27 -12.94
C ARG A 189 -7.86 3.77 -11.96
N GLU A 190 -8.21 2.50 -12.10
CA GLU A 190 -8.92 1.72 -11.09
C GLU A 190 -7.97 1.34 -9.96
N SER A 191 -6.74 0.97 -10.34
CA SER A 191 -5.69 0.42 -9.46
C SER A 191 -5.31 1.33 -8.28
N PHE A 192 -5.41 2.65 -8.43
CA PHE A 192 -5.02 3.61 -7.38
C PHE A 192 -6.15 4.55 -6.96
N LYS A 193 -6.90 5.14 -7.89
CA LYS A 193 -7.94 6.12 -7.55
C LYS A 193 -9.05 5.55 -6.66
N LYS A 194 -9.39 4.26 -6.81
CA LYS A 194 -10.36 3.56 -5.96
C LYS A 194 -9.84 3.31 -4.53
N THR A 195 -8.52 3.28 -4.33
CA THR A 195 -7.89 3.03 -3.03
C THR A 195 -7.58 4.33 -2.26
N ARG A 196 -7.86 5.51 -2.83
CA ARG A 196 -7.72 6.82 -2.16
C ARG A 196 -8.63 6.88 -0.94
N ALA A 197 -8.04 6.75 0.24
CA ALA A 197 -8.73 6.94 1.51
C ALA A 197 -9.05 8.44 1.77
N ALA A 198 -10.20 8.70 2.39
CA ALA A 198 -10.58 10.04 2.86
C ALA A 198 -9.58 10.58 3.90
N GLU A 199 -9.14 11.81 3.70
CA GLU A 199 -7.83 12.32 4.10
C GLU A 199 -7.69 12.52 5.61
N GLU A 200 -8.71 13.10 6.23
CA GLU A 200 -8.80 13.29 7.69
C GLU A 200 -8.78 11.94 8.44
N HIS A 201 -9.34 10.89 7.84
CA HIS A 201 -9.33 9.53 8.38
C HIS A 201 -8.07 8.71 8.04
N VAL A 202 -7.16 9.24 7.19
CA VAL A 202 -5.77 8.77 7.15
C VAL A 202 -5.01 9.34 8.35
N ILE A 203 -5.13 10.65 8.60
CA ILE A 203 -4.42 11.37 9.68
C ILE A 203 -4.86 10.87 11.08
N ALA A 204 -6.17 10.85 11.35
CA ALA A 204 -6.72 10.45 12.65
C ALA A 204 -6.47 8.97 13.01
N GLY A 205 -6.31 8.11 12.00
CA GLY A 205 -5.90 6.73 12.22
C GLY A 205 -4.37 6.52 12.25
N TRP A 206 -3.59 7.42 11.65
CA TRP A 206 -2.13 7.44 11.72
C TRP A 206 -1.58 7.97 13.06
N GLU A 207 -2.22 8.95 13.68
CA GLU A 207 -1.75 9.56 14.94
C GLU A 207 -1.39 8.54 16.05
N PRO A 208 -2.28 7.58 16.42
CA PRO A 208 -1.91 6.54 17.39
C PRO A 208 -0.83 5.58 16.86
N LYS A 209 -0.65 5.48 15.54
CA LYS A 209 0.37 4.66 14.85
C LYS A 209 1.73 5.34 14.65
N VAL A 210 1.92 6.54 15.21
CA VAL A 210 3.23 7.00 15.67
C VAL A 210 3.72 6.18 16.88
N ASN A 211 2.80 5.45 17.54
CA ASN A 211 3.08 4.54 18.65
C ASN A 211 2.79 3.05 18.36
N ALA A 212 1.88 2.74 17.41
CA ALA A 212 1.33 1.39 17.14
C ALA A 212 1.52 0.87 15.69
N MET A 1 -17.90 -16.93 -0.61
CA MET A 1 -17.66 -17.42 -1.99
C MET A 1 -17.22 -16.27 -2.88
N ALA A 2 -16.50 -16.58 -3.97
CA ALA A 2 -15.71 -15.61 -4.75
C ALA A 2 -14.74 -14.80 -3.85
N LEU A 3 -14.12 -13.74 -4.38
CA LEU A 3 -13.16 -12.91 -3.64
C LEU A 3 -13.85 -12.15 -2.50
N GLU A 4 -13.66 -12.61 -1.25
CA GLU A 4 -14.02 -11.88 -0.04
C GLU A 4 -12.76 -11.30 0.62
N ILE A 5 -12.41 -10.06 0.25
CA ILE A 5 -11.35 -9.30 0.91
C ILE A 5 -11.83 -8.92 2.31
N CYS A 6 -11.00 -9.14 3.34
CA CYS A 6 -11.28 -8.71 4.71
C CYS A 6 -10.14 -7.79 5.17
N VAL A 7 -10.44 -6.51 5.39
CA VAL A 7 -9.47 -5.40 5.35
C VAL A 7 -9.61 -4.51 6.57
N LYS A 8 -8.50 -4.01 7.12
CA LYS A 8 -8.58 -2.97 8.15
C LYS A 8 -9.20 -1.69 7.54
N ALA A 9 -10.24 -1.18 8.20
CA ALA A 9 -10.86 0.12 7.96
C ALA A 9 -10.11 1.26 8.68
N ALA A 10 -10.54 2.50 8.45
CA ALA A 10 -10.15 3.65 9.26
C ALA A 10 -10.46 3.40 10.75
N VAL A 11 -9.56 3.84 11.64
CA VAL A 11 -9.84 3.87 13.08
C VAL A 11 -11.11 4.68 13.35
N GLY A 12 -12.11 4.04 13.96
CA GLY A 12 -13.42 4.64 14.29
C GLY A 12 -14.42 4.75 13.14
N ALA A 13 -14.03 4.55 11.88
CA ALA A 13 -14.90 4.72 10.70
C ALA A 13 -14.90 3.47 9.79
N PRO A 14 -15.62 2.39 10.17
CA PRO A 14 -15.61 1.10 9.46
C PRO A 14 -16.10 1.12 8.01
N ASN A 15 -16.72 2.21 7.57
CA ASN A 15 -17.22 2.42 6.20
C ASN A 15 -16.12 2.85 5.19
N ILE A 16 -14.90 3.16 5.63
CA ILE A 16 -13.83 3.73 4.79
C ILE A 16 -12.43 3.17 5.15
N LEU A 17 -11.45 3.38 4.27
CA LEU A 17 -10.08 2.82 4.40
C LEU A 17 -9.20 3.51 5.46
N GLY A 18 -9.19 4.85 5.51
CA GLY A 18 -8.31 5.65 6.36
C GLY A 18 -6.83 5.24 6.33
N ASP A 19 -6.27 5.07 7.52
CA ASP A 19 -4.86 4.80 7.88
C ASP A 19 -4.25 3.47 7.37
N SER A 20 -4.86 2.81 6.39
CA SER A 20 -4.62 1.40 6.10
C SER A 20 -4.01 1.22 4.73
N PRO A 21 -2.71 1.59 4.47
CA PRO A 21 -2.06 1.42 3.18
C PRO A 21 -1.83 -0.06 2.84
N PHE A 22 -1.69 -0.89 3.88
CA PHE A 22 -1.72 -2.36 3.79
C PHE A 22 -3.05 -2.90 3.23
N CYS A 23 -4.24 -2.34 3.63
CA CYS A 23 -5.53 -2.68 3.04
C CYS A 23 -5.59 -2.25 1.59
N GLN A 24 -5.08 -1.06 1.30
CA GLN A 24 -5.07 -0.49 -0.04
C GLN A 24 -4.25 -1.34 -1.04
N ARG A 25 -3.20 -2.05 -0.60
CA ARG A 25 -2.44 -3.02 -1.43
C ARG A 25 -3.33 -4.05 -2.13
N VAL A 26 -4.25 -4.62 -1.36
CA VAL A 26 -5.07 -5.78 -1.75
C VAL A 26 -6.17 -5.39 -2.74
N LEU A 27 -6.72 -4.19 -2.57
CA LEU A 27 -7.64 -3.58 -3.53
C LEU A 27 -6.91 -3.24 -4.84
N LEU A 28 -5.72 -2.66 -4.75
CA LEU A 28 -4.85 -2.29 -5.88
C LEU A 28 -4.51 -3.50 -6.79
N SER A 29 -4.07 -4.64 -6.22
CA SER A 29 -3.67 -5.79 -7.06
C SER A 29 -4.82 -6.45 -7.81
N LEU A 30 -6.06 -6.34 -7.30
CA LEU A 30 -7.28 -6.86 -7.94
C LEU A 30 -7.95 -5.84 -8.88
N GLU A 31 -7.92 -4.55 -8.54
CA GLU A 31 -8.39 -3.48 -9.43
C GLU A 31 -7.49 -3.24 -10.64
N GLU A 32 -6.19 -3.58 -10.57
CA GLU A 32 -5.37 -3.63 -11.77
C GLU A 32 -5.74 -4.80 -12.70
N LYS A 33 -6.04 -5.97 -12.12
CA LYS A 33 -6.60 -7.14 -12.83
C LYS A 33 -8.04 -6.97 -13.33
N LYS A 34 -8.77 -5.95 -12.84
CA LYS A 34 -10.20 -5.69 -13.09
C LYS A 34 -11.18 -6.77 -12.56
N ILE A 35 -10.68 -7.82 -11.90
CA ILE A 35 -11.52 -8.89 -11.33
C ILE A 35 -12.36 -8.37 -10.14
N PRO A 36 -13.69 -8.56 -10.14
CA PRO A 36 -14.54 -8.05 -9.07
C PRO A 36 -14.36 -8.83 -7.76
N TYR A 37 -14.58 -8.12 -6.65
CA TYR A 37 -14.43 -8.62 -5.28
C TYR A 37 -15.49 -8.00 -4.37
N LYS A 38 -15.68 -8.60 -3.19
CA LYS A 38 -16.37 -7.99 -2.05
C LYS A 38 -15.34 -7.51 -1.03
N SER A 39 -15.50 -6.27 -0.55
CA SER A 39 -14.63 -5.68 0.47
C SER A 39 -15.35 -5.60 1.83
N HIS A 40 -14.83 -6.33 2.82
CA HIS A 40 -15.23 -6.27 4.22
C HIS A 40 -14.24 -5.40 5.01
N LEU A 41 -14.45 -4.09 4.98
CA LEU A 41 -13.76 -3.13 5.85
C LEU A 41 -14.12 -3.36 7.33
N ILE A 42 -13.11 -3.45 8.19
CA ILE A 42 -13.20 -3.85 9.61
C ILE A 42 -12.49 -2.81 10.49
N ASN A 43 -13.25 -2.12 11.34
CA ASN A 43 -12.66 -1.22 12.34
C ASN A 43 -12.25 -2.03 13.57
N LEU A 44 -10.96 -2.40 13.66
CA LEU A 44 -10.31 -2.96 14.86
C LEU A 44 -11.01 -4.21 15.47
N GLY A 45 -11.73 -4.98 14.66
CA GLY A 45 -12.47 -6.18 15.10
C GLY A 45 -13.98 -5.99 15.32
N ASP A 46 -14.61 -5.00 14.67
CA ASP A 46 -16.07 -4.78 14.69
C ASP A 46 -16.93 -5.89 14.04
N LYS A 47 -16.35 -7.07 13.73
CA LYS A 47 -16.97 -8.20 13.02
C LYS A 47 -16.46 -9.53 13.60
N PRO A 48 -17.27 -10.62 13.58
CA PRO A 48 -16.92 -11.88 14.22
C PRO A 48 -15.65 -12.52 13.65
N GLN A 49 -15.14 -13.55 14.33
CA GLN A 49 -13.85 -14.18 14.03
C GLN A 49 -13.75 -14.82 12.62
N TRP A 50 -14.89 -15.01 11.94
CA TRP A 50 -15.02 -15.31 10.49
C TRP A 50 -14.31 -14.34 9.52
N PHE A 51 -14.01 -13.14 10.00
CA PHE A 51 -13.33 -12.08 9.25
C PHE A 51 -11.87 -11.86 9.68
N LEU A 52 -11.38 -12.65 10.64
CA LEU A 52 -10.07 -12.56 11.30
C LEU A 52 -9.26 -13.86 11.19
N GLU A 53 -9.93 -15.00 11.35
CA GLU A 53 -9.38 -16.38 11.29
C GLU A 53 -8.71 -16.75 9.94
N ILE A 54 -8.96 -15.93 8.92
CA ILE A 54 -8.36 -15.99 7.59
C ILE A 54 -6.84 -15.72 7.65
N SER A 55 -6.36 -14.93 8.62
CA SER A 55 -4.96 -14.91 9.04
C SER A 55 -4.73 -15.90 10.18
N PRO A 56 -3.62 -16.67 10.19
CA PRO A 56 -3.24 -17.49 11.35
C PRO A 56 -2.89 -16.67 12.60
N GLU A 57 -2.68 -15.36 12.47
CA GLU A 57 -2.47 -14.44 13.59
C GLU A 57 -3.73 -13.62 13.96
N GLY A 58 -4.89 -13.93 13.37
CA GLY A 58 -6.16 -13.22 13.61
C GLY A 58 -6.23 -11.81 13.01
N LYS A 59 -5.26 -11.45 12.15
CA LYS A 59 -5.10 -10.13 11.54
C LYS A 59 -6.02 -9.90 10.34
N VAL A 60 -6.16 -8.62 10.00
CA VAL A 60 -6.55 -8.10 8.68
C VAL A 60 -5.62 -6.93 8.35
N PRO A 61 -5.28 -6.65 7.07
CA PRO A 61 -5.87 -7.15 5.82
C PRO A 61 -5.45 -8.55 5.35
N VAL A 62 -6.41 -9.26 4.75
CA VAL A 62 -6.35 -10.66 4.24
C VAL A 62 -7.37 -10.86 3.10
N VAL A 63 -7.43 -12.07 2.51
CA VAL A 63 -8.49 -12.46 1.56
C VAL A 63 -8.97 -13.89 1.76
N LYS A 64 -10.23 -14.15 1.40
CA LYS A 64 -10.65 -15.46 0.87
C LYS A 64 -10.66 -15.42 -0.65
N ILE A 65 -10.04 -16.41 -1.29
CA ILE A 65 -10.12 -16.65 -2.74
C ILE A 65 -11.17 -17.74 -2.97
N ASP A 66 -12.44 -17.34 -3.04
CA ASP A 66 -13.58 -18.26 -3.06
C ASP A 66 -13.63 -19.17 -1.81
N ASP A 67 -13.69 -18.52 -0.65
CA ASP A 67 -13.65 -19.14 0.70
C ASP A 67 -12.38 -19.92 1.07
N LYS A 68 -11.43 -20.08 0.15
CA LYS A 68 -10.08 -20.61 0.42
C LYS A 68 -9.17 -19.49 0.94
N TRP A 69 -8.82 -19.52 2.22
CA TRP A 69 -8.15 -18.44 2.94
C TRP A 69 -6.72 -18.13 2.42
N VAL A 70 -6.30 -16.88 2.59
CA VAL A 70 -4.92 -16.38 2.44
C VAL A 70 -4.66 -15.31 3.50
N ALA A 71 -3.52 -15.43 4.17
CA ALA A 71 -3.03 -14.53 5.21
C ALA A 71 -2.61 -13.14 4.69
N ASP A 72 -1.91 -12.39 5.53
CA ASP A 72 -1.77 -10.92 5.47
C ASP A 72 -1.32 -10.32 4.11
N SER A 73 -1.64 -9.03 3.90
CA SER A 73 -1.36 -8.28 2.66
C SER A 73 0.11 -8.32 2.16
N ASP A 74 1.07 -8.60 3.04
CA ASP A 74 2.49 -8.66 2.72
C ASP A 74 3.00 -10.05 2.27
N VAL A 75 2.18 -11.11 2.42
CA VAL A 75 2.36 -12.40 1.72
C VAL A 75 1.34 -12.62 0.59
N ILE A 76 0.25 -11.86 0.58
CA ILE A 76 -0.70 -11.77 -0.54
C ILE A 76 -0.04 -11.38 -1.88
N VAL A 77 1.02 -10.55 -1.85
CA VAL A 77 1.80 -10.15 -3.05
C VAL A 77 2.52 -11.33 -3.72
N GLY A 78 2.60 -12.49 -3.08
CA GLY A 78 2.83 -13.78 -3.73
C GLY A 78 1.55 -14.62 -3.81
N ILE A 79 0.92 -14.93 -2.68
CA ILE A 79 -0.08 -16.01 -2.59
C ILE A 79 -1.41 -15.70 -3.29
N LEU A 80 -1.88 -14.44 -3.29
CA LEU A 80 -3.07 -14.04 -4.06
C LEU A 80 -2.75 -13.88 -5.56
N GLU A 81 -1.52 -13.50 -5.88
CA GLU A 81 -1.06 -13.35 -7.26
C GLU A 81 -0.88 -14.73 -7.93
N GLU A 82 -0.33 -15.71 -7.23
CA GLU A 82 -0.19 -17.11 -7.66
C GLU A 82 -1.53 -17.83 -7.80
N LYS A 83 -2.46 -17.64 -6.84
CA LYS A 83 -3.78 -18.28 -6.84
C LYS A 83 -4.84 -17.55 -7.68
N ASN A 84 -4.49 -16.48 -8.38
CA ASN A 84 -5.44 -15.73 -9.21
C ASN A 84 -5.78 -16.50 -10.51
N PRO A 85 -7.02 -16.41 -11.02
CA PRO A 85 -7.33 -16.85 -12.39
C PRO A 85 -6.81 -15.86 -13.46
N GLU A 86 -6.67 -14.59 -13.10
CA GLU A 86 -6.05 -13.53 -13.92
C GLU A 86 -4.51 -13.53 -13.81
N PRO A 87 -3.76 -12.83 -14.68
CA PRO A 87 -2.29 -12.86 -14.67
C PRO A 87 -1.64 -12.44 -13.33
N PRO A 88 -0.66 -13.20 -12.81
CA PRO A 88 0.09 -12.84 -11.60
C PRO A 88 0.95 -11.59 -11.80
N LEU A 89 0.81 -10.61 -10.90
CA LEU A 89 1.63 -9.38 -10.84
C LEU A 89 2.77 -9.50 -9.81
N ALA A 90 3.04 -10.70 -9.29
CA ALA A 90 4.08 -10.98 -8.28
C ALA A 90 5.52 -10.75 -8.76
N THR A 91 5.77 -10.74 -10.07
CA THR A 91 7.13 -10.81 -10.63
C THR A 91 8.00 -9.63 -10.15
N PRO A 92 9.11 -9.89 -9.43
CA PRO A 92 9.99 -8.83 -8.94
C PRO A 92 10.86 -8.26 -10.08
N PRO A 93 10.79 -6.97 -10.41
CA PRO A 93 11.78 -6.30 -11.25
C PRO A 93 13.09 -6.05 -10.48
N GLU A 94 14.08 -5.44 -11.14
CA GLU A 94 15.28 -4.87 -10.49
C GLU A 94 14.94 -3.88 -9.36
N PHE A 95 13.87 -3.10 -9.55
CA PHE A 95 13.32 -2.14 -8.58
C PHE A 95 12.85 -2.77 -7.27
N ALA A 96 12.60 -4.08 -7.21
CA ALA A 96 12.30 -4.77 -5.95
C ALA A 96 13.45 -4.69 -4.94
N SER A 97 14.71 -4.62 -5.40
CA SER A 97 15.91 -4.44 -4.56
C SER A 97 16.00 -3.08 -3.86
N VAL A 98 15.20 -2.10 -4.28
CA VAL A 98 15.10 -0.76 -3.69
C VAL A 98 13.73 -0.54 -3.01
N GLY A 99 12.67 -1.05 -3.63
CA GLY A 99 11.32 -1.10 -3.08
C GLY A 99 11.20 -1.91 -1.77
N SER A 100 12.03 -2.95 -1.59
CA SER A 100 12.11 -3.69 -0.32
C SER A 100 12.74 -2.89 0.83
N LYS A 101 13.44 -1.78 0.54
CA LYS A 101 13.99 -0.84 1.53
C LYS A 101 13.01 0.30 1.82
N ILE A 102 12.43 0.85 0.75
CA ILE A 102 11.42 1.92 0.79
C ILE A 102 10.16 1.47 1.55
N PHE A 103 9.73 0.22 1.34
CA PHE A 103 8.51 -0.34 1.93
C PHE A 103 8.50 -0.35 3.48
N PRO A 104 9.59 -0.72 4.19
CA PRO A 104 9.74 -0.48 5.62
C PRO A 104 10.31 0.90 5.99
N SER A 105 11.21 1.51 5.22
CA SER A 105 11.88 2.77 5.62
C SER A 105 10.93 3.98 5.65
N PHE A 106 9.93 4.02 4.75
CA PHE A 106 8.86 5.02 4.78
C PHE A 106 7.80 4.74 5.87
N VAL A 107 7.64 3.49 6.31
CA VAL A 107 6.86 3.16 7.52
C VAL A 107 7.61 3.60 8.78
N LYS A 108 8.94 3.53 8.82
CA LYS A 108 9.77 4.08 9.92
C LYS A 108 9.66 5.60 10.00
N PHE A 109 9.62 6.27 8.85
CA PHE A 109 9.41 7.72 8.72
C PHE A 109 8.03 8.20 9.22
N LEU A 110 7.03 7.31 9.21
CA LEU A 110 5.70 7.51 9.80
C LEU A 110 5.61 7.12 11.30
N LYS A 111 6.74 6.86 11.97
CA LYS A 111 6.86 6.73 13.44
C LYS A 111 8.17 7.35 13.92
N SER A 112 8.24 8.67 13.74
CA SER A 112 9.40 9.57 13.68
C SER A 112 10.28 9.71 14.94
N LYS A 113 10.30 8.69 15.82
CA LYS A 113 11.18 8.59 17.01
C LYS A 113 12.62 8.24 16.62
N ASP A 114 12.80 7.54 15.49
CA ASP A 114 13.98 7.70 14.64
C ASP A 114 13.84 9.04 13.90
N PRO A 115 14.69 10.05 14.15
CA PRO A 115 14.38 11.42 13.70
C PRO A 115 14.30 11.53 12.17
N ASN A 116 13.13 11.96 11.67
CA ASN A 116 12.87 12.11 10.24
C ASN A 116 13.91 13.00 9.51
N ASP A 117 14.43 14.04 10.16
CA ASP A 117 15.43 14.96 9.59
C ASP A 117 16.80 14.30 9.34
N GLY A 118 17.07 13.15 9.98
CA GLY A 118 18.15 12.22 9.61
C GLY A 118 17.69 11.15 8.63
N THR A 119 16.53 10.53 8.88
CA THR A 119 16.00 9.43 8.07
C THR A 119 15.75 9.83 6.61
N GLU A 120 15.31 11.07 6.35
CA GLU A 120 15.00 11.59 5.00
C GLU A 120 16.21 11.58 4.05
N GLN A 121 17.41 11.70 4.59
CA GLN A 121 18.66 11.69 3.82
C GLN A 121 18.90 10.30 3.21
N ALA A 122 18.60 9.24 3.98
CA ALA A 122 18.57 7.87 3.46
C ALA A 122 17.39 7.62 2.51
N LEU A 123 16.20 8.17 2.80
CA LEU A 123 15.03 8.03 1.91
C LEU A 123 15.27 8.64 0.52
N LEU A 124 15.96 9.78 0.44
CA LEU A 124 16.28 10.42 -0.83
C LEU A 124 17.30 9.61 -1.65
N GLU A 125 18.29 8.96 -1.03
CA GLU A 125 19.19 8.05 -1.76
C GLU A 125 18.48 6.74 -2.19
N GLU A 126 17.54 6.22 -1.40
CA GLU A 126 16.67 5.10 -1.79
C GLU A 126 15.75 5.47 -2.97
N LEU A 127 15.11 6.64 -2.93
CA LEU A 127 14.30 7.11 -4.06
C LEU A 127 15.13 7.46 -5.30
N LYS A 128 16.34 8.01 -5.18
CA LYS A 128 17.22 8.28 -6.34
C LYS A 128 17.65 7.01 -7.05
N ALA A 129 18.05 5.99 -6.31
CA ALA A 129 18.49 4.70 -6.85
C ALA A 129 17.35 3.98 -7.61
N LEU A 130 16.12 4.13 -7.13
CA LEU A 130 14.91 3.67 -7.80
C LEU A 130 14.59 4.55 -9.05
N ASP A 131 14.42 5.85 -8.85
CA ASP A 131 13.91 6.80 -9.83
C ASP A 131 14.83 6.99 -11.06
N GLY A 132 16.16 6.93 -10.86
CA GLY A 132 17.14 7.08 -11.93
C GLY A 132 16.97 6.06 -13.06
N HIS A 133 16.62 4.82 -12.72
CA HIS A 133 16.35 3.75 -13.69
C HIS A 133 14.85 3.66 -14.07
N LEU A 134 13.92 4.09 -13.21
CA LEU A 134 12.49 4.18 -13.58
C LEU A 134 12.19 5.22 -14.66
N LYS A 135 12.93 6.33 -14.70
CA LYS A 135 12.83 7.33 -15.78
C LYS A 135 13.24 6.79 -17.16
N VAL A 136 13.95 5.66 -17.23
CA VAL A 136 14.25 4.94 -18.48
C VAL A 136 13.15 3.92 -18.81
N HIS A 137 12.58 3.25 -17.80
CA HIS A 137 11.51 2.25 -17.99
C HIS A 137 10.12 2.86 -18.25
N GLY A 138 9.86 4.08 -17.79
CA GLY A 138 8.64 4.84 -18.09
C GLY A 138 7.58 4.81 -16.98
N PRO A 139 6.47 4.06 -17.18
CA PRO A 139 5.14 4.45 -16.69
C PRO A 139 4.81 4.15 -15.22
N PHE A 140 5.36 3.09 -14.62
CA PHE A 140 4.96 2.58 -13.29
C PHE A 140 6.16 2.30 -12.38
N ILE A 141 5.95 2.22 -11.06
CA ILE A 141 7.06 2.23 -10.08
C ILE A 141 7.77 0.86 -9.96
N ALA A 142 7.26 -0.18 -10.65
CA ALA A 142 7.96 -1.41 -10.99
C ALA A 142 8.58 -1.43 -12.40
N GLY A 143 8.40 -0.40 -13.23
CA GLY A 143 8.90 -0.30 -14.61
C GLY A 143 7.79 -0.15 -15.65
N GLU A 144 7.76 -1.03 -16.67
CA GLU A 144 6.76 -1.01 -17.75
C GLU A 144 5.30 -1.14 -17.27
N LYS A 145 5.09 -1.83 -16.14
CA LYS A 145 3.81 -2.41 -15.72
C LYS A 145 3.64 -2.25 -14.21
N ILE A 146 2.40 -2.25 -13.75
CA ILE A 146 2.05 -2.38 -12.34
C ILE A 146 2.35 -3.82 -11.88
N THR A 147 3.44 -4.00 -11.12
CA THR A 147 3.80 -5.29 -10.49
C THR A 147 4.23 -5.08 -9.04
N ALA A 148 4.87 -6.06 -8.41
CA ALA A 148 5.09 -6.15 -6.96
C ALA A 148 5.63 -4.88 -6.27
N VAL A 149 6.33 -3.98 -6.97
CA VAL A 149 6.79 -2.69 -6.41
C VAL A 149 5.67 -1.64 -6.35
N ASP A 150 4.82 -1.51 -7.38
CA ASP A 150 3.56 -0.74 -7.29
C ASP A 150 2.64 -1.26 -6.20
N LEU A 151 2.45 -2.59 -6.17
CA LEU A 151 1.65 -3.28 -5.15
C LEU A 151 2.18 -3.07 -3.73
N SER A 152 3.45 -2.67 -3.57
CA SER A 152 4.08 -2.36 -2.29
C SER A 152 4.02 -0.87 -1.95
N LEU A 153 4.39 0.00 -2.89
CA LEU A 153 4.73 1.40 -2.61
C LEU A 153 3.56 2.38 -2.81
N ALA A 154 2.66 2.16 -3.78
CA ALA A 154 1.65 3.14 -4.17
C ALA A 154 0.78 3.68 -3.00
N PRO A 155 0.19 2.83 -2.13
CA PRO A 155 -0.58 3.34 -1.00
C PRO A 155 0.29 3.90 0.14
N LYS A 156 1.57 3.52 0.23
CA LYS A 156 2.51 4.10 1.20
C LYS A 156 3.02 5.48 0.78
N LEU A 157 3.08 5.78 -0.52
CA LEU A 157 3.29 7.13 -1.05
C LEU A 157 2.06 8.03 -0.82
N TYR A 158 0.84 7.50 -0.95
CA TYR A 158 -0.38 8.22 -0.56
C TYR A 158 -0.43 8.53 0.95
N HIS A 159 -0.06 7.55 1.78
CA HIS A 159 0.00 7.72 3.23
C HIS A 159 1.14 8.67 3.69
N LEU A 160 2.24 8.75 2.94
CA LEU A 160 3.32 9.73 3.16
C LEU A 160 2.81 11.16 2.90
N GLU A 161 2.22 11.37 1.73
CA GLU A 161 1.69 12.67 1.27
C GLU A 161 0.60 13.21 2.22
N VAL A 162 -0.40 12.38 2.54
CA VAL A 162 -1.55 12.79 3.35
C VAL A 162 -1.24 12.84 4.85
N ALA A 163 -0.73 11.76 5.44
CA ALA A 163 -0.68 11.63 6.90
C ALA A 163 0.44 12.50 7.49
N LEU A 164 1.67 12.37 6.97
CA LEU A 164 2.80 13.18 7.42
C LEU A 164 2.62 14.66 7.05
N GLY A 165 1.85 14.95 6.00
CA GLY A 165 1.46 16.30 5.57
C GLY A 165 0.81 17.18 6.64
N HIS A 166 0.21 16.58 7.68
CA HIS A 166 -0.35 17.29 8.84
C HIS A 166 0.70 17.99 9.73
N PHE A 167 1.98 17.59 9.65
CA PHE A 167 3.07 18.21 10.43
C PHE A 167 4.35 18.50 9.62
N LYS A 168 4.66 17.67 8.62
CA LYS A 168 5.81 17.79 7.73
C LYS A 168 5.43 17.28 6.33
N ASN A 169 4.80 18.13 5.54
CA ASN A 169 4.56 17.91 4.11
C ASN A 169 5.91 17.85 3.36
N TRP A 170 6.44 16.63 3.25
CA TRP A 170 7.83 16.37 2.87
C TRP A 170 8.00 16.32 1.35
N PRO A 171 8.75 17.26 0.73
CA PRO A 171 8.76 17.43 -0.71
C PRO A 171 9.52 16.30 -1.41
N ILE A 172 8.95 15.79 -2.50
CA ILE A 172 9.65 15.00 -3.53
C ILE A 172 10.21 15.97 -4.59
N PRO A 173 11.54 16.17 -4.70
CA PRO A 173 12.10 17.11 -5.68
C PRO A 173 11.85 16.67 -7.14
N ASP A 174 11.85 17.60 -8.10
CA ASP A 174 11.74 17.34 -9.55
C ASP A 174 12.83 16.42 -10.13
N ASN A 175 13.99 16.30 -9.46
CA ASN A 175 15.02 15.31 -9.79
C ASN A 175 14.54 13.86 -9.66
N LEU A 176 13.58 13.60 -8.76
CA LEU A 176 12.85 12.34 -8.64
C LEU A 176 11.65 12.29 -9.60
N THR A 177 11.92 12.50 -10.89
CA THR A 177 10.94 12.89 -11.89
C THR A 177 9.95 11.78 -12.23
N HIS A 178 10.30 10.51 -12.02
CA HIS A 178 9.30 9.44 -12.08
C HIS A 178 8.44 9.47 -10.81
N VAL A 179 9.03 9.45 -9.60
CA VAL A 179 8.29 9.34 -8.33
C VAL A 179 7.33 10.52 -8.12
N LEU A 180 7.74 11.74 -8.49
CA LEU A 180 6.88 12.93 -8.46
C LEU A 180 5.68 12.83 -9.42
N ASN A 181 5.84 12.19 -10.58
CA ASN A 181 4.74 11.90 -11.50
C ASN A 181 3.91 10.68 -11.10
N TYR A 182 4.52 9.70 -10.43
CA TYR A 182 3.84 8.51 -9.92
C TYR A 182 2.86 8.82 -8.79
N ILE A 183 3.17 9.81 -7.94
CA ILE A 183 2.23 10.34 -6.94
C ILE A 183 0.98 10.96 -7.60
N LYS A 184 1.12 11.57 -8.78
CA LYS A 184 -0.01 12.05 -9.59
C LYS A 184 -0.84 10.90 -10.19
N LEU A 185 -0.24 9.75 -10.47
CA LEU A 185 -0.95 8.54 -10.90
C LEU A 185 -1.83 7.93 -9.80
N LEU A 186 -1.58 8.21 -8.52
CA LEU A 186 -2.39 7.71 -7.39
C LEU A 186 -3.86 8.20 -7.46
N PHE A 187 -4.07 9.34 -8.11
CA PHE A 187 -5.39 9.93 -8.36
C PHE A 187 -6.04 9.45 -9.67
N SER A 188 -5.53 8.38 -10.28
CA SER A 188 -5.91 7.84 -11.59
C SER A 188 -6.01 6.30 -11.58
N ARG A 189 -6.47 5.73 -12.72
CA ARG A 189 -6.79 4.30 -12.91
C ARG A 189 -7.85 3.76 -11.93
N GLU A 190 -8.23 2.51 -12.13
CA GLU A 190 -8.97 1.70 -11.17
C GLU A 190 -8.03 1.29 -10.03
N SER A 191 -6.78 0.98 -10.37
CA SER A 191 -5.75 0.43 -9.48
C SER A 191 -5.39 1.34 -8.30
N PHE A 192 -5.44 2.67 -8.45
CA PHE A 192 -5.03 3.61 -7.41
C PHE A 192 -6.14 4.57 -6.97
N LYS A 193 -6.90 5.15 -7.91
CA LYS A 193 -7.95 6.14 -7.55
C LYS A 193 -9.03 5.56 -6.64
N LYS A 194 -9.33 4.25 -6.75
CA LYS A 194 -10.28 3.55 -5.88
C LYS A 194 -9.75 3.28 -4.47
N THR A 195 -8.43 3.28 -4.28
CA THR A 195 -7.76 3.08 -2.99
C THR A 195 -7.44 4.38 -2.25
N ARG A 196 -7.75 5.54 -2.83
CA ARG A 196 -7.67 6.87 -2.20
C ARG A 196 -8.57 6.94 -0.96
N ALA A 197 -7.97 6.77 0.22
CA ALA A 197 -8.66 6.88 1.49
C ALA A 197 -8.95 8.35 1.85
N ALA A 198 -10.13 8.61 2.43
CA ALA A 198 -10.54 9.94 2.89
C ALA A 198 -9.54 10.54 3.89
N GLU A 199 -9.05 11.74 3.58
CA GLU A 199 -7.71 12.22 3.95
C GLU A 199 -7.55 12.46 5.45
N GLU A 200 -8.53 13.11 6.07
CA GLU A 200 -8.58 13.38 7.51
C GLU A 200 -8.64 12.09 8.34
N HIS A 201 -9.24 11.03 7.80
CA HIS A 201 -9.26 9.69 8.41
C HIS A 201 -7.98 8.86 8.15
N VAL A 202 -7.11 9.27 7.21
CA VAL A 202 -5.73 8.76 7.16
C VAL A 202 -4.91 9.37 8.31
N ILE A 203 -5.02 10.69 8.51
CA ILE A 203 -4.33 11.43 9.58
C ILE A 203 -4.77 10.96 10.98
N ALA A 204 -6.07 10.95 11.25
CA ALA A 204 -6.63 10.59 12.57
C ALA A 204 -6.40 9.12 12.95
N GLY A 205 -6.33 8.22 11.97
CA GLY A 205 -5.95 6.83 12.21
C GLY A 205 -4.44 6.61 12.32
N TRP A 206 -3.62 7.48 11.72
CA TRP A 206 -2.16 7.49 11.82
C TRP A 206 -1.62 8.08 13.13
N GLU A 207 -2.29 9.07 13.72
CA GLU A 207 -1.84 9.74 14.95
C GLU A 207 -1.40 8.78 16.09
N PRO A 208 -2.21 7.79 16.52
CA PRO A 208 -1.77 6.82 17.53
C PRO A 208 -0.66 5.88 17.04
N LYS A 209 -0.47 5.74 15.72
CA LYS A 209 0.54 4.89 15.07
C LYS A 209 1.92 5.54 14.90
N VAL A 210 2.11 6.74 15.45
CA VAL A 210 3.44 7.20 15.89
C VAL A 210 3.89 6.45 17.16
N ASN A 211 2.96 5.86 17.93
CA ASN A 211 3.25 4.92 19.02
C ASN A 211 3.03 3.43 18.66
N ALA A 212 2.08 3.13 17.77
CA ALA A 212 1.68 1.78 17.33
C ALA A 212 2.12 1.43 15.88
N MET A 1 -18.00 -16.66 -0.81
CA MET A 1 -17.76 -17.21 -2.16
C MET A 1 -17.24 -16.12 -3.09
N ALA A 2 -16.50 -16.51 -4.13
CA ALA A 2 -15.62 -15.61 -4.90
C ALA A 2 -14.66 -14.80 -3.98
N LEU A 3 -14.00 -13.76 -4.51
CA LEU A 3 -13.09 -12.94 -3.72
C LEU A 3 -13.84 -12.17 -2.63
N GLU A 4 -13.66 -12.55 -1.36
CA GLU A 4 -14.09 -11.77 -0.19
C GLU A 4 -12.86 -11.24 0.56
N ILE A 5 -12.44 -10.02 0.21
CA ILE A 5 -11.36 -9.29 0.87
C ILE A 5 -11.84 -8.89 2.27
N CYS A 6 -11.03 -9.12 3.30
CA CYS A 6 -11.29 -8.68 4.67
C CYS A 6 -10.16 -7.75 5.12
N VAL A 7 -10.47 -6.47 5.36
CA VAL A 7 -9.49 -5.37 5.33
C VAL A 7 -9.63 -4.48 6.55
N LYS A 8 -8.51 -4.01 7.11
CA LYS A 8 -8.57 -2.96 8.14
C LYS A 8 -9.16 -1.69 7.55
N ALA A 9 -10.20 -1.17 8.19
CA ALA A 9 -10.79 0.15 7.96
C ALA A 9 -10.04 1.25 8.72
N ALA A 10 -10.42 2.51 8.50
CA ALA A 10 -10.00 3.63 9.32
C ALA A 10 -10.30 3.40 10.82
N VAL A 11 -9.39 3.80 11.71
CA VAL A 11 -9.65 3.80 13.15
C VAL A 11 -10.91 4.61 13.46
N GLY A 12 -11.90 3.97 14.10
CA GLY A 12 -13.19 4.57 14.46
C GLY A 12 -14.23 4.64 13.33
N ALA A 13 -13.85 4.52 12.07
CA ALA A 13 -14.73 4.73 10.91
C ALA A 13 -14.75 3.52 9.95
N PRO A 14 -15.52 2.45 10.27
CA PRO A 14 -15.49 1.18 9.52
C PRO A 14 -15.97 1.25 8.06
N ASN A 15 -16.60 2.34 7.63
CA ASN A 15 -17.10 2.50 6.25
C ASN A 15 -15.99 2.85 5.23
N ILE A 16 -14.77 3.17 5.67
CA ILE A 16 -13.72 3.78 4.84
C ILE A 16 -12.32 3.23 5.19
N LEU A 17 -11.34 3.44 4.32
CA LEU A 17 -9.98 2.88 4.46
C LEU A 17 -9.08 3.64 5.46
N GLY A 18 -9.10 4.98 5.45
CA GLY A 18 -8.23 5.84 6.26
C GLY A 18 -6.75 5.43 6.26
N ASP A 19 -6.21 5.26 7.46
CA ASP A 19 -4.81 4.96 7.84
C ASP A 19 -4.21 3.63 7.31
N SER A 20 -4.86 2.93 6.36
CA SER A 20 -4.59 1.53 6.07
C SER A 20 -3.98 1.35 4.69
N PRO A 21 -2.70 1.72 4.43
CA PRO A 21 -2.04 1.53 3.14
C PRO A 21 -1.77 0.04 2.85
N PHE A 22 -1.68 -0.78 3.91
CA PHE A 22 -1.64 -2.24 3.83
C PHE A 22 -2.96 -2.85 3.31
N CYS A 23 -4.17 -2.31 3.71
CA CYS A 23 -5.44 -2.67 3.09
C CYS A 23 -5.49 -2.25 1.65
N GLN A 24 -5.01 -1.05 1.36
CA GLN A 24 -5.01 -0.47 0.02
C GLN A 24 -4.18 -1.28 -0.99
N ARG A 25 -3.15 -2.04 -0.54
CA ARG A 25 -2.39 -3.00 -1.39
C ARG A 25 -3.30 -4.01 -2.10
N VAL A 26 -4.22 -4.60 -1.34
CA VAL A 26 -5.02 -5.77 -1.77
C VAL A 26 -6.13 -5.37 -2.74
N LEU A 27 -6.68 -4.17 -2.55
CA LEU A 27 -7.62 -3.55 -3.50
C LEU A 27 -6.91 -3.14 -4.80
N LEU A 28 -5.68 -2.61 -4.69
CA LEU A 28 -4.84 -2.18 -5.82
C LEU A 28 -4.52 -3.31 -6.81
N SER A 29 -4.09 -4.49 -6.34
CA SER A 29 -3.77 -5.60 -7.25
C SER A 29 -4.99 -6.13 -8.02
N LEU A 30 -6.13 -6.21 -7.36
CA LEU A 30 -7.37 -6.73 -7.94
C LEU A 30 -8.09 -5.71 -8.83
N GLU A 31 -8.02 -4.41 -8.51
CA GLU A 31 -8.51 -3.33 -9.38
C GLU A 31 -7.63 -3.07 -10.61
N GLU A 32 -6.32 -3.30 -10.52
CA GLU A 32 -5.48 -3.32 -11.72
C GLU A 32 -5.84 -4.50 -12.65
N LYS A 33 -6.09 -5.68 -12.06
CA LYS A 33 -6.60 -6.88 -12.76
C LYS A 33 -8.06 -6.79 -13.22
N LYS A 34 -8.82 -5.77 -12.79
CA LYS A 34 -10.27 -5.58 -13.08
C LYS A 34 -11.20 -6.67 -12.52
N ILE A 35 -10.66 -7.67 -11.81
CA ILE A 35 -11.42 -8.81 -11.28
C ILE A 35 -12.33 -8.35 -10.12
N PRO A 36 -13.65 -8.64 -10.16
CA PRO A 36 -14.57 -8.21 -9.12
C PRO A 36 -14.32 -8.94 -7.79
N TYR A 37 -14.57 -8.22 -6.69
CA TYR A 37 -14.40 -8.67 -5.32
C TYR A 37 -15.48 -8.05 -4.42
N LYS A 38 -15.67 -8.64 -3.25
CA LYS A 38 -16.40 -8.07 -2.12
C LYS A 38 -15.40 -7.54 -1.10
N SER A 39 -15.64 -6.37 -0.53
CA SER A 39 -14.78 -5.75 0.48
C SER A 39 -15.47 -5.69 1.85
N HIS A 40 -14.85 -6.30 2.85
CA HIS A 40 -15.27 -6.28 4.26
C HIS A 40 -14.30 -5.40 5.06
N LEU A 41 -14.56 -4.09 5.08
CA LEU A 41 -13.85 -3.11 5.91
C LEU A 41 -14.18 -3.29 7.39
N ILE A 42 -13.13 -3.42 8.22
CA ILE A 42 -13.17 -3.85 9.62
C ILE A 42 -12.44 -2.82 10.50
N ASN A 43 -13.17 -2.09 11.35
CA ASN A 43 -12.56 -1.21 12.35
C ASN A 43 -12.10 -2.03 13.57
N LEU A 44 -10.79 -2.27 13.70
CA LEU A 44 -10.14 -2.85 14.89
C LEU A 44 -10.74 -4.19 15.40
N GLY A 45 -11.42 -4.96 14.54
CA GLY A 45 -12.05 -6.23 14.90
C GLY A 45 -13.56 -6.16 15.16
N ASP A 46 -14.28 -5.17 14.62
CA ASP A 46 -15.74 -4.99 14.72
C ASP A 46 -16.63 -6.09 14.07
N LYS A 47 -16.09 -7.30 13.80
CA LYS A 47 -16.78 -8.43 13.14
C LYS A 47 -16.39 -9.76 13.81
N PRO A 48 -17.23 -10.82 13.72
CA PRO A 48 -16.88 -12.13 14.28
C PRO A 48 -15.61 -12.72 13.64
N GLN A 49 -15.09 -13.77 14.26
CA GLN A 49 -13.83 -14.42 13.87
C GLN A 49 -13.78 -14.95 12.42
N TRP A 50 -14.94 -15.07 11.75
CA TRP A 50 -15.14 -15.40 10.33
C TRP A 50 -14.46 -14.45 9.32
N PHE A 51 -13.98 -13.30 9.81
CA PHE A 51 -13.30 -12.23 9.07
C PHE A 51 -11.84 -12.00 9.53
N LEU A 52 -11.36 -12.75 10.54
CA LEU A 52 -10.06 -12.63 11.21
C LEU A 52 -9.25 -13.94 11.16
N GLU A 53 -9.92 -15.09 11.31
CA GLU A 53 -9.38 -16.46 11.26
C GLU A 53 -8.67 -16.83 9.94
N ILE A 54 -8.88 -16.00 8.91
CA ILE A 54 -8.29 -16.07 7.58
C ILE A 54 -6.76 -15.85 7.63
N SER A 55 -6.27 -15.07 8.60
CA SER A 55 -4.86 -15.10 9.03
C SER A 55 -4.73 -15.94 10.29
N PRO A 56 -3.72 -16.83 10.42
CA PRO A 56 -3.48 -17.60 11.65
C PRO A 56 -3.06 -16.72 12.84
N GLU A 57 -2.67 -15.47 12.59
CA GLU A 57 -2.41 -14.45 13.60
C GLU A 57 -3.66 -13.62 13.99
N GLY A 58 -4.84 -13.92 13.41
CA GLY A 58 -6.11 -13.20 13.65
C GLY A 58 -6.21 -11.81 12.99
N LYS A 59 -5.29 -11.49 12.08
CA LYS A 59 -5.11 -10.15 11.49
C LYS A 59 -6.03 -9.91 10.28
N VAL A 60 -6.16 -8.62 9.97
CA VAL A 60 -6.57 -8.09 8.65
C VAL A 60 -5.62 -6.94 8.30
N PRO A 61 -5.30 -6.67 7.02
CA PRO A 61 -5.90 -7.16 5.78
C PRO A 61 -5.50 -8.59 5.34
N VAL A 62 -6.46 -9.30 4.72
CA VAL A 62 -6.41 -10.71 4.27
C VAL A 62 -7.41 -10.94 3.11
N VAL A 63 -7.46 -12.14 2.51
CA VAL A 63 -8.48 -12.52 1.52
C VAL A 63 -9.02 -13.93 1.69
N LYS A 64 -10.29 -14.11 1.30
CA LYS A 64 -10.85 -15.39 0.85
C LYS A 64 -10.79 -15.46 -0.68
N ILE A 65 -10.20 -16.51 -1.24
CA ILE A 65 -10.14 -16.79 -2.68
C ILE A 65 -11.20 -17.84 -3.03
N ASP A 66 -12.46 -17.38 -3.09
CA ASP A 66 -13.64 -18.24 -3.06
C ASP A 66 -13.70 -19.09 -1.77
N ASP A 67 -13.75 -18.40 -0.64
CA ASP A 67 -13.77 -18.93 0.73
C ASP A 67 -12.53 -19.71 1.23
N LYS A 68 -11.57 -19.98 0.33
CA LYS A 68 -10.23 -20.52 0.65
C LYS A 68 -9.35 -19.41 1.21
N TRP A 69 -8.90 -19.55 2.46
CA TRP A 69 -8.18 -18.48 3.17
C TRP A 69 -6.78 -18.20 2.61
N VAL A 70 -6.39 -16.92 2.61
CA VAL A 70 -5.01 -16.44 2.53
C VAL A 70 -4.83 -15.28 3.50
N ALA A 71 -3.75 -15.36 4.29
CA ALA A 71 -3.35 -14.40 5.30
C ALA A 71 -2.85 -13.05 4.71
N ASP A 72 -2.01 -12.35 5.47
CA ASP A 72 -1.76 -10.91 5.37
C ASP A 72 -1.45 -10.36 3.97
N SER A 73 -1.69 -9.05 3.78
CA SER A 73 -1.37 -8.27 2.55
C SER A 73 0.06 -8.44 2.03
N ASP A 74 0.98 -8.79 2.92
CA ASP A 74 2.42 -8.84 2.66
C ASP A 74 2.94 -10.24 2.33
N VAL A 75 2.11 -11.28 2.50
CA VAL A 75 2.26 -12.59 1.83
C VAL A 75 1.29 -12.77 0.66
N ILE A 76 0.19 -12.03 0.62
CA ILE A 76 -0.77 -11.94 -0.50
C ILE A 76 -0.08 -11.60 -1.83
N VAL A 77 0.94 -10.73 -1.82
CA VAL A 77 1.69 -10.32 -3.03
C VAL A 77 2.38 -11.49 -3.76
N GLY A 78 2.55 -12.64 -3.10
CA GLY A 78 2.80 -13.93 -3.75
C GLY A 78 1.59 -14.86 -3.72
N ILE A 79 1.00 -15.13 -2.55
CA ILE A 79 0.08 -16.26 -2.33
C ILE A 79 -1.28 -16.06 -3.01
N LEU A 80 -1.83 -14.83 -3.05
CA LEU A 80 -3.04 -14.51 -3.85
C LEU A 80 -2.71 -14.44 -5.34
N GLU A 81 -1.53 -13.95 -5.69
CA GLU A 81 -1.12 -13.76 -7.09
C GLU A 81 -0.84 -15.07 -7.83
N GLU A 82 -0.27 -16.06 -7.15
CA GLU A 82 -0.14 -17.45 -7.61
C GLU A 82 -1.51 -18.14 -7.81
N LYS A 83 -2.51 -17.79 -7.00
CA LYS A 83 -3.86 -18.40 -6.99
C LYS A 83 -4.89 -17.59 -7.77
N ASN A 84 -4.45 -16.55 -8.50
CA ASN A 84 -5.32 -15.66 -9.25
C ASN A 84 -5.60 -16.22 -10.65
N PRO A 85 -6.86 -16.18 -11.17
CA PRO A 85 -7.12 -16.47 -12.57
C PRO A 85 -6.60 -15.37 -13.51
N GLU A 86 -6.55 -14.11 -13.05
CA GLU A 86 -6.03 -12.99 -13.84
C GLU A 86 -4.50 -12.85 -13.70
N PRO A 87 -3.75 -12.52 -14.78
CA PRO A 87 -2.31 -12.74 -14.86
C PRO A 87 -1.46 -12.22 -13.68
N PRO A 88 -0.59 -13.06 -13.07
CA PRO A 88 0.16 -12.69 -11.87
C PRO A 88 1.05 -11.45 -12.02
N LEU A 89 1.12 -10.67 -10.94
CA LEU A 89 1.91 -9.46 -10.76
C LEU A 89 3.07 -9.65 -9.77
N ALA A 90 3.23 -10.87 -9.23
CA ALA A 90 4.22 -11.25 -8.21
C ALA A 90 5.67 -11.27 -8.70
N THR A 91 5.91 -11.23 -10.01
CA THR A 91 7.28 -11.29 -10.57
C THR A 91 8.07 -10.04 -10.15
N PRO A 92 9.22 -10.17 -9.45
CA PRO A 92 10.01 -9.02 -9.05
C PRO A 92 10.81 -8.46 -10.24
N PRO A 93 10.70 -7.15 -10.56
CA PRO A 93 11.75 -6.44 -11.28
C PRO A 93 13.00 -6.28 -10.39
N GLU A 94 14.13 -5.88 -10.97
CA GLU A 94 15.29 -5.39 -10.22
C GLU A 94 15.01 -4.18 -9.33
N PHE A 95 13.99 -3.35 -9.65
CA PHE A 95 13.45 -2.32 -8.76
C PHE A 95 13.00 -2.86 -7.38
N ALA A 96 12.68 -4.15 -7.25
CA ALA A 96 12.37 -4.78 -5.96
C ALA A 96 13.56 -4.80 -4.98
N SER A 97 14.82 -4.75 -5.44
CA SER A 97 16.00 -4.62 -4.56
C SER A 97 16.17 -3.22 -3.96
N VAL A 98 15.32 -2.26 -4.34
CA VAL A 98 15.24 -0.91 -3.76
C VAL A 98 13.87 -0.65 -3.13
N GLY A 99 12.80 -1.14 -3.75
CA GLY A 99 11.44 -1.10 -3.20
C GLY A 99 11.25 -1.88 -1.90
N SER A 100 12.03 -2.96 -1.69
CA SER A 100 12.10 -3.69 -0.41
C SER A 100 12.76 -2.90 0.74
N LYS A 101 13.48 -1.81 0.46
CA LYS A 101 13.98 -0.85 1.47
C LYS A 101 12.99 0.28 1.72
N ILE A 102 12.40 0.80 0.65
CA ILE A 102 11.39 1.87 0.65
C ILE A 102 10.13 1.42 1.41
N PHE A 103 9.81 0.13 1.35
CA PHE A 103 8.66 -0.48 2.01
C PHE A 103 8.65 -0.32 3.55
N PRO A 104 9.70 -0.73 4.31
CA PRO A 104 9.83 -0.40 5.72
C PRO A 104 10.31 1.04 5.99
N SER A 105 11.13 1.66 5.13
CA SER A 105 11.76 2.96 5.46
C SER A 105 10.74 4.10 5.52
N PHE A 106 9.73 4.10 4.65
CA PHE A 106 8.60 5.05 4.74
C PHE A 106 7.58 4.70 5.85
N VAL A 107 7.47 3.43 6.26
CA VAL A 107 6.69 3.06 7.46
C VAL A 107 7.39 3.50 8.75
N LYS A 108 8.74 3.46 8.79
CA LYS A 108 9.56 4.02 9.87
C LYS A 108 9.46 5.55 9.94
N PHE A 109 9.44 6.21 8.78
CA PHE A 109 9.30 7.66 8.63
C PHE A 109 7.97 8.22 9.19
N LEU A 110 6.94 7.37 9.25
CA LEU A 110 5.64 7.65 9.88
C LEU A 110 5.57 7.26 11.37
N LYS A 111 6.68 6.89 12.01
CA LYS A 111 6.81 6.71 13.48
C LYS A 111 8.14 7.28 13.98
N SER A 112 8.21 8.61 13.86
CA SER A 112 9.38 9.51 13.90
C SER A 112 10.21 9.57 15.18
N LYS A 113 10.18 8.53 16.02
CA LYS A 113 11.04 8.36 17.20
C LYS A 113 12.50 8.05 16.80
N ASP A 114 12.68 7.41 15.65
CA ASP A 114 13.91 7.54 14.84
C ASP A 114 13.80 8.85 14.03
N PRO A 115 14.65 9.87 14.26
CA PRO A 115 14.39 11.22 13.76
C PRO A 115 14.23 11.33 12.25
N ASN A 116 13.13 11.97 11.84
CA ASN A 116 12.78 12.20 10.44
C ASN A 116 13.88 12.96 9.67
N ASP A 117 14.46 14.00 10.26
CA ASP A 117 15.55 14.80 9.66
C ASP A 117 16.84 14.02 9.34
N GLY A 118 17.09 12.91 10.02
CA GLY A 118 18.16 11.96 9.70
C GLY A 118 17.70 10.85 8.75
N THR A 119 16.48 10.35 8.96
CA THR A 119 15.88 9.33 8.08
C THR A 119 15.68 9.80 6.64
N GLU A 120 15.33 11.06 6.43
CA GLU A 120 15.05 11.62 5.09
C GLU A 120 16.25 11.57 4.13
N GLN A 121 17.48 11.58 4.65
CA GLN A 121 18.69 11.43 3.84
C GLN A 121 18.82 10.01 3.27
N ALA A 122 18.45 8.99 4.05
CA ALA A 122 18.34 7.62 3.55
C ALA A 122 17.16 7.43 2.57
N LEU A 123 16.02 8.10 2.81
CA LEU A 123 14.88 8.06 1.89
C LEU A 123 15.22 8.67 0.51
N LEU A 124 15.99 9.76 0.48
CA LEU A 124 16.44 10.35 -0.78
C LEU A 124 17.39 9.43 -1.55
N GLU A 125 18.36 8.79 -0.90
CA GLU A 125 19.28 7.87 -1.60
C GLU A 125 18.59 6.57 -2.06
N GLU A 126 17.60 6.08 -1.30
CA GLU A 126 16.73 4.98 -1.73
C GLU A 126 15.87 5.36 -2.95
N LEU A 127 15.18 6.50 -2.90
CA LEU A 127 14.36 6.95 -4.04
C LEU A 127 15.21 7.34 -5.27
N LYS A 128 16.43 7.87 -5.11
CA LYS A 128 17.33 8.17 -6.24
C LYS A 128 17.76 6.91 -6.99
N ALA A 129 18.14 5.86 -6.27
CA ALA A 129 18.58 4.59 -6.87
C ALA A 129 17.45 3.89 -7.65
N LEU A 130 16.20 4.09 -7.21
CA LEU A 130 14.99 3.64 -7.91
C LEU A 130 14.66 4.55 -9.11
N ASP A 131 14.44 5.84 -8.86
CA ASP A 131 13.96 6.83 -9.83
C ASP A 131 14.92 7.07 -11.01
N GLY A 132 16.23 6.98 -10.76
CA GLY A 132 17.27 7.13 -11.79
C GLY A 132 17.15 6.12 -12.93
N HIS A 133 16.61 4.93 -12.67
CA HIS A 133 16.30 3.94 -13.70
C HIS A 133 14.81 3.89 -14.07
N LEU A 134 13.87 4.26 -13.19
CA LEU A 134 12.44 4.35 -13.55
C LEU A 134 12.14 5.40 -14.62
N LYS A 135 12.91 6.50 -14.67
CA LYS A 135 12.83 7.50 -15.76
C LYS A 135 13.24 6.97 -17.14
N VAL A 136 13.85 5.78 -17.21
CA VAL A 136 14.16 5.07 -18.46
C VAL A 136 13.13 3.96 -18.76
N HIS A 137 12.61 3.29 -17.73
CA HIS A 137 11.63 2.20 -17.87
C HIS A 137 10.18 2.69 -18.03
N GLY A 138 9.87 3.92 -17.60
CA GLY A 138 8.69 4.68 -17.99
C GLY A 138 7.58 4.75 -16.93
N PRO A 139 6.44 4.07 -17.14
CA PRO A 139 5.12 4.49 -16.65
C PRO A 139 4.83 4.22 -15.16
N PHE A 140 5.39 3.18 -14.54
CA PHE A 140 5.00 2.73 -13.19
C PHE A 140 6.21 2.49 -12.28
N ILE A 141 6.00 2.48 -10.95
CA ILE A 141 7.11 2.43 -9.97
C ILE A 141 7.79 1.06 -9.89
N ALA A 142 7.24 0.04 -10.55
CA ALA A 142 7.90 -1.23 -10.87
C ALA A 142 8.55 -1.31 -12.26
N GLY A 143 8.39 -0.31 -13.14
CA GLY A 143 8.86 -0.33 -14.52
C GLY A 143 7.75 -0.11 -15.57
N GLU A 144 7.70 -0.99 -16.58
CA GLU A 144 6.78 -0.92 -17.73
C GLU A 144 5.32 -1.24 -17.38
N LYS A 145 5.09 -1.92 -16.25
CA LYS A 145 3.79 -2.40 -15.78
C LYS A 145 3.67 -2.21 -14.27
N ILE A 146 2.44 -2.06 -13.79
CA ILE A 146 2.09 -2.23 -12.37
C ILE A 146 2.37 -3.68 -11.95
N THR A 147 3.45 -3.90 -11.19
CA THR A 147 3.83 -5.20 -10.63
C THR A 147 4.21 -5.06 -9.14
N ALA A 148 4.86 -6.07 -8.54
CA ALA A 148 5.03 -6.21 -7.10
C ALA A 148 5.57 -4.96 -6.36
N VAL A 149 6.31 -4.05 -7.02
CA VAL A 149 6.78 -2.79 -6.41
C VAL A 149 5.66 -1.73 -6.28
N ASP A 150 4.81 -1.53 -7.30
CA ASP A 150 3.56 -0.76 -7.18
C ASP A 150 2.65 -1.32 -6.08
N LEU A 151 2.45 -2.65 -6.10
CA LEU A 151 1.64 -3.36 -5.11
C LEU A 151 2.19 -3.26 -3.68
N SER A 152 3.45 -2.84 -3.51
CA SER A 152 4.14 -2.68 -2.22
C SER A 152 4.18 -1.21 -1.74
N LEU A 153 4.33 -0.26 -2.66
CA LEU A 153 4.68 1.13 -2.37
C LEU A 153 3.57 2.16 -2.64
N ALA A 154 2.71 1.96 -3.64
CA ALA A 154 1.80 3.01 -4.12
C ALA A 154 0.92 3.66 -3.01
N PRO A 155 0.26 2.88 -2.14
CA PRO A 155 -0.49 3.48 -1.02
C PRO A 155 0.38 4.02 0.12
N LYS A 156 1.66 3.60 0.24
CA LYS A 156 2.60 4.22 1.20
C LYS A 156 3.00 5.63 0.76
N LEU A 157 3.09 5.88 -0.55
CA LEU A 157 3.30 7.23 -1.09
C LEU A 157 2.09 8.15 -0.92
N TYR A 158 0.86 7.59 -1.01
CA TYR A 158 -0.36 8.33 -0.63
C TYR A 158 -0.40 8.67 0.87
N HIS A 159 -0.06 7.70 1.73
CA HIS A 159 -0.01 7.90 3.17
C HIS A 159 1.14 8.83 3.62
N LEU A 160 2.24 8.89 2.88
CA LEU A 160 3.31 9.90 3.04
C LEU A 160 2.76 11.31 2.79
N GLU A 161 2.18 11.52 1.61
CA GLU A 161 1.71 12.83 1.13
C GLU A 161 0.61 13.41 2.05
N VAL A 162 -0.37 12.57 2.40
CA VAL A 162 -1.52 12.99 3.22
C VAL A 162 -1.19 13.07 4.72
N ALA A 163 -0.65 12.00 5.31
CA ALA A 163 -0.57 11.90 6.76
C ALA A 163 0.55 12.77 7.35
N LEU A 164 1.77 12.62 6.83
CA LEU A 164 2.90 13.46 7.24
C LEU A 164 2.74 14.91 6.75
N GLY A 165 1.92 15.13 5.71
CA GLY A 165 1.46 16.44 5.24
C GLY A 165 0.86 17.35 6.32
N HIS A 166 0.26 16.76 7.36
CA HIS A 166 -0.32 17.50 8.49
C HIS A 166 0.71 18.14 9.45
N PHE A 167 1.99 17.75 9.39
CA PHE A 167 3.05 18.24 10.30
C PHE A 167 4.38 18.59 9.61
N LYS A 168 4.79 17.81 8.61
CA LYS A 168 6.00 18.03 7.80
C LYS A 168 5.78 17.46 6.40
N ASN A 169 5.05 18.20 5.57
CA ASN A 169 4.83 17.85 4.16
C ASN A 169 6.18 17.75 3.43
N TRP A 170 6.63 16.53 3.18
CA TRP A 170 8.00 16.24 2.71
C TRP A 170 8.04 16.18 1.17
N PRO A 171 8.66 17.18 0.50
CA PRO A 171 8.58 17.30 -0.94
C PRO A 171 9.43 16.22 -1.63
N ILE A 172 8.84 15.57 -2.65
CA ILE A 172 9.60 14.86 -3.69
C ILE A 172 10.24 15.91 -4.63
N PRO A 173 11.58 16.05 -4.70
CA PRO A 173 12.21 17.04 -5.58
C PRO A 173 12.04 16.66 -7.05
N ASP A 174 12.16 17.64 -7.95
CA ASP A 174 12.09 17.44 -9.42
C ASP A 174 13.14 16.48 -9.99
N ASN A 175 14.26 16.28 -9.28
CA ASN A 175 15.27 15.27 -9.61
C ASN A 175 14.74 13.82 -9.49
N LEU A 176 13.76 13.57 -8.62
CA LEU A 176 12.99 12.32 -8.53
C LEU A 176 11.79 12.32 -9.50
N THR A 177 12.09 12.57 -10.77
CA THR A 177 11.12 13.01 -11.80
C THR A 177 10.11 11.93 -12.19
N HIS A 178 10.41 10.63 -11.99
CA HIS A 178 9.38 9.60 -12.08
C HIS A 178 8.49 9.63 -10.83
N VAL A 179 9.06 9.57 -9.62
CA VAL A 179 8.30 9.48 -8.36
C VAL A 179 7.37 10.68 -8.15
N LEU A 180 7.82 11.89 -8.53
CA LEU A 180 7.01 13.11 -8.51
C LEU A 180 5.79 13.05 -9.45
N ASN A 181 5.89 12.33 -10.57
CA ASN A 181 4.76 12.09 -11.47
C ASN A 181 3.95 10.83 -11.10
N TYR A 182 4.57 9.85 -10.45
CA TYR A 182 3.91 8.64 -9.97
C TYR A 182 2.92 8.92 -8.84
N ILE A 183 3.21 9.89 -7.97
CA ILE A 183 2.22 10.36 -6.96
C ILE A 183 0.97 10.97 -7.62
N LYS A 184 1.11 11.59 -8.80
CA LYS A 184 -0.04 12.09 -9.59
C LYS A 184 -0.87 10.95 -10.21
N LEU A 185 -0.27 9.78 -10.46
CA LEU A 185 -1.00 8.57 -10.87
C LEU A 185 -1.86 7.98 -9.75
N LEU A 186 -1.59 8.27 -8.47
CA LEU A 186 -2.38 7.75 -7.34
C LEU A 186 -3.84 8.22 -7.37
N PHE A 187 -4.10 9.37 -8.01
CA PHE A 187 -5.43 9.94 -8.23
C PHE A 187 -6.08 9.43 -9.53
N SER A 188 -5.56 8.35 -10.14
CA SER A 188 -5.92 7.84 -11.47
C SER A 188 -6.04 6.30 -11.52
N ARG A 189 -6.45 5.78 -12.70
CA ARG A 189 -6.85 4.37 -12.94
C ARG A 189 -7.98 3.92 -12.01
N GLU A 190 -8.31 2.65 -12.06
CA GLU A 190 -9.06 1.92 -11.04
C GLU A 190 -8.14 1.56 -9.87
N SER A 191 -6.92 1.13 -10.20
CA SER A 191 -5.90 0.57 -9.30
C SER A 191 -5.51 1.47 -8.14
N PHE A 192 -5.46 2.79 -8.34
CA PHE A 192 -5.04 3.75 -7.31
C PHE A 192 -6.17 4.69 -6.87
N LYS A 193 -6.96 5.22 -7.82
CA LYS A 193 -8.04 6.18 -7.49
C LYS A 193 -9.12 5.60 -6.57
N LYS A 194 -9.37 4.28 -6.63
CA LYS A 194 -10.32 3.58 -5.75
C LYS A 194 -9.74 3.27 -4.35
N THR A 195 -8.42 3.32 -4.19
CA THR A 195 -7.73 3.07 -2.92
C THR A 195 -7.31 4.35 -2.18
N ARG A 196 -7.48 5.53 -2.82
CA ARG A 196 -7.48 6.87 -2.20
C ARG A 196 -8.44 6.92 -1.00
N ALA A 197 -7.88 6.89 0.20
CA ALA A 197 -8.62 7.01 1.46
C ALA A 197 -8.93 8.48 1.80
N ALA A 198 -10.09 8.72 2.42
CA ALA A 198 -10.52 10.04 2.91
C ALA A 198 -9.50 10.63 3.90
N GLU A 199 -8.98 11.80 3.54
CA GLU A 199 -7.66 12.29 3.92
C GLU A 199 -7.51 12.56 5.42
N GLU A 200 -8.51 13.17 6.04
CA GLU A 200 -8.57 13.40 7.49
C GLU A 200 -8.62 12.09 8.30
N HIS A 201 -9.23 11.02 7.76
CA HIS A 201 -9.16 9.68 8.36
C HIS A 201 -7.87 8.90 8.05
N VAL A 202 -7.03 9.35 7.10
CA VAL A 202 -5.63 8.88 7.02
C VAL A 202 -4.84 9.48 8.18
N ILE A 203 -4.96 10.79 8.41
CA ILE A 203 -4.24 11.53 9.47
C ILE A 203 -4.68 11.06 10.88
N ALA A 204 -5.98 11.06 11.17
CA ALA A 204 -6.51 10.74 12.50
C ALA A 204 -6.32 9.27 12.90
N GLY A 205 -6.35 8.35 11.93
CA GLY A 205 -6.02 6.94 12.20
C GLY A 205 -4.52 6.68 12.32
N TRP A 206 -3.67 7.52 11.72
CA TRP A 206 -2.22 7.48 11.84
C TRP A 206 -1.66 8.09 13.13
N GLU A 207 -2.31 9.09 13.72
CA GLU A 207 -1.85 9.76 14.95
C GLU A 207 -1.43 8.80 16.09
N PRO A 208 -2.25 7.79 16.51
CA PRO A 208 -1.83 6.81 17.51
C PRO A 208 -0.71 5.86 17.03
N LYS A 209 -0.51 5.72 15.71
CA LYS A 209 0.54 4.90 15.08
C LYS A 209 1.88 5.63 14.85
N VAL A 210 1.99 6.86 15.32
CA VAL A 210 3.28 7.44 15.73
C VAL A 210 3.80 6.76 17.00
N ASN A 211 2.90 6.19 17.83
CA ASN A 211 3.28 5.32 18.94
C ASN A 211 3.31 3.82 18.59
N ALA A 212 2.36 3.35 17.76
CA ALA A 212 2.20 1.95 17.31
C ALA A 212 2.72 1.71 15.86
N MET A 1 -18.20 -17.86 -1.33
CA MET A 1 -17.79 -18.21 -2.69
C MET A 1 -17.31 -16.97 -3.42
N ALA A 2 -16.49 -17.13 -4.45
CA ALA A 2 -15.75 -16.05 -5.13
C ALA A 2 -14.89 -15.20 -4.16
N LEU A 3 -14.27 -14.13 -4.69
CA LEU A 3 -13.27 -13.34 -3.96
C LEU A 3 -13.93 -12.43 -2.90
N GLU A 4 -13.63 -12.65 -1.63
CA GLU A 4 -14.09 -11.81 -0.51
C GLU A 4 -12.91 -11.36 0.36
N ILE A 5 -12.76 -10.05 0.51
CA ILE A 5 -11.62 -9.40 1.16
C ILE A 5 -12.04 -8.96 2.56
N CYS A 6 -11.22 -9.24 3.58
CA CYS A 6 -11.43 -8.74 4.94
C CYS A 6 -10.29 -7.79 5.30
N VAL A 7 -10.56 -6.48 5.30
CA VAL A 7 -9.55 -5.40 5.25
C VAL A 7 -9.65 -4.51 6.48
N LYS A 8 -8.51 -4.02 6.99
CA LYS A 8 -8.54 -2.97 8.02
C LYS A 8 -9.16 -1.69 7.44
N ALA A 9 -10.16 -1.15 8.12
CA ALA A 9 -10.74 0.17 7.89
C ALA A 9 -9.96 1.28 8.61
N ALA A 10 -10.34 2.52 8.35
CA ALA A 10 -9.99 3.67 9.18
C ALA A 10 -10.32 3.43 10.65
N VAL A 11 -9.42 3.85 11.55
CA VAL A 11 -9.73 3.87 13.00
C VAL A 11 -10.99 4.71 13.26
N GLY A 12 -11.99 4.10 13.89
CA GLY A 12 -13.28 4.72 14.21
C GLY A 12 -14.30 4.81 13.07
N ALA A 13 -13.91 4.56 11.81
CA ALA A 13 -14.78 4.75 10.64
C ALA A 13 -14.80 3.52 9.71
N PRO A 14 -15.55 2.45 10.06
CA PRO A 14 -15.46 1.14 9.40
C PRO A 14 -15.88 1.08 7.92
N ASN A 15 -16.54 2.12 7.40
CA ASN A 15 -16.98 2.16 5.99
C ASN A 15 -15.86 2.48 4.99
N ILE A 16 -14.68 2.92 5.45
CA ILE A 16 -13.65 3.58 4.63
C ILE A 16 -12.22 3.15 5.01
N LEU A 17 -11.26 3.39 4.13
CA LEU A 17 -9.88 2.86 4.26
C LEU A 17 -9.00 3.59 5.28
N GLY A 18 -9.02 4.93 5.31
CA GLY A 18 -8.16 5.75 6.18
C GLY A 18 -6.68 5.34 6.19
N ASP A 19 -6.15 5.16 7.40
CA ASP A 19 -4.76 4.85 7.79
C ASP A 19 -4.18 3.51 7.29
N SER A 20 -4.79 2.85 6.30
CA SER A 20 -4.58 1.43 6.01
C SER A 20 -3.94 1.26 4.65
N PRO A 21 -2.63 1.62 4.42
CA PRO A 21 -1.96 1.41 3.15
C PRO A 21 -1.71 -0.08 2.85
N PHE A 22 -1.67 -0.90 3.91
CA PHE A 22 -1.67 -2.36 3.85
C PHE A 22 -2.98 -2.93 3.28
N CYS A 23 -4.18 -2.39 3.64
CA CYS A 23 -5.45 -2.74 3.01
C CYS A 23 -5.46 -2.32 1.56
N GLN A 24 -4.95 -1.14 1.27
CA GLN A 24 -4.91 -0.56 -0.07
C GLN A 24 -4.05 -1.41 -1.04
N ARG A 25 -3.02 -2.14 -0.57
CA ARG A 25 -2.25 -3.12 -1.38
C ARG A 25 -3.15 -4.15 -2.08
N VAL A 26 -4.10 -4.71 -1.33
CA VAL A 26 -4.91 -5.86 -1.76
C VAL A 26 -5.95 -5.43 -2.80
N LEU A 27 -6.55 -4.26 -2.61
CA LEU A 27 -7.51 -3.65 -3.54
C LEU A 27 -6.81 -3.19 -4.83
N LEU A 28 -5.58 -2.66 -4.72
CA LEU A 28 -4.76 -2.19 -5.83
C LEU A 28 -4.45 -3.28 -6.87
N SER A 29 -4.04 -4.49 -6.46
CA SER A 29 -3.75 -5.56 -7.44
C SER A 29 -5.00 -6.09 -8.15
N LEU A 30 -6.11 -6.19 -7.43
CA LEU A 30 -7.38 -6.71 -7.95
C LEU A 30 -8.11 -5.71 -8.86
N GLU A 31 -8.06 -4.41 -8.53
CA GLU A 31 -8.55 -3.35 -9.42
C GLU A 31 -7.64 -3.10 -10.62
N GLU A 32 -6.34 -3.38 -10.53
CA GLU A 32 -5.47 -3.38 -11.71
C GLU A 32 -5.79 -4.54 -12.66
N LYS A 33 -6.07 -5.72 -12.09
CA LYS A 33 -6.61 -6.91 -12.77
C LYS A 33 -8.07 -6.78 -13.23
N LYS A 34 -8.81 -5.73 -12.81
CA LYS A 34 -10.24 -5.49 -13.08
C LYS A 34 -11.21 -6.56 -12.51
N ILE A 35 -10.70 -7.56 -11.79
CA ILE A 35 -11.49 -8.69 -11.29
C ILE A 35 -12.43 -8.24 -10.16
N PRO A 36 -13.73 -8.58 -10.18
CA PRO A 36 -14.65 -8.23 -9.10
C PRO A 36 -14.34 -8.99 -7.80
N TYR A 37 -14.58 -8.31 -6.68
CA TYR A 37 -14.45 -8.81 -5.33
C TYR A 37 -15.53 -8.19 -4.43
N LYS A 38 -15.79 -8.81 -3.29
CA LYS A 38 -16.57 -8.22 -2.19
C LYS A 38 -15.63 -7.72 -1.10
N SER A 39 -15.76 -6.47 -0.65
CA SER A 39 -14.91 -5.89 0.40
C SER A 39 -15.66 -5.78 1.74
N HIS A 40 -15.06 -6.31 2.80
CA HIS A 40 -15.45 -6.09 4.20
C HIS A 40 -14.36 -5.31 4.93
N LEU A 41 -14.51 -4.00 4.96
CA LEU A 41 -13.72 -3.08 5.80
C LEU A 41 -14.11 -3.25 7.29
N ILE A 42 -13.10 -3.28 8.17
CA ILE A 42 -13.17 -3.67 9.59
C ILE A 42 -12.43 -2.65 10.46
N ASN A 43 -13.15 -1.95 11.34
CA ASN A 43 -12.54 -1.12 12.38
C ASN A 43 -12.16 -2.00 13.58
N LEU A 44 -10.86 -2.19 13.84
CA LEU A 44 -10.31 -2.79 15.06
C LEU A 44 -10.87 -4.17 15.50
N GLY A 45 -11.51 -4.92 14.59
CA GLY A 45 -12.13 -6.22 14.90
C GLY A 45 -13.65 -6.18 15.13
N ASP A 46 -14.35 -5.19 14.58
CA ASP A 46 -15.82 -5.01 14.62
C ASP A 46 -16.69 -6.13 13.99
N LYS A 47 -16.13 -7.30 13.68
CA LYS A 47 -16.79 -8.44 13.01
C LYS A 47 -16.35 -9.76 13.66
N PRO A 48 -17.19 -10.82 13.64
CA PRO A 48 -16.86 -12.11 14.22
C PRO A 48 -15.60 -12.72 13.58
N GLN A 49 -15.07 -13.76 14.21
CA GLN A 49 -13.79 -14.37 13.85
C GLN A 49 -13.73 -14.95 12.41
N TRP A 50 -14.88 -15.09 11.75
CA TRP A 50 -15.08 -15.39 10.31
C TRP A 50 -14.42 -14.43 9.30
N PHE A 51 -13.98 -13.26 9.80
CA PHE A 51 -13.32 -12.19 9.05
C PHE A 51 -11.85 -11.94 9.50
N LEU A 52 -11.35 -12.75 10.46
CA LEU A 52 -10.06 -12.63 11.14
C LEU A 52 -9.23 -13.92 11.08
N GLU A 53 -9.89 -15.08 11.25
CA GLU A 53 -9.33 -16.45 11.23
C GLU A 53 -8.63 -16.85 9.91
N ILE A 54 -8.88 -16.06 8.87
CA ILE A 54 -8.24 -16.11 7.56
C ILE A 54 -6.73 -15.81 7.64
N SER A 55 -6.28 -15.09 8.68
CA SER A 55 -4.90 -15.10 9.17
C SER A 55 -4.80 -15.96 10.45
N PRO A 56 -3.75 -16.78 10.63
CA PRO A 56 -3.51 -17.49 11.89
C PRO A 56 -3.26 -16.55 13.08
N GLU A 57 -2.78 -15.33 12.80
CA GLU A 57 -2.55 -14.27 13.78
C GLU A 57 -3.84 -13.48 14.14
N GLY A 58 -4.99 -13.83 13.54
CA GLY A 58 -6.25 -13.07 13.64
C GLY A 58 -6.23 -11.70 12.94
N LYS A 59 -5.18 -11.39 12.16
CA LYS A 59 -4.96 -10.10 11.50
C LYS A 59 -5.96 -9.86 10.37
N VAL A 60 -6.12 -8.58 10.06
CA VAL A 60 -6.55 -8.04 8.75
C VAL A 60 -5.53 -6.98 8.31
N PRO A 61 -5.29 -6.75 7.01
CA PRO A 61 -6.00 -7.25 5.82
C PRO A 61 -5.62 -8.69 5.37
N VAL A 62 -6.61 -9.40 4.80
CA VAL A 62 -6.57 -10.81 4.36
C VAL A 62 -7.60 -11.07 3.25
N VAL A 63 -7.58 -12.25 2.60
CA VAL A 63 -8.56 -12.63 1.55
C VAL A 63 -9.06 -14.07 1.63
N LYS A 64 -10.30 -14.25 1.19
CA LYS A 64 -10.90 -15.51 0.74
C LYS A 64 -10.81 -15.61 -0.78
N ILE A 65 -10.19 -16.66 -1.30
CA ILE A 65 -10.09 -16.97 -2.73
C ILE A 65 -11.08 -18.08 -3.08
N ASP A 66 -12.35 -17.69 -3.27
CA ASP A 66 -13.50 -18.60 -3.24
C ASP A 66 -13.60 -19.37 -1.90
N ASP A 67 -13.76 -18.60 -0.83
CA ASP A 67 -13.76 -19.02 0.60
C ASP A 67 -12.44 -19.60 1.16
N LYS A 68 -11.49 -20.00 0.32
CA LYS A 68 -10.18 -20.55 0.73
C LYS A 68 -9.25 -19.45 1.23
N TRP A 69 -8.76 -19.56 2.45
CA TRP A 69 -8.07 -18.47 3.16
C TRP A 69 -6.67 -18.18 2.62
N VAL A 70 -6.31 -16.90 2.64
CA VAL A 70 -4.93 -16.38 2.53
C VAL A 70 -4.78 -15.20 3.50
N ALA A 71 -3.69 -15.23 4.29
CA ALA A 71 -3.37 -14.26 5.33
C ALA A 71 -2.90 -12.89 4.76
N ASP A 72 -2.03 -12.18 5.50
CA ASP A 72 -1.67 -10.77 5.32
C ASP A 72 -1.57 -10.27 3.86
N SER A 73 -1.78 -8.95 3.68
CA SER A 73 -1.41 -8.18 2.47
C SER A 73 0.03 -8.37 2.00
N ASP A 74 0.90 -8.79 2.92
CA ASP A 74 2.34 -8.86 2.73
C ASP A 74 2.85 -10.27 2.39
N VAL A 75 1.97 -11.28 2.48
CA VAL A 75 2.14 -12.58 1.80
C VAL A 75 1.20 -12.73 0.59
N ILE A 76 0.10 -11.97 0.55
CA ILE A 76 -0.84 -11.84 -0.58
C ILE A 76 -0.13 -11.47 -1.90
N VAL A 77 0.93 -10.65 -1.84
CA VAL A 77 1.72 -10.23 -3.02
C VAL A 77 2.37 -11.39 -3.79
N GLY A 78 2.49 -12.58 -3.17
CA GLY A 78 2.66 -13.85 -3.88
C GLY A 78 1.38 -14.71 -3.83
N ILE A 79 0.87 -15.01 -2.63
CA ILE A 79 -0.07 -16.12 -2.42
C ILE A 79 -1.45 -15.89 -3.06
N LEU A 80 -1.93 -14.64 -3.15
CA LEU A 80 -3.12 -14.28 -3.93
C LEU A 80 -2.79 -14.14 -5.43
N GLU A 81 -1.65 -13.55 -5.75
CA GLU A 81 -1.22 -13.35 -7.14
C GLU A 81 -0.99 -14.66 -7.91
N GLU A 82 -0.60 -15.74 -7.23
CA GLU A 82 -0.55 -17.12 -7.73
C GLU A 82 -1.93 -17.73 -8.04
N LYS A 83 -2.96 -17.34 -7.28
CA LYS A 83 -4.24 -18.09 -7.12
C LYS A 83 -5.46 -17.34 -7.66
N ASN A 84 -5.29 -16.07 -7.99
CA ASN A 84 -6.24 -15.29 -8.77
C ASN A 84 -6.21 -15.77 -10.23
N PRO A 85 -7.35 -15.89 -10.93
CA PRO A 85 -7.36 -16.32 -12.34
C PRO A 85 -6.74 -15.29 -13.30
N GLU A 86 -6.77 -13.99 -12.97
CA GLU A 86 -6.14 -12.96 -13.79
C GLU A 86 -4.62 -12.90 -13.55
N PRO A 87 -3.78 -12.65 -14.58
CA PRO A 87 -2.35 -12.97 -14.54
C PRO A 87 -1.54 -12.40 -13.37
N PRO A 88 -0.55 -13.15 -12.83
CA PRO A 88 0.22 -12.76 -11.65
C PRO A 88 1.04 -11.48 -11.86
N LEU A 89 0.90 -10.55 -10.91
CA LEU A 89 1.70 -9.34 -10.72
C LEU A 89 2.86 -9.54 -9.74
N ALA A 90 3.03 -10.75 -9.19
CA ALA A 90 4.04 -11.10 -8.17
C ALA A 90 5.50 -10.95 -8.63
N THR A 91 5.77 -11.05 -9.94
CA THR A 91 7.14 -11.18 -10.48
C THR A 91 7.98 -9.94 -10.13
N PRO A 92 9.10 -10.07 -9.39
CA PRO A 92 9.92 -8.93 -9.01
C PRO A 92 10.81 -8.47 -10.18
N PRO A 93 10.76 -7.19 -10.58
CA PRO A 93 11.80 -6.57 -11.41
C PRO A 93 13.06 -6.27 -10.56
N GLU A 94 14.11 -5.75 -11.21
CA GLU A 94 15.32 -5.26 -10.51
C GLU A 94 15.03 -4.13 -9.50
N PHE A 95 13.98 -3.33 -9.74
CA PHE A 95 13.48 -2.31 -8.82
C PHE A 95 13.07 -2.85 -7.44
N ALA A 96 12.72 -4.15 -7.31
CA ALA A 96 12.42 -4.77 -6.03
C ALA A 96 13.64 -4.81 -5.07
N SER A 97 14.87 -4.76 -5.60
CA SER A 97 16.12 -4.65 -4.82
C SER A 97 16.28 -3.29 -4.10
N VAL A 98 15.49 -2.28 -4.46
CA VAL A 98 15.46 -0.95 -3.84
C VAL A 98 14.09 -0.68 -3.18
N GLY A 99 13.00 -1.13 -3.81
CA GLY A 99 11.65 -1.05 -3.25
C GLY A 99 11.43 -1.85 -1.95
N SER A 100 12.20 -2.92 -1.75
CA SER A 100 12.25 -3.67 -0.48
C SER A 100 12.92 -2.90 0.69
N LYS A 101 13.67 -1.82 0.41
CA LYS A 101 14.19 -0.87 1.41
C LYS A 101 13.19 0.27 1.70
N ILE A 102 12.56 0.75 0.62
CA ILE A 102 11.55 1.82 0.64
C ILE A 102 10.26 1.36 1.39
N PHE A 103 9.94 0.07 1.32
CA PHE A 103 8.79 -0.53 1.99
C PHE A 103 8.81 -0.36 3.52
N PRO A 104 9.86 -0.77 4.27
CA PRO A 104 9.98 -0.44 5.68
C PRO A 104 10.43 1.00 5.94
N SER A 105 11.27 1.63 5.09
CA SER A 105 11.87 2.93 5.42
C SER A 105 10.85 4.08 5.50
N PHE A 106 9.78 4.04 4.69
CA PHE A 106 8.65 4.98 4.83
C PHE A 106 7.66 4.62 5.95
N VAL A 107 7.51 3.34 6.31
CA VAL A 107 6.73 2.91 7.49
C VAL A 107 7.44 3.34 8.80
N LYS A 108 8.78 3.28 8.80
CA LYS A 108 9.65 3.82 9.86
C LYS A 108 9.57 5.35 9.93
N PHE A 109 9.61 6.04 8.79
CA PHE A 109 9.52 7.50 8.70
C PHE A 109 8.21 8.05 9.30
N LEU A 110 7.10 7.37 9.03
CA LEU A 110 5.77 7.65 9.59
C LEU A 110 5.65 7.38 11.10
N LYS A 111 6.50 6.53 11.71
CA LYS A 111 6.63 6.47 13.19
C LYS A 111 7.84 7.28 13.63
N SER A 112 7.69 8.61 13.52
CA SER A 112 8.71 9.66 13.47
C SER A 112 9.68 9.82 14.65
N LYS A 113 9.81 8.80 15.50
CA LYS A 113 10.77 8.70 16.61
C LYS A 113 12.20 8.42 16.14
N ASP A 114 12.37 7.84 14.94
CA ASP A 114 13.64 7.95 14.22
C ASP A 114 13.74 9.36 13.60
N PRO A 115 14.67 10.23 14.03
CA PRO A 115 14.63 11.66 13.75
C PRO A 115 14.50 11.96 12.25
N ASN A 116 13.39 12.59 11.90
CA ASN A 116 12.89 12.64 10.51
C ASN A 116 13.86 13.38 9.56
N ASP A 117 14.45 14.48 10.01
CA ASP A 117 15.43 15.27 9.23
C ASP A 117 16.73 14.49 8.89
N GLY A 118 17.08 13.49 9.71
CA GLY A 118 18.17 12.54 9.42
C GLY A 118 17.72 11.31 8.63
N THR A 119 16.54 10.78 8.93
CA THR A 119 15.89 9.68 8.18
C THR A 119 15.71 10.03 6.70
N GLU A 120 15.35 11.29 6.40
CA GLU A 120 15.04 11.77 5.06
C GLU A 120 16.22 11.68 4.08
N GLN A 121 17.46 11.71 4.57
CA GLN A 121 18.65 11.49 3.72
C GLN A 121 18.76 10.02 3.27
N ALA A 122 18.41 9.06 4.12
CA ALA A 122 18.31 7.65 3.73
C ALA A 122 17.16 7.40 2.74
N LEU A 123 16.02 8.07 2.91
CA LEU A 123 14.91 8.02 1.95
C LEU A 123 15.31 8.60 0.59
N LEU A 124 16.08 9.69 0.57
CA LEU A 124 16.55 10.32 -0.66
C LEU A 124 17.52 9.43 -1.43
N GLU A 125 18.49 8.77 -0.79
CA GLU A 125 19.40 7.85 -1.50
C GLU A 125 18.69 6.56 -1.98
N GLU A 126 17.70 6.04 -1.22
CA GLU A 126 16.83 4.95 -1.69
C GLU A 126 15.98 5.36 -2.91
N LEU A 127 15.33 6.53 -2.86
CA LEU A 127 14.51 7.01 -3.97
C LEU A 127 15.34 7.39 -5.21
N LYS A 128 16.56 7.95 -5.06
CA LYS A 128 17.45 8.24 -6.20
C LYS A 128 17.87 6.97 -6.94
N ALA A 129 18.25 5.93 -6.19
CA ALA A 129 18.65 4.64 -6.76
C ALA A 129 17.50 3.94 -7.52
N LEU A 130 16.25 4.14 -7.08
CA LEU A 130 15.06 3.67 -7.78
C LEU A 130 14.74 4.53 -9.02
N ASP A 131 14.58 5.84 -8.82
CA ASP A 131 14.03 6.79 -9.80
C ASP A 131 14.94 7.01 -11.03
N GLY A 132 16.27 6.95 -10.84
CA GLY A 132 17.23 7.08 -11.93
C GLY A 132 17.01 6.09 -13.08
N HIS A 133 16.57 4.87 -12.75
CA HIS A 133 16.21 3.84 -13.72
C HIS A 133 14.71 3.84 -14.09
N LEU A 134 13.80 4.24 -13.19
CA LEU A 134 12.37 4.36 -13.51
C LEU A 134 12.07 5.42 -14.58
N LYS A 135 12.89 6.47 -14.69
CA LYS A 135 12.80 7.45 -15.79
C LYS A 135 13.18 6.90 -17.17
N VAL A 136 13.76 5.70 -17.24
CA VAL A 136 14.05 4.97 -18.49
C VAL A 136 13.01 3.88 -18.77
N HIS A 137 12.64 3.10 -17.75
CA HIS A 137 11.62 2.04 -17.86
C HIS A 137 10.17 2.56 -17.92
N GLY A 138 9.92 3.81 -17.52
CA GLY A 138 8.75 4.59 -17.89
C GLY A 138 7.63 4.67 -16.84
N PRO A 139 6.48 4.02 -17.08
CA PRO A 139 5.17 4.47 -16.59
C PRO A 139 4.85 4.20 -15.12
N PHE A 140 5.39 3.14 -14.51
CA PHE A 140 5.00 2.66 -13.17
C PHE A 140 6.21 2.33 -12.29
N ILE A 141 6.03 2.20 -10.97
CA ILE A 141 7.15 2.17 -10.00
C ILE A 141 7.86 0.81 -9.94
N ALA A 142 7.33 -0.21 -10.63
CA ALA A 142 8.01 -1.43 -11.03
C ALA A 142 8.64 -1.40 -12.44
N GLY A 143 8.49 -0.31 -13.21
CA GLY A 143 8.91 -0.19 -14.60
C GLY A 143 7.74 -0.11 -15.59
N GLU A 144 7.76 -0.96 -16.61
CA GLU A 144 6.86 -0.95 -17.78
C GLU A 144 5.37 -1.22 -17.43
N LYS A 145 5.11 -1.82 -16.27
CA LYS A 145 3.80 -2.30 -15.82
C LYS A 145 3.68 -2.16 -14.30
N ILE A 146 2.47 -1.96 -13.79
CA ILE A 146 2.14 -2.14 -12.37
C ILE A 146 2.39 -3.60 -11.96
N THR A 147 3.39 -3.84 -11.11
CA THR A 147 3.68 -5.16 -10.52
C THR A 147 4.09 -5.04 -9.04
N ALA A 148 4.67 -6.08 -8.44
CA ALA A 148 4.87 -6.21 -7.01
C ALA A 148 5.51 -4.99 -6.30
N VAL A 149 6.27 -4.13 -6.99
CA VAL A 149 6.82 -2.89 -6.40
C VAL A 149 5.74 -1.80 -6.21
N ASP A 150 4.86 -1.59 -7.19
CA ASP A 150 3.66 -0.76 -7.06
C ASP A 150 2.71 -1.29 -5.98
N LEU A 151 2.48 -2.61 -5.98
CA LEU A 151 1.69 -3.30 -4.95
C LEU A 151 2.30 -3.16 -3.56
N SER A 152 3.58 -2.83 -3.43
CA SER A 152 4.30 -2.66 -2.16
C SER A 152 4.35 -1.20 -1.69
N LEU A 153 4.47 -0.25 -2.62
CA LEU A 153 4.84 1.15 -2.32
C LEU A 153 3.72 2.17 -2.56
N ALA A 154 2.88 2.01 -3.59
CA ALA A 154 1.96 3.06 -4.03
C ALA A 154 1.05 3.65 -2.92
N PRO A 155 0.41 2.84 -2.06
CA PRO A 155 -0.40 3.38 -0.96
C PRO A 155 0.44 3.96 0.20
N LYS A 156 1.72 3.57 0.35
CA LYS A 156 2.63 4.23 1.31
C LYS A 156 3.00 5.65 0.87
N LEU A 157 3.09 5.90 -0.44
CA LEU A 157 3.31 7.23 -1.00
C LEU A 157 2.09 8.15 -0.83
N TYR A 158 0.87 7.60 -0.93
CA TYR A 158 -0.36 8.33 -0.57
C TYR A 158 -0.41 8.66 0.93
N HIS A 159 -0.06 7.69 1.77
CA HIS A 159 -0.02 7.86 3.23
C HIS A 159 1.10 8.83 3.69
N LEU A 160 2.20 8.94 2.94
CA LEU A 160 3.23 9.96 3.13
C LEU A 160 2.66 11.37 2.86
N GLU A 161 2.11 11.57 1.65
CA GLU A 161 1.60 12.86 1.17
C GLU A 161 0.50 13.42 2.10
N VAL A 162 -0.45 12.57 2.48
CA VAL A 162 -1.60 12.98 3.30
C VAL A 162 -1.29 13.03 4.79
N ALA A 163 -0.74 11.95 5.37
CA ALA A 163 -0.66 11.83 6.83
C ALA A 163 0.48 12.69 7.40
N LEU A 164 1.71 12.49 6.92
CA LEU A 164 2.86 13.29 7.35
C LEU A 164 2.72 14.76 6.91
N GLY A 165 2.03 15.01 5.79
CA GLY A 165 1.70 16.34 5.29
C GLY A 165 0.93 17.26 6.25
N HIS A 166 0.23 16.69 7.24
CA HIS A 166 -0.43 17.45 8.32
C HIS A 166 0.54 18.13 9.30
N PHE A 167 1.81 17.71 9.36
CA PHE A 167 2.83 18.29 10.25
C PHE A 167 4.16 18.63 9.57
N LYS A 168 4.57 17.84 8.56
CA LYS A 168 5.74 18.08 7.71
C LYS A 168 5.46 17.55 6.30
N ASN A 169 4.93 18.42 5.44
CA ASN A 169 4.78 18.14 4.00
C ASN A 169 6.16 18.04 3.33
N TRP A 170 6.68 16.80 3.30
CA TRP A 170 8.03 16.50 2.84
C TRP A 170 8.07 16.32 1.32
N PRO A 171 8.76 17.20 0.58
CA PRO A 171 8.76 17.17 -0.88
C PRO A 171 9.62 16.02 -1.41
N ILE A 172 9.10 15.32 -2.42
CA ILE A 172 9.86 14.45 -3.33
C ILE A 172 10.40 15.35 -4.47
N PRO A 173 11.68 15.77 -4.47
CA PRO A 173 12.14 16.87 -5.33
C PRO A 173 12.17 16.49 -6.82
N ASP A 174 12.18 17.47 -7.72
CA ASP A 174 12.03 17.30 -9.18
C ASP A 174 13.08 16.40 -9.87
N ASN A 175 14.25 16.21 -9.25
CA ASN A 175 15.24 15.22 -9.67
C ASN A 175 14.71 13.76 -9.62
N LEU A 176 13.78 13.48 -8.70
CA LEU A 176 13.01 12.23 -8.60
C LEU A 176 11.81 12.24 -9.56
N THR A 177 12.10 12.49 -10.84
CA THR A 177 11.12 12.93 -11.83
C THR A 177 10.11 11.85 -12.22
N HIS A 178 10.40 10.56 -12.02
CA HIS A 178 9.36 9.53 -12.07
C HIS A 178 8.50 9.58 -10.80
N VAL A 179 9.11 9.49 -9.61
CA VAL A 179 8.37 9.32 -8.34
C VAL A 179 7.48 10.54 -8.02
N LEU A 180 7.94 11.76 -8.32
CA LEU A 180 7.11 12.97 -8.20
C LEU A 180 5.91 12.98 -9.17
N ASN A 181 6.03 12.38 -10.35
CA ASN A 181 4.89 12.16 -11.24
C ASN A 181 4.04 10.94 -10.87
N TYR A 182 4.61 9.95 -10.18
CA TYR A 182 3.89 8.78 -9.67
C TYR A 182 2.90 9.14 -8.56
N ILE A 183 3.18 10.17 -7.74
CA ILE A 183 2.20 10.75 -6.80
C ILE A 183 0.93 11.22 -7.53
N LYS A 184 1.09 11.82 -8.70
CA LYS A 184 -0.01 12.31 -9.55
C LYS A 184 -0.81 11.16 -10.19
N LEU A 185 -0.22 9.97 -10.33
CA LEU A 185 -0.94 8.75 -10.73
C LEU A 185 -1.83 8.17 -9.62
N LEU A 186 -1.58 8.46 -8.33
CA LEU A 186 -2.36 7.92 -7.21
C LEU A 186 -3.85 8.33 -7.26
N PHE A 187 -4.13 9.47 -7.88
CA PHE A 187 -5.47 10.02 -8.13
C PHE A 187 -6.13 9.48 -9.42
N SER A 188 -5.57 8.43 -10.03
CA SER A 188 -5.88 7.93 -11.38
C SER A 188 -5.98 6.40 -11.48
N ARG A 189 -6.30 5.90 -12.69
CA ARG A 189 -6.78 4.52 -12.95
C ARG A 189 -8.04 4.20 -12.12
N GLU A 190 -8.45 2.95 -12.13
CA GLU A 190 -9.27 2.34 -11.09
C GLU A 190 -8.38 1.99 -9.88
N SER A 191 -7.21 1.42 -10.18
CA SER A 191 -6.37 0.65 -9.27
C SER A 191 -5.67 1.49 -8.19
N PHE A 192 -5.25 2.71 -8.48
CA PHE A 192 -4.87 3.65 -7.43
C PHE A 192 -6.09 4.41 -6.88
N LYS A 193 -6.91 5.01 -7.76
CA LYS A 193 -7.98 5.95 -7.40
C LYS A 193 -9.04 5.39 -6.46
N LYS A 194 -9.41 4.11 -6.57
CA LYS A 194 -10.36 3.45 -5.64
C LYS A 194 -9.76 3.17 -4.26
N THR A 195 -8.44 3.16 -4.15
CA THR A 195 -7.72 2.95 -2.89
C THR A 195 -7.31 4.24 -2.17
N ARG A 196 -7.49 5.40 -2.84
CA ARG A 196 -7.41 6.73 -2.23
C ARG A 196 -8.35 6.83 -1.03
N ALA A 197 -7.77 6.85 0.17
CA ALA A 197 -8.50 7.01 1.42
C ALA A 197 -8.89 8.48 1.66
N ALA A 198 -10.06 8.70 2.28
CA ALA A 198 -10.49 10.01 2.76
C ALA A 198 -9.51 10.58 3.80
N GLU A 199 -9.05 11.80 3.55
CA GLU A 199 -7.73 12.29 3.97
C GLU A 199 -7.58 12.47 5.48
N GLU A 200 -8.61 13.02 6.13
CA GLU A 200 -8.68 13.22 7.59
C GLU A 200 -8.61 11.88 8.35
N HIS A 201 -9.17 10.82 7.77
CA HIS A 201 -9.12 9.45 8.32
C HIS A 201 -7.80 8.72 8.05
N VAL A 202 -6.94 9.22 7.16
CA VAL A 202 -5.54 8.78 7.09
C VAL A 202 -4.76 9.39 8.26
N ILE A 203 -4.91 10.70 8.50
CA ILE A 203 -4.22 11.45 9.56
C ILE A 203 -4.61 10.96 10.96
N ALA A 204 -5.91 10.95 11.27
CA ALA A 204 -6.42 10.60 12.60
C ALA A 204 -6.24 9.11 12.95
N GLY A 205 -6.23 8.22 11.96
CA GLY A 205 -5.90 6.82 12.19
C GLY A 205 -4.40 6.55 12.31
N TRP A 206 -3.56 7.39 11.69
CA TRP A 206 -2.10 7.35 11.78
C TRP A 206 -1.55 7.89 13.10
N GLU A 207 -2.17 8.90 13.71
CA GLU A 207 -1.68 9.56 14.93
C GLU A 207 -1.25 8.61 16.07
N PRO A 208 -2.06 7.62 16.52
CA PRO A 208 -1.62 6.65 17.53
C PRO A 208 -0.49 5.72 17.04
N LYS A 209 -0.31 5.57 15.73
CA LYS A 209 0.75 4.80 15.07
C LYS A 209 1.99 5.63 14.69
N VAL A 210 2.07 6.88 15.16
CA VAL A 210 3.35 7.53 15.48
C VAL A 210 4.00 6.86 16.71
N ASN A 211 3.19 6.23 17.58
CA ASN A 211 3.67 5.39 18.68
C ASN A 211 3.69 3.89 18.35
N ALA A 212 2.58 3.35 17.83
CA ALA A 212 2.38 1.92 17.53
C ALA A 212 3.07 1.44 16.24
N MET A 1 -17.89 -17.76 -1.38
CA MET A 1 -17.63 -18.12 -2.78
C MET A 1 -17.10 -16.90 -3.51
N ALA A 2 -16.31 -17.10 -4.57
CA ALA A 2 -15.55 -16.04 -5.25
C ALA A 2 -14.66 -15.22 -4.28
N LEU A 3 -14.13 -14.07 -4.71
CA LEU A 3 -13.28 -13.24 -3.86
C LEU A 3 -14.11 -12.50 -2.80
N GLU A 4 -13.82 -12.78 -1.53
CA GLU A 4 -14.27 -11.99 -0.38
C GLU A 4 -13.06 -11.50 0.43
N ILE A 5 -12.95 -10.19 0.59
CA ILE A 5 -11.77 -9.51 1.16
C ILE A 5 -12.15 -8.97 2.54
N CYS A 6 -11.34 -9.26 3.56
CA CYS A 6 -11.52 -8.69 4.89
C CYS A 6 -10.34 -7.76 5.20
N VAL A 7 -10.61 -6.48 5.39
CA VAL A 7 -9.60 -5.41 5.31
C VAL A 7 -9.68 -4.50 6.54
N LYS A 8 -8.54 -4.02 7.05
CA LYS A 8 -8.57 -2.98 8.09
C LYS A 8 -9.19 -1.69 7.52
N ALA A 9 -10.17 -1.15 8.22
CA ALA A 9 -10.76 0.17 7.99
C ALA A 9 -9.97 1.29 8.70
N ALA A 10 -10.35 2.54 8.44
CA ALA A 10 -9.95 3.68 9.25
C ALA A 10 -10.28 3.46 10.74
N VAL A 11 -9.36 3.80 11.63
CA VAL A 11 -9.64 3.78 13.08
C VAL A 11 -10.83 4.70 13.39
N GLY A 12 -11.87 4.15 14.01
CA GLY A 12 -13.12 4.84 14.33
C GLY A 12 -14.17 4.90 13.21
N ALA A 13 -13.85 4.52 11.97
CA ALA A 13 -14.75 4.67 10.82
C ALA A 13 -14.74 3.42 9.90
N PRO A 14 -15.53 2.36 10.21
CA PRO A 14 -15.47 1.07 9.53
C PRO A 14 -15.86 1.06 8.04
N ASN A 15 -16.50 2.12 7.53
CA ASN A 15 -16.98 2.18 6.14
C ASN A 15 -15.89 2.56 5.12
N ILE A 16 -14.68 2.93 5.56
CA ILE A 16 -13.65 3.59 4.73
C ILE A 16 -12.23 3.10 5.10
N LEU A 17 -11.25 3.31 4.21
CA LEU A 17 -9.88 2.79 4.37
C LEU A 17 -9.02 3.59 5.36
N GLY A 18 -9.02 4.92 5.29
CA GLY A 18 -8.17 5.81 6.10
C GLY A 18 -6.69 5.39 6.17
N ASP A 19 -6.21 5.20 7.40
CA ASP A 19 -4.82 4.89 7.80
C ASP A 19 -4.23 3.55 7.32
N SER A 20 -4.83 2.88 6.31
CA SER A 20 -4.60 1.46 6.03
C SER A 20 -3.95 1.28 4.68
N PRO A 21 -2.64 1.62 4.47
CA PRO A 21 -1.94 1.40 3.21
C PRO A 21 -1.68 -0.10 2.96
N PHE A 22 -1.70 -0.91 4.01
CA PHE A 22 -1.66 -2.37 3.97
C PHE A 22 -2.95 -2.97 3.39
N CYS A 23 -4.17 -2.47 3.78
CA CYS A 23 -5.43 -2.81 3.12
C CYS A 23 -5.41 -2.41 1.67
N GLN A 24 -4.89 -1.22 1.38
CA GLN A 24 -4.84 -0.67 0.03
C GLN A 24 -3.97 -1.51 -0.93
N ARG A 25 -2.94 -2.25 -0.45
CA ARG A 25 -2.16 -3.22 -1.28
C ARG A 25 -3.05 -4.26 -1.95
N VAL A 26 -4.00 -4.82 -1.19
CA VAL A 26 -4.84 -5.96 -1.59
C VAL A 26 -5.87 -5.56 -2.64
N LEU A 27 -6.45 -4.37 -2.47
CA LEU A 27 -7.39 -3.79 -3.42
C LEU A 27 -6.69 -3.34 -4.71
N LEU A 28 -5.46 -2.81 -4.61
CA LEU A 28 -4.68 -2.31 -5.73
C LEU A 28 -4.37 -3.38 -6.80
N SER A 29 -4.01 -4.63 -6.42
CA SER A 29 -3.70 -5.67 -7.42
C SER A 29 -4.95 -6.14 -8.17
N LEU A 30 -6.07 -6.31 -7.46
CA LEU A 30 -7.34 -6.74 -8.04
C LEU A 30 -8.02 -5.64 -8.86
N GLU A 31 -7.89 -4.36 -8.47
CA GLU A 31 -8.36 -3.22 -9.26
C GLU A 31 -7.43 -2.84 -10.42
N GLU A 32 -6.16 -3.25 -10.40
CA GLU A 32 -5.35 -3.26 -11.61
C GLU A 32 -5.76 -4.36 -12.59
N LYS A 33 -6.06 -5.56 -12.06
CA LYS A 33 -6.62 -6.70 -12.80
C LYS A 33 -8.11 -6.56 -13.17
N LYS A 34 -8.79 -5.49 -12.74
CA LYS A 34 -10.24 -5.21 -12.94
C LYS A 34 -11.19 -6.28 -12.37
N ILE A 35 -10.72 -7.16 -11.48
CA ILE A 35 -11.50 -8.28 -10.94
C ILE A 35 -12.49 -7.78 -9.87
N PRO A 36 -13.78 -8.12 -9.94
CA PRO A 36 -14.73 -7.82 -8.87
C PRO A 36 -14.50 -8.69 -7.62
N TYR A 37 -14.74 -8.10 -6.45
CA TYR A 37 -14.61 -8.73 -5.14
C TYR A 37 -15.63 -8.15 -4.15
N LYS A 38 -15.93 -8.90 -3.10
CA LYS A 38 -16.78 -8.46 -1.98
C LYS A 38 -15.93 -7.96 -0.82
N SER A 39 -15.79 -6.63 -0.68
CA SER A 39 -15.00 -6.02 0.40
C SER A 39 -15.77 -5.94 1.71
N HIS A 40 -15.10 -6.28 2.82
CA HIS A 40 -15.54 -6.06 4.19
C HIS A 40 -14.44 -5.34 4.99
N LEU A 41 -14.57 -4.02 5.08
CA LEU A 41 -13.75 -3.16 5.94
C LEU A 41 -14.10 -3.35 7.42
N ILE A 42 -13.08 -3.31 8.31
CA ILE A 42 -13.17 -3.67 9.74
C ILE A 42 -12.49 -2.60 10.60
N ASN A 43 -13.23 -1.96 11.50
CA ASN A 43 -12.66 -1.08 12.52
C ASN A 43 -12.30 -1.88 13.79
N LEU A 44 -11.01 -2.02 14.10
CA LEU A 44 -10.49 -2.60 15.35
C LEU A 44 -11.06 -3.99 15.77
N GLY A 45 -11.60 -4.76 14.83
CA GLY A 45 -12.24 -6.06 15.11
C GLY A 45 -13.77 -6.01 15.29
N ASP A 46 -14.46 -5.02 14.72
CA ASP A 46 -15.93 -4.88 14.76
C ASP A 46 -16.74 -5.99 14.03
N LYS A 47 -16.13 -7.15 13.71
CA LYS A 47 -16.75 -8.30 13.01
C LYS A 47 -16.26 -9.61 13.61
N PRO A 48 -17.09 -10.67 13.63
CA PRO A 48 -16.72 -11.95 14.25
C PRO A 48 -15.52 -12.61 13.55
N GLN A 49 -15.01 -13.69 14.15
CA GLN A 49 -13.79 -14.36 13.70
C GLN A 49 -13.84 -14.91 12.26
N TRP A 50 -15.04 -15.04 11.66
CA TRP A 50 -15.29 -15.32 10.24
C TRP A 50 -14.70 -14.31 9.23
N PHE A 51 -14.23 -13.16 9.72
CA PHE A 51 -13.57 -12.09 8.95
C PHE A 51 -12.10 -11.86 9.34
N LEU A 52 -11.55 -12.68 10.26
CA LEU A 52 -10.23 -12.52 10.92
C LEU A 52 -9.41 -13.82 10.90
N GLU A 53 -10.06 -14.97 11.13
CA GLU A 53 -9.52 -16.36 11.17
C GLU A 53 -8.84 -16.83 9.87
N ILE A 54 -8.97 -16.03 8.81
CA ILE A 54 -8.40 -16.18 7.48
C ILE A 54 -6.86 -15.99 7.52
N SER A 55 -6.32 -15.35 8.57
CA SER A 55 -4.91 -15.41 8.96
C SER A 55 -4.73 -16.19 10.27
N PRO A 56 -3.59 -16.90 10.47
CA PRO A 56 -3.36 -17.71 11.66
C PRO A 56 -3.23 -16.90 12.96
N GLU A 57 -2.93 -15.60 12.87
CA GLU A 57 -2.82 -14.68 14.00
C GLU A 57 -4.06 -13.76 14.18
N GLY A 58 -5.09 -13.90 13.34
CA GLY A 58 -6.30 -13.04 13.38
C GLY A 58 -6.11 -11.62 12.86
N LYS A 59 -4.98 -11.34 12.21
CA LYS A 59 -4.70 -10.08 11.49
C LYS A 59 -5.69 -9.90 10.33
N VAL A 60 -5.96 -8.65 10.00
CA VAL A 60 -6.43 -8.18 8.68
C VAL A 60 -5.55 -7.02 8.22
N PRO A 61 -5.34 -6.81 6.91
CA PRO A 61 -6.06 -7.36 5.75
C PRO A 61 -5.74 -8.82 5.36
N VAL A 62 -6.71 -9.49 4.72
CA VAL A 62 -6.70 -10.91 4.29
C VAL A 62 -7.69 -11.14 3.14
N VAL A 63 -7.63 -12.30 2.46
CA VAL A 63 -8.58 -12.68 1.40
C VAL A 63 -9.06 -14.13 1.48
N LYS A 64 -10.31 -14.35 1.07
CA LYS A 64 -10.89 -15.65 0.74
C LYS A 64 -10.89 -15.82 -0.79
N ILE A 65 -10.15 -16.79 -1.30
CA ILE A 65 -10.03 -17.09 -2.74
C ILE A 65 -11.02 -18.19 -3.10
N ASP A 66 -12.30 -17.79 -3.22
CA ASP A 66 -13.44 -18.71 -3.22
C ASP A 66 -13.49 -19.55 -1.94
N ASP A 67 -13.61 -18.84 -0.81
CA ASP A 67 -13.63 -19.34 0.58
C ASP A 67 -12.34 -20.01 1.11
N LYS A 68 -11.37 -20.30 0.25
CA LYS A 68 -10.02 -20.76 0.61
C LYS A 68 -9.21 -19.61 1.20
N TRP A 69 -8.79 -19.72 2.46
CA TRP A 69 -8.15 -18.63 3.20
C TRP A 69 -6.75 -18.27 2.68
N VAL A 70 -6.41 -16.98 2.73
CA VAL A 70 -5.06 -16.44 2.56
C VAL A 70 -4.87 -15.26 3.52
N ALA A 71 -3.74 -15.28 4.24
CA ALA A 71 -3.35 -14.33 5.28
C ALA A 71 -2.95 -12.93 4.73
N ASP A 72 -2.04 -12.25 5.43
CA ASP A 72 -1.73 -10.82 5.33
C ASP A 72 -1.56 -10.25 3.91
N SER A 73 -1.73 -8.92 3.77
CA SER A 73 -1.38 -8.15 2.56
C SER A 73 0.04 -8.38 2.07
N ASP A 74 0.96 -8.67 3.00
CA ASP A 74 2.39 -8.74 2.73
C ASP A 74 2.88 -10.14 2.32
N VAL A 75 2.00 -11.14 2.40
CA VAL A 75 2.13 -12.42 1.68
C VAL A 75 1.15 -12.57 0.52
N ILE A 76 0.03 -11.82 0.51
CA ILE A 76 -0.95 -11.75 -0.58
C ILE A 76 -0.33 -11.41 -1.93
N VAL A 77 0.67 -10.52 -1.98
CA VAL A 77 1.34 -10.13 -3.23
C VAL A 77 2.09 -11.27 -3.92
N GLY A 78 2.28 -12.43 -3.26
CA GLY A 78 2.48 -13.71 -3.93
C GLY A 78 1.22 -14.60 -3.88
N ILE A 79 0.72 -14.91 -2.67
CA ILE A 79 -0.21 -16.02 -2.44
C ILE A 79 -1.59 -15.81 -3.11
N LEU A 80 -2.09 -14.58 -3.22
CA LEU A 80 -3.27 -14.24 -4.04
C LEU A 80 -2.94 -14.18 -5.52
N GLU A 81 -1.85 -13.53 -5.89
CA GLU A 81 -1.44 -13.31 -7.28
C GLU A 81 -1.12 -14.62 -8.03
N GLU A 82 -0.71 -15.68 -7.32
CA GLU A 82 -0.61 -17.06 -7.81
C GLU A 82 -1.97 -17.71 -8.14
N LYS A 83 -3.03 -17.36 -7.40
CA LYS A 83 -4.26 -18.16 -7.23
C LYS A 83 -5.51 -17.47 -7.79
N ASN A 84 -5.46 -16.16 -7.94
CA ASN A 84 -6.35 -15.41 -8.83
C ASN A 84 -5.90 -15.66 -10.29
N PRO A 85 -6.79 -16.10 -11.21
CA PRO A 85 -6.39 -16.59 -12.54
C PRO A 85 -5.92 -15.52 -13.53
N GLU A 86 -6.14 -14.23 -13.24
CA GLU A 86 -5.64 -13.14 -14.08
C GLU A 86 -4.10 -13.02 -13.89
N PRO A 87 -3.27 -12.72 -14.92
CA PRO A 87 -1.83 -12.96 -14.84
C PRO A 87 -1.11 -12.23 -13.68
N PRO A 88 -0.22 -12.93 -12.94
CA PRO A 88 0.31 -12.46 -11.66
C PRO A 88 1.07 -11.14 -11.76
N LEU A 89 0.76 -10.24 -10.82
CA LEU A 89 1.53 -9.03 -10.54
C LEU A 89 2.67 -9.27 -9.51
N ALA A 90 2.85 -10.52 -9.07
CA ALA A 90 3.81 -10.93 -8.04
C ALA A 90 5.29 -10.76 -8.41
N THR A 91 5.63 -10.90 -9.70
CA THR A 91 7.03 -11.08 -10.13
C THR A 91 7.87 -9.82 -9.81
N PRO A 92 8.93 -9.91 -8.99
CA PRO A 92 9.76 -8.76 -8.65
C PRO A 92 10.66 -8.36 -9.84
N PRO A 93 10.62 -7.09 -10.29
CA PRO A 93 11.65 -6.53 -11.17
C PRO A 93 12.95 -6.26 -10.39
N GLU A 94 14.00 -5.80 -11.08
CA GLU A 94 15.25 -5.33 -10.45
C GLU A 94 15.04 -4.17 -9.47
N PHE A 95 14.02 -3.33 -9.69
CA PHE A 95 13.58 -2.27 -8.77
C PHE A 95 13.19 -2.77 -7.38
N ALA A 96 12.81 -4.05 -7.23
CA ALA A 96 12.52 -4.63 -5.91
C ALA A 96 13.76 -4.72 -4.99
N SER A 97 14.98 -4.72 -5.54
CA SER A 97 16.24 -4.62 -4.77
C SER A 97 16.44 -3.27 -4.07
N VAL A 98 15.64 -2.26 -4.43
CA VAL A 98 15.63 -0.93 -3.80
C VAL A 98 14.27 -0.64 -3.14
N GLY A 99 13.17 -1.07 -3.77
CA GLY A 99 11.81 -0.99 -3.21
C GLY A 99 11.59 -1.80 -1.93
N SER A 100 12.36 -2.87 -1.71
CA SER A 100 12.38 -3.60 -0.43
C SER A 100 13.03 -2.85 0.73
N LYS A 101 13.79 -1.77 0.47
CA LYS A 101 14.30 -0.81 1.47
C LYS A 101 13.29 0.31 1.74
N ILE A 102 12.67 0.80 0.66
CA ILE A 102 11.66 1.86 0.68
C ILE A 102 10.37 1.41 1.39
N PHE A 103 10.04 0.10 1.30
CA PHE A 103 8.87 -0.49 1.93
C PHE A 103 8.86 -0.34 3.47
N PRO A 104 9.88 -0.76 4.23
CA PRO A 104 9.99 -0.45 5.65
C PRO A 104 10.46 0.99 5.93
N SER A 105 11.27 1.65 5.08
CA SER A 105 11.83 2.97 5.43
C SER A 105 10.79 4.09 5.44
N PHE A 106 9.74 4.03 4.61
CA PHE A 106 8.55 4.88 4.78
C PHE A 106 7.71 4.53 6.02
N VAL A 107 7.60 3.25 6.41
CA VAL A 107 6.92 2.84 7.66
C VAL A 107 7.68 3.33 8.90
N LYS A 108 9.02 3.40 8.82
CA LYS A 108 9.90 3.99 9.84
C LYS A 108 9.72 5.51 9.93
N PHE A 109 9.67 6.20 8.79
CA PHE A 109 9.46 7.64 8.69
C PHE A 109 8.09 8.09 9.23
N LEU A 110 7.06 7.27 8.98
CA LEU A 110 5.71 7.38 9.58
C LEU A 110 5.62 6.93 11.06
N LYS A 111 6.74 6.76 11.76
CA LYS A 111 6.83 6.73 13.23
C LYS A 111 8.08 7.44 13.72
N SER A 112 8.03 8.76 13.57
CA SER A 112 9.10 9.77 13.59
C SER A 112 9.93 9.93 14.89
N LYS A 113 9.99 8.90 15.74
CA LYS A 113 10.91 8.78 16.89
C LYS A 113 12.36 8.59 16.41
N ASP A 114 12.53 7.92 15.28
CA ASP A 114 13.75 7.99 14.48
C ASP A 114 13.72 9.30 13.65
N PRO A 115 14.62 10.28 13.91
CA PRO A 115 14.40 11.66 13.47
C PRO A 115 14.21 11.82 11.96
N ASN A 116 13.13 12.50 11.59
CA ASN A 116 12.69 12.69 10.20
C ASN A 116 13.76 13.30 9.30
N ASP A 117 14.37 14.42 9.68
CA ASP A 117 15.38 15.12 8.87
C ASP A 117 16.64 14.28 8.55
N GLY A 118 16.97 13.31 9.42
CA GLY A 118 18.04 12.33 9.21
C GLY A 118 17.59 11.11 8.40
N THR A 119 16.38 10.61 8.66
CA THR A 119 15.72 9.56 7.85
C THR A 119 15.52 9.98 6.40
N GLU A 120 15.25 11.26 6.15
CA GLU A 120 15.03 11.83 4.82
C GLU A 120 16.25 11.71 3.90
N GLN A 121 17.47 11.72 4.45
CA GLN A 121 18.68 11.49 3.66
C GLN A 121 18.79 10.02 3.19
N ALA A 122 18.42 9.06 4.04
CA ALA A 122 18.32 7.65 3.67
C ALA A 122 17.20 7.39 2.65
N LEU A 123 16.04 8.04 2.79
CA LEU A 123 14.97 8.01 1.79
C LEU A 123 15.43 8.57 0.45
N LEU A 124 16.20 9.65 0.43
CA LEU A 124 16.70 10.25 -0.82
C LEU A 124 17.76 9.38 -1.51
N GLU A 125 18.65 8.70 -0.78
CA GLU A 125 19.57 7.72 -1.41
C GLU A 125 18.83 6.50 -1.97
N GLU A 126 17.84 5.97 -1.24
CA GLU A 126 16.98 4.87 -1.73
C GLU A 126 16.17 5.28 -2.97
N LEU A 127 15.52 6.45 -2.93
CA LEU A 127 14.70 6.94 -4.04
C LEU A 127 15.53 7.37 -5.26
N LYS A 128 16.74 7.90 -5.09
CA LYS A 128 17.64 8.21 -6.22
C LYS A 128 18.07 6.95 -6.97
N ALA A 129 18.42 5.89 -6.23
CA ALA A 129 18.79 4.60 -6.81
C ALA A 129 17.62 3.92 -7.56
N LEU A 130 16.38 4.13 -7.11
CA LEU A 130 15.17 3.66 -7.77
C LEU A 130 14.83 4.51 -9.02
N ASP A 131 14.65 5.81 -8.84
CA ASP A 131 14.09 6.73 -9.83
C ASP A 131 15.01 6.97 -11.04
N GLY A 132 16.34 6.90 -10.83
CA GLY A 132 17.33 7.01 -11.90
C GLY A 132 17.14 6.00 -13.03
N HIS A 133 16.61 4.82 -12.71
CA HIS A 133 16.26 3.78 -13.68
C HIS A 133 14.76 3.74 -14.01
N LEU A 134 13.85 4.16 -13.12
CA LEU A 134 12.41 4.24 -13.46
C LEU A 134 12.12 5.25 -14.58
N LYS A 135 12.90 6.34 -14.68
CA LYS A 135 12.83 7.28 -15.81
C LYS A 135 13.26 6.70 -17.17
N VAL A 136 13.85 5.50 -17.19
CA VAL A 136 14.15 4.73 -18.42
C VAL A 136 13.07 3.69 -18.71
N HIS A 137 12.59 2.97 -17.67
CA HIS A 137 11.58 1.92 -17.80
C HIS A 137 10.12 2.43 -17.87
N GLY A 138 9.87 3.69 -17.52
CA GLY A 138 8.71 4.47 -17.96
C GLY A 138 7.60 4.66 -16.91
N PRO A 139 6.44 3.97 -17.06
CA PRO A 139 5.14 4.46 -16.58
C PRO A 139 4.83 4.25 -15.09
N PHE A 140 5.42 3.26 -14.42
CA PHE A 140 4.99 2.79 -13.09
C PHE A 140 6.18 2.51 -12.17
N ILE A 141 5.98 2.41 -10.84
CA ILE A 141 7.08 2.37 -9.87
C ILE A 141 7.77 0.99 -9.77
N ALA A 142 7.27 -0.02 -10.47
CA ALA A 142 7.96 -1.26 -10.80
C ALA A 142 8.61 -1.29 -12.22
N GLY A 143 8.41 -0.26 -13.05
CA GLY A 143 8.85 -0.21 -14.45
C GLY A 143 7.68 -0.16 -15.44
N GLU A 144 7.67 -1.07 -16.42
CA GLU A 144 6.77 -1.07 -17.59
C GLU A 144 5.29 -1.34 -17.24
N LYS A 145 5.03 -1.95 -16.07
CA LYS A 145 3.71 -2.40 -15.61
C LYS A 145 3.62 -2.21 -14.09
N ILE A 146 2.40 -1.98 -13.60
CA ILE A 146 2.08 -2.11 -12.17
C ILE A 146 2.33 -3.56 -11.71
N THR A 147 3.33 -3.76 -10.87
CA THR A 147 3.68 -5.07 -10.27
C THR A 147 4.13 -4.89 -8.81
N ALA A 148 4.86 -5.85 -8.25
CA ALA A 148 5.14 -5.97 -6.81
C ALA A 148 5.70 -4.71 -6.12
N VAL A 149 6.38 -3.80 -6.84
CA VAL A 149 6.88 -2.53 -6.28
C VAL A 149 5.76 -1.48 -6.12
N ASP A 150 4.85 -1.36 -7.10
CA ASP A 150 3.61 -0.59 -6.96
C ASP A 150 2.72 -1.13 -5.84
N LEU A 151 2.56 -2.46 -5.80
CA LEU A 151 1.81 -3.13 -4.74
C LEU A 151 2.44 -2.92 -3.35
N SER A 152 3.74 -2.62 -3.28
CA SER A 152 4.49 -2.36 -2.04
C SER A 152 4.41 -0.90 -1.59
N LEU A 153 4.56 0.04 -2.53
CA LEU A 153 4.90 1.44 -2.25
C LEU A 153 3.78 2.43 -2.54
N ALA A 154 2.92 2.21 -3.54
CA ALA A 154 1.93 3.20 -3.98
C ALA A 154 0.99 3.70 -2.87
N PRO A 155 0.40 2.84 -2.01
CA PRO A 155 -0.42 3.33 -0.90
C PRO A 155 0.40 3.95 0.25
N LYS A 156 1.69 3.60 0.40
CA LYS A 156 2.58 4.28 1.35
C LYS A 156 2.91 5.71 0.90
N LEU A 157 3.05 5.94 -0.41
CA LEU A 157 3.22 7.28 -0.97
C LEU A 157 1.96 8.16 -0.82
N TYR A 158 0.76 7.58 -0.93
CA TYR A 158 -0.48 8.31 -0.63
C TYR A 158 -0.61 8.66 0.87
N HIS A 159 -0.33 7.68 1.73
CA HIS A 159 -0.28 7.87 3.18
C HIS A 159 0.83 8.86 3.61
N LEU A 160 1.88 9.04 2.81
CA LEU A 160 2.94 10.01 3.05
C LEU A 160 2.52 11.45 2.70
N GLU A 161 2.01 11.69 1.47
CA GLU A 161 1.56 13.02 1.03
C GLU A 161 0.40 13.55 1.88
N VAL A 162 -0.48 12.67 2.35
CA VAL A 162 -1.62 13.04 3.22
C VAL A 162 -1.26 13.08 4.72
N ALA A 163 -0.85 11.95 5.31
CA ALA A 163 -0.81 11.82 6.77
C ALA A 163 0.33 12.64 7.39
N LEU A 164 1.55 12.45 6.91
CA LEU A 164 2.71 13.24 7.35
C LEU A 164 2.63 14.69 6.85
N GLY A 165 1.95 14.93 5.73
CA GLY A 165 1.69 16.27 5.18
C GLY A 165 0.99 17.24 6.12
N HIS A 166 0.20 16.73 7.08
CA HIS A 166 -0.43 17.52 8.15
C HIS A 166 0.56 18.16 9.15
N PHE A 167 1.80 17.67 9.23
CA PHE A 167 2.83 18.17 10.16
C PHE A 167 4.16 18.55 9.46
N LYS A 168 4.53 17.83 8.40
CA LYS A 168 5.66 18.14 7.51
C LYS A 168 5.37 17.55 6.12
N ASN A 169 4.87 18.38 5.21
CA ASN A 169 4.77 18.05 3.79
C ASN A 169 6.16 17.98 3.14
N TRP A 170 6.82 16.83 3.31
CA TRP A 170 8.18 16.57 2.86
C TRP A 170 8.23 16.41 1.32
N PRO A 171 8.98 17.25 0.60
CA PRO A 171 9.06 17.17 -0.85
C PRO A 171 9.90 15.96 -1.29
N ILE A 172 9.33 15.15 -2.19
CA ILE A 172 10.05 14.28 -3.12
C ILE A 172 10.60 15.18 -4.25
N PRO A 173 11.90 15.53 -4.28
CA PRO A 173 12.39 16.64 -5.11
C PRO A 173 12.33 16.32 -6.61
N ASP A 174 12.39 17.34 -7.46
CA ASP A 174 12.16 17.28 -8.91
C ASP A 174 13.11 16.34 -9.68
N ASN A 175 14.31 16.09 -9.14
CA ASN A 175 15.25 15.09 -9.66
C ASN A 175 14.70 13.65 -9.60
N LEU A 176 13.76 13.36 -8.70
CA LEU A 176 13.02 12.10 -8.59
C LEU A 176 11.81 12.07 -9.55
N THR A 177 12.08 12.36 -10.81
CA THR A 177 11.10 12.88 -11.78
C THR A 177 10.05 11.84 -12.20
N HIS A 178 10.32 10.54 -12.10
CA HIS A 178 9.24 9.54 -12.17
C HIS A 178 8.43 9.56 -10.87
N VAL A 179 9.07 9.42 -9.70
CA VAL A 179 8.35 9.24 -8.42
C VAL A 179 7.46 10.45 -8.08
N LEU A 180 7.90 11.68 -8.38
CA LEU A 180 7.10 12.89 -8.19
C LEU A 180 5.86 12.97 -9.12
N ASN A 181 5.97 12.47 -10.36
CA ASN A 181 4.82 12.29 -11.26
C ASN A 181 3.94 11.10 -10.86
N TYR A 182 4.52 10.04 -10.30
CA TYR A 182 3.82 8.86 -9.81
C TYR A 182 2.89 9.16 -8.62
N ILE A 183 3.23 10.17 -7.81
CA ILE A 183 2.29 10.75 -6.82
C ILE A 183 0.97 11.18 -7.47
N LYS A 184 1.03 11.75 -8.68
CA LYS A 184 -0.15 12.24 -9.41
C LYS A 184 -0.87 11.12 -10.17
N LEU A 185 -0.23 9.96 -10.35
CA LEU A 185 -0.91 8.70 -10.71
C LEU A 185 -1.72 8.09 -9.56
N LEU A 186 -1.47 8.42 -8.29
CA LEU A 186 -2.22 7.88 -7.14
C LEU A 186 -3.72 8.24 -7.18
N PHE A 187 -4.08 9.34 -7.86
CA PHE A 187 -5.45 9.80 -8.06
C PHE A 187 -6.14 9.12 -9.27
N SER A 188 -5.46 8.18 -9.93
CA SER A 188 -5.80 7.73 -11.29
C SER A 188 -6.09 6.22 -11.41
N ARG A 189 -6.46 5.77 -12.63
CA ARG A 189 -6.98 4.42 -12.93
C ARG A 189 -8.22 4.12 -12.07
N GLU A 190 -8.56 2.85 -11.94
CA GLU A 190 -9.35 2.29 -10.84
C GLU A 190 -8.41 1.92 -9.70
N SER A 191 -7.25 1.40 -10.08
CA SER A 191 -6.22 0.73 -9.29
C SER A 191 -5.75 1.56 -8.10
N PHE A 192 -5.36 2.82 -8.33
CA PHE A 192 -4.97 3.73 -7.25
C PHE A 192 -6.14 4.55 -6.72
N LYS A 193 -6.98 5.08 -7.62
CA LYS A 193 -8.11 5.98 -7.29
C LYS A 193 -9.14 5.37 -6.33
N LYS A 194 -9.39 4.06 -6.37
CA LYS A 194 -10.28 3.36 -5.41
C LYS A 194 -9.61 3.10 -4.05
N THR A 195 -8.29 3.10 -3.99
CA THR A 195 -7.50 2.97 -2.75
C THR A 195 -7.20 4.31 -2.09
N ARG A 196 -7.38 5.42 -2.82
CA ARG A 196 -7.47 6.79 -2.25
C ARG A 196 -8.56 6.81 -1.17
N ALA A 197 -8.24 7.40 -0.02
CA ALA A 197 -9.07 7.36 1.18
C ALA A 197 -9.32 8.77 1.72
N ALA A 198 -10.47 8.99 2.36
CA ALA A 198 -10.85 10.25 3.00
C ALA A 198 -9.77 10.71 4.02
N GLU A 199 -9.30 11.94 3.79
CA GLU A 199 -7.90 12.35 4.00
C GLU A 199 -7.61 12.72 5.47
N GLU A 200 -8.61 13.31 6.12
CA GLU A 200 -8.72 13.43 7.58
C GLU A 200 -8.70 12.06 8.30
N HIS A 201 -9.33 11.03 7.73
CA HIS A 201 -9.30 9.67 8.26
C HIS A 201 -8.02 8.89 7.93
N VAL A 202 -7.13 9.37 7.04
CA VAL A 202 -5.75 8.89 6.97
C VAL A 202 -4.94 9.47 8.14
N ILE A 203 -5.04 10.79 8.36
CA ILE A 203 -4.30 11.51 9.42
C ILE A 203 -4.70 11.01 10.83
N ALA A 204 -6.00 11.03 11.14
CA ALA A 204 -6.50 10.72 12.48
C ALA A 204 -6.31 9.25 12.87
N GLY A 205 -6.38 8.31 11.91
CA GLY A 205 -6.07 6.91 12.18
C GLY A 205 -4.56 6.64 12.32
N TRP A 206 -3.71 7.48 11.74
CA TRP A 206 -2.25 7.41 11.84
C TRP A 206 -1.67 8.02 13.11
N GLU A 207 -2.32 8.99 13.76
CA GLU A 207 -1.80 9.66 14.97
C GLU A 207 -1.26 8.72 16.08
N PRO A 208 -2.01 7.70 16.55
CA PRO A 208 -1.47 6.74 17.53
C PRO A 208 -0.33 5.87 16.98
N LYS A 209 -0.21 5.73 15.66
CA LYS A 209 0.84 4.98 14.95
C LYS A 209 2.13 5.77 14.68
N VAL A 210 2.16 7.05 15.08
CA VAL A 210 3.44 7.73 15.42
C VAL A 210 4.12 7.04 16.61
N ASN A 211 3.35 6.31 17.44
CA ASN A 211 3.90 5.45 18.50
C ASN A 211 4.07 3.96 18.16
N ALA A 212 3.33 3.42 17.19
CA ALA A 212 3.27 1.99 16.83
C ALA A 212 3.84 1.68 15.42
N MET A 1 -17.93 -17.69 -1.55
CA MET A 1 -17.66 -18.04 -2.96
C MET A 1 -17.16 -16.79 -3.68
N ALA A 2 -16.40 -16.95 -4.76
CA ALA A 2 -15.65 -15.86 -5.40
C ALA A 2 -14.73 -15.10 -4.41
N LEU A 3 -14.21 -13.92 -4.79
CA LEU A 3 -13.34 -13.11 -3.94
C LEU A 3 -14.13 -12.40 -2.83
N GLU A 4 -13.78 -12.68 -1.58
CA GLU A 4 -14.26 -11.95 -0.39
C GLU A 4 -13.04 -11.46 0.42
N ILE A 5 -12.92 -10.13 0.56
CA ILE A 5 -11.74 -9.45 1.11
C ILE A 5 -12.09 -8.92 2.49
N CYS A 6 -11.27 -9.21 3.50
CA CYS A 6 -11.41 -8.67 4.85
C CYS A 6 -10.23 -7.75 5.14
N VAL A 7 -10.48 -6.47 5.34
CA VAL A 7 -9.47 -5.39 5.27
C VAL A 7 -9.60 -4.48 6.49
N LYS A 8 -8.48 -3.99 7.05
CA LYS A 8 -8.53 -2.94 8.07
C LYS A 8 -9.14 -1.65 7.47
N ALA A 9 -10.16 -1.12 8.15
CA ALA A 9 -10.77 0.18 7.90
C ALA A 9 -10.01 1.31 8.59
N ALA A 10 -10.43 2.56 8.36
CA ALA A 10 -10.06 3.70 9.17
C ALA A 10 -10.37 3.48 10.66
N VAL A 11 -9.47 3.92 11.54
CA VAL A 11 -9.75 3.97 12.99
C VAL A 11 -11.02 4.79 13.25
N GLY A 12 -12.00 4.19 13.93
CA GLY A 12 -13.30 4.78 14.25
C GLY A 12 -14.34 4.78 13.13
N ALA A 13 -13.96 4.51 11.87
CA ALA A 13 -14.86 4.66 10.72
C ALA A 13 -14.82 3.41 9.80
N PRO A 14 -15.56 2.33 10.14
CA PRO A 14 -15.55 1.06 9.41
C PRO A 14 -16.06 1.11 7.96
N ASN A 15 -16.64 2.24 7.52
CA ASN A 15 -17.15 2.41 6.15
C ASN A 15 -16.04 2.74 5.12
N ILE A 16 -14.82 3.07 5.55
CA ILE A 16 -13.76 3.66 4.70
C ILE A 16 -12.37 3.11 5.06
N LEU A 17 -11.38 3.27 4.16
CA LEU A 17 -10.01 2.75 4.33
C LEU A 17 -9.14 3.56 5.30
N GLY A 18 -9.18 4.89 5.22
CA GLY A 18 -8.34 5.80 6.01
C GLY A 18 -6.86 5.42 6.06
N ASP A 19 -6.37 5.20 7.27
CA ASP A 19 -4.95 5.01 7.64
C ASP A 19 -4.25 3.73 7.11
N SER A 20 -4.82 2.97 6.14
CA SER A 20 -4.51 1.56 5.97
C SER A 20 -3.84 1.31 4.64
N PRO A 21 -2.52 1.59 4.42
CA PRO A 21 -1.80 1.30 3.19
C PRO A 21 -1.55 -0.19 2.95
N PHE A 22 -1.53 -0.97 4.04
CA PHE A 22 -1.52 -2.44 4.00
C PHE A 22 -2.83 -3.02 3.42
N CYS A 23 -4.04 -2.49 3.80
CA CYS A 23 -5.31 -2.83 3.17
C CYS A 23 -5.31 -2.42 1.70
N GLN A 24 -4.80 -1.23 1.40
CA GLN A 24 -4.78 -0.68 0.04
C GLN A 24 -3.87 -1.49 -0.92
N ARG A 25 -2.88 -2.26 -0.44
CA ARG A 25 -2.11 -3.24 -1.27
C ARG A 25 -3.02 -4.26 -1.96
N VAL A 26 -3.94 -4.84 -1.18
CA VAL A 26 -4.79 -5.97 -1.58
C VAL A 26 -5.83 -5.55 -2.60
N LEU A 27 -6.42 -4.38 -2.39
CA LEU A 27 -7.38 -3.78 -3.32
C LEU A 27 -6.71 -3.30 -4.61
N LEU A 28 -5.48 -2.78 -4.53
CA LEU A 28 -4.69 -2.32 -5.67
C LEU A 28 -4.37 -3.44 -6.68
N SER A 29 -4.01 -4.66 -6.25
CA SER A 29 -3.69 -5.73 -7.23
C SER A 29 -4.92 -6.22 -7.98
N LEU A 30 -6.05 -6.36 -7.29
CA LEU A 30 -7.32 -6.80 -7.88
C LEU A 30 -8.01 -5.72 -8.71
N GLU A 31 -7.90 -4.44 -8.33
CA GLU A 31 -8.34 -3.31 -9.15
C GLU A 31 -7.39 -2.97 -10.31
N GLU A 32 -6.13 -3.40 -10.27
CA GLU A 32 -5.31 -3.41 -11.48
C GLU A 32 -5.65 -4.57 -12.43
N LYS A 33 -6.00 -5.73 -11.89
CA LYS A 33 -6.60 -6.85 -12.63
C LYS A 33 -8.08 -6.63 -13.01
N LYS A 34 -8.69 -5.51 -12.61
CA LYS A 34 -10.10 -5.12 -12.85
C LYS A 34 -11.16 -6.07 -12.27
N ILE A 35 -10.78 -7.00 -11.39
CA ILE A 35 -11.67 -8.06 -10.90
C ILE A 35 -12.58 -7.50 -9.78
N PRO A 36 -13.91 -7.69 -9.83
CA PRO A 36 -14.80 -7.34 -8.73
C PRO A 36 -14.65 -8.31 -7.54
N TYR A 37 -14.87 -7.79 -6.32
CA TYR A 37 -14.74 -8.51 -5.06
C TYR A 37 -15.75 -8.00 -4.02
N LYS A 38 -16.07 -8.83 -3.03
CA LYS A 38 -16.90 -8.48 -1.88
C LYS A 38 -16.02 -7.96 -0.73
N SER A 39 -15.91 -6.63 -0.60
CA SER A 39 -15.08 -6.00 0.43
C SER A 39 -15.77 -5.94 1.80
N HIS A 40 -15.02 -6.22 2.86
CA HIS A 40 -15.40 -6.06 4.26
C HIS A 40 -14.32 -5.30 5.03
N LEU A 41 -14.50 -3.98 5.10
CA LEU A 41 -13.73 -3.06 5.93
C LEU A 41 -14.04 -3.26 7.42
N ILE A 42 -13.00 -3.33 8.26
CA ILE A 42 -13.07 -3.73 9.68
C ILE A 42 -12.36 -2.68 10.55
N ASN A 43 -13.09 -2.05 11.47
CA ASN A 43 -12.55 -1.13 12.47
C ASN A 43 -12.23 -1.90 13.77
N LEU A 44 -10.95 -2.13 14.06
CA LEU A 44 -10.44 -2.67 15.34
C LEU A 44 -11.08 -4.01 15.80
N GLY A 45 -11.69 -4.77 14.89
CA GLY A 45 -12.41 -6.01 15.22
C GLY A 45 -13.92 -5.87 15.40
N ASP A 46 -14.55 -4.86 14.76
CA ASP A 46 -16.02 -4.69 14.74
C ASP A 46 -16.81 -5.81 14.00
N LYS A 47 -16.15 -6.91 13.61
CA LYS A 47 -16.73 -8.05 12.87
C LYS A 47 -16.14 -9.36 13.43
N PRO A 48 -16.95 -10.45 13.51
CA PRO A 48 -16.57 -11.68 14.20
C PRO A 48 -15.39 -12.41 13.54
N GLN A 49 -14.94 -13.50 14.17
CA GLN A 49 -13.75 -14.25 13.78
C GLN A 49 -13.77 -14.80 12.33
N TRP A 50 -14.96 -14.93 11.72
CA TRP A 50 -15.20 -15.24 10.30
C TRP A 50 -14.59 -14.27 9.27
N PHE A 51 -14.15 -13.10 9.74
CA PHE A 51 -13.50 -12.04 8.99
C PHE A 51 -12.00 -11.86 9.35
N LEU A 52 -11.47 -12.64 10.29
CA LEU A 52 -10.14 -12.52 10.92
C LEU A 52 -9.33 -13.83 10.87
N GLU A 53 -9.99 -14.97 11.06
CA GLU A 53 -9.46 -16.36 11.07
C GLU A 53 -8.79 -16.80 9.76
N ILE A 54 -8.99 -16.01 8.71
CA ILE A 54 -8.42 -16.14 7.37
C ILE A 54 -6.87 -15.97 7.38
N SER A 55 -6.33 -15.32 8.41
CA SER A 55 -4.92 -15.49 8.81
C SER A 55 -4.81 -16.31 10.10
N PRO A 56 -3.74 -17.12 10.28
CA PRO A 56 -3.52 -17.89 11.52
C PRO A 56 -3.22 -17.01 12.75
N GLU A 57 -2.95 -15.72 12.56
CA GLU A 57 -2.67 -14.76 13.63
C GLU A 57 -3.87 -13.83 13.93
N GLY A 58 -5.04 -14.07 13.33
CA GLY A 58 -6.27 -13.28 13.56
C GLY A 58 -6.24 -11.85 13.01
N LYS A 59 -5.25 -11.55 12.14
CA LYS A 59 -5.06 -10.26 11.48
C LYS A 59 -6.06 -10.04 10.34
N VAL A 60 -6.14 -8.76 9.97
CA VAL A 60 -6.55 -8.26 8.65
C VAL A 60 -5.60 -7.12 8.25
N PRO A 61 -5.33 -6.85 6.96
CA PRO A 61 -5.99 -7.35 5.74
C PRO A 61 -5.60 -8.78 5.29
N VAL A 62 -6.59 -9.48 4.69
CA VAL A 62 -6.57 -10.90 4.27
C VAL A 62 -7.62 -11.14 3.16
N VAL A 63 -7.60 -12.31 2.49
CA VAL A 63 -8.59 -12.66 1.44
C VAL A 63 -9.07 -14.11 1.48
N LYS A 64 -10.31 -14.32 1.03
CA LYS A 64 -10.87 -15.62 0.65
C LYS A 64 -10.90 -15.71 -0.88
N ILE A 65 -10.29 -16.74 -1.45
CA ILE A 65 -10.22 -17.00 -2.89
C ILE A 65 -11.17 -18.15 -3.23
N ASP A 66 -12.44 -17.80 -3.43
CA ASP A 66 -13.55 -18.75 -3.44
C ASP A 66 -13.62 -19.57 -2.13
N ASP A 67 -13.74 -18.84 -1.02
CA ASP A 67 -13.74 -19.31 0.38
C ASP A 67 -12.45 -19.96 0.90
N LYS A 68 -11.45 -20.20 0.06
CA LYS A 68 -10.12 -20.70 0.43
C LYS A 68 -9.26 -19.56 0.99
N TRP A 69 -8.82 -19.66 2.25
CA TRP A 69 -8.17 -18.58 2.99
C TRP A 69 -6.74 -18.25 2.48
N VAL A 70 -6.38 -16.97 2.57
CA VAL A 70 -5.01 -16.44 2.39
C VAL A 70 -4.78 -15.28 3.37
N ALA A 71 -3.66 -15.35 4.10
CA ALA A 71 -3.26 -14.44 5.18
C ALA A 71 -2.77 -13.05 4.69
N ASP A 72 -1.95 -12.36 5.49
CA ASP A 72 -1.66 -10.92 5.43
C ASP A 72 -1.40 -10.35 4.02
N SER A 73 -1.69 -9.04 3.85
CA SER A 73 -1.39 -8.27 2.62
C SER A 73 0.05 -8.37 2.11
N ASP A 74 1.01 -8.65 2.99
CA ASP A 74 2.44 -8.75 2.63
C ASP A 74 2.88 -10.14 2.15
N VAL A 75 2.05 -11.18 2.33
CA VAL A 75 2.19 -12.47 1.62
C VAL A 75 1.17 -12.65 0.49
N ILE A 76 0.06 -11.89 0.50
CA ILE A 76 -0.92 -11.81 -0.59
C ILE A 76 -0.29 -11.46 -1.94
N VAL A 77 0.71 -10.57 -1.96
CA VAL A 77 1.40 -10.17 -3.21
C VAL A 77 2.18 -11.31 -3.89
N GLY A 78 2.31 -12.48 -3.25
CA GLY A 78 2.56 -13.75 -3.93
C GLY A 78 1.34 -14.68 -3.92
N ILE A 79 0.77 -14.98 -2.75
CA ILE A 79 -0.17 -16.11 -2.58
C ILE A 79 -1.56 -15.86 -3.17
N LEU A 80 -2.04 -14.60 -3.21
CA LEU A 80 -3.24 -14.25 -4.00
C LEU A 80 -2.92 -14.25 -5.49
N GLU A 81 -1.79 -13.67 -5.87
CA GLU A 81 -1.40 -13.51 -7.27
C GLU A 81 -1.07 -14.83 -7.99
N GLU A 82 -0.64 -15.86 -7.25
CA GLU A 82 -0.54 -17.26 -7.67
C GLU A 82 -1.91 -17.92 -7.94
N LYS A 83 -2.87 -17.72 -7.02
CA LYS A 83 -4.14 -18.46 -6.97
C LYS A 83 -5.28 -17.77 -7.70
N ASN A 84 -5.10 -16.51 -8.05
CA ASN A 84 -6.01 -15.71 -8.85
C ASN A 84 -5.72 -15.90 -10.35
N PRO A 85 -6.73 -16.14 -11.22
CA PRO A 85 -6.50 -16.59 -12.60
C PRO A 85 -5.95 -15.51 -13.56
N GLU A 86 -5.99 -14.22 -13.20
CA GLU A 86 -5.37 -13.18 -14.02
C GLU A 86 -3.84 -13.16 -13.84
N PRO A 87 -3.03 -12.87 -14.89
CA PRO A 87 -1.57 -13.03 -14.83
C PRO A 87 -0.89 -12.25 -13.69
N PRO A 88 -0.02 -12.90 -12.89
CA PRO A 88 0.45 -12.38 -11.62
C PRO A 88 1.21 -11.05 -11.74
N LEU A 89 0.86 -10.13 -10.85
CA LEU A 89 1.60 -8.90 -10.55
C LEU A 89 2.77 -9.15 -9.57
N ALA A 90 2.95 -10.40 -9.12
CA ALA A 90 3.93 -10.81 -8.10
C ALA A 90 5.40 -10.70 -8.53
N THR A 91 5.68 -10.79 -9.83
CA THR A 91 7.07 -10.92 -10.33
C THR A 91 7.86 -9.62 -10.03
N PRO A 92 8.98 -9.67 -9.30
CA PRO A 92 9.76 -8.48 -8.98
C PRO A 92 10.59 -8.01 -10.19
N PRO A 93 10.59 -6.70 -10.53
CA PRO A 93 11.63 -6.10 -11.37
C PRO A 93 12.94 -5.94 -10.58
N GLU A 94 14.00 -5.50 -11.25
CA GLU A 94 15.27 -5.11 -10.60
C GLU A 94 15.11 -4.02 -9.53
N PHE A 95 14.14 -3.12 -9.72
CA PHE A 95 13.79 -2.04 -8.78
C PHE A 95 13.29 -2.55 -7.41
N ALA A 96 12.88 -3.81 -7.30
CA ALA A 96 12.54 -4.44 -6.01
C ALA A 96 13.75 -4.58 -5.06
N SER A 97 14.99 -4.56 -5.59
CA SER A 97 16.24 -4.45 -4.80
C SER A 97 16.38 -3.12 -4.04
N VAL A 98 15.54 -2.14 -4.37
CA VAL A 98 15.48 -0.83 -3.71
C VAL A 98 14.11 -0.58 -3.07
N GLY A 99 13.02 -1.03 -3.72
CA GLY A 99 11.66 -0.98 -3.17
C GLY A 99 11.45 -1.81 -1.89
N SER A 100 12.24 -2.87 -1.71
CA SER A 100 12.31 -3.65 -0.45
C SER A 100 12.95 -2.90 0.72
N LYS A 101 13.73 -1.84 0.46
CA LYS A 101 14.22 -0.88 1.48
C LYS A 101 13.17 0.20 1.77
N ILE A 102 12.56 0.71 0.70
CA ILE A 102 11.59 1.81 0.76
C ILE A 102 10.30 1.40 1.49
N PHE A 103 9.88 0.13 1.36
CA PHE A 103 8.68 -0.38 2.00
C PHE A 103 8.70 -0.28 3.55
N PRO A 104 9.74 -0.77 4.27
CA PRO A 104 9.89 -0.51 5.70
C PRO A 104 10.44 0.88 6.03
N SER A 105 11.26 1.52 5.18
CA SER A 105 11.83 2.84 5.52
C SER A 105 10.77 3.96 5.52
N PHE A 106 9.71 3.84 4.72
CA PHE A 106 8.49 4.64 4.85
C PHE A 106 7.69 4.35 6.13
N VAL A 107 7.58 3.09 6.57
CA VAL A 107 6.92 2.75 7.86
C VAL A 107 7.66 3.38 9.04
N LYS A 108 9.00 3.36 8.99
CA LYS A 108 9.88 4.00 9.99
C LYS A 108 9.76 5.53 9.97
N PHE A 109 9.70 6.14 8.79
CA PHE A 109 9.55 7.59 8.61
C PHE A 109 8.19 8.11 9.10
N LEU A 110 7.14 7.31 8.91
CA LEU A 110 5.81 7.47 9.49
C LEU A 110 5.72 7.05 10.97
N LYS A 111 6.85 6.76 11.63
CA LYS A 111 6.97 6.40 13.04
C LYS A 111 8.05 7.25 13.71
N SER A 112 7.86 8.56 13.58
CA SER A 112 8.86 9.66 13.55
C SER A 112 9.67 9.91 14.84
N LYS A 113 9.86 8.88 15.66
CA LYS A 113 10.85 8.82 16.75
C LYS A 113 12.25 8.45 16.23
N ASP A 114 12.36 7.81 15.06
CA ASP A 114 13.54 7.96 14.20
C ASP A 114 13.55 9.42 13.67
N PRO A 115 14.60 10.23 13.89
CA PRO A 115 14.55 11.66 13.56
C PRO A 115 14.35 11.90 12.05
N ASN A 116 13.18 12.40 11.68
CA ASN A 116 12.76 12.58 10.28
C ASN A 116 13.78 13.30 9.38
N ASP A 117 14.39 14.39 9.85
CA ASP A 117 15.40 15.14 9.07
C ASP A 117 16.69 14.33 8.78
N GLY A 118 16.95 13.27 9.55
CA GLY A 118 17.97 12.26 9.26
C GLY A 118 17.44 11.07 8.45
N THR A 119 16.22 10.62 8.72
CA THR A 119 15.52 9.57 7.95
C THR A 119 15.39 9.93 6.48
N GLU A 120 15.06 11.20 6.19
CA GLU A 120 14.86 11.76 4.85
C GLU A 120 16.11 11.71 3.97
N GLN A 121 17.30 11.80 4.57
CA GLN A 121 18.57 11.66 3.83
C GLN A 121 18.75 10.22 3.32
N ALA A 122 18.42 9.22 4.13
CA ALA A 122 18.39 7.82 3.70
C ALA A 122 17.28 7.54 2.68
N LEU A 123 16.11 8.16 2.80
CA LEU A 123 15.05 8.07 1.79
C LEU A 123 15.46 8.68 0.45
N LEU A 124 16.24 9.76 0.42
CA LEU A 124 16.77 10.32 -0.82
C LEU A 124 17.81 9.39 -1.48
N GLU A 125 18.68 8.72 -0.72
CA GLU A 125 19.59 7.71 -1.29
C GLU A 125 18.85 6.48 -1.85
N GLU A 126 17.82 6.00 -1.16
CA GLU A 126 16.95 4.93 -1.65
C GLU A 126 16.16 5.35 -2.90
N LEU A 127 15.48 6.49 -2.87
CA LEU A 127 14.67 6.95 -3.99
C LEU A 127 15.49 7.38 -5.21
N LYS A 128 16.72 7.90 -5.05
CA LYS A 128 17.61 8.19 -6.20
C LYS A 128 18.00 6.91 -6.95
N ALA A 129 18.35 5.84 -6.23
CA ALA A 129 18.71 4.56 -6.81
C ALA A 129 17.54 3.88 -7.54
N LEU A 130 16.31 4.09 -7.06
CA LEU A 130 15.08 3.64 -7.71
C LEU A 130 14.73 4.49 -8.97
N ASP A 131 14.59 5.80 -8.77
CA ASP A 131 14.05 6.75 -9.75
C ASP A 131 14.95 6.95 -10.98
N GLY A 132 16.27 6.87 -10.78
CA GLY A 132 17.26 7.03 -11.84
C GLY A 132 17.08 6.07 -13.02
N HIS A 133 16.56 4.86 -12.75
CA HIS A 133 16.25 3.87 -13.79
C HIS A 133 14.76 3.75 -14.12
N LEU A 134 13.82 4.12 -13.22
CA LEU A 134 12.39 4.19 -13.56
C LEU A 134 12.08 5.25 -14.64
N LYS A 135 12.83 6.37 -14.64
CA LYS A 135 12.77 7.38 -15.72
C LYS A 135 13.21 6.86 -17.11
N VAL A 136 13.85 5.69 -17.17
CA VAL A 136 14.22 5.01 -18.43
C VAL A 136 13.19 3.92 -18.81
N HIS A 137 12.55 3.28 -17.82
CA HIS A 137 11.64 2.14 -18.03
C HIS A 137 10.14 2.50 -18.07
N GLY A 138 9.76 3.73 -17.69
CA GLY A 138 8.52 4.36 -18.15
C GLY A 138 7.47 4.63 -17.05
N PRO A 139 6.23 4.11 -17.21
CA PRO A 139 5.02 4.70 -16.61
C PRO A 139 4.75 4.39 -15.13
N PHE A 140 5.32 3.34 -14.55
CA PHE A 140 4.93 2.82 -13.23
C PHE A 140 6.13 2.58 -12.31
N ILE A 141 5.91 2.51 -10.99
CA ILE A 141 7.03 2.44 -10.02
C ILE A 141 7.70 1.06 -9.94
N ALA A 142 7.20 0.09 -10.72
CA ALA A 142 7.89 -1.15 -11.08
C ALA A 142 8.43 -1.21 -12.52
N GLY A 143 8.25 -0.18 -13.36
CA GLY A 143 8.69 -0.15 -14.76
C GLY A 143 7.53 -0.01 -15.75
N GLU A 144 7.47 -0.92 -16.74
CA GLU A 144 6.52 -0.91 -17.86
C GLU A 144 5.07 -1.26 -17.44
N LYS A 145 4.91 -2.01 -16.36
CA LYS A 145 3.64 -2.48 -15.80
C LYS A 145 3.59 -2.20 -14.30
N ILE A 146 2.38 -2.01 -13.78
CA ILE A 146 2.09 -2.08 -12.34
C ILE A 146 2.38 -3.50 -11.84
N THR A 147 3.39 -3.67 -10.98
CA THR A 147 3.74 -4.96 -10.37
C THR A 147 4.17 -4.79 -8.91
N ALA A 148 4.91 -5.74 -8.33
CA ALA A 148 5.14 -5.86 -6.90
C ALA A 148 5.72 -4.60 -6.20
N VAL A 149 6.40 -3.70 -6.93
CA VAL A 149 6.89 -2.42 -6.37
C VAL A 149 5.76 -1.38 -6.23
N ASP A 150 4.83 -1.28 -7.19
CA ASP A 150 3.58 -0.53 -7.04
C ASP A 150 2.71 -1.06 -5.90
N LEU A 151 2.55 -2.40 -5.86
CA LEU A 151 1.80 -3.07 -4.78
C LEU A 151 2.43 -2.82 -3.40
N SER A 152 3.73 -2.55 -3.34
CA SER A 152 4.45 -2.20 -2.11
C SER A 152 4.31 -0.72 -1.75
N LEU A 153 4.66 0.17 -2.68
CA LEU A 153 4.96 1.57 -2.38
C LEU A 153 3.80 2.54 -2.63
N ALA A 154 2.94 2.29 -3.62
CA ALA A 154 1.91 3.24 -4.03
C ALA A 154 0.95 3.69 -2.89
N PRO A 155 0.37 2.79 -2.07
CA PRO A 155 -0.48 3.22 -0.98
C PRO A 155 0.30 3.86 0.19
N LYS A 156 1.58 3.49 0.38
CA LYS A 156 2.46 4.15 1.36
C LYS A 156 2.83 5.58 0.93
N LEU A 157 3.00 5.84 -0.36
CA LEU A 157 3.17 7.19 -0.92
C LEU A 157 1.90 8.05 -0.76
N TYR A 158 0.71 7.48 -0.94
CA TYR A 158 -0.55 8.20 -0.69
C TYR A 158 -0.72 8.57 0.79
N HIS A 159 -0.45 7.60 1.67
CA HIS A 159 -0.44 7.81 3.11
C HIS A 159 0.63 8.83 3.54
N LEU A 160 1.73 8.99 2.79
CA LEU A 160 2.79 9.96 3.07
C LEU A 160 2.45 11.40 2.65
N GLU A 161 1.93 11.61 1.42
CA GLU A 161 1.49 12.93 0.95
C GLU A 161 0.35 13.50 1.81
N VAL A 162 -0.50 12.62 2.36
CA VAL A 162 -1.64 13.01 3.21
C VAL A 162 -1.29 13.08 4.70
N ALA A 163 -0.88 11.96 5.32
CA ALA A 163 -0.84 11.85 6.78
C ALA A 163 0.32 12.64 7.41
N LEU A 164 1.54 12.45 6.90
CA LEU A 164 2.69 13.27 7.30
C LEU A 164 2.59 14.69 6.73
N GLY A 165 1.97 14.86 5.56
CA GLY A 165 1.77 16.16 4.90
C GLY A 165 0.99 17.20 5.71
N HIS A 166 0.12 16.74 6.62
CA HIS A 166 -0.57 17.57 7.61
C HIS A 166 0.36 18.25 8.65
N PHE A 167 1.59 17.77 8.82
CA PHE A 167 2.55 18.28 9.81
C PHE A 167 3.90 18.69 9.19
N LYS A 168 4.38 17.96 8.18
CA LYS A 168 5.55 18.28 7.35
C LYS A 168 5.36 17.65 5.96
N ASN A 169 4.83 18.42 5.01
CA ASN A 169 4.78 18.01 3.60
C ASN A 169 6.18 17.95 2.99
N TRP A 170 6.81 16.78 3.11
CA TRP A 170 8.20 16.55 2.72
C TRP A 170 8.36 16.60 1.19
N PRO A 171 9.14 17.54 0.63
CA PRO A 171 9.29 17.68 -0.81
C PRO A 171 10.15 16.55 -1.39
N ILE A 172 9.53 15.67 -2.16
CA ILE A 172 10.19 14.79 -3.14
C ILE A 172 10.78 15.70 -4.24
N PRO A 173 12.11 15.88 -4.34
CA PRO A 173 12.68 16.90 -5.23
C PRO A 173 12.50 16.55 -6.70
N ASP A 174 12.62 17.55 -7.58
CA ASP A 174 12.41 17.44 -9.04
C ASP A 174 13.32 16.41 -9.74
N ASN A 175 14.50 16.15 -9.16
CA ASN A 175 15.41 15.10 -9.61
C ASN A 175 14.86 13.67 -9.45
N LEU A 176 13.91 13.44 -8.53
CA LEU A 176 13.15 12.20 -8.39
C LEU A 176 11.93 12.15 -9.33
N THR A 177 12.17 12.44 -10.60
CA THR A 177 11.16 12.94 -11.55
C THR A 177 10.11 11.89 -11.92
N HIS A 178 10.41 10.59 -11.88
CA HIS A 178 9.37 9.57 -11.99
C HIS A 178 8.54 9.50 -10.70
N VAL A 179 9.18 9.40 -9.53
CA VAL A 179 8.48 9.27 -8.23
C VAL A 179 7.57 10.47 -7.95
N LEU A 180 8.00 11.69 -8.28
CA LEU A 180 7.21 12.93 -8.15
C LEU A 180 5.97 12.95 -9.06
N ASN A 181 6.09 12.50 -10.31
CA ASN A 181 4.94 12.31 -11.20
C ASN A 181 4.04 11.15 -10.77
N TYR A 182 4.62 10.08 -10.22
CA TYR A 182 3.90 8.90 -9.75
C TYR A 182 2.99 9.19 -8.55
N ILE A 183 3.28 10.23 -7.75
CA ILE A 183 2.34 10.77 -6.75
C ILE A 183 0.99 11.15 -7.39
N LYS A 184 1.00 11.70 -8.61
CA LYS A 184 -0.23 12.10 -9.32
C LYS A 184 -0.88 10.93 -10.08
N LEU A 185 -0.16 9.83 -10.28
CA LEU A 185 -0.73 8.54 -10.67
C LEU A 185 -1.49 7.82 -9.53
N LEU A 186 -1.30 8.20 -8.27
CA LEU A 186 -2.08 7.68 -7.13
C LEU A 186 -3.58 8.05 -7.20
N PHE A 187 -3.92 9.09 -7.97
CA PHE A 187 -5.29 9.54 -8.22
C PHE A 187 -5.86 8.95 -9.53
N SER A 188 -5.13 8.05 -10.19
CA SER A 188 -5.39 7.57 -11.55
C SER A 188 -5.91 6.12 -11.64
N ARG A 189 -6.31 5.70 -12.86
CA ARG A 189 -6.93 4.40 -13.17
C ARG A 189 -8.16 4.16 -12.26
N GLU A 190 -8.51 2.89 -12.11
CA GLU A 190 -9.35 2.32 -11.06
C GLU A 190 -8.46 1.95 -9.87
N SER A 191 -7.28 1.42 -10.21
CA SER A 191 -6.30 0.72 -9.37
C SER A 191 -5.86 1.53 -8.16
N PHE A 192 -5.39 2.76 -8.38
CA PHE A 192 -4.98 3.65 -7.29
C PHE A 192 -6.15 4.52 -6.79
N LYS A 193 -6.96 5.05 -7.71
CA LYS A 193 -8.08 5.96 -7.42
C LYS A 193 -9.13 5.39 -6.46
N LYS A 194 -9.41 4.09 -6.51
CA LYS A 194 -10.32 3.41 -5.55
C LYS A 194 -9.69 3.15 -4.19
N THR A 195 -8.36 3.11 -4.10
CA THR A 195 -7.63 2.97 -2.83
C THR A 195 -7.39 4.30 -2.13
N ARG A 196 -7.53 5.44 -2.83
CA ARG A 196 -7.65 6.78 -2.24
C ARG A 196 -8.70 6.76 -1.12
N ALA A 197 -8.41 7.42 0.00
CA ALA A 197 -9.27 7.44 1.17
C ALA A 197 -9.40 8.85 1.76
N ALA A 198 -10.58 9.15 2.32
CA ALA A 198 -10.94 10.46 2.88
C ALA A 198 -9.86 10.98 3.84
N GLU A 199 -9.24 12.08 3.44
CA GLU A 199 -7.88 12.43 3.87
C GLU A 199 -7.74 12.69 5.39
N GLU A 200 -8.78 13.22 6.02
CA GLU A 200 -8.88 13.40 7.49
C GLU A 200 -8.78 12.08 8.26
N HIS A 201 -9.37 11.00 7.74
CA HIS A 201 -9.30 9.66 8.32
C HIS A 201 -8.02 8.88 7.96
N VAL A 202 -7.20 9.38 7.03
CA VAL A 202 -5.82 8.91 6.87
C VAL A 202 -4.94 9.51 7.98
N ILE A 203 -5.11 10.81 8.26
CA ILE A 203 -4.37 11.55 9.30
C ILE A 203 -4.74 11.07 10.71
N ALA A 204 -6.03 11.10 11.08
CA ALA A 204 -6.50 10.77 12.43
C ALA A 204 -6.32 9.28 12.78
N GLY A 205 -6.34 8.39 11.78
CA GLY A 205 -6.01 6.99 12.00
C GLY A 205 -4.49 6.71 12.05
N TRP A 206 -3.66 7.56 11.44
CA TRP A 206 -2.20 7.47 11.54
C TRP A 206 -1.65 7.96 12.87
N GLU A 207 -2.26 8.98 13.50
CA GLU A 207 -1.77 9.62 14.73
C GLU A 207 -1.26 8.67 15.84
N PRO A 208 -2.01 7.64 16.31
CA PRO A 208 -1.50 6.71 17.31
C PRO A 208 -0.31 5.85 16.81
N LYS A 209 -0.24 5.58 15.51
CA LYS A 209 0.81 4.78 14.84
C LYS A 209 2.10 5.53 14.53
N VAL A 210 2.16 6.82 14.89
CA VAL A 210 3.43 7.53 15.13
C VAL A 210 4.22 6.88 16.27
N ASN A 211 3.54 6.19 17.19
CA ASN A 211 4.14 5.40 18.27
C ASN A 211 3.85 3.89 18.18
N ALA A 212 2.62 3.48 17.83
CA ALA A 212 2.16 2.09 17.83
C ALA A 212 2.80 1.21 16.75
N MET A 1 -17.91 -17.89 -1.43
CA MET A 1 -17.60 -18.18 -2.83
C MET A 1 -17.13 -16.91 -3.53
N ALA A 2 -16.38 -17.04 -4.62
CA ALA A 2 -15.66 -15.96 -5.29
C ALA A 2 -14.73 -15.16 -4.34
N LEU A 3 -14.19 -14.02 -4.79
CA LEU A 3 -13.30 -13.18 -3.97
C LEU A 3 -14.10 -12.46 -2.85
N GLU A 4 -13.77 -12.77 -1.61
CA GLU A 4 -14.20 -12.04 -0.42
C GLU A 4 -12.96 -11.52 0.34
N ILE A 5 -12.88 -10.20 0.52
CA ILE A 5 -11.72 -9.51 1.11
C ILE A 5 -12.13 -9.01 2.48
N CYS A 6 -11.31 -9.23 3.51
CA CYS A 6 -11.44 -8.57 4.80
C CYS A 6 -10.23 -7.64 5.00
N VAL A 7 -10.48 -6.37 5.33
CA VAL A 7 -9.48 -5.27 5.24
C VAL A 7 -9.61 -4.37 6.45
N LYS A 8 -8.50 -3.86 6.99
CA LYS A 8 -8.57 -2.81 8.03
C LYS A 8 -9.21 -1.54 7.45
N ALA A 9 -10.23 -1.03 8.12
CA ALA A 9 -10.86 0.28 7.91
C ALA A 9 -10.08 1.41 8.61
N ALA A 10 -10.53 2.65 8.41
CA ALA A 10 -10.12 3.80 9.21
C ALA A 10 -10.38 3.54 10.71
N VAL A 11 -9.47 4.00 11.57
CA VAL A 11 -9.70 4.03 13.03
C VAL A 11 -10.99 4.79 13.34
N GLY A 12 -11.92 4.13 14.06
CA GLY A 12 -13.23 4.67 14.43
C GLY A 12 -14.32 4.57 13.36
N ALA A 13 -13.99 4.36 12.09
CA ALA A 13 -14.93 4.46 10.96
C ALA A 13 -14.90 3.21 10.05
N PRO A 14 -15.63 2.13 10.40
CA PRO A 14 -15.60 0.84 9.67
C PRO A 14 -16.09 0.89 8.22
N ASN A 15 -16.72 1.98 7.77
CA ASN A 15 -17.27 2.12 6.43
C ASN A 15 -16.21 2.48 5.35
N ILE A 16 -15.01 2.89 5.74
CA ILE A 16 -14.03 3.57 4.86
C ILE A 16 -12.59 3.10 5.14
N LEU A 17 -11.67 3.31 4.18
CA LEU A 17 -10.28 2.85 4.28
C LEU A 17 -9.41 3.63 5.28
N GLY A 18 -9.45 4.96 5.23
CA GLY A 18 -8.55 5.86 5.97
C GLY A 18 -7.07 5.46 5.96
N ASP A 19 -6.51 5.32 7.16
CA ASP A 19 -5.09 5.14 7.49
C ASP A 19 -4.37 3.88 6.97
N SER A 20 -4.96 3.07 6.06
CA SER A 20 -4.63 1.66 5.91
C SER A 20 -3.95 1.39 4.58
N PRO A 21 -2.64 1.71 4.35
CA PRO A 21 -1.93 1.40 3.11
C PRO A 21 -1.70 -0.11 2.92
N PHE A 22 -1.66 -0.88 4.00
CA PHE A 22 -1.61 -2.34 3.97
C PHE A 22 -2.91 -2.96 3.42
N CYS A 23 -4.13 -2.44 3.79
CA CYS A 23 -5.39 -2.79 3.14
C CYS A 23 -5.36 -2.44 1.67
N GLN A 24 -4.83 -1.26 1.35
CA GLN A 24 -4.79 -0.73 0.00
C GLN A 24 -3.88 -1.55 -0.94
N ARG A 25 -2.89 -2.31 -0.44
CA ARG A 25 -2.10 -3.27 -1.25
C ARG A 25 -2.98 -4.32 -1.95
N VAL A 26 -3.92 -4.88 -1.19
CA VAL A 26 -4.79 -6.00 -1.62
C VAL A 26 -5.84 -5.56 -2.63
N LEU A 27 -6.41 -4.37 -2.41
CA LEU A 27 -7.38 -3.77 -3.31
C LEU A 27 -6.72 -3.29 -4.61
N LEU A 28 -5.51 -2.75 -4.53
CA LEU A 28 -4.72 -2.28 -5.68
C LEU A 28 -4.43 -3.39 -6.70
N SER A 29 -4.04 -4.60 -6.28
CA SER A 29 -3.69 -5.66 -7.23
C SER A 29 -4.90 -6.21 -7.98
N LEU A 30 -6.04 -6.38 -7.28
CA LEU A 30 -7.29 -6.83 -7.87
C LEU A 30 -8.00 -5.76 -8.71
N GLU A 31 -7.86 -4.48 -8.37
CA GLU A 31 -8.34 -3.37 -9.21
C GLU A 31 -7.43 -3.04 -10.41
N GLU A 32 -6.14 -3.35 -10.33
CA GLU A 32 -5.30 -3.37 -11.54
C GLU A 32 -5.68 -4.52 -12.49
N LYS A 33 -6.01 -5.69 -11.91
CA LYS A 33 -6.63 -6.83 -12.61
C LYS A 33 -8.12 -6.66 -12.95
N LYS A 34 -8.74 -5.53 -12.56
CA LYS A 34 -10.15 -5.14 -12.82
C LYS A 34 -11.21 -6.08 -12.21
N ILE A 35 -10.84 -7.02 -11.35
CA ILE A 35 -11.74 -8.10 -10.88
C ILE A 35 -12.66 -7.56 -9.77
N PRO A 36 -13.99 -7.75 -9.84
CA PRO A 36 -14.90 -7.41 -8.74
C PRO A 36 -14.72 -8.36 -7.54
N TYR A 37 -14.87 -7.82 -6.33
CA TYR A 37 -14.72 -8.55 -5.06
C TYR A 37 -15.70 -8.05 -4.00
N LYS A 38 -16.02 -8.90 -3.03
CA LYS A 38 -16.85 -8.59 -1.87
C LYS A 38 -15.99 -8.05 -0.72
N SER A 39 -15.86 -6.74 -0.61
CA SER A 39 -15.02 -6.08 0.42
C SER A 39 -15.72 -5.98 1.78
N HIS A 40 -14.98 -6.23 2.86
CA HIS A 40 -15.38 -6.05 4.25
C HIS A 40 -14.31 -5.26 5.02
N LEU A 41 -14.52 -3.94 5.08
CA LEU A 41 -13.74 -3.01 5.91
C LEU A 41 -14.06 -3.21 7.41
N ILE A 42 -13.02 -3.26 8.24
CA ILE A 42 -13.06 -3.63 9.66
C ILE A 42 -12.35 -2.59 10.53
N ASN A 43 -13.06 -1.94 11.43
CA ASN A 43 -12.50 -1.08 12.46
C ASN A 43 -12.16 -1.91 13.71
N LEU A 44 -10.89 -2.26 13.90
CA LEU A 44 -10.34 -2.81 15.15
C LEU A 44 -11.06 -4.07 15.71
N GLY A 45 -11.74 -4.84 14.85
CA GLY A 45 -12.49 -6.04 15.25
C GLY A 45 -14.00 -5.85 15.43
N ASP A 46 -14.61 -4.85 14.78
CA ASP A 46 -16.09 -4.68 14.73
C ASP A 46 -16.84 -5.82 14.00
N LYS A 47 -16.15 -6.83 13.49
CA LYS A 47 -16.72 -7.99 12.78
C LYS A 47 -16.13 -9.29 13.35
N PRO A 48 -16.94 -10.36 13.48
CA PRO A 48 -16.56 -11.57 14.21
C PRO A 48 -15.39 -12.33 13.56
N GLN A 49 -14.96 -13.40 14.23
CA GLN A 49 -13.77 -14.18 13.84
C GLN A 49 -13.83 -14.79 12.42
N TRP A 50 -15.02 -14.91 11.82
CA TRP A 50 -15.28 -15.25 10.40
C TRP A 50 -14.65 -14.32 9.35
N PHE A 51 -14.23 -13.14 9.78
CA PHE A 51 -13.58 -12.09 8.97
C PHE A 51 -12.10 -11.88 9.34
N LEU A 52 -11.56 -12.65 10.30
CA LEU A 52 -10.23 -12.51 10.91
C LEU A 52 -9.41 -13.80 10.86
N GLU A 53 -10.05 -14.95 11.06
CA GLU A 53 -9.52 -16.34 11.06
C GLU A 53 -8.81 -16.75 9.75
N ILE A 54 -9.04 -15.97 8.70
CA ILE A 54 -8.46 -16.07 7.36
C ILE A 54 -6.94 -15.84 7.40
N SER A 55 -6.42 -15.18 8.45
CA SER A 55 -5.04 -15.36 8.92
C SER A 55 -5.01 -16.16 10.23
N PRO A 56 -3.97 -17.00 10.46
CA PRO A 56 -3.81 -17.74 11.72
C PRO A 56 -3.49 -16.82 12.92
N GLU A 57 -3.08 -15.58 12.66
CA GLU A 57 -2.81 -14.54 13.66
C GLU A 57 -4.05 -13.69 14.01
N GLY A 58 -5.19 -13.88 13.33
CA GLY A 58 -6.40 -13.06 13.50
C GLY A 58 -6.30 -11.62 12.96
N LYS A 59 -5.24 -11.32 12.20
CA LYS A 59 -5.02 -10.04 11.52
C LYS A 59 -5.94 -9.87 10.31
N VAL A 60 -6.09 -8.60 9.91
CA VAL A 60 -6.56 -8.16 8.58
C VAL A 60 -5.66 -7.00 8.13
N PRO A 61 -5.40 -6.82 6.82
CA PRO A 61 -6.08 -7.39 5.65
C PRO A 61 -5.73 -8.84 5.29
N VAL A 62 -6.69 -9.54 4.67
CA VAL A 62 -6.70 -10.98 4.30
C VAL A 62 -7.71 -11.24 3.17
N VAL A 63 -7.66 -12.40 2.51
CA VAL A 63 -8.62 -12.76 1.44
C VAL A 63 -9.08 -14.22 1.48
N LYS A 64 -10.31 -14.45 1.00
CA LYS A 64 -10.86 -15.74 0.63
C LYS A 64 -10.89 -15.86 -0.90
N ILE A 65 -10.09 -16.78 -1.45
CA ILE A 65 -10.08 -17.10 -2.89
C ILE A 65 -11.11 -18.19 -3.15
N ASP A 66 -12.37 -17.79 -3.26
CA ASP A 66 -13.52 -18.71 -3.28
C ASP A 66 -13.59 -19.55 -2.00
N ASP A 67 -13.67 -18.86 -0.86
CA ASP A 67 -13.66 -19.40 0.51
C ASP A 67 -12.35 -20.08 0.98
N LYS A 68 -11.35 -20.24 0.11
CA LYS A 68 -10.01 -20.75 0.44
C LYS A 68 -9.13 -19.62 0.97
N TRP A 69 -8.72 -19.68 2.24
CA TRP A 69 -8.11 -18.56 2.97
C TRP A 69 -6.68 -18.22 2.51
N VAL A 70 -6.33 -16.94 2.65
CA VAL A 70 -4.97 -16.39 2.58
C VAL A 70 -4.82 -15.27 3.63
N ALA A 71 -3.71 -15.30 4.37
CA ALA A 71 -3.34 -14.35 5.42
C ALA A 71 -2.93 -12.96 4.87
N ASP A 72 -2.09 -12.22 5.61
CA ASP A 72 -1.72 -10.81 5.39
C ASP A 72 -1.67 -10.34 3.93
N SER A 73 -1.84 -9.02 3.75
CA SER A 73 -1.44 -8.26 2.54
C SER A 73 -0.01 -8.54 2.08
N ASP A 74 0.85 -8.92 3.02
CA ASP A 74 2.29 -9.02 2.84
C ASP A 74 2.75 -10.45 2.46
N VAL A 75 1.83 -11.43 2.51
CA VAL A 75 1.95 -12.72 1.79
C VAL A 75 0.98 -12.84 0.62
N ILE A 76 -0.11 -12.06 0.59
CA ILE A 76 -1.04 -11.92 -0.54
C ILE A 76 -0.33 -11.53 -1.83
N VAL A 77 0.67 -10.64 -1.77
CA VAL A 77 1.47 -10.22 -2.93
C VAL A 77 2.28 -11.34 -3.59
N GLY A 78 2.32 -12.54 -3.01
CA GLY A 78 2.58 -13.80 -3.73
C GLY A 78 1.34 -14.68 -3.83
N ILE A 79 0.78 -15.08 -2.67
CA ILE A 79 -0.17 -16.20 -2.57
C ILE A 79 -1.50 -15.95 -3.31
N LEU A 80 -2.00 -14.71 -3.31
CA LEU A 80 -3.18 -14.35 -4.12
C LEU A 80 -2.83 -14.28 -5.61
N GLU A 81 -1.72 -13.64 -5.94
CA GLU A 81 -1.28 -13.44 -7.31
C GLU A 81 -0.92 -14.74 -8.05
N GLU A 82 -0.48 -15.78 -7.33
CA GLU A 82 -0.32 -17.15 -7.82
C GLU A 82 -1.65 -17.86 -8.19
N LYS A 83 -2.70 -17.59 -7.41
CA LYS A 83 -3.92 -18.42 -7.33
C LYS A 83 -5.17 -17.75 -7.93
N ASN A 84 -5.08 -16.44 -8.15
CA ASN A 84 -5.96 -15.67 -8.98
C ASN A 84 -5.63 -15.92 -10.47
N PRO A 85 -6.64 -16.10 -11.36
CA PRO A 85 -6.39 -16.56 -12.74
C PRO A 85 -5.74 -15.53 -13.67
N GLU A 86 -5.81 -14.23 -13.36
CA GLU A 86 -5.14 -13.20 -14.15
C GLU A 86 -3.61 -13.23 -13.93
N PRO A 87 -2.77 -12.85 -14.91
CA PRO A 87 -1.32 -12.96 -14.81
C PRO A 87 -0.74 -12.24 -13.57
N PRO A 88 0.13 -12.91 -12.77
CA PRO A 88 0.53 -12.45 -11.44
C PRO A 88 1.17 -11.06 -11.48
N LEU A 89 0.81 -10.23 -10.49
CA LEU A 89 1.53 -9.01 -10.16
C LEU A 89 2.68 -9.24 -9.17
N ALA A 90 2.85 -10.48 -8.68
CA ALA A 90 3.92 -10.87 -7.76
C ALA A 90 5.33 -10.74 -8.34
N THR A 91 5.49 -11.00 -9.65
CA THR A 91 6.80 -11.18 -10.28
C THR A 91 7.63 -9.89 -10.20
N PRO A 92 8.76 -9.89 -9.47
CA PRO A 92 9.52 -8.67 -9.23
C PRO A 92 10.38 -8.30 -10.46
N PRO A 93 10.43 -7.01 -10.85
CA PRO A 93 11.53 -6.46 -11.63
C PRO A 93 12.77 -6.26 -10.74
N GLU A 94 13.90 -5.86 -11.34
CA GLU A 94 15.10 -5.39 -10.63
C GLU A 94 14.86 -4.17 -9.70
N PHE A 95 13.87 -3.32 -9.98
CA PHE A 95 13.42 -2.27 -9.06
C PHE A 95 13.03 -2.78 -7.65
N ALA A 96 12.63 -4.05 -7.51
CA ALA A 96 12.35 -4.66 -6.22
C ALA A 96 13.58 -4.71 -5.27
N SER A 97 14.81 -4.74 -5.78
CA SER A 97 16.03 -4.68 -4.94
C SER A 97 16.30 -3.29 -4.34
N VAL A 98 15.48 -2.29 -4.67
CA VAL A 98 15.46 -0.96 -4.04
C VAL A 98 14.13 -0.72 -3.34
N GLY A 99 13.02 -1.17 -3.94
CA GLY A 99 11.68 -1.12 -3.33
C GLY A 99 11.55 -1.91 -2.03
N SER A 100 12.32 -2.97 -1.83
CA SER A 100 12.38 -3.72 -0.56
C SER A 100 13.00 -2.93 0.61
N LYS A 101 13.73 -1.83 0.33
CA LYS A 101 14.31 -0.92 1.33
C LYS A 101 13.36 0.24 1.65
N ILE A 102 12.71 0.75 0.60
CA ILE A 102 11.68 1.80 0.69
C ILE A 102 10.44 1.30 1.44
N PHE A 103 10.13 0.00 1.33
CA PHE A 103 9.00 -0.65 1.97
C PHE A 103 8.98 -0.48 3.51
N PRO A 104 10.03 -0.88 4.28
CA PRO A 104 10.12 -0.56 5.70
C PRO A 104 10.56 0.88 6.00
N SER A 105 11.35 1.54 5.14
CA SER A 105 11.89 2.88 5.48
C SER A 105 10.80 3.96 5.50
N PHE A 106 9.76 3.86 4.67
CA PHE A 106 8.53 4.66 4.81
C PHE A 106 7.72 4.33 6.07
N VAL A 107 7.64 3.06 6.49
CA VAL A 107 6.94 2.67 7.75
C VAL A 107 7.64 3.26 8.97
N LYS A 108 8.99 3.28 8.96
CA LYS A 108 9.82 3.92 9.99
C LYS A 108 9.69 5.44 9.99
N PHE A 109 9.65 6.07 8.82
CA PHE A 109 9.48 7.52 8.66
C PHE A 109 8.10 8.01 9.14
N LEU A 110 7.07 7.21 8.87
CA LEU A 110 5.73 7.33 9.47
C LEU A 110 5.65 6.84 10.94
N LYS A 111 6.79 6.80 11.64
CA LYS A 111 6.94 6.49 13.07
C LYS A 111 8.08 7.33 13.68
N SER A 112 7.95 8.65 13.50
CA SER A 112 8.95 9.73 13.58
C SER A 112 9.66 9.96 14.93
N LYS A 113 9.80 8.94 15.77
CA LYS A 113 10.83 8.87 16.83
C LYS A 113 12.21 8.55 16.25
N ASP A 114 12.30 7.89 15.09
CA ASP A 114 13.49 8.00 14.23
C ASP A 114 13.50 9.43 13.64
N PRO A 115 14.54 10.27 13.86
CA PRO A 115 14.47 11.68 13.51
C PRO A 115 14.29 11.91 12.01
N ASN A 116 13.14 12.49 11.63
CA ASN A 116 12.74 12.73 10.23
C ASN A 116 13.83 13.35 9.35
N ASP A 117 14.45 14.45 9.80
CA ASP A 117 15.48 15.17 9.04
C ASP A 117 16.78 14.34 8.82
N GLY A 118 16.97 13.24 9.55
CA GLY A 118 17.98 12.21 9.29
C GLY A 118 17.44 11.03 8.46
N THR A 119 16.24 10.54 8.76
CA THR A 119 15.56 9.47 8.00
C THR A 119 15.39 9.84 6.52
N GLU A 120 15.06 11.09 6.24
CA GLU A 120 14.86 11.66 4.90
C GLU A 120 16.11 11.61 4.03
N GLN A 121 17.30 11.67 4.61
CA GLN A 121 18.57 11.54 3.87
C GLN A 121 18.75 10.11 3.34
N ALA A 122 18.39 9.09 4.13
CA ALA A 122 18.36 7.71 3.69
C ALA A 122 17.25 7.43 2.65
N LEU A 123 16.08 8.08 2.79
CA LEU A 123 15.03 8.02 1.77
C LEU A 123 15.48 8.60 0.42
N LEU A 124 16.25 9.69 0.41
CA LEU A 124 16.78 10.25 -0.83
C LEU A 124 17.81 9.34 -1.50
N GLU A 125 18.65 8.60 -0.77
CA GLU A 125 19.53 7.58 -1.36
C GLU A 125 18.75 6.40 -1.96
N GLU A 126 17.74 5.90 -1.25
CA GLU A 126 16.87 4.81 -1.74
C GLU A 126 16.04 5.25 -2.96
N LEU A 127 15.44 6.43 -2.95
CA LEU A 127 14.64 6.93 -4.07
C LEU A 127 15.50 7.36 -5.27
N LYS A 128 16.73 7.86 -5.10
CA LYS A 128 17.65 8.11 -6.22
C LYS A 128 18.01 6.83 -6.97
N ALA A 129 18.29 5.75 -6.23
CA ALA A 129 18.60 4.44 -6.81
C ALA A 129 17.42 3.82 -7.58
N LEU A 130 16.18 4.16 -7.21
CA LEU A 130 14.96 3.77 -7.93
C LEU A 130 14.72 4.67 -9.16
N ASP A 131 14.66 5.99 -8.94
CA ASP A 131 14.19 6.98 -9.92
C ASP A 131 15.12 7.15 -11.13
N GLY A 132 16.44 7.01 -10.93
CA GLY A 132 17.43 7.08 -12.01
C GLY A 132 17.23 6.02 -13.09
N HIS A 133 16.66 4.87 -12.74
CA HIS A 133 16.28 3.81 -13.68
C HIS A 133 14.80 3.86 -14.10
N LEU A 134 13.88 4.33 -13.25
CA LEU A 134 12.46 4.50 -13.64
C LEU A 134 12.28 5.50 -14.79
N LYS A 135 13.11 6.55 -14.84
CA LYS A 135 13.17 7.50 -15.97
C LYS A 135 13.70 6.92 -17.29
N VAL A 136 14.10 5.64 -17.30
CA VAL A 136 14.34 4.84 -18.51
C VAL A 136 13.24 3.81 -18.74
N HIS A 137 12.81 3.09 -17.69
CA HIS A 137 11.93 1.91 -17.80
C HIS A 137 10.42 2.18 -17.64
N GLY A 138 9.98 3.44 -17.53
CA GLY A 138 8.61 3.83 -17.82
C GLY A 138 7.63 3.87 -16.63
N PRO A 139 6.32 3.92 -16.92
CA PRO A 139 5.34 4.80 -16.25
C PRO A 139 4.89 4.40 -14.83
N PHE A 140 5.23 3.22 -14.33
CA PHE A 140 4.82 2.74 -13.01
C PHE A 140 6.05 2.51 -12.12
N ILE A 141 5.89 2.35 -10.80
CA ILE A 141 7.04 2.30 -9.88
C ILE A 141 7.78 0.94 -9.93
N ALA A 142 7.29 0.02 -10.77
CA ALA A 142 7.96 -1.17 -11.28
C ALA A 142 8.38 -1.10 -12.77
N GLY A 143 8.30 0.06 -13.43
CA GLY A 143 8.57 0.25 -14.86
C GLY A 143 7.33 0.13 -15.75
N GLU A 144 7.38 -0.71 -16.79
CA GLU A 144 6.34 -0.78 -17.84
C GLU A 144 4.94 -1.21 -17.36
N LYS A 145 4.85 -1.91 -16.22
CA LYS A 145 3.59 -2.44 -15.66
C LYS A 145 3.58 -2.20 -14.15
N ILE A 146 2.38 -1.99 -13.59
CA ILE A 146 2.11 -2.10 -12.14
C ILE A 146 2.38 -3.53 -11.67
N THR A 147 3.33 -3.72 -10.76
CA THR A 147 3.66 -5.03 -10.14
C THR A 147 4.02 -4.88 -8.66
N ALA A 148 4.68 -5.88 -8.06
CA ALA A 148 4.99 -5.99 -6.63
C ALA A 148 5.66 -4.75 -6.01
N VAL A 149 6.34 -3.90 -6.79
CA VAL A 149 6.92 -2.63 -6.28
C VAL A 149 5.83 -1.57 -6.03
N ASP A 150 4.87 -1.42 -6.95
CA ASP A 150 3.66 -0.62 -6.76
C ASP A 150 2.78 -1.17 -5.63
N LEU A 151 2.60 -2.49 -5.58
CA LEU A 151 1.87 -3.15 -4.49
C LEU A 151 2.56 -2.94 -3.13
N SER A 152 3.87 -2.67 -3.09
CA SER A 152 4.63 -2.41 -1.87
C SER A 152 4.58 -0.94 -1.42
N LEU A 153 4.65 -0.01 -2.38
CA LEU A 153 4.95 1.40 -2.13
C LEU A 153 3.81 2.38 -2.42
N ALA A 154 2.97 2.13 -3.45
CA ALA A 154 2.01 3.11 -3.95
C ALA A 154 1.03 3.65 -2.88
N PRO A 155 0.40 2.81 -2.03
CA PRO A 155 -0.46 3.34 -0.97
C PRO A 155 0.32 3.93 0.21
N LYS A 156 1.59 3.57 0.42
CA LYS A 156 2.46 4.26 1.40
C LYS A 156 2.80 5.67 0.95
N LEU A 157 2.99 5.91 -0.35
CA LEU A 157 3.15 7.25 -0.92
C LEU A 157 1.89 8.11 -0.75
N TYR A 158 0.69 7.52 -0.91
CA TYR A 158 -0.56 8.24 -0.65
C TYR A 158 -0.72 8.59 0.84
N HIS A 159 -0.46 7.64 1.73
CA HIS A 159 -0.45 7.86 3.17
C HIS A 159 0.61 8.89 3.60
N LEU A 160 1.74 8.99 2.89
CA LEU A 160 2.81 9.95 3.17
C LEU A 160 2.49 11.38 2.72
N GLU A 161 1.97 11.57 1.51
CA GLU A 161 1.52 12.89 1.01
C GLU A 161 0.40 13.48 1.88
N VAL A 162 -0.48 12.63 2.41
CA VAL A 162 -1.62 13.06 3.23
C VAL A 162 -1.29 13.16 4.73
N ALA A 163 -0.88 12.06 5.37
CA ALA A 163 -0.81 11.96 6.83
C ALA A 163 0.36 12.74 7.43
N LEU A 164 1.58 12.54 6.89
CA LEU A 164 2.74 13.36 7.29
C LEU A 164 2.65 14.77 6.71
N GLY A 165 2.09 14.93 5.50
CA GLY A 165 1.93 16.22 4.83
C GLY A 165 1.12 17.27 5.60
N HIS A 166 0.21 16.82 6.47
CA HIS A 166 -0.53 17.66 7.42
C HIS A 166 0.36 18.37 8.48
N PHE A 167 1.58 17.88 8.73
CA PHE A 167 2.51 18.42 9.74
C PHE A 167 3.89 18.81 9.15
N LYS A 168 4.38 18.06 8.16
CA LYS A 168 5.57 18.36 7.36
C LYS A 168 5.40 17.73 5.97
N ASN A 169 4.99 18.53 4.98
CA ASN A 169 5.01 18.13 3.58
C ASN A 169 6.46 18.01 3.08
N TRP A 170 7.06 16.83 3.24
CA TRP A 170 8.42 16.53 2.83
C TRP A 170 8.53 16.47 1.30
N PRO A 171 9.30 17.36 0.65
CA PRO A 171 9.37 17.42 -0.80
C PRO A 171 10.21 16.26 -1.36
N ILE A 172 9.57 15.45 -2.20
CA ILE A 172 10.25 14.64 -3.22
C ILE A 172 10.78 15.61 -4.30
N PRO A 173 12.10 15.85 -4.43
CA PRO A 173 12.60 16.92 -5.30
C PRO A 173 12.38 16.61 -6.78
N ASP A 174 12.53 17.63 -7.63
CA ASP A 174 12.42 17.55 -9.10
C ASP A 174 13.39 16.55 -9.74
N ASN A 175 14.54 16.31 -9.09
CA ASN A 175 15.52 15.28 -9.47
C ASN A 175 14.98 13.84 -9.36
N LEU A 176 14.00 13.58 -8.50
CA LEU A 176 13.28 12.31 -8.36
C LEU A 176 12.03 12.29 -9.28
N THR A 177 12.25 12.63 -10.55
CA THR A 177 11.22 13.14 -11.46
C THR A 177 10.13 12.11 -11.79
N HIS A 178 10.44 10.81 -11.80
CA HIS A 178 9.41 9.77 -11.95
C HIS A 178 8.63 9.56 -10.65
N VAL A 179 9.31 9.46 -9.50
CA VAL A 179 8.65 9.30 -8.19
C VAL A 179 7.71 10.48 -7.87
N LEU A 180 8.12 11.71 -8.22
CA LEU A 180 7.31 12.92 -8.09
C LEU A 180 6.05 12.92 -8.98
N ASN A 181 6.17 12.48 -10.24
CA ASN A 181 5.01 12.31 -11.13
C ASN A 181 4.11 11.13 -10.69
N TYR A 182 4.69 10.07 -10.14
CA TYR A 182 3.97 8.88 -9.69
C TYR A 182 2.99 9.17 -8.55
N ILE A 183 3.27 10.19 -7.71
CA ILE A 183 2.32 10.72 -6.73
C ILE A 183 0.98 11.11 -7.39
N LYS A 184 1.00 11.67 -8.60
CA LYS A 184 -0.22 12.10 -9.31
C LYS A 184 -0.89 10.97 -10.11
N LEU A 185 -0.22 9.83 -10.30
CA LEU A 185 -0.87 8.58 -10.70
C LEU A 185 -1.71 7.94 -9.58
N LEU A 186 -1.46 8.26 -8.30
CA LEU A 186 -2.25 7.75 -7.17
C LEU A 186 -3.73 8.18 -7.22
N PHE A 187 -4.02 9.27 -7.92
CA PHE A 187 -5.35 9.80 -8.15
C PHE A 187 -6.00 9.25 -9.44
N SER A 188 -5.45 8.19 -10.03
CA SER A 188 -5.79 7.69 -11.38
C SER A 188 -6.02 6.17 -11.47
N ARG A 189 -6.41 5.71 -12.67
CA ARG A 189 -6.96 4.36 -12.94
C ARG A 189 -8.17 4.08 -12.04
N GLU A 190 -8.61 2.84 -12.01
CA GLU A 190 -9.33 2.24 -10.87
C GLU A 190 -8.34 1.91 -9.75
N SER A 191 -7.19 1.36 -10.16
CA SER A 191 -6.17 0.68 -9.35
C SER A 191 -5.73 1.48 -8.13
N PHE A 192 -5.35 2.74 -8.34
CA PHE A 192 -4.98 3.65 -7.25
C PHE A 192 -6.17 4.48 -6.76
N LYS A 193 -6.98 5.03 -7.68
CA LYS A 193 -8.07 5.97 -7.34
C LYS A 193 -9.17 5.37 -6.45
N LYS A 194 -9.43 4.06 -6.50
CA LYS A 194 -10.35 3.37 -5.56
C LYS A 194 -9.72 3.11 -4.18
N THR A 195 -8.40 3.08 -4.08
CA THR A 195 -7.65 2.93 -2.83
C THR A 195 -7.33 4.28 -2.14
N ARG A 196 -7.49 5.40 -2.87
CA ARG A 196 -7.57 6.76 -2.30
C ARG A 196 -8.63 6.79 -1.20
N ALA A 197 -8.28 7.33 -0.04
CA ALA A 197 -9.13 7.37 1.13
C ALA A 197 -9.29 8.80 1.67
N ALA A 198 -10.49 9.13 2.15
CA ALA A 198 -10.85 10.46 2.64
C ALA A 198 -9.85 10.98 3.69
N GLU A 199 -9.24 12.11 3.37
CA GLU A 199 -7.88 12.46 3.79
C GLU A 199 -7.73 12.71 5.30
N GLU A 200 -8.76 13.28 5.93
CA GLU A 200 -8.87 13.46 7.38
C GLU A 200 -8.84 12.13 8.15
N HIS A 201 -9.44 11.08 7.61
CA HIS A 201 -9.41 9.73 8.18
C HIS A 201 -8.11 8.96 7.87
N VAL A 202 -7.25 9.48 6.97
CA VAL A 202 -5.87 9.00 6.84
C VAL A 202 -4.99 9.63 7.94
N ILE A 203 -5.15 10.93 8.19
CA ILE A 203 -4.42 11.70 9.21
C ILE A 203 -4.77 11.24 10.64
N ALA A 204 -6.06 11.28 11.00
CA ALA A 204 -6.53 10.92 12.34
C ALA A 204 -6.34 9.43 12.68
N GLY A 205 -6.36 8.56 11.66
CA GLY A 205 -6.04 7.15 11.85
C GLY A 205 -4.53 6.86 11.88
N TRP A 206 -3.68 7.70 11.31
CA TRP A 206 -2.22 7.60 11.44
C TRP A 206 -1.73 8.03 12.83
N GLU A 207 -2.36 9.02 13.46
CA GLU A 207 -1.91 9.64 14.71
C GLU A 207 -1.43 8.67 15.82
N PRO A 208 -2.19 7.65 16.26
CA PRO A 208 -1.70 6.70 17.27
C PRO A 208 -0.51 5.85 16.79
N LYS A 209 -0.38 5.62 15.48
CA LYS A 209 0.69 4.84 14.83
C LYS A 209 1.95 5.65 14.52
N VAL A 210 1.97 6.94 14.87
CA VAL A 210 3.21 7.70 15.11
C VAL A 210 4.02 7.06 16.25
N ASN A 211 3.38 6.32 17.16
CA ASN A 211 4.01 5.59 18.25
C ASN A 211 3.75 4.07 18.23
N ALA A 212 2.54 3.62 17.84
CA ALA A 212 2.14 2.20 17.76
C ALA A 212 2.76 1.43 16.60
N MET A 1 -17.97 -17.76 -1.27
CA MET A 1 -17.67 -18.11 -2.67
C MET A 1 -17.23 -16.85 -3.41
N ALA A 2 -16.50 -17.01 -4.52
CA ALA A 2 -15.78 -15.94 -5.22
C ALA A 2 -14.81 -15.16 -4.28
N LEU A 3 -14.25 -14.03 -4.74
CA LEU A 3 -13.36 -13.21 -3.93
C LEU A 3 -14.14 -12.50 -2.80
N GLU A 4 -13.80 -12.85 -1.56
CA GLU A 4 -14.26 -12.14 -0.35
C GLU A 4 -13.05 -11.61 0.43
N ILE A 5 -12.94 -10.29 0.53
CA ILE A 5 -11.80 -9.59 1.14
C ILE A 5 -12.22 -9.10 2.53
N CYS A 6 -11.36 -9.25 3.53
CA CYS A 6 -11.52 -8.58 4.82
C CYS A 6 -10.34 -7.63 5.04
N VAL A 7 -10.62 -6.36 5.33
CA VAL A 7 -9.64 -5.26 5.25
C VAL A 7 -9.81 -4.33 6.45
N LYS A 8 -8.71 -3.84 7.03
CA LYS A 8 -8.79 -2.80 8.07
C LYS A 8 -9.34 -1.51 7.45
N ALA A 9 -10.40 -0.97 8.07
CA ALA A 9 -10.97 0.34 7.81
C ALA A 9 -10.25 1.46 8.56
N ALA A 10 -10.66 2.70 8.34
CA ALA A 10 -10.27 3.85 9.15
C ALA A 10 -10.55 3.61 10.65
N VAL A 11 -9.65 4.05 11.52
CA VAL A 11 -9.91 4.12 12.97
C VAL A 11 -11.18 4.93 13.23
N GLY A 12 -12.16 4.30 13.90
CA GLY A 12 -13.45 4.88 14.25
C GLY A 12 -14.51 4.89 13.13
N ALA A 13 -14.16 4.57 11.87
CA ALA A 13 -15.08 4.73 10.73
C ALA A 13 -15.03 3.52 9.77
N PRO A 14 -15.79 2.44 10.05
CA PRO A 14 -15.74 1.19 9.27
C PRO A 14 -16.20 1.27 7.81
N ASN A 15 -16.83 2.37 7.40
CA ASN A 15 -17.32 2.56 6.02
C ASN A 15 -16.21 2.90 5.00
N ILE A 16 -14.99 3.23 5.45
CA ILE A 16 -13.94 3.88 4.65
C ILE A 16 -12.54 3.36 5.01
N LEU A 17 -11.56 3.56 4.12
CA LEU A 17 -10.20 3.01 4.27
C LEU A 17 -9.31 3.75 5.29
N GLY A 18 -9.31 5.07 5.28
CA GLY A 18 -8.46 5.93 6.13
C GLY A 18 -6.98 5.51 6.17
N ASP A 19 -6.47 5.32 7.39
CA ASP A 19 -5.08 5.07 7.77
C ASP A 19 -4.41 3.78 7.26
N SER A 20 -4.99 3.05 6.28
CA SER A 20 -4.72 1.62 6.09
C SER A 20 -4.07 1.37 4.74
N PRO A 21 -2.78 1.73 4.49
CA PRO A 21 -2.09 1.44 3.23
C PRO A 21 -1.78 -0.05 3.02
N PHE A 22 -1.73 -0.83 4.10
CA PHE A 22 -1.66 -2.30 4.03
C PHE A 22 -2.96 -2.93 3.49
N CYS A 23 -4.19 -2.42 3.86
CA CYS A 23 -5.44 -2.79 3.22
C CYS A 23 -5.43 -2.44 1.75
N GLN A 24 -4.91 -1.27 1.42
CA GLN A 24 -4.90 -0.75 0.05
C GLN A 24 -4.02 -1.58 -0.91
N ARG A 25 -3.00 -2.32 -0.42
CA ARG A 25 -2.21 -3.28 -1.24
C ARG A 25 -3.09 -4.33 -1.94
N VAL A 26 -4.04 -4.88 -1.18
CA VAL A 26 -4.89 -6.02 -1.58
C VAL A 26 -5.95 -5.60 -2.60
N LEU A 27 -6.51 -4.40 -2.41
CA LEU A 27 -7.46 -3.80 -3.33
C LEU A 27 -6.79 -3.33 -4.64
N LEU A 28 -5.57 -2.79 -4.54
CA LEU A 28 -4.78 -2.30 -5.67
C LEU A 28 -4.44 -3.39 -6.69
N SER A 29 -4.05 -4.60 -6.27
CA SER A 29 -3.70 -5.66 -7.23
C SER A 29 -4.92 -6.21 -7.98
N LEU A 30 -6.03 -6.38 -7.26
CA LEU A 30 -7.30 -6.84 -7.85
C LEU A 30 -7.98 -5.78 -8.72
N GLU A 31 -7.84 -4.50 -8.40
CA GLU A 31 -8.30 -3.40 -9.26
C GLU A 31 -7.36 -3.09 -10.44
N GLU A 32 -6.08 -3.43 -10.35
CA GLU A 32 -5.23 -3.47 -11.55
C GLU A 32 -5.60 -4.63 -12.48
N LYS A 33 -5.95 -5.78 -11.93
CA LYS A 33 -6.57 -6.93 -12.62
C LYS A 33 -8.06 -6.73 -12.99
N LYS A 34 -8.67 -5.61 -12.59
CA LYS A 34 -10.09 -5.22 -12.86
C LYS A 34 -11.15 -6.19 -12.32
N ILE A 35 -10.81 -7.10 -11.40
CA ILE A 35 -11.70 -8.17 -10.94
C ILE A 35 -12.67 -7.64 -9.87
N PRO A 36 -14.00 -7.91 -9.95
CA PRO A 36 -14.93 -7.59 -8.87
C PRO A 36 -14.74 -8.50 -7.65
N TYR A 37 -14.88 -7.93 -6.46
CA TYR A 37 -14.73 -8.62 -5.17
C TYR A 37 -15.73 -8.10 -4.12
N LYS A 38 -16.02 -8.92 -3.12
CA LYS A 38 -16.84 -8.57 -1.96
C LYS A 38 -15.95 -8.03 -0.83
N SER A 39 -15.87 -6.72 -0.68
CA SER A 39 -15.08 -6.07 0.39
C SER A 39 -15.83 -6.00 1.73
N HIS A 40 -15.20 -6.45 2.81
CA HIS A 40 -15.56 -6.19 4.19
C HIS A 40 -14.51 -5.30 4.87
N LEU A 41 -14.78 -4.00 4.94
CA LEU A 41 -14.05 -3.04 5.77
C LEU A 41 -14.39 -3.21 7.27
N ILE A 42 -13.36 -3.26 8.11
CA ILE A 42 -13.42 -3.61 9.54
C ILE A 42 -12.71 -2.55 10.37
N ASN A 43 -13.43 -1.83 11.24
CA ASN A 43 -12.79 -0.95 12.24
C ASN A 43 -12.35 -1.77 13.46
N LEU A 44 -11.04 -1.95 13.63
CA LEU A 44 -10.41 -2.50 14.86
C LEU A 44 -10.97 -3.84 15.38
N GLY A 45 -11.56 -4.67 14.52
CA GLY A 45 -12.17 -5.95 14.89
C GLY A 45 -13.69 -5.94 15.10
N ASP A 46 -14.42 -4.97 14.53
CA ASP A 46 -15.89 -4.86 14.61
C ASP A 46 -16.70 -5.98 13.90
N LYS A 47 -16.09 -7.14 13.61
CA LYS A 47 -16.73 -8.32 13.01
C LYS A 47 -16.21 -9.61 13.68
N PRO A 48 -17.02 -10.67 13.77
CA PRO A 48 -16.63 -11.91 14.42
C PRO A 48 -15.47 -12.61 13.69
N GLN A 49 -14.97 -13.69 14.30
CA GLN A 49 -13.77 -14.42 13.82
C GLN A 49 -13.86 -14.96 12.38
N TRP A 50 -15.07 -15.08 11.82
CA TRP A 50 -15.38 -15.40 10.40
C TRP A 50 -14.75 -14.47 9.35
N PHE A 51 -14.26 -13.31 9.78
CA PHE A 51 -13.63 -12.26 8.97
C PHE A 51 -12.14 -12.01 9.36
N LEU A 52 -11.61 -12.80 10.30
CA LEU A 52 -10.29 -12.65 10.94
C LEU A 52 -9.46 -13.95 10.90
N GLU A 53 -10.12 -15.10 11.09
CA GLU A 53 -9.59 -16.49 11.07
C GLU A 53 -8.90 -16.91 9.76
N ILE A 54 -9.13 -16.10 8.72
CA ILE A 54 -8.50 -16.14 7.40
C ILE A 54 -6.97 -15.92 7.49
N SER A 55 -6.49 -15.30 8.58
CA SER A 55 -5.10 -15.42 9.06
C SER A 55 -5.04 -16.23 10.37
N PRO A 56 -3.93 -16.96 10.63
CA PRO A 56 -3.74 -17.72 11.87
C PRO A 56 -3.57 -16.84 13.13
N GLU A 57 -3.41 -15.53 12.95
CA GLU A 57 -3.19 -14.54 14.01
C GLU A 57 -4.42 -13.63 14.26
N GLY A 58 -5.51 -13.80 13.51
CA GLY A 58 -6.71 -12.95 13.60
C GLY A 58 -6.54 -11.53 13.05
N LYS A 59 -5.47 -11.27 12.28
CA LYS A 59 -5.23 -10.02 11.56
C LYS A 59 -6.21 -9.83 10.40
N VAL A 60 -6.31 -8.57 9.97
CA VAL A 60 -6.72 -8.13 8.63
C VAL A 60 -5.78 -6.99 8.19
N PRO A 61 -5.48 -6.79 6.90
CA PRO A 61 -6.14 -7.35 5.71
C PRO A 61 -5.80 -8.81 5.36
N VAL A 62 -6.75 -9.51 4.73
CA VAL A 62 -6.75 -10.94 4.35
C VAL A 62 -7.75 -11.19 3.19
N VAL A 63 -7.70 -12.37 2.54
CA VAL A 63 -8.67 -12.74 1.48
C VAL A 63 -9.11 -14.20 1.53
N LYS A 64 -10.32 -14.45 1.02
CA LYS A 64 -10.84 -15.76 0.63
C LYS A 64 -10.90 -15.87 -0.90
N ILE A 65 -10.19 -16.82 -1.47
CA ILE A 65 -10.19 -17.13 -2.91
C ILE A 65 -11.21 -18.23 -3.17
N ASP A 66 -12.47 -17.83 -3.30
CA ASP A 66 -13.62 -18.75 -3.28
C ASP A 66 -13.69 -19.57 -1.98
N ASP A 67 -13.74 -18.88 -0.84
CA ASP A 67 -13.71 -19.44 0.52
C ASP A 67 -12.41 -20.16 0.95
N LYS A 68 -11.39 -20.23 0.09
CA LYS A 68 -10.06 -20.79 0.38
C LYS A 68 -9.10 -19.68 0.84
N TRP A 69 -8.69 -19.70 2.11
CA TRP A 69 -8.10 -18.54 2.80
C TRP A 69 -6.66 -18.21 2.38
N VAL A 70 -6.30 -16.93 2.51
CA VAL A 70 -4.94 -16.39 2.50
C VAL A 70 -4.84 -15.27 3.54
N ALA A 71 -3.76 -15.30 4.34
CA ALA A 71 -3.45 -14.36 5.42
C ALA A 71 -3.00 -12.97 4.89
N ASP A 72 -2.13 -12.27 5.63
CA ASP A 72 -1.80 -10.84 5.47
C ASP A 72 -1.65 -10.36 4.01
N SER A 73 -1.82 -9.04 3.83
CA SER A 73 -1.45 -8.30 2.60
C SER A 73 -0.03 -8.58 2.10
N ASP A 74 0.86 -8.90 3.02
CA ASP A 74 2.29 -9.00 2.76
C ASP A 74 2.74 -10.43 2.37
N VAL A 75 1.84 -11.41 2.45
CA VAL A 75 1.93 -12.69 1.74
C VAL A 75 0.92 -12.82 0.59
N ILE A 76 -0.16 -12.03 0.60
CA ILE A 76 -1.12 -11.90 -0.52
C ILE A 76 -0.43 -11.51 -1.83
N VAL A 77 0.55 -10.61 -1.78
CA VAL A 77 1.32 -10.16 -2.96
C VAL A 77 2.15 -11.26 -3.66
N GLY A 78 2.18 -12.49 -3.11
CA GLY A 78 2.49 -13.72 -3.87
C GLY A 78 1.32 -14.71 -3.90
N ILE A 79 0.78 -15.08 -2.73
CA ILE A 79 -0.13 -16.22 -2.57
C ILE A 79 -1.52 -15.98 -3.19
N LEU A 80 -2.03 -14.74 -3.23
CA LEU A 80 -3.20 -14.40 -4.04
C LEU A 80 -2.82 -14.33 -5.52
N GLU A 81 -1.71 -13.66 -5.82
CA GLU A 81 -1.28 -13.34 -7.19
C GLU A 81 -1.04 -14.59 -8.06
N GLU A 82 -0.52 -15.67 -7.49
CA GLU A 82 -0.38 -16.99 -8.14
C GLU A 82 -1.70 -17.76 -8.33
N LYS A 83 -2.66 -17.56 -7.41
CA LYS A 83 -3.92 -18.32 -7.33
C LYS A 83 -5.08 -17.65 -8.06
N ASN A 84 -4.89 -16.40 -8.43
CA ASN A 84 -5.79 -15.59 -9.23
C ASN A 84 -5.64 -15.91 -10.73
N PRO A 85 -6.71 -15.91 -11.55
CA PRO A 85 -6.63 -16.31 -12.96
C PRO A 85 -5.97 -15.27 -13.89
N GLU A 86 -5.87 -14.00 -13.50
CA GLU A 86 -4.98 -13.03 -14.16
C GLU A 86 -3.51 -13.30 -13.76
N PRO A 87 -2.51 -13.06 -14.63
CA PRO A 87 -1.09 -13.31 -14.31
C PRO A 87 -0.60 -12.61 -13.04
N PRO A 88 0.33 -13.21 -12.27
CA PRO A 88 0.75 -12.69 -10.98
C PRO A 88 1.44 -11.33 -11.09
N LEU A 89 0.94 -10.33 -10.34
CA LEU A 89 1.68 -9.09 -10.09
C LEU A 89 2.85 -9.27 -9.09
N ALA A 90 3.04 -10.49 -8.58
CA ALA A 90 4.14 -10.88 -7.72
C ALA A 90 5.52 -10.81 -8.42
N THR A 91 5.57 -11.06 -9.73
CA THR A 91 6.83 -11.24 -10.47
C THR A 91 7.70 -9.98 -10.39
N PRO A 92 8.87 -10.03 -9.71
CA PRO A 92 9.60 -8.81 -9.35
C PRO A 92 10.42 -8.26 -10.52
N PRO A 93 10.39 -6.94 -10.78
CA PRO A 93 11.41 -6.26 -11.56
C PRO A 93 12.71 -6.10 -10.76
N GLU A 94 13.78 -5.64 -11.41
CA GLU A 94 15.03 -5.23 -10.74
C GLU A 94 14.82 -4.08 -9.73
N PHE A 95 13.80 -3.24 -9.92
CA PHE A 95 13.37 -2.20 -8.97
C PHE A 95 12.99 -2.73 -7.59
N ALA A 96 12.62 -4.02 -7.46
CA ALA A 96 12.38 -4.65 -6.16
C ALA A 96 13.63 -4.74 -5.27
N SER A 97 14.84 -4.71 -5.84
CA SER A 97 16.12 -4.62 -5.10
C SER A 97 16.31 -3.29 -4.34
N VAL A 98 15.50 -2.28 -4.66
CA VAL A 98 15.48 -0.97 -3.97
C VAL A 98 14.14 -0.73 -3.27
N GLY A 99 13.03 -1.12 -3.90
CA GLY A 99 11.67 -1.03 -3.34
C GLY A 99 11.44 -1.86 -2.08
N SER A 100 12.19 -2.95 -1.90
CA SER A 100 12.23 -3.76 -0.67
C SER A 100 12.86 -3.04 0.54
N LYS A 101 13.68 -2.00 0.31
CA LYS A 101 14.23 -1.10 1.34
C LYS A 101 13.27 0.05 1.65
N ILE A 102 12.66 0.58 0.61
CA ILE A 102 11.70 1.68 0.68
C ILE A 102 10.41 1.27 1.42
N PHE A 103 10.00 0.01 1.28
CA PHE A 103 8.79 -0.54 1.92
C PHE A 103 8.79 -0.40 3.45
N PRO A 104 9.83 -0.84 4.20
CA PRO A 104 9.97 -0.55 5.62
C PRO A 104 10.52 0.86 5.93
N SER A 105 11.33 1.49 5.06
CA SER A 105 11.91 2.81 5.38
C SER A 105 10.85 3.93 5.39
N PHE A 106 9.79 3.80 4.58
CA PHE A 106 8.55 4.60 4.72
C PHE A 106 7.80 4.31 6.03
N VAL A 107 7.70 3.05 6.49
CA VAL A 107 7.06 2.73 7.79
C VAL A 107 7.83 3.36 8.95
N LYS A 108 9.17 3.36 8.88
CA LYS A 108 10.06 4.01 9.86
C LYS A 108 9.91 5.54 9.85
N PHE A 109 9.83 6.16 8.67
CA PHE A 109 9.60 7.61 8.52
C PHE A 109 8.23 8.06 9.05
N LEU A 110 7.22 7.25 8.78
CA LEU A 110 5.88 7.34 9.38
C LEU A 110 5.82 6.95 10.87
N LYS A 111 6.96 6.68 11.51
CA LYS A 111 7.13 6.39 12.92
C LYS A 111 8.21 7.29 13.52
N SER A 112 8.00 8.59 13.35
CA SER A 112 8.96 9.73 13.41
C SER A 112 9.69 9.97 14.75
N LYS A 113 9.76 8.96 15.61
CA LYS A 113 10.76 8.87 16.69
C LYS A 113 12.16 8.53 16.14
N ASP A 114 12.27 7.94 14.94
CA ASP A 114 13.47 8.13 14.10
C ASP A 114 13.44 9.57 13.54
N PRO A 115 14.46 10.42 13.76
CA PRO A 115 14.37 11.84 13.41
C PRO A 115 14.21 12.07 11.89
N ASN A 116 13.06 12.61 11.50
CA ASN A 116 12.67 12.80 10.09
C ASN A 116 13.73 13.50 9.21
N ASP A 117 14.37 14.57 9.69
CA ASP A 117 15.42 15.30 8.94
C ASP A 117 16.71 14.49 8.68
N GLY A 118 16.91 13.38 9.41
CA GLY A 118 17.93 12.36 9.13
C GLY A 118 17.37 11.15 8.36
N THR A 119 16.15 10.72 8.66
CA THR A 119 15.45 9.63 7.94
C THR A 119 15.27 9.95 6.45
N GLU A 120 14.95 11.20 6.14
CA GLU A 120 14.77 11.73 4.78
C GLU A 120 16.04 11.66 3.93
N GLN A 121 17.22 11.67 4.53
CA GLN A 121 18.49 11.48 3.81
C GLN A 121 18.63 10.03 3.33
N ALA A 122 18.25 9.06 4.16
CA ALA A 122 18.16 7.65 3.75
C ALA A 122 17.07 7.41 2.69
N LEU A 123 15.91 8.08 2.81
CA LEU A 123 14.87 8.03 1.78
C LEU A 123 15.34 8.61 0.44
N LEU A 124 16.11 9.71 0.44
CA LEU A 124 16.65 10.30 -0.79
C LEU A 124 17.64 9.37 -1.48
N GLU A 125 18.54 8.70 -0.77
CA GLU A 125 19.49 7.77 -1.39
C GLU A 125 18.81 6.49 -1.93
N GLU A 126 17.78 5.98 -1.23
CA GLU A 126 16.94 4.88 -1.73
C GLU A 126 16.12 5.30 -2.96
N LEU A 127 15.46 6.46 -2.93
CA LEU A 127 14.66 6.93 -4.06
C LEU A 127 15.51 7.34 -5.27
N LYS A 128 16.74 7.85 -5.11
CA LYS A 128 17.65 8.10 -6.24
C LYS A 128 18.02 6.81 -6.99
N ALA A 129 18.35 5.75 -6.25
CA ALA A 129 18.71 4.45 -6.81
C ALA A 129 17.54 3.78 -7.55
N LEU A 130 16.30 4.05 -7.13
CA LEU A 130 15.09 3.62 -7.82
C LEU A 130 14.78 4.49 -9.06
N ASP A 131 14.64 5.81 -8.86
CA ASP A 131 14.16 6.77 -9.85
C ASP A 131 15.10 6.96 -11.04
N GLY A 132 16.42 6.86 -10.81
CA GLY A 132 17.45 6.95 -11.85
C GLY A 132 17.28 5.93 -12.98
N HIS A 133 16.67 4.78 -12.70
CA HIS A 133 16.34 3.76 -13.70
C HIS A 133 14.84 3.70 -14.05
N LEU A 134 13.93 4.21 -13.21
CA LEU A 134 12.50 4.35 -13.57
C LEU A 134 12.28 5.37 -14.70
N LYS A 135 13.07 6.44 -14.72
CA LYS A 135 13.12 7.40 -15.85
C LYS A 135 13.64 6.83 -17.18
N VAL A 136 14.14 5.58 -17.18
CA VAL A 136 14.49 4.82 -18.39
C VAL A 136 13.39 3.80 -18.75
N HIS A 137 12.78 3.15 -17.75
CA HIS A 137 11.82 2.05 -17.94
C HIS A 137 10.34 2.42 -17.79
N GLY A 138 10.01 3.70 -17.63
CA GLY A 138 8.70 4.24 -17.96
C GLY A 138 7.72 4.41 -16.76
N PRO A 139 6.43 4.11 -16.97
CA PRO A 139 5.32 4.87 -16.35
C PRO A 139 4.88 4.49 -14.93
N PHE A 140 5.38 3.39 -14.34
CA PHE A 140 4.94 2.90 -13.02
C PHE A 140 6.13 2.62 -12.10
N ILE A 141 5.93 2.53 -10.78
CA ILE A 141 7.06 2.43 -9.82
C ILE A 141 7.73 1.04 -9.79
N ALA A 142 7.19 0.08 -10.54
CA ALA A 142 7.84 -1.17 -10.96
C ALA A 142 8.43 -1.16 -12.40
N GLY A 143 8.35 -0.05 -13.14
CA GLY A 143 8.77 0.07 -14.55
C GLY A 143 7.59 0.12 -15.53
N GLU A 144 7.61 -0.75 -16.54
CA GLU A 144 6.65 -0.75 -17.66
C GLU A 144 5.18 -1.01 -17.24
N LYS A 145 4.98 -1.74 -16.14
CA LYS A 145 3.68 -2.20 -15.63
C LYS A 145 3.61 -2.03 -14.11
N ILE A 146 2.42 -1.79 -13.60
CA ILE A 146 2.08 -1.91 -12.17
C ILE A 146 2.31 -3.36 -11.70
N THR A 147 3.28 -3.59 -10.81
CA THR A 147 3.55 -4.90 -10.19
C THR A 147 3.98 -4.74 -8.72
N ALA A 148 4.68 -5.73 -8.13
CA ALA A 148 4.97 -5.83 -6.70
C ALA A 148 5.58 -4.57 -6.05
N VAL A 149 6.28 -3.70 -6.79
CA VAL A 149 6.80 -2.43 -6.26
C VAL A 149 5.69 -1.38 -6.07
N ASP A 150 4.74 -1.26 -6.99
CA ASP A 150 3.50 -0.50 -6.81
C ASP A 150 2.64 -1.06 -5.68
N LEU A 151 2.48 -2.38 -5.62
CA LEU A 151 1.76 -3.05 -4.53
C LEU A 151 2.40 -2.79 -3.17
N SER A 152 3.71 -2.52 -3.13
CA SER A 152 4.46 -2.19 -1.90
C SER A 152 4.36 -0.71 -1.54
N LEU A 153 4.62 0.18 -2.50
CA LEU A 153 4.92 1.59 -2.24
C LEU A 153 3.76 2.55 -2.49
N ALA A 154 2.90 2.30 -3.49
CA ALA A 154 1.88 3.25 -3.92
C ALA A 154 0.91 3.73 -2.80
N PRO A 155 0.34 2.85 -1.97
CA PRO A 155 -0.52 3.30 -0.88
C PRO A 155 0.27 3.93 0.29
N LYS A 156 1.53 3.53 0.49
CA LYS A 156 2.42 4.18 1.48
C LYS A 156 2.80 5.60 1.07
N LEU A 157 2.97 5.87 -0.23
CA LEU A 157 3.17 7.22 -0.77
C LEU A 157 1.96 8.13 -0.55
N TYR A 158 0.73 7.63 -0.73
CA TYR A 158 -0.48 8.40 -0.43
C TYR A 158 -0.62 8.70 1.08
N HIS A 159 -0.36 7.68 1.92
CA HIS A 159 -0.38 7.83 3.37
C HIS A 159 0.70 8.82 3.88
N LEU A 160 1.85 8.91 3.19
CA LEU A 160 2.92 9.88 3.46
C LEU A 160 2.55 11.31 3.02
N GLU A 161 2.05 11.49 1.79
CA GLU A 161 1.62 12.78 1.24
C GLU A 161 0.53 13.43 2.11
N VAL A 162 -0.38 12.60 2.66
CA VAL A 162 -1.50 13.08 3.47
C VAL A 162 -1.17 13.17 4.97
N ALA A 163 -0.84 12.05 5.64
CA ALA A 163 -0.85 11.99 7.10
C ALA A 163 0.37 12.67 7.74
N LEU A 164 1.57 12.37 7.24
CA LEU A 164 2.80 13.07 7.66
C LEU A 164 2.88 14.46 7.01
N GLY A 165 2.38 14.60 5.78
CA GLY A 165 2.31 15.87 5.05
C GLY A 165 1.48 16.97 5.71
N HIS A 166 0.46 16.60 6.51
CA HIS A 166 -0.30 17.51 7.37
C HIS A 166 0.55 18.24 8.44
N PHE A 167 1.70 17.69 8.83
CA PHE A 167 2.59 18.27 9.85
C PHE A 167 3.98 18.65 9.28
N LYS A 168 4.46 17.92 8.28
CA LYS A 168 5.64 18.28 7.45
C LYS A 168 5.46 17.69 6.04
N ASN A 169 4.97 18.50 5.11
CA ASN A 169 4.97 18.15 3.69
C ASN A 169 6.41 18.07 3.14
N TRP A 170 6.93 16.86 3.05
CA TRP A 170 8.30 16.58 2.59
C TRP A 170 8.40 16.68 1.06
N PRO A 171 9.14 17.66 0.51
CA PRO A 171 9.20 17.87 -0.94
C PRO A 171 10.09 16.80 -1.60
N ILE A 172 9.47 15.92 -2.39
CA ILE A 172 10.15 15.06 -3.36
C ILE A 172 10.79 15.96 -4.44
N PRO A 173 12.13 16.04 -4.57
CA PRO A 173 12.76 16.98 -5.50
C PRO A 173 12.49 16.63 -6.98
N ASP A 174 12.64 17.61 -7.85
CA ASP A 174 12.47 17.49 -9.31
C ASP A 174 13.40 16.46 -9.96
N ASN A 175 14.56 16.23 -9.35
CA ASN A 175 15.51 15.17 -9.74
C ASN A 175 14.96 13.75 -9.60
N LEU A 176 13.98 13.51 -8.73
CA LEU A 176 13.25 12.26 -8.58
C LEU A 176 12.03 12.20 -9.53
N THR A 177 12.29 12.47 -10.81
CA THR A 177 11.31 12.97 -11.78
C THR A 177 10.21 11.95 -12.11
N HIS A 178 10.48 10.64 -12.04
CA HIS A 178 9.39 9.65 -12.10
C HIS A 178 8.61 9.63 -10.79
N VAL A 179 9.28 9.49 -9.63
CA VAL A 179 8.61 9.35 -8.32
C VAL A 179 7.72 10.54 -8.00
N LEU A 180 8.13 11.76 -8.36
CA LEU A 180 7.34 12.99 -8.24
C LEU A 180 6.04 12.97 -9.08
N ASN A 181 6.12 12.51 -10.35
CA ASN A 181 4.96 12.33 -11.21
C ASN A 181 4.08 11.13 -10.77
N TYR A 182 4.68 10.08 -10.22
CA TYR A 182 3.99 8.88 -9.76
C TYR A 182 3.02 9.15 -8.60
N ILE A 183 3.30 10.15 -7.76
CA ILE A 183 2.35 10.68 -6.77
C ILE A 183 1.03 11.08 -7.44
N LYS A 184 1.08 11.69 -8.62
CA LYS A 184 -0.13 12.15 -9.33
C LYS A 184 -0.81 11.07 -10.18
N LEU A 185 -0.21 9.88 -10.30
CA LEU A 185 -0.91 8.65 -10.70
C LEU A 185 -1.76 8.04 -9.59
N LEU A 186 -1.55 8.38 -8.30
CA LEU A 186 -2.33 7.83 -7.18
C LEU A 186 -3.82 8.20 -7.24
N PHE A 187 -4.16 9.27 -7.96
CA PHE A 187 -5.53 9.75 -8.19
C PHE A 187 -6.18 9.12 -9.45
N SER A 188 -5.54 8.12 -10.08
CA SER A 188 -5.84 7.63 -11.43
C SER A 188 -6.04 6.11 -11.53
N ARG A 189 -6.42 5.65 -12.75
CA ARG A 189 -6.95 4.31 -13.06
C ARG A 189 -8.14 3.97 -12.16
N GLU A 190 -8.49 2.69 -12.12
CA GLU A 190 -9.26 2.06 -11.04
C GLU A 190 -8.32 1.74 -9.87
N SER A 191 -7.11 1.29 -10.22
CA SER A 191 -6.13 0.63 -9.38
C SER A 191 -5.73 1.47 -8.16
N PHE A 192 -5.37 2.74 -8.36
CA PHE A 192 -4.98 3.65 -7.28
C PHE A 192 -6.15 4.52 -6.79
N LYS A 193 -6.96 5.06 -7.71
CA LYS A 193 -8.06 5.98 -7.41
C LYS A 193 -9.11 5.39 -6.47
N LYS A 194 -9.38 4.08 -6.56
CA LYS A 194 -10.30 3.37 -5.64
C LYS A 194 -9.68 3.10 -4.27
N THR A 195 -8.36 3.02 -4.17
CA THR A 195 -7.64 2.81 -2.90
C THR A 195 -7.29 4.12 -2.19
N ARG A 196 -7.45 5.28 -2.86
CA ARG A 196 -7.39 6.60 -2.25
C ARG A 196 -8.40 6.70 -1.09
N ALA A 197 -7.92 7.02 0.10
CA ALA A 197 -8.74 7.22 1.29
C ALA A 197 -9.13 8.69 1.51
N ALA A 198 -10.26 8.92 2.19
CA ALA A 198 -10.63 10.23 2.74
C ALA A 198 -9.62 10.70 3.81
N GLU A 199 -9.15 11.93 3.63
CA GLU A 199 -7.80 12.38 3.99
C GLU A 199 -7.66 12.71 5.49
N GLU A 200 -8.73 13.24 6.09
CA GLU A 200 -8.89 13.40 7.53
C GLU A 200 -8.81 12.07 8.30
N HIS A 201 -9.39 10.99 7.76
CA HIS A 201 -9.28 9.64 8.33
C HIS A 201 -7.98 8.90 7.99
N VAL A 202 -7.12 9.42 7.10
CA VAL A 202 -5.71 9.00 7.05
C VAL A 202 -4.92 9.65 8.18
N ILE A 203 -5.09 10.96 8.40
CA ILE A 203 -4.39 11.75 9.43
C ILE A 203 -4.75 11.26 10.85
N ALA A 204 -6.04 11.25 11.18
CA ALA A 204 -6.53 10.91 12.51
C ALA A 204 -6.29 9.43 12.90
N GLY A 205 -6.25 8.53 11.92
CA GLY A 205 -5.88 7.13 12.17
C GLY A 205 -4.36 6.87 12.18
N TRP A 206 -3.54 7.75 11.61
CA TRP A 206 -2.08 7.67 11.67
C TRP A 206 -1.51 8.11 13.03
N GLU A 207 -2.16 9.07 13.71
CA GLU A 207 -1.67 9.67 14.97
C GLU A 207 -1.10 8.66 16.01
N PRO A 208 -1.82 7.62 16.47
CA PRO A 208 -1.26 6.65 17.41
C PRO A 208 -0.09 5.83 16.83
N LYS A 209 -0.09 5.59 15.51
CA LYS A 209 0.88 4.74 14.78
C LYS A 209 2.19 5.44 14.44
N VAL A 210 2.34 6.74 14.74
CA VAL A 210 3.65 7.40 14.79
C VAL A 210 4.50 6.93 15.99
N ASN A 211 3.86 6.23 16.95
CA ASN A 211 4.52 5.60 18.11
C ASN A 211 4.26 4.08 18.22
N ALA A 212 3.04 3.62 17.94
CA ALA A 212 2.61 2.21 18.08
C ALA A 212 3.24 1.25 17.07
N MET A 1 -17.35 -17.47 -0.92
CA MET A 1 -17.22 -17.97 -2.32
C MET A 1 -16.86 -16.83 -3.26
N ALA A 2 -16.19 -17.11 -4.37
CA ALA A 2 -15.48 -16.11 -5.19
C ALA A 2 -14.50 -15.26 -4.33
N LEU A 3 -14.03 -14.11 -4.84
CA LEU A 3 -13.13 -13.22 -4.09
C LEU A 3 -13.89 -12.46 -2.99
N GLU A 4 -13.71 -12.87 -1.74
CA GLU A 4 -14.15 -12.13 -0.55
C GLU A 4 -12.94 -11.63 0.23
N ILE A 5 -12.82 -10.32 0.38
CA ILE A 5 -11.69 -9.63 1.03
C ILE A 5 -12.14 -9.20 2.42
N CYS A 6 -11.26 -9.27 3.43
CA CYS A 6 -11.44 -8.54 4.69
C CYS A 6 -10.24 -7.61 4.93
N VAL A 7 -10.49 -6.38 5.33
CA VAL A 7 -9.51 -5.27 5.29
C VAL A 7 -9.65 -4.38 6.52
N LYS A 8 -8.54 -3.88 7.07
CA LYS A 8 -8.61 -2.85 8.11
C LYS A 8 -9.23 -1.58 7.51
N ALA A 9 -10.27 -1.07 8.17
CA ALA A 9 -10.89 0.23 7.92
C ALA A 9 -10.14 1.36 8.66
N ALA A 10 -10.58 2.61 8.46
CA ALA A 10 -10.15 3.74 9.26
C ALA A 10 -10.37 3.50 10.76
N VAL A 11 -9.43 3.93 11.61
CA VAL A 11 -9.64 3.99 13.06
C VAL A 11 -10.90 4.79 13.38
N GLY A 12 -11.85 4.17 14.07
CA GLY A 12 -13.14 4.76 14.45
C GLY A 12 -14.22 4.80 13.36
N ALA A 13 -13.92 4.48 12.09
CA ALA A 13 -14.85 4.63 10.97
C ALA A 13 -14.83 3.41 10.01
N PRO A 14 -15.59 2.33 10.31
CA PRO A 14 -15.57 1.10 9.52
C PRO A 14 -16.07 1.20 8.07
N ASN A 15 -16.73 2.30 7.70
CA ASN A 15 -17.29 2.49 6.36
C ASN A 15 -16.22 2.79 5.29
N ILE A 16 -14.97 3.08 5.67
CA ILE A 16 -13.93 3.70 4.82
C ILE A 16 -12.52 3.17 5.14
N LEU A 17 -11.55 3.38 4.24
CA LEU A 17 -10.18 2.85 4.38
C LEU A 17 -9.29 3.59 5.39
N GLY A 18 -9.31 4.93 5.41
CA GLY A 18 -8.42 5.77 6.24
C GLY A 18 -6.94 5.36 6.24
N ASP A 19 -6.40 5.19 7.44
CA ASP A 19 -4.99 4.98 7.78
C ASP A 19 -4.32 3.68 7.27
N SER A 20 -4.90 2.95 6.30
CA SER A 20 -4.62 1.54 6.08
C SER A 20 -3.96 1.31 4.74
N PRO A 21 -2.64 1.65 4.52
CA PRO A 21 -1.94 1.40 3.27
C PRO A 21 -1.71 -0.10 3.01
N PHE A 22 -1.63 -0.90 4.08
CA PHE A 22 -1.61 -2.36 4.03
C PHE A 22 -2.91 -2.94 3.46
N CYS A 23 -4.13 -2.42 3.82
CA CYS A 23 -5.39 -2.77 3.18
C CYS A 23 -5.39 -2.39 1.71
N GLN A 24 -4.85 -1.22 1.40
CA GLN A 24 -4.86 -0.67 0.05
C GLN A 24 -3.99 -1.49 -0.92
N ARG A 25 -2.95 -2.21 -0.45
CA ARG A 25 -2.16 -3.17 -1.27
C ARG A 25 -3.04 -4.23 -1.95
N VAL A 26 -3.99 -4.78 -1.19
CA VAL A 26 -4.85 -5.93 -1.59
C VAL A 26 -5.90 -5.51 -2.62
N LEU A 27 -6.46 -4.31 -2.45
CA LEU A 27 -7.45 -3.74 -3.36
C LEU A 27 -6.79 -3.26 -4.67
N LEU A 28 -5.59 -2.70 -4.57
CA LEU A 28 -4.79 -2.19 -5.69
C LEU A 28 -4.47 -3.27 -6.76
N SER A 29 -4.07 -4.48 -6.37
CA SER A 29 -3.72 -5.53 -7.34
C SER A 29 -4.94 -6.06 -8.11
N LEU A 30 -6.06 -6.24 -7.41
CA LEU A 30 -7.32 -6.69 -8.01
C LEU A 30 -8.00 -5.62 -8.88
N GLU A 31 -7.88 -4.33 -8.52
CA GLU A 31 -8.36 -3.21 -9.34
C GLU A 31 -7.44 -2.86 -10.52
N GLU A 32 -6.15 -3.18 -10.43
CA GLU A 32 -5.29 -3.21 -11.62
C GLU A 32 -5.68 -4.34 -12.59
N LYS A 33 -6.02 -5.51 -12.04
CA LYS A 33 -6.64 -6.63 -12.78
C LYS A 33 -8.13 -6.44 -13.13
N LYS A 34 -8.75 -5.32 -12.72
CA LYS A 34 -10.17 -4.96 -12.96
C LYS A 34 -11.22 -5.92 -12.34
N ILE A 35 -10.82 -6.86 -11.48
CA ILE A 35 -11.67 -7.96 -11.02
C ILE A 35 -12.62 -7.47 -9.90
N PRO A 36 -13.94 -7.73 -9.96
CA PRO A 36 -14.84 -7.46 -8.85
C PRO A 36 -14.62 -8.42 -7.67
N TYR A 37 -14.82 -7.89 -6.45
CA TYR A 37 -14.67 -8.59 -5.18
C TYR A 37 -15.68 -8.05 -4.16
N LYS A 38 -15.95 -8.83 -3.10
CA LYS A 38 -16.73 -8.36 -1.95
C LYS A 38 -15.80 -7.96 -0.81
N SER A 39 -15.61 -6.65 -0.61
CA SER A 39 -14.78 -6.09 0.46
C SER A 39 -15.54 -6.00 1.79
N HIS A 40 -14.89 -6.39 2.88
CA HIS A 40 -15.37 -6.23 4.26
C HIS A 40 -14.38 -5.38 5.05
N LEU A 41 -14.64 -4.07 5.14
CA LEU A 41 -13.89 -3.14 5.98
C LEU A 41 -14.18 -3.38 7.47
N ILE A 42 -13.15 -3.38 8.31
CA ILE A 42 -13.21 -3.70 9.75
C ILE A 42 -12.47 -2.63 10.57
N ASN A 43 -13.17 -1.91 11.45
CA ASN A 43 -12.53 -1.03 12.42
C ASN A 43 -12.08 -1.85 13.64
N LEU A 44 -10.76 -2.07 13.78
CA LEU A 44 -10.12 -2.63 14.98
C LEU A 44 -10.69 -3.97 15.52
N GLY A 45 -11.36 -4.76 14.67
CA GLY A 45 -11.96 -6.04 15.06
C GLY A 45 -13.47 -6.02 15.30
N ASP A 46 -14.21 -5.04 14.77
CA ASP A 46 -15.68 -4.90 14.91
C ASP A 46 -16.56 -5.99 14.24
N LYS A 47 -16.02 -7.19 13.99
CA LYS A 47 -16.72 -8.33 13.36
C LYS A 47 -16.32 -9.65 14.02
N PRO A 48 -17.22 -10.67 14.02
CA PRO A 48 -16.90 -11.99 14.54
C PRO A 48 -15.75 -12.64 13.77
N GLN A 49 -15.14 -13.67 14.37
CA GLN A 49 -13.87 -14.23 13.92
C GLN A 49 -13.87 -14.87 12.51
N TRP A 50 -15.05 -15.05 11.91
CA TRP A 50 -15.29 -15.44 10.51
C TRP A 50 -14.64 -14.54 9.46
N PHE A 51 -14.38 -13.27 9.83
CA PHE A 51 -13.75 -12.24 9.00
C PHE A 51 -12.26 -11.99 9.34
N LEU A 52 -11.70 -12.76 10.29
CA LEU A 52 -10.39 -12.57 10.93
C LEU A 52 -9.52 -13.84 10.88
N GLU A 53 -10.14 -15.01 11.10
CA GLU A 53 -9.57 -16.38 11.06
C GLU A 53 -8.93 -16.78 9.72
N ILE A 54 -9.17 -15.97 8.70
CA ILE A 54 -8.56 -16.02 7.37
C ILE A 54 -7.03 -15.78 7.44
N SER A 55 -6.54 -15.14 8.52
CA SER A 55 -5.15 -15.25 8.98
C SER A 55 -5.05 -16.05 10.29
N PRO A 56 -3.94 -16.80 10.52
CA PRO A 56 -3.72 -17.50 11.80
C PRO A 56 -3.49 -16.57 12.99
N GLU A 57 -3.19 -15.29 12.73
CA GLU A 57 -2.96 -14.25 13.74
C GLU A 57 -4.23 -13.42 14.06
N GLY A 58 -5.38 -13.71 13.41
CA GLY A 58 -6.63 -12.97 13.60
C GLY A 58 -6.61 -11.52 13.06
N LYS A 59 -5.59 -11.18 12.26
CA LYS A 59 -5.42 -9.89 11.60
C LYS A 59 -6.34 -9.74 10.37
N VAL A 60 -6.46 -8.49 9.95
CA VAL A 60 -6.79 -8.06 8.58
C VAL A 60 -5.81 -6.96 8.18
N PRO A 61 -5.46 -6.78 6.88
CA PRO A 61 -6.08 -7.35 5.68
C PRO A 61 -5.75 -8.82 5.37
N VAL A 62 -6.68 -9.49 4.68
CA VAL A 62 -6.71 -10.93 4.33
C VAL A 62 -7.64 -11.17 3.13
N VAL A 63 -7.57 -12.34 2.48
CA VAL A 63 -8.54 -12.75 1.44
C VAL A 63 -8.97 -14.21 1.53
N LYS A 64 -10.23 -14.45 1.18
CA LYS A 64 -10.79 -15.75 0.81
C LYS A 64 -10.83 -15.87 -0.72
N ILE A 65 -9.99 -16.73 -1.28
CA ILE A 65 -9.98 -17.06 -2.72
C ILE A 65 -10.94 -18.23 -2.96
N ASP A 66 -12.22 -17.90 -3.12
CA ASP A 66 -13.33 -18.86 -3.07
C ASP A 66 -13.37 -19.67 -1.76
N ASP A 67 -13.32 -18.98 -0.62
CA ASP A 67 -13.26 -19.58 0.72
C ASP A 67 -12.04 -20.49 0.98
N LYS A 68 -10.94 -20.25 0.25
CA LYS A 68 -9.61 -20.83 0.50
C LYS A 68 -8.65 -19.72 0.91
N TRP A 69 -8.24 -19.75 2.18
CA TRP A 69 -7.86 -18.57 2.95
C TRP A 69 -6.40 -18.14 2.73
N VAL A 70 -6.14 -16.82 2.85
CA VAL A 70 -4.83 -16.20 2.75
C VAL A 70 -4.71 -15.08 3.78
N ALA A 71 -3.60 -15.07 4.51
CA ALA A 71 -3.25 -14.10 5.56
C ALA A 71 -2.87 -12.71 4.98
N ASP A 72 -1.98 -11.97 5.66
CA ASP A 72 -1.62 -10.57 5.40
C ASP A 72 -1.59 -10.14 3.92
N SER A 73 -1.78 -8.82 3.72
CA SER A 73 -1.41 -8.08 2.51
C SER A 73 0.00 -8.38 2.01
N ASP A 74 0.91 -8.70 2.92
CA ASP A 74 2.34 -8.83 2.67
C ASP A 74 2.75 -10.26 2.29
N VAL A 75 1.83 -11.23 2.40
CA VAL A 75 1.90 -12.52 1.68
C VAL A 75 0.92 -12.60 0.50
N ILE A 76 -0.16 -11.82 0.51
CA ILE A 76 -1.14 -11.71 -0.59
C ILE A 76 -0.47 -11.30 -1.91
N VAL A 77 0.49 -10.38 -1.87
CA VAL A 77 1.25 -9.94 -3.06
C VAL A 77 2.06 -11.05 -3.75
N GLY A 78 2.17 -12.24 -3.15
CA GLY A 78 2.49 -13.50 -3.84
C GLY A 78 1.30 -14.45 -3.95
N ILE A 79 0.72 -14.83 -2.80
CA ILE A 79 -0.21 -15.97 -2.70
C ILE A 79 -1.54 -15.74 -3.42
N LEU A 80 -2.07 -14.51 -3.44
CA LEU A 80 -3.25 -14.16 -4.25
C LEU A 80 -2.87 -14.08 -5.73
N GLU A 81 -1.73 -13.46 -6.04
CA GLU A 81 -1.26 -13.25 -7.40
C GLU A 81 -0.93 -14.56 -8.15
N GLU A 82 -0.54 -15.62 -7.44
CA GLU A 82 -0.43 -17.00 -7.94
C GLU A 82 -1.78 -17.66 -8.28
N LYS A 83 -2.82 -17.38 -7.47
CA LYS A 83 -4.06 -18.19 -7.37
C LYS A 83 -5.27 -17.51 -7.99
N ASN A 84 -5.14 -16.23 -8.28
CA ASN A 84 -6.01 -15.46 -9.16
C ASN A 84 -5.77 -15.86 -10.63
N PRO A 85 -6.80 -15.93 -11.50
CA PRO A 85 -6.65 -16.43 -12.87
C PRO A 85 -5.89 -15.48 -13.82
N GLU A 86 -5.85 -14.18 -13.54
CA GLU A 86 -5.00 -13.25 -14.28
C GLU A 86 -3.52 -13.43 -13.87
N PRO A 87 -2.54 -13.23 -14.78
CA PRO A 87 -1.13 -13.46 -14.47
C PRO A 87 -0.61 -12.64 -13.26
N PRO A 88 0.31 -13.20 -12.46
CA PRO A 88 0.73 -12.61 -11.19
C PRO A 88 1.33 -11.21 -11.36
N LEU A 89 0.89 -10.27 -10.52
CA LEU A 89 1.62 -9.03 -10.24
C LEU A 89 2.77 -9.22 -9.24
N ALA A 90 2.97 -10.44 -8.72
CA ALA A 90 4.06 -10.82 -7.83
C ALA A 90 5.46 -10.76 -8.48
N THR A 91 5.55 -11.02 -9.79
CA THR A 91 6.82 -11.25 -10.49
C THR A 91 7.69 -9.98 -10.44
N PRO A 92 8.86 -10.01 -9.77
CA PRO A 92 9.61 -8.80 -9.49
C PRO A 92 10.43 -8.32 -10.71
N PRO A 93 10.40 -7.01 -11.03
CA PRO A 93 11.47 -6.36 -11.80
C PRO A 93 12.71 -6.13 -10.92
N GLU A 94 13.80 -5.63 -11.53
CA GLU A 94 15.01 -5.22 -10.80
C GLU A 94 14.75 -4.12 -9.74
N PHE A 95 13.73 -3.27 -9.96
CA PHE A 95 13.25 -2.26 -9.01
C PHE A 95 12.83 -2.81 -7.65
N ALA A 96 12.41 -4.08 -7.57
CA ALA A 96 12.06 -4.73 -6.31
C ALA A 96 13.25 -4.84 -5.34
N SER A 97 14.49 -4.91 -5.85
CA SER A 97 15.70 -4.91 -5.03
C SER A 97 15.86 -3.62 -4.22
N VAL A 98 15.59 -2.46 -4.83
CA VAL A 98 15.64 -1.14 -4.18
C VAL A 98 14.36 -0.84 -3.40
N GLY A 99 13.20 -1.21 -3.94
CA GLY A 99 11.89 -1.10 -3.29
C GLY A 99 11.75 -1.90 -1.99
N SER A 100 12.55 -2.97 -1.82
CA SER A 100 12.64 -3.74 -0.57
C SER A 100 13.16 -2.93 0.63
N LYS A 101 13.93 -1.85 0.38
CA LYS A 101 14.39 -0.89 1.40
C LYS A 101 13.34 0.20 1.69
N ILE A 102 12.72 0.69 0.61
CA ILE A 102 11.75 1.79 0.66
C ILE A 102 10.46 1.36 1.38
N PHE A 103 10.04 0.11 1.22
CA PHE A 103 8.83 -0.42 1.85
C PHE A 103 8.84 -0.36 3.40
N PRO A 104 9.90 -0.81 4.12
CA PRO A 104 10.04 -0.58 5.56
C PRO A 104 10.55 0.81 5.93
N SER A 105 11.38 1.50 5.12
CA SER A 105 11.88 2.84 5.47
C SER A 105 10.78 3.91 5.44
N PHE A 106 9.72 3.73 4.63
CA PHE A 106 8.45 4.45 4.78
C PHE A 106 7.74 4.19 6.12
N VAL A 107 7.70 2.94 6.62
CA VAL A 107 7.07 2.63 7.92
C VAL A 107 7.84 3.29 9.06
N LYS A 108 9.18 3.36 8.94
CA LYS A 108 10.09 4.04 9.88
C LYS A 108 9.88 5.56 9.88
N PHE A 109 9.76 6.17 8.69
CA PHE A 109 9.50 7.60 8.51
C PHE A 109 8.12 8.05 9.00
N LEU A 110 7.11 7.19 8.81
CA LEU A 110 5.78 7.31 9.39
C LEU A 110 5.73 6.91 10.89
N LYS A 111 6.88 6.78 11.56
CA LYS A 111 7.04 6.42 12.97
C LYS A 111 8.17 7.27 13.60
N SER A 112 7.96 8.58 13.57
CA SER A 112 8.91 9.71 13.71
C SER A 112 9.80 9.81 14.97
N LYS A 113 9.94 8.72 15.74
CA LYS A 113 10.90 8.55 16.85
C LYS A 113 12.33 8.39 16.34
N ASP A 114 12.49 7.82 15.15
CA ASP A 114 13.71 7.97 14.34
C ASP A 114 13.62 9.32 13.59
N PRO A 115 14.57 10.26 13.76
CA PRO A 115 14.40 11.64 13.29
C PRO A 115 14.10 11.75 11.78
N ASN A 116 12.98 12.42 11.47
CA ASN A 116 12.47 12.55 10.10
C ASN A 116 13.45 13.24 9.14
N ASP A 117 14.08 14.33 9.56
CA ASP A 117 15.10 15.04 8.75
C ASP A 117 16.36 14.19 8.46
N GLY A 118 16.64 13.15 9.25
CA GLY A 118 17.68 12.16 8.96
C GLY A 118 17.19 10.99 8.11
N THR A 119 15.97 10.51 8.38
CA THR A 119 15.31 9.47 7.59
C THR A 119 14.93 9.91 6.17
N GLU A 120 14.70 11.20 5.94
CA GLU A 120 14.52 11.81 4.62
C GLU A 120 15.80 11.73 3.77
N GLN A 121 16.98 11.87 4.38
CA GLN A 121 18.26 11.70 3.68
C GLN A 121 18.49 10.24 3.26
N ALA A 122 18.13 9.29 4.12
CA ALA A 122 18.14 7.86 3.79
C ALA A 122 17.12 7.50 2.70
N LEU A 123 15.91 8.04 2.77
CA LEU A 123 14.87 7.87 1.74
C LEU A 123 15.29 8.48 0.40
N LEU A 124 15.97 9.62 0.36
CA LEU A 124 16.51 10.18 -0.89
C LEU A 124 17.62 9.28 -1.49
N GLU A 125 18.46 8.65 -0.68
CA GLU A 125 19.48 7.70 -1.17
C GLU A 125 18.88 6.39 -1.69
N GLU A 126 17.78 5.93 -1.08
CA GLU A 126 17.00 4.78 -1.58
C GLU A 126 16.23 5.11 -2.87
N LEU A 127 15.56 6.27 -2.91
CA LEU A 127 14.74 6.71 -4.04
C LEU A 127 15.56 7.15 -5.27
N LYS A 128 16.77 7.71 -5.10
CA LYS A 128 17.66 8.03 -6.23
C LYS A 128 18.02 6.78 -7.06
N ALA A 129 18.33 5.68 -6.38
CA ALA A 129 18.66 4.41 -7.03
C ALA A 129 17.46 3.79 -7.78
N LEU A 130 16.23 3.99 -7.28
CA LEU A 130 15.01 3.57 -7.94
C LEU A 130 14.68 4.46 -9.15
N ASP A 131 14.61 5.77 -8.93
CA ASP A 131 14.16 6.78 -9.88
C ASP A 131 15.09 6.94 -11.09
N GLY A 132 16.40 6.80 -10.89
CA GLY A 132 17.40 6.85 -11.96
C GLY A 132 17.18 5.82 -13.06
N HIS A 133 16.68 4.63 -12.71
CA HIS A 133 16.31 3.57 -13.65
C HIS A 133 14.83 3.62 -14.06
N LEU A 134 13.91 4.12 -13.23
CA LEU A 134 12.49 4.26 -13.58
C LEU A 134 12.28 5.25 -14.74
N LYS A 135 13.06 6.34 -14.76
CA LYS A 135 13.10 7.32 -15.87
C LYS A 135 13.60 6.74 -17.20
N VAL A 136 14.12 5.52 -17.22
CA VAL A 136 14.47 4.76 -18.43
C VAL A 136 13.39 3.75 -18.83
N HIS A 137 12.69 3.15 -17.87
CA HIS A 137 11.74 2.04 -18.10
C HIS A 137 10.27 2.45 -18.26
N GLY A 138 9.85 3.59 -17.71
CA GLY A 138 8.48 4.09 -17.83
C GLY A 138 7.60 3.90 -16.58
N PRO A 139 6.28 4.11 -16.76
CA PRO A 139 5.51 5.08 -15.97
C PRO A 139 5.03 4.65 -14.58
N PHE A 140 5.23 3.40 -14.18
CA PHE A 140 4.77 2.87 -12.89
C PHE A 140 5.96 2.66 -11.93
N ILE A 141 5.76 2.56 -10.61
CA ILE A 141 6.91 2.53 -9.68
C ILE A 141 7.61 1.15 -9.65
N ALA A 142 7.07 0.17 -10.38
CA ALA A 142 7.76 -1.04 -10.83
C ALA A 142 8.30 -0.99 -12.29
N GLY A 143 8.11 0.10 -13.04
CA GLY A 143 8.54 0.23 -14.44
C GLY A 143 7.40 0.23 -15.45
N GLU A 144 7.45 -0.65 -16.45
CA GLU A 144 6.53 -0.68 -17.60
C GLU A 144 5.09 -1.08 -17.25
N LYS A 145 4.91 -1.76 -16.12
CA LYS A 145 3.63 -2.29 -15.62
C LYS A 145 3.53 -2.06 -14.12
N ILE A 146 2.30 -1.90 -13.62
CA ILE A 146 2.00 -1.97 -12.17
C ILE A 146 2.24 -3.41 -11.68
N THR A 147 3.25 -3.62 -10.85
CA THR A 147 3.58 -4.93 -10.24
C THR A 147 4.01 -4.76 -8.77
N ALA A 148 4.67 -5.76 -8.18
CA ALA A 148 4.94 -5.85 -6.75
C ALA A 148 5.56 -4.59 -6.10
N VAL A 149 6.26 -3.74 -6.84
CA VAL A 149 6.80 -2.47 -6.32
C VAL A 149 5.71 -1.40 -6.16
N ASP A 150 4.76 -1.27 -7.09
CA ASP A 150 3.52 -0.49 -6.90
C ASP A 150 2.66 -1.04 -5.77
N LEU A 151 2.48 -2.37 -5.74
CA LEU A 151 1.73 -3.03 -4.65
C LEU A 151 2.37 -2.77 -3.28
N SER A 152 3.68 -2.48 -3.22
CA SER A 152 4.39 -2.14 -1.99
C SER A 152 4.32 -0.64 -1.67
N LEU A 153 4.73 0.21 -2.62
CA LEU A 153 5.08 1.60 -2.35
C LEU A 153 3.90 2.58 -2.55
N ALA A 154 2.97 2.30 -3.47
CA ALA A 154 1.95 3.26 -3.88
C ALA A 154 1.03 3.75 -2.73
N PRO A 155 0.41 2.86 -1.92
CA PRO A 155 -0.44 3.34 -0.82
C PRO A 155 0.36 3.93 0.34
N LYS A 156 1.64 3.55 0.49
CA LYS A 156 2.53 4.19 1.47
C LYS A 156 2.96 5.59 1.04
N LEU A 157 3.18 5.85 -0.25
CA LEU A 157 3.36 7.20 -0.80
C LEU A 157 2.11 8.09 -0.62
N TYR A 158 0.91 7.54 -0.76
CA TYR A 158 -0.33 8.26 -0.45
C TYR A 158 -0.44 8.62 1.04
N HIS A 159 -0.09 7.67 1.91
CA HIS A 159 -0.06 7.87 3.36
C HIS A 159 1.07 8.84 3.82
N LEU A 160 2.17 8.97 3.06
CA LEU A 160 3.17 10.03 3.22
C LEU A 160 2.58 11.41 2.84
N GLU A 161 2.05 11.57 1.62
CA GLU A 161 1.54 12.86 1.14
C GLU A 161 0.41 13.41 2.01
N VAL A 162 -0.45 12.52 2.53
CA VAL A 162 -1.59 12.89 3.39
C VAL A 162 -1.21 12.99 4.87
N ALA A 163 -0.85 11.88 5.53
CA ALA A 163 -0.85 11.81 6.99
C ALA A 163 0.33 12.55 7.64
N LEU A 164 1.56 12.27 7.17
CA LEU A 164 2.75 12.98 7.62
C LEU A 164 2.90 14.34 6.91
N GLY A 165 2.47 14.43 5.65
CA GLY A 165 2.46 15.68 4.87
C GLY A 165 1.60 16.81 5.45
N HIS A 166 0.57 16.47 6.23
CA HIS A 166 -0.22 17.43 7.03
C HIS A 166 0.59 18.16 8.12
N PHE A 167 1.69 17.60 8.60
CA PHE A 167 2.54 18.19 9.65
C PHE A 167 3.95 18.56 9.17
N LYS A 168 4.48 17.86 8.17
CA LYS A 168 5.64 18.26 7.37
C LYS A 168 5.49 17.70 5.95
N ASN A 169 5.10 18.56 5.02
CA ASN A 169 5.09 18.26 3.59
C ASN A 169 6.54 18.23 3.06
N TRP A 170 7.18 17.07 3.19
CA TRP A 170 8.54 16.80 2.70
C TRP A 170 8.57 16.80 1.16
N PRO A 171 9.25 17.75 0.51
CA PRO A 171 9.25 17.85 -0.94
C PRO A 171 10.11 16.75 -1.56
N ILE A 172 9.49 15.92 -2.40
CA ILE A 172 10.19 15.05 -3.35
C ILE A 172 10.83 15.95 -4.43
N PRO A 173 12.17 15.99 -4.58
CA PRO A 173 12.82 16.89 -5.52
C PRO A 173 12.47 16.59 -6.98
N ASP A 174 12.62 17.60 -7.85
CA ASP A 174 12.46 17.50 -9.30
C ASP A 174 13.41 16.48 -9.96
N ASN A 175 14.57 16.26 -9.35
CA ASN A 175 15.53 15.22 -9.74
C ASN A 175 15.01 13.79 -9.54
N LEU A 176 14.09 13.55 -8.60
CA LEU A 176 13.32 12.30 -8.47
C LEU A 176 12.08 12.33 -9.38
N THR A 177 12.30 12.62 -10.65
CA THR A 177 11.28 13.07 -11.60
C THR A 177 10.20 12.02 -11.83
N HIS A 178 10.53 10.73 -11.73
CA HIS A 178 9.53 9.67 -11.82
C HIS A 178 8.71 9.54 -10.53
N VAL A 179 9.37 9.53 -9.37
CA VAL A 179 8.69 9.44 -8.06
C VAL A 179 7.73 10.63 -7.86
N LEU A 180 8.14 11.84 -8.25
CA LEU A 180 7.35 13.07 -8.18
C LEU A 180 6.09 13.02 -9.07
N ASN A 181 6.20 12.55 -10.31
CA ASN A 181 5.05 12.33 -11.20
C ASN A 181 4.14 11.19 -10.70
N TYR A 182 4.73 10.13 -10.14
CA TYR A 182 4.02 8.95 -9.67
C TYR A 182 3.06 9.25 -8.51
N ILE A 183 3.33 10.28 -7.70
CA ILE A 183 2.38 10.81 -6.70
C ILE A 183 1.03 11.18 -7.35
N LYS A 184 1.03 11.70 -8.58
CA LYS A 184 -0.20 12.10 -9.27
C LYS A 184 -0.86 10.98 -10.09
N LEU A 185 -0.18 9.84 -10.24
CA LEU A 185 -0.81 8.56 -10.58
C LEU A 185 -1.60 7.93 -9.41
N LEU A 186 -1.35 8.31 -8.15
CA LEU A 186 -2.13 7.82 -7.00
C LEU A 186 -3.61 8.24 -7.06
N PHE A 187 -3.92 9.29 -7.81
CA PHE A 187 -5.27 9.81 -8.04
C PHE A 187 -5.92 9.24 -9.34
N SER A 188 -5.29 8.25 -9.97
CA SER A 188 -5.58 7.79 -11.33
C SER A 188 -5.92 6.28 -11.43
N ARG A 189 -6.26 5.84 -12.65
CA ARG A 189 -6.82 4.52 -12.98
C ARG A 189 -8.05 4.23 -12.10
N GLU A 190 -8.44 2.97 -12.06
CA GLU A 190 -9.20 2.34 -10.97
C GLU A 190 -8.27 2.01 -9.79
N SER A 191 -7.10 1.47 -10.12
CA SER A 191 -6.15 0.77 -9.26
C SER A 191 -5.74 1.60 -8.04
N PHE A 192 -5.33 2.86 -8.27
CA PHE A 192 -4.97 3.77 -7.19
C PHE A 192 -6.16 4.60 -6.70
N LYS A 193 -6.96 5.15 -7.63
CA LYS A 193 -8.08 6.06 -7.32
C LYS A 193 -9.15 5.44 -6.42
N LYS A 194 -9.43 4.13 -6.51
CA LYS A 194 -10.34 3.42 -5.60
C LYS A 194 -9.75 3.15 -4.21
N THR A 195 -8.43 3.10 -4.11
CA THR A 195 -7.70 2.95 -2.83
C THR A 195 -7.39 4.27 -2.12
N ARG A 196 -7.55 5.41 -2.82
CA ARG A 196 -7.48 6.77 -2.25
C ARG A 196 -8.44 6.88 -1.05
N ALA A 197 -7.88 6.99 0.15
CA ALA A 197 -8.63 7.08 1.39
C ALA A 197 -8.94 8.53 1.79
N ALA A 198 -10.14 8.77 2.33
CA ALA A 198 -10.60 10.07 2.80
C ALA A 198 -9.64 10.66 3.85
N GLU A 199 -9.09 11.83 3.53
CA GLU A 199 -7.76 12.27 3.97
C GLU A 199 -7.66 12.54 5.48
N GLU A 200 -8.72 13.11 6.07
CA GLU A 200 -8.85 13.35 7.52
C GLU A 200 -8.76 12.05 8.34
N HIS A 201 -9.32 10.96 7.80
CA HIS A 201 -9.28 9.63 8.41
C HIS A 201 -7.98 8.85 8.14
N VAL A 202 -7.13 9.32 7.22
CA VAL A 202 -5.73 8.85 7.13
C VAL A 202 -4.88 9.53 8.20
N ILE A 203 -5.05 10.85 8.39
CA ILE A 203 -4.35 11.66 9.40
C ILE A 203 -4.68 11.18 10.83
N ALA A 204 -5.96 11.16 11.20
CA ALA A 204 -6.40 10.81 12.56
C ALA A 204 -6.14 9.33 12.92
N GLY A 205 -6.17 8.42 11.94
CA GLY A 205 -5.82 7.02 12.17
C GLY A 205 -4.31 6.73 12.19
N TRP A 206 -3.49 7.62 11.61
CA TRP A 206 -2.03 7.58 11.69
C TRP A 206 -1.48 8.16 13.01
N GLU A 207 -2.18 9.10 13.65
CA GLU A 207 -1.73 9.74 14.90
C GLU A 207 -1.29 8.75 16.02
N PRO A 208 -2.05 7.71 16.39
CA PRO A 208 -1.56 6.70 17.34
C PRO A 208 -0.43 5.81 16.76
N LYS A 209 -0.38 5.66 15.44
CA LYS A 209 0.55 4.77 14.71
C LYS A 209 1.93 5.38 14.42
N VAL A 210 2.10 6.70 14.60
CA VAL A 210 3.44 7.31 14.74
C VAL A 210 4.13 6.84 16.02
N ASN A 211 3.34 6.38 17.00
CA ASN A 211 3.83 5.82 18.26
C ASN A 211 3.89 4.30 18.28
N ALA A 212 2.78 3.64 17.95
CA ALA A 212 2.52 2.20 18.11
C ALA A 212 3.23 1.32 17.08
N MET A 1 -17.47 -17.50 -0.73
CA MET A 1 -17.42 -17.92 -2.15
C MET A 1 -16.92 -16.79 -3.04
N ALA A 2 -16.25 -17.12 -4.15
CA ALA A 2 -15.51 -16.16 -4.99
C ALA A 2 -14.54 -15.29 -4.14
N LEU A 3 -14.03 -14.19 -4.70
CA LEU A 3 -13.14 -13.27 -3.97
C LEU A 3 -13.92 -12.49 -2.89
N GLU A 4 -13.75 -12.90 -1.64
CA GLU A 4 -14.18 -12.13 -0.47
C GLU A 4 -12.94 -11.58 0.27
N ILE A 5 -12.82 -10.27 0.37
CA ILE A 5 -11.69 -9.58 1.02
C ILE A 5 -12.13 -9.16 2.42
N CYS A 6 -11.25 -9.23 3.41
CA CYS A 6 -11.43 -8.54 4.69
C CYS A 6 -10.23 -7.62 4.96
N VAL A 7 -10.48 -6.37 5.34
CA VAL A 7 -9.51 -5.27 5.29
C VAL A 7 -9.68 -4.37 6.51
N LYS A 8 -8.58 -3.85 7.09
CA LYS A 8 -8.69 -2.83 8.14
C LYS A 8 -9.28 -1.55 7.55
N ALA A 9 -10.34 -1.04 8.18
CA ALA A 9 -10.95 0.26 7.95
C ALA A 9 -10.19 1.39 8.64
N ALA A 10 -10.61 2.62 8.44
CA ALA A 10 -10.17 3.77 9.24
C ALA A 10 -10.42 3.53 10.74
N VAL A 11 -9.48 3.97 11.59
CA VAL A 11 -9.70 4.03 13.04
C VAL A 11 -10.97 4.84 13.35
N GLY A 12 -11.93 4.20 14.02
CA GLY A 12 -13.22 4.78 14.41
C GLY A 12 -14.32 4.75 13.33
N ALA A 13 -13.99 4.51 12.06
CA ALA A 13 -14.94 4.64 10.95
C ALA A 13 -14.91 3.41 10.00
N PRO A 14 -15.74 2.38 10.24
CA PRO A 14 -15.73 1.13 9.46
C PRO A 14 -16.15 1.28 7.99
N ASN A 15 -16.74 2.40 7.60
CA ASN A 15 -17.25 2.65 6.24
C ASN A 15 -16.15 2.95 5.20
N ILE A 16 -14.91 3.21 5.63
CA ILE A 16 -13.83 3.81 4.79
C ILE A 16 -12.45 3.21 5.11
N LEU A 17 -11.48 3.39 4.21
CA LEU A 17 -10.11 2.85 4.37
C LEU A 17 -9.25 3.59 5.40
N GLY A 18 -9.29 4.93 5.40
CA GLY A 18 -8.42 5.79 6.24
C GLY A 18 -6.94 5.39 6.24
N ASP A 19 -6.41 5.21 7.45
CA ASP A 19 -5.01 4.97 7.81
C ASP A 19 -4.37 3.64 7.34
N SER A 20 -4.94 2.95 6.33
CA SER A 20 -4.69 1.53 6.07
C SER A 20 -4.09 1.33 4.69
N PRO A 21 -2.82 1.75 4.39
CA PRO A 21 -2.16 1.48 3.12
C PRO A 21 -1.82 -0.01 2.92
N PHE A 22 -1.71 -0.78 4.00
CA PHE A 22 -1.68 -2.25 3.96
C PHE A 22 -2.96 -2.87 3.38
N CYS A 23 -4.18 -2.37 3.75
CA CYS A 23 -5.45 -2.75 3.13
C CYS A 23 -5.46 -2.37 1.66
N GLN A 24 -4.95 -1.19 1.31
CA GLN A 24 -4.94 -0.68 -0.05
C GLN A 24 -4.09 -1.55 -1.01
N ARG A 25 -3.03 -2.24 -0.54
CA ARG A 25 -2.23 -3.20 -1.36
C ARG A 25 -3.10 -4.27 -2.02
N VAL A 26 -4.05 -4.82 -1.26
CA VAL A 26 -4.90 -5.96 -1.64
C VAL A 26 -5.98 -5.56 -2.65
N LEU A 27 -6.52 -4.36 -2.50
CA LEU A 27 -7.49 -3.78 -3.43
C LEU A 27 -6.81 -3.34 -4.74
N LEU A 28 -5.61 -2.77 -4.64
CA LEU A 28 -4.78 -2.27 -5.75
C LEU A 28 -4.48 -3.36 -6.79
N SER A 29 -4.08 -4.58 -6.39
CA SER A 29 -3.75 -5.63 -7.35
C SER A 29 -4.97 -6.15 -8.13
N LEU A 30 -6.10 -6.36 -7.44
CA LEU A 30 -7.34 -6.81 -8.04
C LEU A 30 -8.03 -5.74 -8.90
N GLU A 31 -7.90 -4.46 -8.55
CA GLU A 31 -8.39 -3.34 -9.37
C GLU A 31 -7.48 -3.00 -10.56
N GLU A 32 -6.18 -3.31 -10.50
CA GLU A 32 -5.38 -3.31 -11.73
C GLU A 32 -5.73 -4.48 -12.66
N LYS A 33 -6.06 -5.65 -12.08
CA LYS A 33 -6.67 -6.78 -12.81
C LYS A 33 -8.15 -6.58 -13.18
N LYS A 34 -8.76 -5.46 -12.77
CA LYS A 34 -10.17 -5.06 -13.02
C LYS A 34 -11.23 -6.03 -12.43
N ILE A 35 -10.84 -6.97 -11.57
CA ILE A 35 -11.71 -8.05 -11.07
C ILE A 35 -12.62 -7.53 -9.95
N PRO A 36 -13.95 -7.77 -9.98
CA PRO A 36 -14.85 -7.46 -8.86
C PRO A 36 -14.66 -8.43 -7.67
N TYR A 37 -14.85 -7.91 -6.47
CA TYR A 37 -14.69 -8.63 -5.20
C TYR A 37 -15.68 -8.12 -4.14
N LYS A 38 -15.96 -8.93 -3.11
CA LYS A 38 -16.78 -8.55 -1.95
C LYS A 38 -15.89 -8.11 -0.79
N SER A 39 -15.66 -6.80 -0.66
CA SER A 39 -14.82 -6.22 0.41
C SER A 39 -15.58 -6.06 1.74
N HIS A 40 -14.93 -6.42 2.85
CA HIS A 40 -15.39 -6.18 4.21
C HIS A 40 -14.37 -5.29 4.95
N LEU A 41 -14.65 -4.00 5.06
CA LEU A 41 -13.89 -3.08 5.90
C LEU A 41 -14.20 -3.32 7.39
N ILE A 42 -13.16 -3.34 8.23
CA ILE A 42 -13.23 -3.71 9.66
C ILE A 42 -12.55 -2.65 10.52
N ASN A 43 -13.30 -2.00 11.41
CA ASN A 43 -12.76 -1.07 12.40
C ASN A 43 -12.33 -1.83 13.66
N LEU A 44 -11.03 -2.08 13.81
CA LEU A 44 -10.40 -2.63 15.03
C LEU A 44 -11.00 -3.95 15.57
N GLY A 45 -11.69 -4.73 14.74
CA GLY A 45 -12.37 -5.96 15.13
C GLY A 45 -13.90 -5.84 15.32
N ASP A 46 -14.56 -4.86 14.69
CA ASP A 46 -16.03 -4.69 14.73
C ASP A 46 -16.86 -5.83 14.08
N LYS A 47 -16.24 -6.97 13.72
CA LYS A 47 -16.88 -8.13 13.07
C LYS A 47 -16.32 -9.44 13.66
N PRO A 48 -17.15 -10.50 13.77
CA PRO A 48 -16.76 -11.76 14.40
C PRO A 48 -15.62 -12.45 13.65
N GLN A 49 -15.04 -13.46 14.29
CA GLN A 49 -13.77 -14.08 13.85
C GLN A 49 -13.82 -14.75 12.46
N TRP A 50 -15.01 -14.99 11.90
CA TRP A 50 -15.25 -15.38 10.50
C TRP A 50 -14.70 -14.41 9.43
N PHE A 51 -14.38 -13.17 9.81
CA PHE A 51 -13.79 -12.13 8.95
C PHE A 51 -12.31 -11.82 9.30
N LEU A 52 -11.70 -12.60 10.22
CA LEU A 52 -10.38 -12.39 10.84
C LEU A 52 -9.50 -13.66 10.80
N GLU A 53 -10.09 -14.83 11.05
CA GLU A 53 -9.49 -16.18 11.09
C GLU A 53 -8.91 -16.66 9.75
N ILE A 54 -9.13 -15.88 8.70
CA ILE A 54 -8.50 -15.97 7.38
C ILE A 54 -6.97 -15.71 7.46
N SER A 55 -6.48 -15.11 8.56
CA SER A 55 -5.09 -15.24 9.02
C SER A 55 -5.00 -15.94 10.39
N PRO A 56 -3.91 -16.67 10.69
CA PRO A 56 -3.72 -17.33 11.99
C PRO A 56 -3.58 -16.33 13.15
N GLU A 57 -3.11 -15.12 12.86
CA GLU A 57 -2.95 -14.02 13.82
C GLU A 57 -4.28 -13.33 14.20
N GLY A 58 -5.38 -13.63 13.50
CA GLY A 58 -6.63 -12.86 13.56
C GLY A 58 -6.52 -11.43 12.98
N LYS A 59 -5.43 -11.14 12.26
CA LYS A 59 -5.20 -9.87 11.57
C LYS A 59 -6.12 -9.73 10.36
N VAL A 60 -6.27 -8.48 9.94
CA VAL A 60 -6.65 -8.07 8.58
C VAL A 60 -5.73 -6.91 8.15
N PRO A 61 -5.40 -6.73 6.86
CA PRO A 61 -6.01 -7.31 5.65
C PRO A 61 -5.69 -8.78 5.34
N VAL A 62 -6.63 -9.46 4.66
CA VAL A 62 -6.65 -10.89 4.29
C VAL A 62 -7.58 -11.13 3.09
N VAL A 63 -7.51 -12.31 2.45
CA VAL A 63 -8.47 -12.73 1.39
C VAL A 63 -8.93 -14.18 1.49
N LYS A 64 -10.19 -14.40 1.13
CA LYS A 64 -10.80 -15.68 0.78
C LYS A 64 -10.78 -15.85 -0.73
N ILE A 65 -9.98 -16.79 -1.25
CA ILE A 65 -9.93 -17.14 -2.68
C ILE A 65 -10.93 -18.25 -2.94
N ASP A 66 -12.20 -17.86 -3.07
CA ASP A 66 -13.36 -18.76 -2.99
C ASP A 66 -13.39 -19.56 -1.66
N ASP A 67 -13.28 -18.83 -0.55
CA ASP A 67 -13.19 -19.39 0.81
C ASP A 67 -11.97 -20.30 1.08
N LYS A 68 -10.92 -20.21 0.23
CA LYS A 68 -9.60 -20.81 0.49
C LYS A 68 -8.64 -19.69 0.92
N TRP A 69 -8.33 -19.67 2.22
CA TRP A 69 -7.86 -18.48 2.93
C TRP A 69 -6.40 -18.13 2.64
N VAL A 70 -6.08 -16.83 2.72
CA VAL A 70 -4.73 -16.25 2.63
C VAL A 70 -4.63 -15.08 3.63
N ALA A 71 -3.53 -15.06 4.39
CA ALA A 71 -3.23 -14.11 5.45
C ALA A 71 -2.84 -12.70 4.92
N ASP A 72 -1.92 -12.00 5.61
CA ASP A 72 -1.55 -10.60 5.39
C ASP A 72 -1.50 -10.13 3.93
N SER A 73 -1.70 -8.82 3.74
CA SER A 73 -1.38 -8.07 2.50
C SER A 73 0.02 -8.34 1.97
N ASP A 74 0.96 -8.63 2.87
CA ASP A 74 2.38 -8.73 2.57
C ASP A 74 2.83 -10.16 2.23
N VAL A 75 1.93 -11.15 2.35
CA VAL A 75 2.03 -12.45 1.64
C VAL A 75 1.02 -12.58 0.48
N ILE A 76 -0.07 -11.81 0.49
CA ILE A 76 -1.05 -11.72 -0.60
C ILE A 76 -0.40 -11.32 -1.94
N VAL A 77 0.56 -10.40 -1.91
CA VAL A 77 1.29 -9.97 -3.12
C VAL A 77 2.12 -11.09 -3.80
N GLY A 78 2.27 -12.25 -3.15
CA GLY A 78 2.63 -13.51 -3.81
C GLY A 78 1.44 -14.48 -3.94
N ILE A 79 0.82 -14.85 -2.82
CA ILE A 79 -0.09 -16.01 -2.73
C ILE A 79 -1.47 -15.77 -3.38
N LEU A 80 -1.98 -14.53 -3.39
CA LEU A 80 -3.15 -14.20 -4.22
C LEU A 80 -2.77 -14.14 -5.69
N GLU A 81 -1.64 -13.54 -6.01
CA GLU A 81 -1.17 -13.34 -7.38
C GLU A 81 -0.83 -14.66 -8.10
N GLU A 82 -0.38 -15.67 -7.37
CA GLU A 82 -0.22 -17.07 -7.81
C GLU A 82 -1.56 -17.75 -8.15
N LYS A 83 -2.57 -17.58 -7.28
CA LYS A 83 -3.84 -18.34 -7.30
C LYS A 83 -4.95 -17.65 -8.09
N ASN A 84 -4.73 -16.40 -8.49
CA ASN A 84 -5.63 -15.60 -9.31
C ASN A 84 -5.49 -15.98 -10.80
N PRO A 85 -6.57 -16.00 -11.60
CA PRO A 85 -6.52 -16.48 -12.98
C PRO A 85 -5.80 -15.56 -13.97
N GLU A 86 -5.57 -14.28 -13.64
CA GLU A 86 -4.64 -13.45 -14.40
C GLU A 86 -3.18 -13.70 -13.95
N PRO A 87 -2.17 -13.57 -14.83
CA PRO A 87 -0.76 -13.73 -14.48
C PRO A 87 -0.29 -12.87 -13.29
N PRO A 88 0.66 -13.38 -12.47
CA PRO A 88 1.00 -12.79 -11.18
C PRO A 88 1.67 -11.42 -11.27
N LEU A 89 1.07 -10.43 -10.60
CA LEU A 89 1.72 -9.15 -10.29
C LEU A 89 2.84 -9.27 -9.23
N ALA A 90 3.01 -10.46 -8.64
CA ALA A 90 4.13 -10.81 -7.76
C ALA A 90 5.50 -10.67 -8.44
N THR A 91 5.55 -10.84 -9.76
CA THR A 91 6.80 -11.02 -10.53
C THR A 91 7.71 -9.79 -10.39
N PRO A 92 8.89 -9.90 -9.75
CA PRO A 92 9.71 -8.73 -9.43
C PRO A 92 10.53 -8.26 -10.64
N PRO A 93 10.44 -6.98 -11.05
CA PRO A 93 11.50 -6.30 -11.78
C PRO A 93 12.67 -5.97 -10.83
N GLU A 94 13.81 -5.52 -11.37
CA GLU A 94 14.99 -5.16 -10.57
C GLU A 94 14.74 -4.04 -9.56
N PHE A 95 13.74 -3.19 -9.80
CA PHE A 95 13.22 -2.19 -8.86
C PHE A 95 12.79 -2.76 -7.50
N ALA A 96 12.39 -4.04 -7.44
CA ALA A 96 12.04 -4.71 -6.19
C ALA A 96 13.23 -4.85 -5.22
N SER A 97 14.47 -4.90 -5.72
CA SER A 97 15.68 -4.93 -4.88
C SER A 97 15.85 -3.64 -4.07
N VAL A 98 15.61 -2.48 -4.68
CA VAL A 98 15.65 -1.16 -4.01
C VAL A 98 14.36 -0.89 -3.21
N GLY A 99 13.20 -1.29 -3.76
CA GLY A 99 11.90 -1.21 -3.12
C GLY A 99 11.78 -2.03 -1.81
N SER A 100 12.62 -3.06 -1.64
CA SER A 100 12.76 -3.83 -0.39
C SER A 100 13.26 -3.00 0.81
N LYS A 101 13.99 -1.90 0.55
CA LYS A 101 14.38 -0.91 1.57
C LYS A 101 13.28 0.13 1.80
N ILE A 102 12.71 0.63 0.70
CA ILE A 102 11.76 1.74 0.71
C ILE A 102 10.43 1.35 1.38
N PHE A 103 9.98 0.10 1.17
CA PHE A 103 8.73 -0.39 1.76
C PHE A 103 8.72 -0.40 3.30
N PRO A 104 9.75 -0.89 4.02
CA PRO A 104 9.86 -0.71 5.47
C PRO A 104 10.40 0.68 5.89
N SER A 105 11.25 1.36 5.12
CA SER A 105 11.77 2.69 5.50
C SER A 105 10.70 3.80 5.44
N PHE A 106 9.65 3.63 4.64
CA PHE A 106 8.39 4.38 4.76
C PHE A 106 7.66 4.15 6.09
N VAL A 107 7.61 2.91 6.61
CA VAL A 107 6.98 2.63 7.93
C VAL A 107 7.79 3.27 9.06
N LYS A 108 9.12 3.28 8.93
CA LYS A 108 10.06 3.94 9.84
C LYS A 108 9.86 5.47 9.86
N PHE A 109 9.74 6.08 8.68
CA PHE A 109 9.49 7.52 8.50
C PHE A 109 8.13 7.97 9.08
N LEU A 110 7.09 7.15 8.88
CA LEU A 110 5.77 7.35 9.47
C LEU A 110 5.72 7.12 10.98
N LYS A 111 6.69 6.38 11.55
CA LYS A 111 6.87 6.19 12.99
C LYS A 111 8.04 7.04 13.50
N SER A 112 7.81 8.35 13.49
CA SER A 112 8.80 9.45 13.56
C SER A 112 9.62 9.60 14.85
N LYS A 113 9.84 8.51 15.60
CA LYS A 113 10.86 8.39 16.65
C LYS A 113 12.28 8.35 16.08
N ASP A 114 12.46 7.72 14.91
CA ASP A 114 13.67 7.89 14.11
C ASP A 114 13.56 9.25 13.37
N PRO A 115 14.44 10.23 13.63
CA PRO A 115 14.21 11.63 13.24
C PRO A 115 13.88 11.79 11.75
N ASN A 116 12.75 12.44 11.45
CA ASN A 116 12.23 12.59 10.09
C ASN A 116 13.23 13.25 9.14
N ASP A 117 13.87 14.34 9.54
CA ASP A 117 14.87 15.04 8.72
C ASP A 117 16.09 14.17 8.37
N GLY A 118 16.45 13.18 9.20
CA GLY A 118 17.51 12.21 8.90
C GLY A 118 17.00 10.99 8.11
N THR A 119 15.77 10.55 8.35
CA THR A 119 15.11 9.51 7.55
C THR A 119 14.73 9.97 6.14
N GLU A 120 14.51 11.27 5.93
CA GLU A 120 14.38 11.92 4.63
C GLU A 120 15.69 11.85 3.83
N GLN A 121 16.83 12.13 4.47
CA GLN A 121 18.16 12.00 3.86
C GLN A 121 18.48 10.54 3.50
N ALA A 122 18.12 9.58 4.36
CA ALA A 122 18.24 8.15 4.04
C ALA A 122 17.32 7.72 2.87
N LEU A 123 16.07 8.21 2.86
CA LEU A 123 15.11 7.94 1.79
C LEU A 123 15.53 8.56 0.45
N LEU A 124 16.21 9.70 0.42
CA LEU A 124 16.76 10.25 -0.82
C LEU A 124 17.79 9.30 -1.45
N GLU A 125 18.66 8.67 -0.67
CA GLU A 125 19.65 7.71 -1.18
C GLU A 125 19.03 6.36 -1.60
N GLU A 126 17.94 5.93 -0.94
CA GLU A 126 17.15 4.78 -1.40
C GLU A 126 16.37 5.09 -2.69
N LEU A 127 15.67 6.22 -2.74
CA LEU A 127 14.83 6.62 -3.88
C LEU A 127 15.64 6.98 -5.14
N LYS A 128 16.86 7.53 -5.00
CA LYS A 128 17.77 7.80 -6.15
C LYS A 128 18.05 6.53 -6.97
N ALA A 129 18.34 5.42 -6.29
CA ALA A 129 18.65 4.14 -6.94
C ALA A 129 17.44 3.52 -7.64
N LEU A 130 16.23 3.80 -7.16
CA LEU A 130 14.97 3.38 -7.79
C LEU A 130 14.63 4.29 -9.00
N ASP A 131 14.53 5.59 -8.75
CA ASP A 131 14.07 6.62 -9.68
C ASP A 131 14.98 6.79 -10.90
N GLY A 132 16.30 6.65 -10.71
CA GLY A 132 17.29 6.76 -11.79
C GLY A 132 17.06 5.77 -12.95
N HIS A 133 16.54 4.58 -12.65
CA HIS A 133 16.16 3.59 -13.65
C HIS A 133 14.66 3.61 -14.01
N LEU A 134 13.75 4.05 -13.11
CA LEU A 134 12.32 4.16 -13.44
C LEU A 134 12.07 5.15 -14.59
N LYS A 135 12.83 6.25 -14.62
CA LYS A 135 12.84 7.25 -15.71
C LYS A 135 13.34 6.71 -17.07
N VAL A 136 13.94 5.52 -17.10
CA VAL A 136 14.37 4.83 -18.32
C VAL A 136 13.35 3.77 -18.76
N HIS A 137 12.67 3.12 -17.81
CA HIS A 137 11.74 2.02 -18.07
C HIS A 137 10.29 2.44 -18.34
N GLY A 138 9.66 3.29 -17.51
CA GLY A 138 8.21 3.48 -17.61
C GLY A 138 7.57 4.42 -16.58
N PRO A 139 6.23 4.50 -16.56
CA PRO A 139 5.46 5.46 -15.76
C PRO A 139 4.96 4.92 -14.42
N PHE A 140 5.10 3.63 -14.15
CA PHE A 140 4.68 3.00 -12.89
C PHE A 140 5.90 2.79 -11.96
N ILE A 141 5.70 2.69 -10.64
CA ILE A 141 6.85 2.60 -9.71
C ILE A 141 7.50 1.20 -9.67
N ALA A 142 7.00 0.25 -10.48
CA ALA A 142 7.67 -0.97 -10.92
C ALA A 142 8.19 -0.92 -12.39
N GLY A 143 8.11 0.22 -13.09
CA GLY A 143 8.54 0.39 -14.47
C GLY A 143 7.38 0.37 -15.48
N GLU A 144 7.45 -0.56 -16.44
CA GLU A 144 6.59 -0.67 -17.62
C GLU A 144 5.11 -1.01 -17.29
N LYS A 145 4.87 -1.66 -16.15
CA LYS A 145 3.55 -2.11 -15.68
C LYS A 145 3.48 -1.95 -14.16
N ILE A 146 2.28 -1.74 -13.63
CA ILE A 146 1.95 -1.98 -12.22
C ILE A 146 2.22 -3.44 -11.86
N THR A 147 3.22 -3.67 -10.99
CA THR A 147 3.55 -4.97 -10.37
C THR A 147 3.94 -4.78 -8.89
N ALA A 148 4.59 -5.77 -8.27
CA ALA A 148 4.86 -5.85 -6.84
C ALA A 148 5.48 -4.58 -6.20
N VAL A 149 6.19 -3.73 -6.95
CA VAL A 149 6.74 -2.47 -6.44
C VAL A 149 5.68 -1.35 -6.32
N ASP A 150 4.73 -1.25 -7.25
CA ASP A 150 3.49 -0.47 -7.08
C ASP A 150 2.61 -1.02 -5.95
N LEU A 151 2.45 -2.36 -5.89
CA LEU A 151 1.71 -3.01 -4.80
C LEU A 151 2.34 -2.70 -3.43
N SER A 152 3.65 -2.44 -3.37
CA SER A 152 4.36 -2.07 -2.16
C SER A 152 4.26 -0.57 -1.85
N LEU A 153 4.75 0.28 -2.77
CA LEU A 153 5.10 1.66 -2.47
C LEU A 153 3.93 2.63 -2.67
N ALA A 154 3.03 2.38 -3.62
CA ALA A 154 1.98 3.31 -4.00
C ALA A 154 1.03 3.74 -2.86
N PRO A 155 0.45 2.81 -2.08
CA PRO A 155 -0.45 3.21 -0.99
C PRO A 155 0.30 3.86 0.19
N LYS A 156 1.57 3.49 0.40
CA LYS A 156 2.42 4.15 1.41
C LYS A 156 2.85 5.56 1.00
N LEU A 157 3.05 5.84 -0.29
CA LEU A 157 3.23 7.19 -0.81
C LEU A 157 1.96 8.06 -0.65
N TYR A 158 0.77 7.50 -0.85
CA TYR A 158 -0.48 8.22 -0.59
C TYR A 158 -0.64 8.56 0.90
N HIS A 159 -0.36 7.59 1.78
CA HIS A 159 -0.39 7.78 3.23
C HIS A 159 0.69 8.77 3.72
N LEU A 160 1.82 8.91 3.02
CA LEU A 160 2.85 9.94 3.27
C LEU A 160 2.42 11.34 2.82
N GLU A 161 1.94 11.51 1.57
CA GLU A 161 1.49 12.81 1.04
C GLU A 161 0.36 13.41 1.89
N VAL A 162 -0.54 12.55 2.40
CA VAL A 162 -1.62 12.96 3.30
C VAL A 162 -1.16 13.12 4.76
N ALA A 163 -0.84 12.02 5.45
CA ALA A 163 -0.75 12.04 6.92
C ALA A 163 0.54 12.69 7.45
N LEU A 164 1.69 12.36 6.86
CA LEU A 164 2.96 12.97 7.25
C LEU A 164 3.12 14.38 6.65
N GLY A 165 2.64 14.56 5.41
CA GLY A 165 2.62 15.84 4.71
C GLY A 165 1.81 16.94 5.40
N HIS A 166 0.77 16.57 6.15
CA HIS A 166 -0.01 17.48 6.99
C HIS A 166 0.82 18.15 8.11
N PHE A 167 1.83 17.47 8.67
CA PHE A 167 2.68 18.00 9.74
C PHE A 167 4.07 18.43 9.26
N LYS A 168 4.58 17.83 8.17
CA LYS A 168 5.73 18.32 7.40
C LYS A 168 5.60 17.85 5.94
N ASN A 169 5.21 18.76 5.06
CA ASN A 169 5.16 18.53 3.62
C ASN A 169 6.58 18.48 3.00
N TRP A 170 7.27 17.36 3.19
CA TRP A 170 8.58 17.07 2.58
C TRP A 170 8.47 16.97 1.06
N PRO A 171 9.04 17.92 0.29
CA PRO A 171 8.94 17.89 -1.17
C PRO A 171 9.88 16.82 -1.74
N ILE A 172 9.33 15.92 -2.56
CA ILE A 172 10.13 15.03 -3.41
C ILE A 172 10.85 15.89 -4.47
N PRO A 173 12.19 15.95 -4.51
CA PRO A 173 12.90 16.85 -5.42
C PRO A 173 12.67 16.51 -6.90
N ASP A 174 12.90 17.48 -7.78
CA ASP A 174 12.82 17.37 -9.24
C ASP A 174 13.77 16.30 -9.82
N ASN A 175 14.89 16.02 -9.14
CA ASN A 175 15.82 14.95 -9.49
C ASN A 175 15.25 13.53 -9.27
N LEU A 176 14.26 13.36 -8.38
CA LEU A 176 13.46 12.13 -8.24
C LEU A 176 12.22 12.18 -9.17
N THR A 177 12.48 12.45 -10.45
CA THR A 177 11.50 12.97 -11.41
C THR A 177 10.39 11.96 -11.74
N HIS A 178 10.65 10.66 -11.67
CA HIS A 178 9.58 9.67 -11.80
C HIS A 178 8.73 9.65 -10.53
N VAL A 179 9.33 9.50 -9.34
CA VAL A 179 8.58 9.37 -8.08
C VAL A 179 7.74 10.62 -7.78
N LEU A 180 8.23 11.81 -8.11
CA LEU A 180 7.48 13.08 -8.05
C LEU A 180 6.23 13.09 -8.95
N ASN A 181 6.34 12.66 -10.21
CA ASN A 181 5.20 12.53 -11.12
C ASN A 181 4.24 11.39 -10.71
N TYR A 182 4.79 10.29 -10.20
CA TYR A 182 4.05 9.08 -9.84
C TYR A 182 3.03 9.30 -8.73
N ILE A 183 3.26 10.29 -7.85
CA ILE A 183 2.27 10.77 -6.88
C ILE A 183 0.92 11.12 -7.54
N LYS A 184 0.93 11.65 -8.76
CA LYS A 184 -0.31 12.06 -9.46
C LYS A 184 -0.99 10.92 -10.23
N LEU A 185 -0.37 9.73 -10.30
CA LEU A 185 -1.07 8.49 -10.60
C LEU A 185 -1.89 7.93 -9.42
N LEU A 186 -1.59 8.30 -8.17
CA LEU A 186 -2.33 7.82 -6.99
C LEU A 186 -3.81 8.23 -6.98
N PHE A 187 -4.15 9.28 -7.74
CA PHE A 187 -5.51 9.80 -7.90
C PHE A 187 -6.22 9.25 -9.16
N SER A 188 -5.65 8.21 -9.82
CA SER A 188 -5.99 7.78 -11.18
C SER A 188 -6.27 6.27 -11.34
N ARG A 189 -6.62 5.85 -12.56
CA ARG A 189 -7.10 4.50 -12.91
C ARG A 189 -8.32 4.11 -12.05
N GLU A 190 -8.63 2.83 -11.97
CA GLU A 190 -9.39 2.19 -10.90
C GLU A 190 -8.45 1.89 -9.72
N SER A 191 -7.28 1.34 -10.06
CA SER A 191 -6.28 0.73 -9.16
C SER A 191 -5.78 1.61 -8.02
N PHE A 192 -5.69 2.94 -8.21
CA PHE A 192 -5.30 3.86 -7.13
C PHE A 192 -6.46 4.78 -6.69
N LYS A 193 -7.26 5.27 -7.64
CA LYS A 193 -8.40 6.15 -7.35
C LYS A 193 -9.49 5.50 -6.48
N LYS A 194 -9.67 4.18 -6.54
CA LYS A 194 -10.55 3.43 -5.62
C LYS A 194 -9.93 3.17 -4.24
N THR A 195 -8.60 3.11 -4.14
CA THR A 195 -7.88 2.91 -2.87
C THR A 195 -7.55 4.22 -2.15
N ARG A 196 -7.76 5.37 -2.80
CA ARG A 196 -7.72 6.72 -2.21
C ARG A 196 -8.59 6.76 -0.94
N ALA A 197 -7.96 6.97 0.20
CA ALA A 197 -8.63 7.02 1.50
C ALA A 197 -8.95 8.46 1.93
N ALA A 198 -10.14 8.66 2.51
CA ALA A 198 -10.61 9.95 3.02
C ALA A 198 -9.63 10.57 4.03
N GLU A 199 -9.10 11.73 3.66
CA GLU A 199 -7.77 12.21 4.03
C GLU A 199 -7.63 12.53 5.53
N GLU A 200 -8.68 13.08 6.14
CA GLU A 200 -8.76 13.35 7.58
C GLU A 200 -8.68 12.06 8.43
N HIS A 201 -9.26 10.96 7.94
CA HIS A 201 -9.16 9.63 8.55
C HIS A 201 -7.88 8.86 8.18
N VAL A 202 -7.06 9.36 7.26
CA VAL A 202 -5.66 8.93 7.13
C VAL A 202 -4.79 9.58 8.21
N ILE A 203 -5.00 10.89 8.45
CA ILE A 203 -4.29 11.69 9.48
C ILE A 203 -4.61 11.16 10.90
N ALA A 204 -5.89 11.14 11.27
CA ALA A 204 -6.33 10.77 12.62
C ALA A 204 -6.05 9.30 12.98
N GLY A 205 -6.04 8.40 11.98
CA GLY A 205 -5.67 6.99 12.19
C GLY A 205 -4.17 6.71 12.06
N TRP A 206 -3.37 7.64 11.50
CA TRP A 206 -1.91 7.61 11.57
C TRP A 206 -1.39 8.07 12.93
N GLU A 207 -2.03 9.06 13.55
CA GLU A 207 -1.53 9.78 14.74
C GLU A 207 -0.98 8.89 15.88
N PRO A 208 -1.73 7.92 16.45
CA PRO A 208 -1.20 7.06 17.52
C PRO A 208 -0.04 6.17 17.05
N LYS A 209 0.03 5.85 15.74
CA LYS A 209 1.08 5.05 15.12
C LYS A 209 2.36 5.82 14.78
N VAL A 210 2.40 7.14 15.01
CA VAL A 210 3.69 7.85 15.14
C VAL A 210 4.52 7.29 16.30
N ASN A 211 3.87 6.58 17.24
CA ASN A 211 4.49 5.89 18.36
C ASN A 211 4.56 4.36 18.26
N ALA A 212 3.86 3.70 17.32
CA ALA A 212 3.55 2.25 17.36
C ALA A 212 3.87 1.47 16.07
N MET A 1 -17.57 -17.29 -0.76
CA MET A 1 -17.50 -17.77 -2.16
C MET A 1 -17.01 -16.66 -3.06
N ALA A 2 -16.31 -17.00 -4.14
CA ALA A 2 -15.53 -16.06 -4.95
C ALA A 2 -14.56 -15.22 -4.08
N LEU A 3 -13.98 -14.14 -4.61
CA LEU A 3 -13.12 -13.26 -3.82
C LEU A 3 -13.93 -12.50 -2.76
N GLU A 4 -13.69 -12.80 -1.50
CA GLU A 4 -14.16 -12.04 -0.35
C GLU A 4 -12.95 -11.50 0.43
N ILE A 5 -12.65 -10.21 0.23
CA ILE A 5 -11.57 -9.49 0.90
C ILE A 5 -12.06 -9.05 2.29
N CYS A 6 -11.22 -9.19 3.32
CA CYS A 6 -11.46 -8.55 4.63
C CYS A 6 -10.27 -7.64 4.97
N VAL A 7 -10.55 -6.40 5.39
CA VAL A 7 -9.61 -5.27 5.34
C VAL A 7 -9.75 -4.37 6.55
N LYS A 8 -8.64 -3.83 7.06
CA LYS A 8 -8.69 -2.79 8.09
C LYS A 8 -9.31 -1.52 7.50
N ALA A 9 -10.33 -0.99 8.18
CA ALA A 9 -10.92 0.32 7.94
C ALA A 9 -10.18 1.44 8.69
N ALA A 10 -10.61 2.68 8.48
CA ALA A 10 -10.21 3.82 9.30
C ALA A 10 -10.46 3.58 10.79
N VAL A 11 -9.54 4.06 11.64
CA VAL A 11 -9.78 4.13 13.09
C VAL A 11 -11.08 4.90 13.38
N GLY A 12 -12.02 4.25 14.06
CA GLY A 12 -13.34 4.79 14.43
C GLY A 12 -14.40 4.81 13.32
N ALA A 13 -14.06 4.50 12.06
CA ALA A 13 -14.95 4.68 10.91
C ALA A 13 -14.93 3.48 9.95
N PRO A 14 -15.71 2.41 10.22
CA PRO A 14 -15.64 1.14 9.48
C PRO A 14 -16.05 1.19 8.00
N ASN A 15 -16.69 2.28 7.54
CA ASN A 15 -17.20 2.39 6.17
C ASN A 15 -16.14 2.80 5.13
N ILE A 16 -14.92 3.13 5.57
CA ILE A 16 -13.88 3.80 4.77
C ILE A 16 -12.47 3.28 5.10
N LEU A 17 -11.50 3.48 4.19
CA LEU A 17 -10.14 2.93 4.33
C LEU A 17 -9.27 3.66 5.38
N GLY A 18 -9.30 5.00 5.42
CA GLY A 18 -8.43 5.83 6.27
C GLY A 18 -6.95 5.42 6.26
N ASP A 19 -6.39 5.23 7.45
CA ASP A 19 -4.98 4.98 7.77
C ASP A 19 -4.35 3.68 7.24
N SER A 20 -4.95 2.97 6.28
CA SER A 20 -4.71 1.55 6.04
C SER A 20 -4.10 1.33 4.68
N PRO A 21 -2.79 1.66 4.40
CA PRO A 21 -2.14 1.40 3.12
C PRO A 21 -1.93 -0.11 2.85
N PHE A 22 -1.85 -0.93 3.89
CA PHE A 22 -1.87 -2.39 3.80
C PHE A 22 -3.22 -2.93 3.30
N CYS A 23 -4.40 -2.29 3.65
CA CYS A 23 -5.68 -2.62 3.02
C CYS A 23 -5.70 -2.22 1.57
N GLN A 24 -5.19 -1.03 1.26
CA GLN A 24 -5.12 -0.51 -0.11
C GLN A 24 -4.27 -1.42 -1.03
N ARG A 25 -3.19 -2.02 -0.52
CA ARG A 25 -2.32 -3.00 -1.23
C ARG A 25 -3.09 -4.18 -1.82
N VAL A 26 -4.08 -4.71 -1.10
CA VAL A 26 -4.87 -5.89 -1.53
C VAL A 26 -5.92 -5.53 -2.57
N LEU A 27 -6.55 -4.35 -2.44
CA LEU A 27 -7.49 -3.83 -3.44
C LEU A 27 -6.77 -3.46 -4.75
N LEU A 28 -5.57 -2.89 -4.66
CA LEU A 28 -4.80 -2.35 -5.77
C LEU A 28 -4.44 -3.40 -6.85
N SER A 29 -4.05 -4.63 -6.48
CA SER A 29 -3.69 -5.66 -7.48
C SER A 29 -4.91 -6.21 -8.21
N LEU A 30 -6.02 -6.42 -7.50
CA LEU A 30 -7.29 -6.88 -8.08
C LEU A 30 -7.98 -5.81 -8.94
N GLU A 31 -7.91 -4.54 -8.55
CA GLU A 31 -8.40 -3.42 -9.36
C GLU A 31 -7.50 -3.10 -10.55
N GLU A 32 -6.19 -3.35 -10.48
CA GLU A 32 -5.34 -3.30 -11.66
C GLU A 32 -5.64 -4.45 -12.64
N LYS A 33 -5.87 -5.66 -12.12
CA LYS A 33 -6.39 -6.82 -12.86
C LYS A 33 -7.87 -6.71 -13.26
N LYS A 34 -8.58 -5.64 -12.85
CA LYS A 34 -10.00 -5.37 -13.11
C LYS A 34 -10.98 -6.43 -12.57
N ILE A 35 -10.54 -7.31 -11.67
CA ILE A 35 -11.32 -8.45 -11.16
C ILE A 35 -12.29 -7.95 -10.06
N PRO A 36 -13.60 -8.27 -10.14
CA PRO A 36 -14.55 -7.94 -9.09
C PRO A 36 -14.34 -8.81 -7.83
N TYR A 37 -14.67 -8.22 -6.68
CA TYR A 37 -14.58 -8.86 -5.37
C TYR A 37 -15.67 -8.31 -4.44
N LYS A 38 -16.00 -9.08 -3.40
CA LYS A 38 -16.69 -8.58 -2.19
C LYS A 38 -15.65 -8.02 -1.23
N SER A 39 -15.99 -6.97 -0.46
CA SER A 39 -15.09 -6.35 0.50
C SER A 39 -15.76 -6.13 1.86
N HIS A 40 -15.01 -6.42 2.92
CA HIS A 40 -15.42 -6.31 4.32
C HIS A 40 -14.41 -5.44 5.09
N LEU A 41 -14.66 -4.13 5.10
CA LEU A 41 -13.92 -3.17 5.92
C LEU A 41 -14.28 -3.34 7.42
N ILE A 42 -13.26 -3.34 8.29
CA ILE A 42 -13.37 -3.62 9.73
C ILE A 42 -12.64 -2.54 10.54
N ASN A 43 -13.35 -1.84 11.42
CA ASN A 43 -12.73 -0.98 12.42
C ASN A 43 -12.40 -1.79 13.68
N LEU A 44 -11.10 -2.00 13.96
CA LEU A 44 -10.59 -2.53 15.24
C LEU A 44 -11.24 -3.86 15.73
N GLY A 45 -11.74 -4.69 14.81
CA GLY A 45 -12.41 -5.96 15.14
C GLY A 45 -13.94 -5.89 15.26
N ASP A 46 -14.60 -4.85 14.74
CA ASP A 46 -16.07 -4.69 14.76
C ASP A 46 -16.87 -5.70 13.92
N LYS A 47 -16.24 -6.78 13.43
CA LYS A 47 -16.87 -7.90 12.72
C LYS A 47 -16.24 -9.21 13.21
N PRO A 48 -17.04 -10.27 13.42
CA PRO A 48 -16.61 -11.45 14.18
C PRO A 48 -15.44 -12.19 13.50
N GLN A 49 -14.87 -13.15 14.23
CA GLN A 49 -13.66 -13.88 13.84
C GLN A 49 -13.74 -14.65 12.50
N TRP A 50 -14.93 -14.88 11.96
CA TRP A 50 -15.16 -15.32 10.57
C TRP A 50 -14.61 -14.39 9.46
N PHE A 51 -14.28 -13.13 9.78
CA PHE A 51 -13.68 -12.15 8.87
C PHE A 51 -12.19 -11.85 9.21
N LEU A 52 -11.60 -12.61 10.14
CA LEU A 52 -10.29 -12.38 10.78
C LEU A 52 -9.41 -13.66 10.82
N GLU A 53 -10.03 -14.83 11.06
CA GLU A 53 -9.45 -16.20 11.07
C GLU A 53 -8.78 -16.60 9.74
N ILE A 54 -9.09 -15.85 8.69
CA ILE A 54 -8.48 -15.91 7.35
C ILE A 54 -6.96 -15.62 7.42
N SER A 55 -6.50 -14.97 8.50
CA SER A 55 -5.13 -15.09 9.02
C SER A 55 -5.10 -15.88 10.34
N PRO A 56 -4.03 -16.65 10.63
CA PRO A 56 -3.83 -17.27 11.95
C PRO A 56 -3.58 -16.24 13.07
N GLU A 57 -3.30 -14.99 12.68
CA GLU A 57 -3.00 -13.86 13.57
C GLU A 57 -4.28 -13.16 14.08
N GLY A 58 -5.46 -13.45 13.49
CA GLY A 58 -6.70 -12.69 13.72
C GLY A 58 -6.68 -11.26 13.15
N LYS A 59 -5.72 -10.95 12.27
CA LYS A 59 -5.57 -9.64 11.61
C LYS A 59 -6.48 -9.52 10.39
N VAL A 60 -6.56 -8.27 9.92
CA VAL A 60 -6.83 -7.89 8.52
C VAL A 60 -5.85 -6.78 8.12
N PRO A 61 -5.44 -6.66 6.84
CA PRO A 61 -6.01 -7.26 5.62
C PRO A 61 -5.71 -8.75 5.37
N VAL A 62 -6.63 -9.41 4.66
CA VAL A 62 -6.63 -10.85 4.28
C VAL A 62 -7.53 -11.08 3.06
N VAL A 63 -7.48 -12.26 2.43
CA VAL A 63 -8.44 -12.68 1.38
C VAL A 63 -8.91 -14.12 1.52
N LYS A 64 -10.18 -14.34 1.18
CA LYS A 64 -10.74 -15.62 0.76
C LYS A 64 -10.66 -15.74 -0.76
N ILE A 65 -9.92 -16.72 -1.28
CA ILE A 65 -9.88 -17.04 -2.72
C ILE A 65 -10.91 -18.13 -3.02
N ASP A 66 -12.18 -17.72 -3.09
CA ASP A 66 -13.34 -18.63 -3.00
C ASP A 66 -13.33 -19.47 -1.70
N ASP A 67 -13.27 -18.76 -0.57
CA ASP A 67 -13.16 -19.34 0.78
C ASP A 67 -11.92 -20.22 1.04
N LYS A 68 -10.89 -20.13 0.18
CA LYS A 68 -9.54 -20.69 0.44
C LYS A 68 -8.63 -19.57 0.94
N TRP A 69 -8.38 -19.58 2.25
CA TRP A 69 -7.91 -18.40 3.00
C TRP A 69 -6.43 -18.06 2.75
N VAL A 70 -6.10 -16.77 2.81
CA VAL A 70 -4.75 -16.20 2.75
C VAL A 70 -4.66 -15.02 3.72
N ALA A 71 -3.58 -15.00 4.52
CA ALA A 71 -3.27 -13.98 5.52
C ALA A 71 -2.81 -12.62 4.91
N ASP A 72 -1.91 -11.91 5.59
CA ASP A 72 -1.52 -10.51 5.33
C ASP A 72 -1.41 -10.10 3.84
N SER A 73 -1.59 -8.80 3.61
CA SER A 73 -1.30 -8.10 2.35
C SER A 73 0.09 -8.36 1.79
N ASP A 74 1.05 -8.67 2.67
CA ASP A 74 2.46 -8.76 2.35
C ASP A 74 2.92 -10.20 2.03
N VAL A 75 2.06 -11.20 2.24
CA VAL A 75 2.15 -12.53 1.61
C VAL A 75 1.13 -12.72 0.49
N ILE A 76 0.04 -11.95 0.47
CA ILE A 76 -0.93 -11.84 -0.64
C ILE A 76 -0.25 -11.50 -1.97
N VAL A 77 0.74 -10.60 -1.98
CA VAL A 77 1.50 -10.24 -3.19
C VAL A 77 2.31 -11.38 -3.81
N GLY A 78 2.39 -12.55 -3.17
CA GLY A 78 2.73 -13.82 -3.81
C GLY A 78 1.54 -14.77 -3.91
N ILE A 79 0.90 -15.09 -2.77
CA ILE A 79 -0.05 -16.22 -2.65
C ILE A 79 -1.41 -15.94 -3.32
N LEU A 80 -1.89 -14.70 -3.34
CA LEU A 80 -3.04 -14.32 -4.20
C LEU A 80 -2.61 -14.24 -5.66
N GLU A 81 -1.45 -13.65 -5.95
CA GLU A 81 -0.96 -13.44 -7.31
C GLU A 81 -0.68 -14.75 -8.07
N GLU A 82 -0.30 -15.82 -7.37
CA GLU A 82 -0.21 -17.20 -7.88
C GLU A 82 -1.58 -17.83 -8.19
N LYS A 83 -2.55 -17.67 -7.28
CA LYS A 83 -3.82 -18.43 -7.26
C LYS A 83 -4.99 -17.71 -7.94
N ASN A 84 -4.78 -16.44 -8.29
CA ASN A 84 -5.67 -15.61 -9.09
C ASN A 84 -5.46 -15.94 -10.59
N PRO A 85 -6.51 -15.98 -11.43
CA PRO A 85 -6.40 -16.46 -12.81
C PRO A 85 -5.65 -15.52 -13.78
N GLU A 86 -5.53 -14.23 -13.45
CA GLU A 86 -4.68 -13.30 -14.21
C GLU A 86 -3.20 -13.46 -13.81
N PRO A 87 -2.22 -13.31 -14.72
CA PRO A 87 -0.81 -13.54 -14.43
C PRO A 87 -0.24 -12.75 -13.23
N PRO A 88 0.70 -13.33 -12.46
CA PRO A 88 1.12 -12.79 -11.16
C PRO A 88 1.82 -11.43 -11.26
N LEU A 89 1.29 -10.45 -10.54
CA LEU A 89 2.00 -9.19 -10.23
C LEU A 89 3.16 -9.37 -9.25
N ALA A 90 3.33 -10.58 -8.68
CA ALA A 90 4.48 -10.98 -7.85
C ALA A 90 5.83 -10.87 -8.58
N THR A 91 5.83 -10.98 -9.91
CA THR A 91 7.05 -11.13 -10.72
C THR A 91 7.95 -9.88 -10.60
N PRO A 92 9.16 -10.00 -10.01
CA PRO A 92 9.95 -8.83 -9.65
C PRO A 92 10.72 -8.25 -10.86
N PRO A 93 10.59 -6.94 -11.16
CA PRO A 93 11.64 -6.19 -11.84
C PRO A 93 12.82 -5.93 -10.88
N GLU A 94 13.93 -5.42 -11.40
CA GLU A 94 15.11 -5.04 -10.60
C GLU A 94 14.79 -4.01 -9.49
N PHE A 95 13.77 -3.17 -9.70
CA PHE A 95 13.22 -2.22 -8.73
C PHE A 95 12.76 -2.86 -7.41
N ALA A 96 12.39 -4.13 -7.40
CA ALA A 96 12.02 -4.85 -6.17
C ALA A 96 13.18 -4.96 -5.17
N SER A 97 14.42 -5.03 -5.67
CA SER A 97 15.63 -5.03 -4.83
C SER A 97 15.82 -3.71 -4.07
N VAL A 98 15.45 -2.58 -4.67
CA VAL A 98 15.53 -1.25 -4.04
C VAL A 98 14.28 -0.92 -3.22
N GLY A 99 13.10 -1.30 -3.72
CA GLY A 99 11.81 -1.20 -3.02
C GLY A 99 11.73 -2.03 -1.73
N SER A 100 12.59 -3.05 -1.59
CA SER A 100 12.76 -3.81 -0.33
C SER A 100 13.32 -2.96 0.83
N LYS A 101 14.04 -1.87 0.55
CA LYS A 101 14.47 -0.87 1.55
C LYS A 101 13.37 0.15 1.83
N ILE A 102 12.74 0.64 0.76
CA ILE A 102 11.77 1.73 0.80
C ILE A 102 10.47 1.30 1.51
N PHE A 103 10.06 0.04 1.35
CA PHE A 103 8.85 -0.50 1.97
C PHE A 103 8.85 -0.47 3.51
N PRO A 104 9.91 -0.90 4.22
CA PRO A 104 10.06 -0.68 5.66
C PRO A 104 10.57 0.72 6.03
N SER A 105 11.39 1.40 5.22
CA SER A 105 11.90 2.75 5.57
C SER A 105 10.82 3.84 5.51
N PHE A 106 9.75 3.63 4.74
CA PHE A 106 8.48 4.38 4.88
C PHE A 106 7.77 4.14 6.22
N VAL A 107 7.76 2.91 6.75
CA VAL A 107 7.13 2.58 8.05
C VAL A 107 7.94 3.18 9.21
N LYS A 108 9.28 3.21 9.09
CA LYS A 108 10.19 3.97 9.96
C LYS A 108 9.87 5.46 9.96
N PHE A 109 9.79 6.07 8.77
CA PHE A 109 9.53 7.51 8.58
C PHE A 109 8.18 7.96 9.16
N LEU A 110 7.15 7.11 9.02
CA LEU A 110 5.83 7.33 9.63
C LEU A 110 5.78 7.05 11.14
N LYS A 111 6.68 6.22 11.68
CA LYS A 111 6.83 5.94 13.12
C LYS A 111 7.89 6.86 13.73
N SER A 112 7.64 8.17 13.64
CA SER A 112 8.61 9.29 13.71
C SER A 112 9.35 9.50 15.05
N LYS A 113 9.60 8.44 15.83
CA LYS A 113 10.62 8.37 16.89
C LYS A 113 12.04 8.43 16.30
N ASP A 114 12.23 7.78 15.16
CA ASP A 114 13.49 7.81 14.40
C ASP A 114 13.50 9.08 13.52
N PRO A 115 14.45 10.02 13.71
CA PRO A 115 14.28 11.40 13.26
C PRO A 115 13.93 11.55 11.77
N ASN A 116 12.80 12.21 11.50
CA ASN A 116 12.27 12.41 10.14
C ASN A 116 13.25 13.14 9.22
N ASP A 117 13.87 14.23 9.68
CA ASP A 117 14.85 15.00 8.90
C ASP A 117 16.13 14.22 8.55
N GLY A 118 16.48 13.17 9.31
CA GLY A 118 17.56 12.24 8.97
C GLY A 118 17.08 11.05 8.11
N THR A 119 15.83 10.63 8.30
CA THR A 119 15.18 9.58 7.50
C THR A 119 14.82 10.05 6.08
N GLU A 120 14.57 11.34 5.89
CA GLU A 120 14.45 12.00 4.58
C GLU A 120 15.76 11.92 3.79
N GLN A 121 16.90 12.16 4.45
CA GLN A 121 18.23 12.04 3.83
C GLN A 121 18.56 10.59 3.43
N ALA A 122 18.20 9.61 4.26
CA ALA A 122 18.31 8.19 3.90
C ALA A 122 17.37 7.80 2.74
N LEU A 123 16.14 8.30 2.73
CA LEU A 123 15.16 8.07 1.67
C LEU A 123 15.56 8.73 0.34
N LEU A 124 16.30 9.85 0.33
CA LEU A 124 16.86 10.39 -0.91
C LEU A 124 17.82 9.39 -1.58
N GLU A 125 18.70 8.74 -0.82
CA GLU A 125 19.65 7.76 -1.39
C GLU A 125 18.98 6.43 -1.78
N GLU A 126 17.94 6.00 -1.07
CA GLU A 126 17.09 4.86 -1.48
C GLU A 126 16.28 5.15 -2.76
N LEU A 127 15.63 6.32 -2.82
CA LEU A 127 14.77 6.72 -3.94
C LEU A 127 15.56 7.10 -5.19
N LYS A 128 16.79 7.62 -5.09
CA LYS A 128 17.68 7.86 -6.25
C LYS A 128 17.95 6.58 -7.04
N ALA A 129 18.26 5.48 -6.34
CA ALA A 129 18.56 4.19 -6.95
C ALA A 129 17.34 3.58 -7.67
N LEU A 130 16.13 3.87 -7.18
CA LEU A 130 14.87 3.49 -7.84
C LEU A 130 14.59 4.39 -9.06
N ASP A 131 14.56 5.70 -8.83
CA ASP A 131 14.12 6.72 -9.80
C ASP A 131 15.02 6.84 -11.03
N GLY A 132 16.34 6.71 -10.85
CA GLY A 132 17.31 6.79 -11.94
C GLY A 132 17.11 5.72 -13.02
N HIS A 133 16.68 4.51 -12.62
CA HIS A 133 16.31 3.45 -13.54
C HIS A 133 14.82 3.48 -13.94
N LEU A 134 13.91 3.97 -13.09
CA LEU A 134 12.46 4.06 -13.42
C LEU A 134 12.20 4.97 -14.63
N LYS A 135 12.93 6.08 -14.73
CA LYS A 135 12.89 7.02 -15.87
C LYS A 135 13.39 6.44 -17.20
N VAL A 136 13.91 5.21 -17.20
CA VAL A 136 14.28 4.44 -18.39
C VAL A 136 13.24 3.35 -18.73
N HIS A 137 12.44 2.89 -17.75
CA HIS A 137 11.60 1.69 -17.87
C HIS A 137 10.09 1.92 -17.98
N GLY A 138 9.54 3.06 -17.54
CA GLY A 138 8.09 3.30 -17.69
C GLY A 138 7.49 4.39 -16.79
N PRO A 139 6.15 4.41 -16.65
CA PRO A 139 5.41 5.42 -15.87
C PRO A 139 4.93 4.93 -14.48
N PHE A 140 5.02 3.64 -14.18
CA PHE A 140 4.61 3.04 -12.90
C PHE A 140 5.83 2.76 -12.01
N ILE A 141 5.66 2.66 -10.70
CA ILE A 141 6.82 2.58 -9.78
C ILE A 141 7.47 1.18 -9.74
N ALA A 142 7.02 0.26 -10.59
CA ALA A 142 7.70 -0.96 -11.04
C ALA A 142 8.24 -0.91 -12.50
N GLY A 143 8.10 0.22 -13.22
CA GLY A 143 8.47 0.38 -14.64
C GLY A 143 7.25 0.39 -15.58
N GLU A 144 7.29 -0.43 -16.63
CA GLU A 144 6.32 -0.44 -17.74
C GLU A 144 4.87 -0.72 -17.29
N LYS A 145 4.71 -1.56 -16.28
CA LYS A 145 3.43 -2.05 -15.74
C LYS A 145 3.40 -1.86 -14.22
N ILE A 146 2.21 -1.68 -13.66
CA ILE A 146 1.94 -1.85 -12.22
C ILE A 146 2.24 -3.30 -11.81
N THR A 147 3.20 -3.51 -10.89
CA THR A 147 3.51 -4.84 -10.29
C THR A 147 3.83 -4.71 -8.79
N ALA A 148 4.43 -5.74 -8.18
CA ALA A 148 4.70 -5.81 -6.74
C ALA A 148 5.40 -4.58 -6.12
N VAL A 149 6.12 -3.75 -6.90
CA VAL A 149 6.73 -2.50 -6.39
C VAL A 149 5.71 -1.37 -6.24
N ASP A 150 4.72 -1.24 -7.12
CA ASP A 150 3.52 -0.43 -6.90
C ASP A 150 2.67 -0.94 -5.73
N LEU A 151 2.48 -2.26 -5.65
CA LEU A 151 1.78 -2.88 -4.51
C LEU A 151 2.51 -2.58 -3.19
N SER A 152 3.83 -2.45 -3.21
CA SER A 152 4.63 -2.05 -2.04
C SER A 152 4.48 -0.56 -1.72
N LEU A 153 4.80 0.31 -2.68
CA LEU A 153 5.13 1.70 -2.42
C LEU A 153 3.95 2.66 -2.60
N ALA A 154 3.04 2.40 -3.54
CA ALA A 154 1.98 3.34 -3.93
C ALA A 154 1.02 3.74 -2.79
N PRO A 155 0.44 2.81 -2.00
CA PRO A 155 -0.45 3.21 -0.91
C PRO A 155 0.30 3.85 0.27
N LYS A 156 1.59 3.50 0.46
CA LYS A 156 2.45 4.14 1.46
C LYS A 156 2.88 5.56 1.05
N LEU A 157 3.09 5.82 -0.24
CA LEU A 157 3.29 7.18 -0.78
C LEU A 157 2.05 8.05 -0.62
N TYR A 158 0.85 7.51 -0.83
CA TYR A 158 -0.40 8.24 -0.56
C TYR A 158 -0.57 8.57 0.93
N HIS A 159 -0.29 7.59 1.80
CA HIS A 159 -0.30 7.77 3.25
C HIS A 159 0.78 8.77 3.73
N LEU A 160 1.90 8.92 3.02
CA LEU A 160 2.92 9.94 3.27
C LEU A 160 2.52 11.36 2.80
N GLU A 161 2.02 11.53 1.56
CA GLU A 161 1.55 12.84 1.04
C GLU A 161 0.43 13.41 1.92
N VAL A 162 -0.43 12.54 2.47
CA VAL A 162 -1.54 12.91 3.34
C VAL A 162 -1.14 13.03 4.82
N ALA A 163 -0.80 11.93 5.49
CA ALA A 163 -0.69 11.92 6.96
C ALA A 163 0.58 12.59 7.48
N LEU A 164 1.74 12.31 6.87
CA LEU A 164 3.00 12.92 7.28
C LEU A 164 3.15 14.34 6.69
N GLY A 165 2.66 14.53 5.46
CA GLY A 165 2.61 15.82 4.78
C GLY A 165 1.77 16.89 5.48
N HIS A 166 0.78 16.50 6.28
CA HIS A 166 0.01 17.39 7.16
C HIS A 166 0.86 18.05 8.25
N PHE A 167 1.87 17.37 8.79
CA PHE A 167 2.75 17.90 9.84
C PHE A 167 4.10 18.39 9.31
N LYS A 168 4.60 17.81 8.21
CA LYS A 168 5.74 18.30 7.42
C LYS A 168 5.60 17.84 5.98
N ASN A 169 5.18 18.76 5.10
CA ASN A 169 5.15 18.54 3.65
C ASN A 169 6.57 18.53 3.06
N TRP A 170 7.22 17.36 3.11
CA TRP A 170 8.54 17.12 2.53
C TRP A 170 8.44 17.00 1.00
N PRO A 171 8.95 17.95 0.20
CA PRO A 171 8.86 17.90 -1.25
C PRO A 171 9.80 16.84 -1.82
N ILE A 172 9.28 15.97 -2.69
CA ILE A 172 10.09 15.10 -3.55
C ILE A 172 10.81 15.99 -4.58
N PRO A 173 12.16 16.04 -4.63
CA PRO A 173 12.86 16.92 -5.57
C PRO A 173 12.63 16.54 -7.04
N ASP A 174 12.83 17.50 -7.94
CA ASP A 174 12.73 17.29 -9.41
C ASP A 174 13.71 16.25 -9.97
N ASN A 175 14.84 16.02 -9.29
CA ASN A 175 15.79 14.95 -9.61
C ASN A 175 15.21 13.54 -9.41
N LEU A 176 14.25 13.36 -8.49
CA LEU A 176 13.46 12.15 -8.30
C LEU A 176 12.18 12.18 -9.15
N THR A 177 12.36 12.45 -10.45
CA THR A 177 11.33 12.94 -11.37
C THR A 177 10.20 11.93 -11.61
N HIS A 178 10.49 10.63 -11.58
CA HIS A 178 9.44 9.60 -11.65
C HIS A 178 8.69 9.50 -10.32
N VAL A 179 9.37 9.48 -9.17
CA VAL A 179 8.73 9.41 -7.85
C VAL A 179 7.81 10.62 -7.61
N LEU A 180 8.23 11.82 -8.05
CA LEU A 180 7.45 13.05 -8.03
C LEU A 180 6.19 12.98 -8.92
N ASN A 181 6.34 12.54 -10.18
CA ASN A 181 5.20 12.38 -11.09
C ASN A 181 4.23 11.27 -10.64
N TYR A 182 4.75 10.18 -10.08
CA TYR A 182 3.97 9.00 -9.70
C TYR A 182 2.93 9.29 -8.62
N ILE A 183 3.17 10.29 -7.77
CA ILE A 183 2.18 10.83 -6.83
C ILE A 183 0.85 11.20 -7.53
N LYS A 184 0.90 11.74 -8.74
CA LYS A 184 -0.30 12.18 -9.47
C LYS A 184 -1.00 11.04 -10.21
N LEU A 185 -0.41 9.82 -10.23
CA LEU A 185 -1.15 8.59 -10.55
C LEU A 185 -2.01 8.07 -9.38
N LEU A 186 -1.73 8.42 -8.12
CA LEU A 186 -2.44 7.93 -6.93
C LEU A 186 -3.93 8.32 -6.90
N PHE A 187 -4.30 9.35 -7.67
CA PHE A 187 -5.69 9.80 -7.84
C PHE A 187 -6.39 9.15 -9.05
N SER A 188 -5.77 8.15 -9.71
CA SER A 188 -6.09 7.75 -11.08
C SER A 188 -6.31 6.23 -11.27
N ARG A 189 -6.63 5.83 -12.52
CA ARG A 189 -7.14 4.50 -12.91
C ARG A 189 -8.39 4.14 -12.09
N GLU A 190 -8.72 2.86 -12.04
CA GLU A 190 -9.50 2.23 -10.99
C GLU A 190 -8.60 1.94 -9.79
N SER A 191 -7.38 1.49 -10.12
CA SER A 191 -6.37 0.85 -9.29
C SER A 191 -5.96 1.66 -8.05
N PHE A 192 -5.74 2.97 -8.21
CA PHE A 192 -5.40 3.87 -7.10
C PHE A 192 -6.58 4.74 -6.65
N LYS A 193 -7.40 5.22 -7.61
CA LYS A 193 -8.55 6.10 -7.34
C LYS A 193 -9.61 5.45 -6.43
N LYS A 194 -9.79 4.12 -6.49
CA LYS A 194 -10.65 3.36 -5.56
C LYS A 194 -10.01 3.12 -4.19
N THR A 195 -8.68 3.10 -4.09
CA THR A 195 -7.95 2.94 -2.83
C THR A 195 -7.65 4.26 -2.12
N ARG A 196 -7.91 5.41 -2.78
CA ARG A 196 -7.85 6.75 -2.19
C ARG A 196 -8.69 6.81 -0.92
N ALA A 197 -8.04 7.04 0.22
CA ALA A 197 -8.67 7.05 1.53
C ALA A 197 -8.96 8.47 2.02
N ALA A 198 -10.17 8.72 2.50
CA ALA A 198 -10.62 10.03 2.98
C ALA A 198 -9.62 10.67 3.97
N GLU A 199 -9.03 11.78 3.54
CA GLU A 199 -7.69 12.21 3.98
C GLU A 199 -7.57 12.50 5.48
N GLU A 200 -8.62 13.06 6.09
CA GLU A 200 -8.72 13.35 7.53
C GLU A 200 -8.63 12.07 8.39
N HIS A 201 -9.21 10.96 7.90
CA HIS A 201 -9.11 9.65 8.54
C HIS A 201 -7.80 8.90 8.25
N VAL A 202 -6.98 9.37 7.29
CA VAL A 202 -5.59 8.91 7.15
C VAL A 202 -4.71 9.59 8.22
N ILE A 203 -4.89 10.91 8.43
CA ILE A 203 -4.17 11.70 9.44
C ILE A 203 -4.52 11.24 10.88
N ALA A 204 -5.80 11.24 11.23
CA ALA A 204 -6.26 10.88 12.58
C ALA A 204 -6.04 9.39 12.93
N GLY A 205 -6.04 8.51 11.92
CA GLY A 205 -5.72 7.10 12.13
C GLY A 205 -4.21 6.80 12.15
N TRP A 206 -3.37 7.62 11.50
CA TRP A 206 -1.92 7.56 11.60
C TRP A 206 -1.41 7.95 12.98
N GLU A 207 -2.01 8.95 13.63
CA GLU A 207 -1.46 9.61 14.83
C GLU A 207 -0.93 8.67 15.94
N PRO A 208 -1.70 7.70 16.50
CA PRO A 208 -1.17 6.79 17.52
C PRO A 208 -0.05 5.87 17.01
N LYS A 209 0.03 5.66 15.69
CA LYS A 209 1.06 4.87 14.99
C LYS A 209 2.30 5.66 14.59
N VAL A 210 2.39 6.94 14.98
CA VAL A 210 3.70 7.59 15.20
C VAL A 210 4.48 6.89 16.33
N ASN A 211 3.76 6.26 17.26
CA ASN A 211 4.31 5.47 18.36
C ASN A 211 4.19 3.94 18.17
N ALA A 212 3.07 3.45 17.66
CA ALA A 212 2.79 2.01 17.47
C ALA A 212 3.52 1.40 16.26
N MET A 1 -17.52 -17.38 -0.87
CA MET A 1 -17.47 -17.88 -2.27
C MET A 1 -17.00 -16.78 -3.21
N ALA A 2 -16.22 -17.14 -4.24
CA ALA A 2 -15.43 -16.19 -5.05
C ALA A 2 -14.51 -15.31 -4.18
N LEU A 3 -13.93 -14.24 -4.74
CA LEU A 3 -13.05 -13.34 -3.98
C LEU A 3 -13.84 -12.52 -2.95
N GLU A 4 -13.49 -12.69 -1.68
CA GLU A 4 -14.08 -11.93 -0.56
C GLU A 4 -12.95 -11.42 0.35
N ILE A 5 -12.58 -10.15 0.14
CA ILE A 5 -11.52 -9.45 0.87
C ILE A 5 -12.07 -9.05 2.24
N CYS A 6 -11.26 -9.17 3.30
CA CYS A 6 -11.49 -8.43 4.55
C CYS A 6 -10.30 -7.50 4.81
N VAL A 7 -10.56 -6.26 5.25
CA VAL A 7 -9.61 -5.13 5.17
C VAL A 7 -9.71 -4.26 6.41
N LYS A 8 -8.57 -3.75 6.92
CA LYS A 8 -8.62 -2.74 7.98
C LYS A 8 -9.25 -1.44 7.42
N ALA A 9 -10.23 -0.93 8.14
CA ALA A 9 -10.85 0.39 7.95
C ALA A 9 -10.12 1.48 8.74
N ALA A 10 -10.53 2.73 8.54
CA ALA A 10 -10.10 3.88 9.35
C ALA A 10 -10.40 3.65 10.84
N VAL A 11 -9.48 4.10 11.72
CA VAL A 11 -9.72 4.12 13.18
C VAL A 11 -11.02 4.88 13.49
N GLY A 12 -11.97 4.20 14.15
CA GLY A 12 -13.28 4.73 14.53
C GLY A 12 -14.32 4.83 13.40
N ALA A 13 -13.95 4.63 12.13
CA ALA A 13 -14.83 4.86 10.97
C ALA A 13 -14.83 3.65 10.01
N PRO A 14 -15.59 2.57 10.32
CA PRO A 14 -15.53 1.29 9.60
C PRO A 14 -15.95 1.31 8.12
N ASN A 15 -16.56 2.39 7.64
CA ASN A 15 -17.08 2.47 6.26
C ASN A 15 -16.03 2.90 5.20
N ILE A 16 -14.80 3.23 5.63
CA ILE A 16 -13.76 3.86 4.80
C ILE A 16 -12.36 3.33 5.13
N LEU A 17 -11.38 3.53 4.24
CA LEU A 17 -10.01 3.02 4.40
C LEU A 17 -9.16 3.77 5.43
N GLY A 18 -9.19 5.11 5.43
CA GLY A 18 -8.34 5.97 6.26
C GLY A 18 -6.86 5.56 6.30
N ASP A 19 -6.35 5.33 7.51
CA ASP A 19 -4.95 5.06 7.87
C ASP A 19 -4.33 3.75 7.32
N SER A 20 -4.94 3.06 6.35
CA SER A 20 -4.68 1.65 6.09
C SER A 20 -4.05 1.45 4.73
N PRO A 21 -2.75 1.80 4.49
CA PRO A 21 -2.06 1.56 3.22
C PRO A 21 -1.87 0.06 2.93
N PHE A 22 -1.77 -0.78 3.97
CA PHE A 22 -1.75 -2.24 3.82
C PHE A 22 -3.06 -2.80 3.23
N CYS A 23 -4.26 -2.25 3.58
CA CYS A 23 -5.54 -2.61 2.98
C CYS A 23 -5.56 -2.27 1.51
N GLN A 24 -5.03 -1.11 1.15
CA GLN A 24 -5.01 -0.60 -0.22
C GLN A 24 -4.21 -1.48 -1.20
N ARG A 25 -3.20 -2.22 -0.72
CA ARG A 25 -2.39 -3.17 -1.53
C ARG A 25 -3.24 -4.26 -2.20
N VAL A 26 -4.18 -4.82 -1.45
CA VAL A 26 -5.02 -5.96 -1.88
C VAL A 26 -6.07 -5.52 -2.90
N LEU A 27 -6.62 -4.32 -2.71
CA LEU A 27 -7.52 -3.67 -3.66
C LEU A 27 -6.78 -3.30 -4.95
N LEU A 28 -5.54 -2.81 -4.85
CA LEU A 28 -4.75 -2.33 -5.98
C LEU A 28 -4.44 -3.41 -7.04
N SER A 29 -4.08 -4.65 -6.65
CA SER A 29 -3.81 -5.69 -7.66
C SER A 29 -5.08 -6.16 -8.38
N LEU A 30 -6.18 -6.34 -7.63
CA LEU A 30 -7.47 -6.77 -8.18
C LEU A 30 -8.16 -5.68 -9.02
N GLU A 31 -8.05 -4.41 -8.64
CA GLU A 31 -8.53 -3.27 -9.43
C GLU A 31 -7.64 -2.93 -10.61
N GLU A 32 -6.33 -3.22 -10.57
CA GLU A 32 -5.50 -3.17 -11.77
C GLU A 32 -5.86 -4.27 -12.77
N LYS A 33 -6.11 -5.49 -12.27
CA LYS A 33 -6.66 -6.63 -13.01
C LYS A 33 -8.16 -6.48 -13.38
N LYS A 34 -8.85 -5.44 -12.88
CA LYS A 34 -10.29 -5.16 -13.07
C LYS A 34 -11.25 -6.27 -12.59
N ILE A 35 -10.77 -7.19 -11.74
CA ILE A 35 -11.54 -8.35 -11.26
C ILE A 35 -12.53 -7.91 -10.17
N PRO A 36 -13.82 -8.33 -10.21
CA PRO A 36 -14.77 -8.06 -9.13
C PRO A 36 -14.49 -8.91 -7.87
N TYR A 37 -14.77 -8.32 -6.71
CA TYR A 37 -14.62 -8.92 -5.38
C TYR A 37 -15.67 -8.37 -4.41
N LYS A 38 -15.93 -9.08 -3.30
CA LYS A 38 -16.56 -8.47 -2.10
C LYS A 38 -15.47 -7.85 -1.23
N SER A 39 -15.80 -6.81 -0.47
CA SER A 39 -14.89 -6.16 0.47
C SER A 39 -15.57 -5.92 1.81
N HIS A 40 -14.90 -6.31 2.88
CA HIS A 40 -15.38 -6.25 4.27
C HIS A 40 -14.43 -5.41 5.11
N LEU A 41 -14.66 -4.09 5.13
CA LEU A 41 -13.92 -3.14 5.95
C LEU A 41 -14.22 -3.34 7.45
N ILE A 42 -13.18 -3.33 8.29
CA ILE A 42 -13.24 -3.62 9.72
C ILE A 42 -12.50 -2.54 10.51
N ASN A 43 -13.18 -1.87 11.44
CA ASN A 43 -12.55 -0.99 12.43
C ASN A 43 -12.17 -1.82 13.66
N LEU A 44 -10.88 -2.01 13.91
CA LEU A 44 -10.32 -2.56 15.16
C LEU A 44 -10.94 -3.92 15.64
N GLY A 45 -11.50 -4.71 14.72
CA GLY A 45 -12.17 -5.98 15.03
C GLY A 45 -13.70 -5.91 15.20
N ASP A 46 -14.38 -4.88 14.69
CA ASP A 46 -15.84 -4.69 14.78
C ASP A 46 -16.72 -5.74 14.05
N LYS A 47 -16.16 -6.86 13.57
CA LYS A 47 -16.86 -7.95 12.87
C LYS A 47 -16.32 -9.31 13.33
N PRO A 48 -17.17 -10.35 13.43
CA PRO A 48 -16.82 -11.61 14.09
C PRO A 48 -15.64 -12.33 13.41
N GLN A 49 -15.03 -13.26 14.16
CA GLN A 49 -13.73 -13.85 13.81
C GLN A 49 -13.69 -14.66 12.50
N TRP A 50 -14.85 -14.98 11.92
CA TRP A 50 -15.03 -15.41 10.51
C TRP A 50 -14.37 -14.51 9.45
N PHE A 51 -14.26 -13.20 9.71
CA PHE A 51 -13.61 -12.21 8.85
C PHE A 51 -12.12 -11.94 9.21
N LEU A 52 -11.58 -12.65 10.20
CA LEU A 52 -10.28 -12.40 10.87
C LEU A 52 -9.37 -13.64 10.92
N GLU A 53 -9.94 -14.83 11.18
CA GLU A 53 -9.29 -16.17 11.21
C GLU A 53 -8.61 -16.54 9.88
N ILE A 54 -8.96 -15.82 8.81
CA ILE A 54 -8.35 -15.85 7.49
C ILE A 54 -6.84 -15.49 7.55
N SER A 55 -6.41 -14.82 8.63
CA SER A 55 -5.03 -14.84 9.14
C SER A 55 -4.95 -15.61 10.47
N PRO A 56 -3.82 -16.29 10.76
CA PRO A 56 -3.58 -16.90 12.08
C PRO A 56 -3.40 -15.86 13.20
N GLU A 57 -3.12 -14.61 12.84
CA GLU A 57 -2.95 -13.48 13.75
C GLU A 57 -4.29 -12.81 14.15
N GLY A 58 -5.41 -13.18 13.52
CA GLY A 58 -6.71 -12.50 13.70
C GLY A 58 -6.78 -11.07 13.14
N LYS A 59 -5.84 -10.71 12.26
CA LYS A 59 -5.72 -9.40 11.61
C LYS A 59 -6.63 -9.28 10.37
N VAL A 60 -6.61 -8.05 9.84
CA VAL A 60 -6.90 -7.71 8.44
C VAL A 60 -5.89 -6.65 7.96
N PRO A 61 -5.55 -6.55 6.65
CA PRO A 61 -6.17 -7.22 5.50
C PRO A 61 -5.84 -8.71 5.32
N VAL A 62 -6.77 -9.42 4.66
CA VAL A 62 -6.78 -10.87 4.36
C VAL A 62 -7.69 -11.13 3.14
N VAL A 63 -7.64 -12.33 2.54
CA VAL A 63 -8.60 -12.75 1.50
C VAL A 63 -9.12 -14.18 1.65
N LYS A 64 -10.41 -14.37 1.38
CA LYS A 64 -11.02 -15.64 0.98
C LYS A 64 -10.89 -15.80 -0.54
N ILE A 65 -10.02 -16.69 -1.02
CA ILE A 65 -9.90 -17.05 -2.45
C ILE A 65 -10.91 -18.16 -2.78
N ASP A 66 -12.17 -17.79 -2.91
CA ASP A 66 -13.31 -18.71 -2.85
C ASP A 66 -13.31 -19.53 -1.53
N ASP A 67 -13.25 -18.79 -0.42
CA ASP A 67 -13.14 -19.32 0.96
C ASP A 67 -11.90 -20.19 1.26
N LYS A 68 -10.87 -20.14 0.40
CA LYS A 68 -9.52 -20.67 0.68
C LYS A 68 -8.63 -19.53 1.17
N TRP A 69 -8.34 -19.54 2.48
CA TRP A 69 -7.87 -18.36 3.21
C TRP A 69 -6.41 -17.98 2.93
N VAL A 70 -6.12 -16.67 2.97
CA VAL A 70 -4.78 -16.08 2.90
C VAL A 70 -4.68 -14.89 3.86
N ALA A 71 -3.60 -14.87 4.65
CA ALA A 71 -3.32 -13.93 5.73
C ALA A 71 -2.86 -12.52 5.26
N ASP A 72 -2.03 -11.84 6.06
CA ASP A 72 -1.62 -10.44 5.91
C ASP A 72 -1.14 -10.06 4.48
N SER A 73 -1.26 -8.78 4.12
CA SER A 73 -1.00 -8.29 2.76
C SER A 73 0.39 -8.62 2.16
N ASP A 74 1.43 -8.81 2.98
CA ASP A 74 2.77 -9.24 2.55
C ASP A 74 2.86 -10.69 2.07
N VAL A 75 1.92 -11.57 2.44
CA VAL A 75 1.77 -12.90 1.81
C VAL A 75 0.71 -12.94 0.72
N ILE A 76 -0.24 -11.99 0.69
CA ILE A 76 -1.19 -11.82 -0.43
C ILE A 76 -0.47 -11.48 -1.73
N VAL A 77 0.52 -10.59 -1.70
CA VAL A 77 1.29 -10.18 -2.89
C VAL A 77 2.10 -11.32 -3.54
N GLY A 78 2.17 -12.51 -2.92
CA GLY A 78 2.53 -13.77 -3.57
C GLY A 78 1.34 -14.73 -3.73
N ILE A 79 0.68 -15.12 -2.64
CA ILE A 79 -0.26 -16.25 -2.59
C ILE A 79 -1.61 -15.95 -3.26
N LEU A 80 -2.09 -14.70 -3.24
CA LEU A 80 -3.22 -14.31 -4.09
C LEU A 80 -2.78 -14.20 -5.55
N GLU A 81 -1.62 -13.59 -5.80
CA GLU A 81 -1.12 -13.34 -7.15
C GLU A 81 -0.76 -14.63 -7.93
N GLU A 82 -0.40 -15.71 -7.24
CA GLU A 82 -0.27 -17.08 -7.79
C GLU A 82 -1.64 -17.71 -8.12
N LYS A 83 -2.62 -17.58 -7.22
CA LYS A 83 -3.89 -18.36 -7.24
C LYS A 83 -5.04 -17.63 -7.95
N ASN A 84 -4.82 -16.36 -8.28
CA ASN A 84 -5.67 -15.54 -9.13
C ASN A 84 -5.40 -15.87 -10.62
N PRO A 85 -6.41 -15.92 -11.50
CA PRO A 85 -6.21 -16.37 -12.89
C PRO A 85 -5.46 -15.40 -13.79
N GLU A 86 -5.32 -14.13 -13.40
CA GLU A 86 -4.47 -13.16 -14.11
C GLU A 86 -3.00 -13.28 -13.66
N PRO A 87 -2.01 -13.16 -14.57
CA PRO A 87 -0.59 -13.39 -14.27
C PRO A 87 -0.05 -12.66 -13.02
N PRO A 88 0.84 -13.31 -12.23
CA PRO A 88 1.26 -12.82 -10.92
C PRO A 88 2.04 -11.50 -11.02
N LEU A 89 1.47 -10.46 -10.41
CA LEU A 89 2.19 -9.21 -10.10
C LEU A 89 3.31 -9.40 -9.08
N ALA A 90 3.37 -10.57 -8.41
CA ALA A 90 4.47 -11.01 -7.57
C ALA A 90 5.84 -11.03 -8.28
N THR A 91 5.84 -11.16 -9.62
CA THR A 91 7.05 -11.33 -10.43
C THR A 91 7.94 -10.07 -10.35
N PRO A 92 9.17 -10.15 -9.79
CA PRO A 92 9.96 -8.97 -9.49
C PRO A 92 10.65 -8.38 -10.75
N PRO A 93 10.45 -7.09 -11.07
CA PRO A 93 11.42 -6.32 -11.86
C PRO A 93 12.64 -5.95 -10.98
N GLU A 94 13.68 -5.34 -11.58
CA GLU A 94 14.88 -4.88 -10.86
C GLU A 94 14.57 -3.94 -9.67
N PHE A 95 13.52 -3.13 -9.82
CA PHE A 95 13.00 -2.20 -8.80
C PHE A 95 12.56 -2.87 -7.50
N ALA A 96 12.21 -4.17 -7.52
CA ALA A 96 11.89 -4.91 -6.30
C ALA A 96 13.07 -5.03 -5.33
N SER A 97 14.31 -5.04 -5.84
CA SER A 97 15.52 -5.06 -5.01
C SER A 97 15.66 -3.76 -4.18
N VAL A 98 15.42 -2.61 -4.80
CA VAL A 98 15.46 -1.29 -4.14
C VAL A 98 14.22 -1.04 -3.29
N GLY A 99 13.05 -1.47 -3.79
CA GLY A 99 11.76 -1.40 -3.11
C GLY A 99 11.68 -2.25 -1.84
N SER A 100 12.50 -3.30 -1.71
CA SER A 100 12.62 -4.09 -0.48
C SER A 100 13.12 -3.27 0.73
N LYS A 101 13.87 -2.19 0.48
CA LYS A 101 14.34 -1.24 1.50
C LYS A 101 13.35 -0.09 1.75
N ILE A 102 12.76 0.43 0.66
CA ILE A 102 11.81 1.54 0.70
C ILE A 102 10.50 1.12 1.41
N PHE A 103 10.10 -0.14 1.27
CA PHE A 103 8.89 -0.68 1.91
C PHE A 103 8.89 -0.58 3.45
N PRO A 104 9.95 -0.99 4.18
CA PRO A 104 10.08 -0.70 5.61
C PRO A 104 10.55 0.74 5.90
N SER A 105 11.37 1.39 5.06
CA SER A 105 11.87 2.75 5.37
C SER A 105 10.81 3.85 5.26
N PHE A 106 9.74 3.65 4.47
CA PHE A 106 8.49 4.43 4.59
C PHE A 106 7.76 4.20 5.93
N VAL A 107 7.68 2.95 6.42
CA VAL A 107 7.04 2.66 7.72
C VAL A 107 7.85 3.24 8.88
N LYS A 108 9.18 3.26 8.76
CA LYS A 108 10.09 3.99 9.68
C LYS A 108 9.82 5.49 9.66
N PHE A 109 9.73 6.11 8.48
CA PHE A 109 9.49 7.55 8.32
C PHE A 109 8.15 8.00 8.94
N LEU A 110 7.12 7.16 8.78
CA LEU A 110 5.82 7.32 9.42
C LEU A 110 5.80 7.01 10.93
N LYS A 111 6.90 6.47 11.49
CA LYS A 111 7.05 6.06 12.90
C LYS A 111 8.14 6.91 13.57
N SER A 112 7.93 8.23 13.57
CA SER A 112 8.90 9.33 13.72
C SER A 112 9.62 9.47 15.08
N LYS A 113 9.81 8.35 15.79
CA LYS A 113 10.79 8.23 16.89
C LYS A 113 12.23 8.37 16.39
N ASP A 114 12.51 7.81 15.20
CA ASP A 114 13.76 8.04 14.49
C ASP A 114 13.59 9.26 13.56
N PRO A 115 14.51 10.25 13.55
CA PRO A 115 14.22 11.58 13.01
C PRO A 115 13.76 11.59 11.54
N ASN A 116 12.72 12.38 11.26
CA ASN A 116 12.16 12.58 9.93
C ASN A 116 13.16 13.20 8.96
N ASP A 117 13.79 14.32 9.33
CA ASP A 117 14.81 14.99 8.51
C ASP A 117 16.05 14.13 8.19
N GLY A 118 16.35 13.12 9.00
CA GLY A 118 17.41 12.14 8.72
C GLY A 118 16.92 10.94 7.88
N THR A 119 15.69 10.49 8.10
CA THR A 119 15.04 9.43 7.31
C THR A 119 14.61 9.91 5.92
N GLU A 120 14.35 11.20 5.74
CA GLU A 120 14.24 11.88 4.44
C GLU A 120 15.55 11.83 3.66
N GLN A 121 16.69 12.08 4.32
CA GLN A 121 18.00 11.99 3.69
C GLN A 121 18.41 10.55 3.34
N ALA A 122 17.98 9.56 4.14
CA ALA A 122 18.09 8.15 3.76
C ALA A 122 17.19 7.80 2.57
N LEU A 123 15.93 8.28 2.55
CA LEU A 123 15.01 8.09 1.42
C LEU A 123 15.48 8.79 0.13
N LEU A 124 16.22 9.90 0.20
CA LEU A 124 16.87 10.48 -0.98
C LEU A 124 17.90 9.52 -1.61
N GLU A 125 18.62 8.72 -0.83
CA GLU A 125 19.57 7.72 -1.33
C GLU A 125 18.87 6.45 -1.85
N GLU A 126 17.80 5.99 -1.18
CA GLU A 126 17.03 4.82 -1.61
C GLU A 126 16.20 5.08 -2.86
N LEU A 127 15.57 6.25 -2.94
CA LEU A 127 14.75 6.64 -4.09
C LEU A 127 15.61 7.03 -5.31
N LYS A 128 16.87 7.48 -5.16
CA LYS A 128 17.80 7.70 -6.29
C LYS A 128 18.04 6.42 -7.09
N ALA A 129 18.31 5.31 -6.40
CA ALA A 129 18.57 4.01 -7.01
C ALA A 129 17.33 3.42 -7.73
N LEU A 130 16.13 3.85 -7.34
CA LEU A 130 14.87 3.50 -7.99
C LEU A 130 14.58 4.41 -9.20
N ASP A 131 14.57 5.73 -8.97
CA ASP A 131 14.04 6.75 -9.87
C ASP A 131 14.85 6.93 -11.16
N GLY A 132 16.17 6.79 -11.08
CA GLY A 132 17.05 6.87 -12.24
C GLY A 132 16.79 5.81 -13.30
N HIS A 133 16.40 4.59 -12.89
CA HIS A 133 16.06 3.48 -13.78
C HIS A 133 14.57 3.44 -14.16
N LEU A 134 13.67 3.97 -13.33
CA LEU A 134 12.23 4.09 -13.66
C LEU A 134 12.00 5.00 -14.87
N LYS A 135 12.77 6.10 -14.96
CA LYS A 135 12.78 7.04 -16.11
C LYS A 135 13.29 6.45 -17.43
N VAL A 136 13.72 5.18 -17.43
CA VAL A 136 14.07 4.42 -18.65
C VAL A 136 13.07 3.29 -18.94
N HIS A 137 12.40 2.75 -17.92
CA HIS A 137 11.45 1.63 -18.07
C HIS A 137 10.01 2.06 -18.40
N GLY A 138 9.40 2.93 -17.60
CA GLY A 138 7.97 3.22 -17.73
C GLY A 138 7.33 3.94 -16.54
N PRO A 139 6.04 4.30 -16.65
CA PRO A 139 5.38 5.32 -15.83
C PRO A 139 4.94 4.87 -14.43
N PHE A 140 5.01 3.57 -14.10
CA PHE A 140 4.61 3.02 -12.81
C PHE A 140 5.81 2.82 -11.88
N ILE A 141 5.62 2.62 -10.57
CA ILE A 141 6.78 2.52 -9.64
C ILE A 141 7.46 1.13 -9.67
N ALA A 142 6.95 0.22 -10.50
CA ALA A 142 7.62 -0.98 -11.00
C ALA A 142 8.18 -0.84 -12.44
N GLY A 143 7.94 0.25 -13.17
CA GLY A 143 8.32 0.42 -14.58
C GLY A 143 7.14 0.44 -15.53
N GLU A 144 7.19 -0.36 -16.59
CA GLU A 144 6.24 -0.38 -17.72
C GLU A 144 4.82 -0.87 -17.34
N LYS A 145 4.71 -1.65 -16.27
CA LYS A 145 3.46 -2.20 -15.72
C LYS A 145 3.41 -1.95 -14.20
N ILE A 146 2.20 -1.83 -13.66
CA ILE A 146 1.93 -1.95 -12.21
C ILE A 146 2.19 -3.40 -11.77
N THR A 147 3.13 -3.56 -10.83
CA THR A 147 3.52 -4.87 -10.23
C THR A 147 3.72 -4.79 -8.70
N ALA A 148 4.31 -5.82 -8.08
CA ALA A 148 4.57 -5.91 -6.63
C ALA A 148 5.31 -4.70 -6.03
N VAL A 149 6.02 -3.88 -6.82
CA VAL A 149 6.64 -2.63 -6.32
C VAL A 149 5.61 -1.52 -6.10
N ASP A 150 4.60 -1.40 -6.97
CA ASP A 150 3.39 -0.59 -6.71
C ASP A 150 2.56 -1.16 -5.56
N LEU A 151 2.39 -2.49 -5.51
CA LEU A 151 1.70 -3.16 -4.39
C LEU A 151 2.44 -2.99 -3.05
N SER A 152 3.71 -2.59 -3.07
CA SER A 152 4.52 -2.30 -1.88
C SER A 152 4.53 -0.81 -1.52
N LEU A 153 4.81 0.07 -2.49
CA LEU A 153 5.18 1.48 -2.29
C LEU A 153 4.03 2.47 -2.52
N ALA A 154 3.12 2.20 -3.45
CA ALA A 154 2.10 3.15 -3.90
C ALA A 154 1.13 3.64 -2.80
N PRO A 155 0.52 2.76 -1.98
CA PRO A 155 -0.36 3.23 -0.91
C PRO A 155 0.40 3.85 0.26
N LYS A 156 1.67 3.49 0.46
CA LYS A 156 2.55 4.13 1.46
C LYS A 156 2.98 5.54 1.05
N LEU A 157 3.17 5.80 -0.25
CA LEU A 157 3.33 7.16 -0.79
C LEU A 157 2.08 8.02 -0.61
N TYR A 158 0.87 7.47 -0.85
CA TYR A 158 -0.38 8.20 -0.60
C TYR A 158 -0.55 8.56 0.88
N HIS A 159 -0.32 7.58 1.75
CA HIS A 159 -0.38 7.76 3.21
C HIS A 159 0.70 8.72 3.73
N LEU A 160 1.86 8.86 3.06
CA LEU A 160 2.88 9.88 3.35
C LEU A 160 2.46 11.29 2.91
N GLU A 161 2.00 11.47 1.66
CA GLU A 161 1.59 12.79 1.13
C GLU A 161 0.45 13.40 1.95
N VAL A 162 -0.45 12.55 2.48
CA VAL A 162 -1.54 12.96 3.37
C VAL A 162 -1.12 13.06 4.84
N ALA A 163 -0.81 11.94 5.49
CA ALA A 163 -0.78 11.87 6.96
C ALA A 163 0.45 12.56 7.56
N LEU A 164 1.64 12.28 7.02
CA LEU A 164 2.86 12.96 7.46
C LEU A 164 2.99 14.35 6.83
N GLY A 165 2.50 14.52 5.60
CA GLY A 165 2.43 15.81 4.89
C GLY A 165 1.62 16.89 5.59
N HIS A 166 0.61 16.51 6.39
CA HIS A 166 -0.14 17.41 7.26
C HIS A 166 0.73 18.10 8.35
N PHE A 167 1.78 17.44 8.84
CA PHE A 167 2.69 17.98 9.87
C PHE A 167 4.03 18.45 9.29
N LYS A 168 4.49 17.84 8.20
CA LYS A 168 5.63 18.28 7.39
C LYS A 168 5.45 17.79 5.95
N ASN A 169 4.95 18.67 5.07
CA ASN A 169 4.91 18.43 3.63
C ASN A 169 6.31 18.49 3.02
N TRP A 170 7.03 17.36 3.08
CA TRP A 170 8.33 17.17 2.43
C TRP A 170 8.13 16.91 0.92
N PRO A 171 8.45 17.87 0.03
CA PRO A 171 8.33 17.66 -1.41
C PRO A 171 9.40 16.68 -1.89
N ILE A 172 9.01 15.72 -2.72
CA ILE A 172 9.95 14.88 -3.48
C ILE A 172 10.68 15.78 -4.49
N PRO A 173 12.02 15.95 -4.42
CA PRO A 173 12.74 16.89 -5.29
C PRO A 173 12.67 16.49 -6.77
N ASP A 174 12.90 17.46 -7.65
CA ASP A 174 12.82 17.30 -9.12
C ASP A 174 13.82 16.27 -9.70
N ASN A 175 14.92 15.99 -9.00
CA ASN A 175 15.86 14.91 -9.35
C ASN A 175 15.23 13.51 -9.20
N LEU A 176 14.33 13.32 -8.23
CA LEU A 176 13.45 12.16 -8.06
C LEU A 176 12.15 12.32 -8.86
N THR A 177 12.31 12.70 -10.14
CA THR A 177 11.25 13.16 -11.03
C THR A 177 10.15 12.11 -11.23
N HIS A 178 10.50 10.83 -11.20
CA HIS A 178 9.55 9.75 -11.39
C HIS A 178 8.71 9.49 -10.15
N VAL A 179 9.30 9.48 -8.95
CA VAL A 179 8.57 9.37 -7.68
C VAL A 179 7.65 10.57 -7.47
N LEU A 180 8.10 11.78 -7.85
CA LEU A 180 7.32 13.01 -7.86
C LEU A 180 6.10 12.94 -8.80
N ASN A 181 6.28 12.48 -10.05
CA ASN A 181 5.18 12.30 -11.01
C ASN A 181 4.24 11.15 -10.60
N TYR A 182 4.79 10.04 -10.11
CA TYR A 182 4.04 8.83 -9.76
C TYR A 182 3.05 9.04 -8.61
N ILE A 183 3.36 9.95 -7.68
CA ILE A 183 2.42 10.40 -6.65
C ILE A 183 1.11 10.93 -7.25
N LYS A 184 1.15 11.54 -8.44
CA LYS A 184 -0.06 12.05 -9.12
C LYS A 184 -0.82 10.98 -9.93
N LEU A 185 -0.24 9.79 -10.13
CA LEU A 185 -1.00 8.59 -10.53
C LEU A 185 -1.83 7.99 -9.39
N LEU A 186 -1.53 8.28 -8.12
CA LEU A 186 -2.28 7.74 -6.97
C LEU A 186 -3.75 8.19 -6.90
N PHE A 187 -4.10 9.24 -7.63
CA PHE A 187 -5.45 9.77 -7.77
C PHE A 187 -6.20 9.19 -8.99
N SER A 188 -5.63 8.19 -9.69
CA SER A 188 -5.99 7.84 -11.08
C SER A 188 -6.22 6.33 -11.33
N ARG A 189 -6.53 5.98 -12.59
CA ARG A 189 -7.07 4.66 -13.02
C ARG A 189 -8.35 4.34 -12.24
N GLU A 190 -8.78 3.08 -12.21
CA GLU A 190 -9.57 2.52 -11.11
C GLU A 190 -8.66 2.15 -9.94
N SER A 191 -7.47 1.67 -10.30
CA SER A 191 -6.49 0.95 -9.48
C SER A 191 -6.02 1.73 -8.24
N PHE A 192 -5.75 3.04 -8.38
CA PHE A 192 -5.36 3.90 -7.24
C PHE A 192 -6.49 4.83 -6.78
N LYS A 193 -7.32 5.31 -7.72
CA LYS A 193 -8.49 6.16 -7.45
C LYS A 193 -9.49 5.55 -6.47
N LYS A 194 -9.66 4.21 -6.48
CA LYS A 194 -10.49 3.46 -5.52
C LYS A 194 -9.80 3.21 -4.17
N THR A 195 -8.47 3.26 -4.11
CA THR A 195 -7.69 3.09 -2.87
C THR A 195 -7.36 4.40 -2.16
N ARG A 196 -7.56 5.56 -2.83
CA ARG A 196 -7.52 6.88 -2.21
C ARG A 196 -8.43 6.92 -0.97
N ALA A 197 -7.84 7.17 0.19
CA ALA A 197 -8.54 7.22 1.46
C ALA A 197 -8.83 8.67 1.89
N ALA A 198 -10.03 8.88 2.46
CA ALA A 198 -10.48 10.18 2.99
C ALA A 198 -9.49 10.76 4.02
N GLU A 199 -8.98 11.94 3.68
CA GLU A 199 -7.65 12.42 4.04
C GLU A 199 -7.48 12.72 5.55
N GLU A 200 -8.49 13.32 6.17
CA GLU A 200 -8.58 13.51 7.63
C GLU A 200 -8.61 12.18 8.41
N HIS A 201 -9.26 11.15 7.86
CA HIS A 201 -9.26 9.79 8.40
C HIS A 201 -7.98 9.00 8.09
N VAL A 202 -7.09 9.47 7.20
CA VAL A 202 -5.70 9.00 7.16
C VAL A 202 -4.88 9.64 8.29
N ILE A 203 -4.99 10.96 8.48
CA ILE A 203 -4.24 11.74 9.50
C ILE A 203 -4.57 11.27 10.93
N ALA A 204 -5.86 11.30 11.30
CA ALA A 204 -6.30 10.96 12.65
C ALA A 204 -6.15 9.47 12.99
N GLY A 205 -6.15 8.59 11.99
CA GLY A 205 -5.86 7.18 12.19
C GLY A 205 -4.35 6.85 12.21
N TRP A 206 -3.52 7.64 11.53
CA TRP A 206 -2.06 7.53 11.58
C TRP A 206 -1.49 7.95 12.93
N GLU A 207 -2.02 9.00 13.57
CA GLU A 207 -1.40 9.68 14.72
C GLU A 207 -0.81 8.77 15.82
N PRO A 208 -1.56 7.84 16.45
CA PRO A 208 -0.98 6.95 17.48
C PRO A 208 0.09 5.98 16.95
N LYS A 209 0.09 5.70 15.64
CA LYS A 209 1.06 4.85 14.94
C LYS A 209 2.35 5.57 14.54
N VAL A 210 2.51 6.86 14.89
CA VAL A 210 3.84 7.47 15.06
C VAL A 210 4.65 6.75 16.14
N ASN A 211 3.97 6.10 17.10
CA ASN A 211 4.58 5.38 18.22
C ASN A 211 4.59 3.84 18.10
N ALA A 212 3.53 3.25 17.56
CA ALA A 212 3.17 1.83 17.75
C ALA A 212 4.07 0.82 17.02
N MET A 1 -17.53 -17.20 -0.88
CA MET A 1 -17.49 -17.73 -2.27
C MET A 1 -16.91 -16.68 -3.19
N ALA A 2 -16.22 -17.11 -4.25
CA ALA A 2 -15.40 -16.23 -5.09
C ALA A 2 -14.39 -15.40 -4.25
N LEU A 3 -13.87 -14.29 -4.78
CA LEU A 3 -13.03 -13.37 -4.01
C LEU A 3 -13.88 -12.61 -2.99
N GLU A 4 -13.51 -12.72 -1.71
CA GLU A 4 -14.02 -11.88 -0.62
C GLU A 4 -12.82 -11.35 0.18
N ILE A 5 -12.48 -10.07 -0.03
CA ILE A 5 -11.45 -9.37 0.73
C ILE A 5 -12.04 -9.03 2.11
N CYS A 6 -11.25 -9.16 3.17
CA CYS A 6 -11.51 -8.46 4.43
C CYS A 6 -10.32 -7.53 4.73
N VAL A 7 -10.59 -6.30 5.17
CA VAL A 7 -9.64 -5.18 5.10
C VAL A 7 -9.73 -4.31 6.35
N LYS A 8 -8.61 -3.79 6.86
CA LYS A 8 -8.66 -2.79 7.94
C LYS A 8 -9.26 -1.49 7.40
N ALA A 9 -10.30 -1.00 8.07
CA ALA A 9 -10.91 0.30 7.87
C ALA A 9 -10.18 1.40 8.66
N ALA A 10 -10.60 2.65 8.48
CA ALA A 10 -10.21 3.77 9.32
C ALA A 10 -10.48 3.49 10.81
N VAL A 11 -9.59 3.94 11.69
CA VAL A 11 -9.84 3.96 13.14
C VAL A 11 -11.14 4.71 13.44
N GLY A 12 -12.10 4.02 14.06
CA GLY A 12 -13.43 4.57 14.42
C GLY A 12 -14.47 4.63 13.30
N ALA A 13 -14.09 4.45 12.02
CA ALA A 13 -14.98 4.67 10.88
C ALA A 13 -14.95 3.47 9.90
N PRO A 14 -15.73 2.39 10.16
CA PRO A 14 -15.65 1.13 9.40
C PRO A 14 -16.06 1.20 7.93
N ASN A 15 -16.65 2.30 7.45
CA ASN A 15 -17.13 2.43 6.07
C ASN A 15 -16.05 2.84 5.06
N ILE A 16 -14.83 3.17 5.51
CA ILE A 16 -13.77 3.80 4.72
C ILE A 16 -12.37 3.26 5.09
N LEU A 17 -11.38 3.45 4.22
CA LEU A 17 -10.02 2.92 4.40
C LEU A 17 -9.18 3.64 5.47
N GLY A 18 -9.24 4.97 5.52
CA GLY A 18 -8.39 5.82 6.39
C GLY A 18 -6.91 5.44 6.40
N ASP A 19 -6.38 5.21 7.60
CA ASP A 19 -4.97 4.99 7.95
C ASP A 19 -4.30 3.71 7.39
N SER A 20 -4.89 3.01 6.41
CA SER A 20 -4.60 1.60 6.13
C SER A 20 -3.95 1.44 4.78
N PRO A 21 -2.64 1.76 4.55
CA PRO A 21 -1.96 1.52 3.29
C PRO A 21 -1.80 0.03 2.98
N PHE A 22 -1.73 -0.83 4.00
CA PHE A 22 -1.73 -2.29 3.85
C PHE A 22 -3.04 -2.84 3.27
N CYS A 23 -4.23 -2.28 3.63
CA CYS A 23 -5.52 -2.60 3.03
C CYS A 23 -5.54 -2.23 1.57
N GLN A 24 -4.95 -1.11 1.20
CA GLN A 24 -4.95 -0.59 -0.17
C GLN A 24 -4.16 -1.47 -1.14
N ARG A 25 -3.15 -2.23 -0.66
CA ARG A 25 -2.32 -3.16 -1.48
C ARG A 25 -3.17 -4.23 -2.18
N VAL A 26 -4.12 -4.80 -1.44
CA VAL A 26 -4.97 -5.91 -1.90
C VAL A 26 -6.03 -5.46 -2.89
N LEU A 27 -6.59 -4.27 -2.67
CA LEU A 27 -7.51 -3.62 -3.60
C LEU A 27 -6.78 -3.20 -4.90
N LEU A 28 -5.54 -2.71 -4.79
CA LEU A 28 -4.75 -2.22 -5.92
C LEU A 28 -4.45 -3.30 -6.97
N SER A 29 -4.10 -4.53 -6.56
CA SER A 29 -3.81 -5.59 -7.55
C SER A 29 -5.07 -6.07 -8.28
N LEU A 30 -6.17 -6.27 -7.54
CA LEU A 30 -7.44 -6.72 -8.12
C LEU A 30 -8.13 -5.64 -8.96
N GLU A 31 -8.01 -4.36 -8.60
CA GLU A 31 -8.49 -3.25 -9.43
C GLU A 31 -7.57 -2.90 -10.60
N GLU A 32 -6.27 -3.23 -10.55
CA GLU A 32 -5.42 -3.19 -11.73
C GLU A 32 -5.76 -4.30 -12.73
N LYS A 33 -5.98 -5.52 -12.22
CA LYS A 33 -6.51 -6.68 -12.97
C LYS A 33 -8.00 -6.56 -13.35
N LYS A 34 -8.71 -5.54 -12.86
CA LYS A 34 -10.16 -5.28 -13.04
C LYS A 34 -11.08 -6.41 -12.53
N ILE A 35 -10.58 -7.33 -11.70
CA ILE A 35 -11.31 -8.50 -11.20
C ILE A 35 -12.23 -8.08 -10.04
N PRO A 36 -13.54 -8.42 -10.05
CA PRO A 36 -14.47 -8.08 -8.98
C PRO A 36 -14.27 -8.95 -7.72
N TYR A 37 -14.69 -8.41 -6.59
CA TYR A 37 -14.58 -9.00 -5.25
C TYR A 37 -15.71 -8.48 -4.34
N LYS A 38 -16.03 -9.19 -3.26
CA LYS A 38 -16.62 -8.56 -2.07
C LYS A 38 -15.53 -7.85 -1.27
N SER A 39 -15.87 -6.78 -0.56
CA SER A 39 -14.99 -6.11 0.39
C SER A 39 -15.66 -5.96 1.75
N HIS A 40 -14.98 -6.43 2.79
CA HIS A 40 -15.44 -6.40 4.18
C HIS A 40 -14.47 -5.54 5.00
N LEU A 41 -14.68 -4.22 4.99
CA LEU A 41 -13.94 -3.28 5.81
C LEU A 41 -14.25 -3.49 7.30
N ILE A 42 -13.21 -3.48 8.15
CA ILE A 42 -13.28 -3.78 9.59
C ILE A 42 -12.58 -2.68 10.39
N ASN A 43 -13.30 -2.01 11.29
CA ASN A 43 -12.71 -1.12 12.28
C ASN A 43 -12.27 -1.95 13.50
N LEU A 44 -10.96 -2.21 13.63
CA LEU A 44 -10.30 -2.78 14.82
C LEU A 44 -10.86 -4.13 15.35
N GLY A 45 -11.66 -4.84 14.56
CA GLY A 45 -12.31 -6.10 14.94
C GLY A 45 -13.84 -6.04 15.08
N ASP A 46 -14.52 -5.02 14.54
CA ASP A 46 -15.99 -4.85 14.62
C ASP A 46 -16.84 -5.93 13.87
N LYS A 47 -16.24 -7.04 13.43
CA LYS A 47 -16.91 -8.14 12.68
C LYS A 47 -16.38 -9.51 13.17
N PRO A 48 -17.23 -10.55 13.25
CA PRO A 48 -16.90 -11.79 13.94
C PRO A 48 -15.69 -12.50 13.33
N GLN A 49 -15.13 -13.44 14.07
CA GLN A 49 -13.82 -14.04 13.78
C GLN A 49 -13.77 -14.85 12.47
N TRP A 50 -14.92 -15.16 11.85
CA TRP A 50 -15.06 -15.61 10.45
C TRP A 50 -14.44 -14.69 9.38
N PHE A 51 -14.26 -13.40 9.70
CA PHE A 51 -13.62 -12.40 8.83
C PHE A 51 -12.16 -12.07 9.24
N LEU A 52 -11.63 -12.77 10.27
CA LEU A 52 -10.34 -12.52 10.92
C LEU A 52 -9.44 -13.77 10.98
N GLU A 53 -10.02 -14.96 11.20
CA GLU A 53 -9.39 -16.30 11.20
C GLU A 53 -8.69 -16.65 9.86
N ILE A 54 -9.05 -15.91 8.81
CA ILE A 54 -8.44 -15.89 7.49
C ILE A 54 -6.93 -15.55 7.56
N SER A 55 -6.50 -14.90 8.66
CA SER A 55 -5.11 -14.88 9.14
C SER A 55 -4.97 -15.56 10.52
N PRO A 56 -3.92 -16.38 10.74
CA PRO A 56 -3.68 -17.00 12.06
C PRO A 56 -3.27 -15.98 13.14
N GLU A 57 -2.69 -14.84 12.75
CA GLU A 57 -2.42 -13.71 13.64
C GLU A 57 -3.69 -12.94 14.05
N GLY A 58 -4.87 -13.22 13.49
CA GLY A 58 -6.14 -12.58 13.84
C GLY A 58 -6.17 -11.08 13.49
N LYS A 59 -5.82 -10.76 12.25
CA LYS A 59 -5.72 -9.41 11.68
C LYS A 59 -6.45 -9.33 10.32
N VAL A 60 -6.52 -8.12 9.79
CA VAL A 60 -6.86 -7.82 8.38
C VAL A 60 -5.96 -6.66 7.92
N PRO A 61 -5.61 -6.52 6.62
CA PRO A 61 -6.17 -7.22 5.45
C PRO A 61 -5.92 -8.72 5.35
N VAL A 62 -6.80 -9.39 4.61
CA VAL A 62 -6.80 -10.84 4.28
C VAL A 62 -7.63 -11.06 3.00
N VAL A 63 -7.56 -12.24 2.39
CA VAL A 63 -8.52 -12.65 1.34
C VAL A 63 -9.00 -14.09 1.49
N LYS A 64 -10.23 -14.29 1.05
CA LYS A 64 -10.74 -15.58 0.58
C LYS A 64 -10.52 -15.71 -0.93
N ILE A 65 -10.15 -16.91 -1.36
CA ILE A 65 -10.06 -17.35 -2.75
C ILE A 65 -11.06 -18.49 -2.96
N ASP A 66 -12.33 -18.10 -2.99
CA ASP A 66 -13.49 -18.99 -2.86
C ASP A 66 -13.46 -19.80 -1.55
N ASP A 67 -13.49 -19.07 -0.44
CA ASP A 67 -13.38 -19.57 0.95
C ASP A 67 -12.10 -20.36 1.32
N LYS A 68 -11.09 -20.39 0.44
CA LYS A 68 -9.71 -20.81 0.75
C LYS A 68 -8.93 -19.58 1.22
N TRP A 69 -8.40 -19.60 2.43
CA TRP A 69 -7.91 -18.39 3.13
C TRP A 69 -6.46 -18.02 2.82
N VAL A 70 -6.14 -16.72 2.91
CA VAL A 70 -4.79 -16.13 2.83
C VAL A 70 -4.71 -14.95 3.81
N ALA A 71 -3.62 -14.89 4.59
CA ALA A 71 -3.34 -13.89 5.64
C ALA A 71 -2.94 -12.50 5.10
N ASP A 72 -2.07 -11.73 5.79
CA ASP A 72 -1.80 -10.32 5.46
C ASP A 72 -1.45 -10.03 3.98
N SER A 73 -1.63 -8.76 3.62
CA SER A 73 -1.14 -8.12 2.40
C SER A 73 0.27 -8.54 1.96
N ASP A 74 1.23 -8.70 2.87
CA ASP A 74 2.63 -9.05 2.57
C ASP A 74 2.84 -10.52 2.17
N VAL A 75 1.86 -11.40 2.43
CA VAL A 75 1.81 -12.74 1.84
C VAL A 75 0.79 -12.85 0.70
N ILE A 76 -0.23 -11.99 0.65
CA ILE A 76 -1.16 -11.86 -0.49
C ILE A 76 -0.43 -11.49 -1.78
N VAL A 77 0.54 -10.57 -1.73
CA VAL A 77 1.32 -10.14 -2.92
C VAL A 77 2.16 -11.26 -3.55
N GLY A 78 2.24 -12.44 -2.91
CA GLY A 78 2.62 -13.70 -3.57
C GLY A 78 1.44 -14.68 -3.71
N ILE A 79 0.80 -15.06 -2.61
CA ILE A 79 -0.12 -16.21 -2.53
C ILE A 79 -1.48 -15.96 -3.20
N LEU A 80 -1.99 -14.73 -3.20
CA LEU A 80 -3.14 -14.39 -4.05
C LEU A 80 -2.70 -14.29 -5.51
N GLU A 81 -1.58 -13.61 -5.78
CA GLU A 81 -1.10 -13.36 -7.14
C GLU A 81 -0.73 -14.64 -7.91
N GLU A 82 -0.28 -15.69 -7.22
CA GLU A 82 -0.10 -17.07 -7.73
C GLU A 82 -1.44 -17.74 -8.11
N LYS A 83 -2.44 -17.64 -7.21
CA LYS A 83 -3.71 -18.39 -7.28
C LYS A 83 -4.82 -17.66 -8.06
N ASN A 84 -4.57 -16.40 -8.41
CA ASN A 84 -5.41 -15.58 -9.26
C ASN A 84 -5.21 -15.99 -10.74
N PRO A 85 -6.27 -16.03 -11.58
CA PRO A 85 -6.16 -16.55 -12.94
C PRO A 85 -5.44 -15.62 -13.94
N GLU A 86 -5.19 -14.34 -13.61
CA GLU A 86 -4.23 -13.53 -14.37
C GLU A 86 -2.80 -13.70 -13.82
N PRO A 87 -1.75 -13.53 -14.67
CA PRO A 87 -0.36 -13.65 -14.26
C PRO A 87 0.02 -12.84 -12.99
N PRO A 88 0.93 -13.37 -12.14
CA PRO A 88 1.23 -12.77 -10.84
C PRO A 88 1.93 -11.42 -10.98
N LEU A 89 1.37 -10.40 -10.32
CA LEU A 89 2.08 -9.14 -10.04
C LEU A 89 3.24 -9.33 -9.05
N ALA A 90 3.34 -10.50 -8.40
CA ALA A 90 4.49 -10.93 -7.61
C ALA A 90 5.82 -10.98 -8.38
N THR A 91 5.78 -11.06 -9.72
CA THR A 91 6.96 -11.18 -10.58
C THR A 91 7.85 -9.93 -10.45
N PRO A 92 9.08 -10.02 -9.92
CA PRO A 92 9.87 -8.85 -9.58
C PRO A 92 10.55 -8.23 -10.81
N PRO A 93 10.37 -6.91 -11.06
CA PRO A 93 11.34 -6.13 -11.84
C PRO A 93 12.59 -5.83 -10.97
N GLU A 94 13.61 -5.21 -11.56
CA GLU A 94 14.83 -4.78 -10.83
C GLU A 94 14.53 -3.85 -9.64
N PHE A 95 13.47 -3.04 -9.75
CA PHE A 95 12.96 -2.15 -8.70
C PHE A 95 12.54 -2.86 -7.41
N ALA A 96 12.25 -4.16 -7.43
CA ALA A 96 11.96 -4.93 -6.22
C ALA A 96 13.17 -5.02 -5.27
N SER A 97 14.39 -5.03 -5.82
CA SER A 97 15.64 -5.02 -5.03
C SER A 97 15.80 -3.72 -4.22
N VAL A 98 15.47 -2.58 -4.83
CA VAL A 98 15.52 -1.25 -4.20
C VAL A 98 14.30 -1.02 -3.30
N GLY A 99 13.11 -1.43 -3.75
CA GLY A 99 11.84 -1.35 -3.03
C GLY A 99 11.79 -2.17 -1.75
N SER A 100 12.61 -3.21 -1.62
CA SER A 100 12.80 -3.97 -0.37
C SER A 100 13.36 -3.13 0.79
N LYS A 101 14.07 -2.02 0.49
CA LYS A 101 14.53 -1.02 1.48
C LYS A 101 13.47 0.04 1.76
N ILE A 102 12.84 0.54 0.70
CA ILE A 102 11.87 1.64 0.73
C ILE A 102 10.60 1.22 1.47
N PHE A 103 10.15 -0.02 1.29
CA PHE A 103 8.93 -0.55 1.90
C PHE A 103 8.92 -0.49 3.45
N PRO A 104 9.99 -0.92 4.16
CA PRO A 104 10.13 -0.68 5.59
C PRO A 104 10.64 0.73 5.95
N SER A 105 11.46 1.41 5.13
CA SER A 105 11.99 2.74 5.49
C SER A 105 10.92 3.85 5.45
N PHE A 106 9.88 3.71 4.61
CA PHE A 106 8.63 4.48 4.72
C PHE A 106 7.92 4.26 6.07
N VAL A 107 7.91 3.04 6.61
CA VAL A 107 7.26 2.75 7.90
C VAL A 107 8.04 3.37 9.08
N LYS A 108 9.37 3.51 8.97
CA LYS A 108 10.20 4.29 9.92
C LYS A 108 9.90 5.79 9.84
N PHE A 109 9.77 6.33 8.63
CA PHE A 109 9.47 7.75 8.38
C PHE A 109 8.06 8.15 8.88
N LEU A 110 7.13 7.19 8.81
CA LEU A 110 5.79 7.25 9.42
C LEU A 110 5.76 6.89 10.93
N LYS A 111 6.91 6.70 11.57
CA LYS A 111 7.07 6.31 12.98
C LYS A 111 8.11 7.21 13.66
N SER A 112 7.86 8.52 13.56
CA SER A 112 8.78 9.66 13.63
C SER A 112 9.56 9.88 14.93
N LYS A 113 9.65 8.89 15.82
CA LYS A 113 10.59 8.88 16.96
C LYS A 113 12.04 8.90 16.47
N ASP A 114 12.33 8.11 15.44
CA ASP A 114 13.64 8.11 14.77
C ASP A 114 13.67 9.24 13.72
N PRO A 115 14.66 10.15 13.70
CA PRO A 115 14.46 11.50 13.15
C PRO A 115 14.05 11.56 11.67
N ASN A 116 12.99 12.31 11.39
CA ASN A 116 12.44 12.46 10.03
C ASN A 116 13.36 13.24 9.08
N ASP A 117 14.01 14.32 9.55
CA ASP A 117 15.00 15.08 8.75
C ASP A 117 16.19 14.23 8.29
N GLY A 118 16.58 13.21 9.07
CA GLY A 118 17.62 12.24 8.70
C GLY A 118 17.09 11.05 7.88
N THR A 119 15.86 10.62 8.16
CA THR A 119 15.16 9.55 7.41
C THR A 119 14.80 9.99 5.99
N GLU A 120 14.60 11.29 5.78
CA GLU A 120 14.50 11.91 4.45
C GLU A 120 15.79 11.77 3.63
N GLN A 121 16.96 11.93 4.25
CA GLN A 121 18.24 11.72 3.56
C GLN A 121 18.49 10.23 3.24
N ALA A 122 18.08 9.32 4.13
CA ALA A 122 18.10 7.88 3.84
C ALA A 122 17.15 7.50 2.68
N LEU A 123 15.96 8.11 2.64
CA LEU A 123 15.02 7.96 1.54
C LEU A 123 15.51 8.61 0.24
N LEU A 124 16.28 9.70 0.27
CA LEU A 124 16.89 10.25 -0.94
C LEU A 124 17.86 9.25 -1.58
N GLU A 125 18.72 8.57 -0.83
CA GLU A 125 19.65 7.58 -1.40
C GLU A 125 18.96 6.29 -1.85
N GLU A 126 17.92 5.84 -1.14
CA GLU A 126 17.09 4.71 -1.57
C GLU A 126 16.24 5.01 -2.82
N LEU A 127 15.67 6.21 -2.92
CA LEU A 127 14.85 6.64 -4.07
C LEU A 127 15.69 7.08 -5.28
N LYS A 128 16.91 7.59 -5.11
CA LYS A 128 17.86 7.87 -6.22
C LYS A 128 18.18 6.61 -7.03
N ALA A 129 18.39 5.48 -6.33
CA ALA A 129 18.63 4.19 -6.96
C ALA A 129 17.41 3.67 -7.74
N LEU A 130 16.21 4.09 -7.38
CA LEU A 130 14.96 3.77 -8.06
C LEU A 130 14.73 4.68 -9.29
N ASP A 131 14.77 5.99 -9.08
CA ASP A 131 14.17 7.00 -9.95
C ASP A 131 14.85 7.18 -11.32
N GLY A 132 16.18 7.06 -11.34
CA GLY A 132 16.96 7.10 -12.58
C GLY A 132 16.64 5.93 -13.53
N HIS A 133 16.38 4.74 -12.96
CA HIS A 133 16.03 3.54 -13.72
C HIS A 133 14.54 3.48 -14.08
N LEU A 134 13.65 4.10 -13.29
CA LEU A 134 12.22 4.24 -13.62
C LEU A 134 12.02 5.08 -14.89
N LYS A 135 12.80 6.16 -15.03
CA LYS A 135 12.87 7.00 -16.25
C LYS A 135 13.39 6.28 -17.51
N VAL A 136 13.90 5.06 -17.39
CA VAL A 136 14.26 4.19 -18.53
C VAL A 136 13.17 3.16 -18.84
N HIS A 137 12.47 2.64 -17.83
CA HIS A 137 11.49 1.56 -18.00
C HIS A 137 10.07 2.03 -18.36
N GLY A 138 9.46 2.92 -17.57
CA GLY A 138 8.06 3.27 -17.77
C GLY A 138 7.36 3.95 -16.57
N PRO A 139 6.08 4.32 -16.74
CA PRO A 139 5.38 5.34 -15.94
C PRO A 139 4.94 4.90 -14.53
N PHE A 140 5.05 3.62 -14.17
CA PHE A 140 4.66 3.11 -12.85
C PHE A 140 5.87 3.02 -11.91
N ILE A 141 5.68 2.81 -10.60
CA ILE A 141 6.82 2.69 -9.65
C ILE A 141 7.52 1.31 -9.71
N ALA A 142 7.05 0.47 -10.63
CA ALA A 142 7.72 -0.74 -11.12
C ALA A 142 8.24 -0.64 -12.57
N GLY A 143 8.07 0.49 -13.26
CA GLY A 143 8.42 0.64 -14.68
C GLY A 143 7.22 0.54 -15.63
N GLU A 144 7.35 -0.29 -16.68
CA GLU A 144 6.41 -0.38 -17.81
C GLU A 144 5.02 -0.93 -17.43
N LYS A 145 4.94 -1.75 -16.36
CA LYS A 145 3.70 -2.30 -15.80
C LYS A 145 3.63 -2.02 -14.29
N ILE A 146 2.42 -1.91 -13.75
CA ILE A 146 2.16 -2.03 -12.30
C ILE A 146 2.52 -3.45 -11.82
N THR A 147 3.32 -3.58 -10.77
CA THR A 147 3.71 -4.87 -10.14
C THR A 147 3.68 -4.81 -8.61
N ALA A 148 4.19 -5.85 -7.92
CA ALA A 148 4.35 -5.89 -6.48
C ALA A 148 5.17 -4.72 -5.87
N VAL A 149 5.94 -3.97 -6.67
CA VAL A 149 6.61 -2.75 -6.21
C VAL A 149 5.61 -1.59 -6.02
N ASP A 150 4.63 -1.41 -6.92
CA ASP A 150 3.46 -0.54 -6.70
C ASP A 150 2.57 -1.05 -5.55
N LEU A 151 2.32 -2.37 -5.49
CA LEU A 151 1.58 -2.97 -4.37
C LEU A 151 2.27 -2.76 -3.02
N SER A 152 3.56 -2.43 -2.99
CA SER A 152 4.33 -2.18 -1.77
C SER A 152 4.47 -0.69 -1.46
N LEU A 153 4.82 0.12 -2.47
CA LEU A 153 5.22 1.53 -2.28
C LEU A 153 4.08 2.53 -2.51
N ALA A 154 3.17 2.28 -3.46
CA ALA A 154 2.17 3.25 -3.89
C ALA A 154 1.18 3.69 -2.78
N PRO A 155 0.57 2.79 -1.98
CA PRO A 155 -0.32 3.21 -0.91
C PRO A 155 0.43 3.83 0.28
N LYS A 156 1.71 3.48 0.49
CA LYS A 156 2.58 4.12 1.49
C LYS A 156 2.98 5.54 1.08
N LEU A 157 3.17 5.81 -0.22
CA LEU A 157 3.31 7.18 -0.76
C LEU A 157 2.04 8.02 -0.61
N TYR A 158 0.85 7.45 -0.85
CA TYR A 158 -0.42 8.16 -0.61
C TYR A 158 -0.60 8.52 0.88
N HIS A 159 -0.35 7.54 1.76
CA HIS A 159 -0.41 7.72 3.21
C HIS A 159 0.65 8.71 3.73
N LEU A 160 1.80 8.86 3.06
CA LEU A 160 2.80 9.89 3.34
C LEU A 160 2.36 11.30 2.92
N GLU A 161 1.90 11.51 1.67
CA GLU A 161 1.47 12.83 1.18
C GLU A 161 0.32 13.41 2.01
N VAL A 162 -0.56 12.53 2.53
CA VAL A 162 -1.65 12.91 3.45
C VAL A 162 -1.20 13.00 4.91
N ALA A 163 -0.87 11.88 5.55
CA ALA A 163 -0.82 11.80 7.03
C ALA A 163 0.39 12.51 7.63
N LEU A 164 1.59 12.27 7.09
CA LEU A 164 2.80 12.97 7.52
C LEU A 164 2.92 14.35 6.85
N GLY A 165 2.45 14.48 5.61
CA GLY A 165 2.42 15.75 4.87
C GLY A 165 1.59 16.85 5.53
N HIS A 166 0.58 16.49 6.32
CA HIS A 166 -0.17 17.41 7.19
C HIS A 166 0.70 18.12 8.24
N PHE A 167 1.74 17.47 8.77
CA PHE A 167 2.64 18.04 9.79
C PHE A 167 3.99 18.51 9.23
N LYS A 168 4.47 17.88 8.15
CA LYS A 168 5.61 18.34 7.34
C LYS A 168 5.44 17.83 5.91
N ASN A 169 4.94 18.70 5.02
CA ASN A 169 4.88 18.45 3.59
C ASN A 169 6.27 18.53 2.95
N TRP A 170 7.07 17.47 3.12
CA TRP A 170 8.39 17.34 2.52
C TRP A 170 8.26 17.14 1.00
N PRO A 171 8.76 18.07 0.16
CA PRO A 171 8.68 17.92 -1.29
C PRO A 171 9.65 16.83 -1.74
N ILE A 172 9.13 15.83 -2.46
CA ILE A 172 9.95 14.91 -3.27
C ILE A 172 10.64 15.77 -4.36
N PRO A 173 11.98 15.90 -4.38
CA PRO A 173 12.63 16.85 -5.28
C PRO A 173 12.43 16.51 -6.76
N ASP A 174 12.56 17.52 -7.63
CA ASP A 174 12.45 17.42 -9.09
C ASP A 174 13.45 16.43 -9.72
N ASN A 175 14.57 16.19 -9.04
CA ASN A 175 15.58 15.19 -9.40
C ASN A 175 15.07 13.74 -9.25
N LEU A 176 14.25 13.47 -8.23
CA LEU A 176 13.41 12.28 -8.08
C LEU A 176 12.12 12.41 -8.92
N THR A 177 12.30 12.77 -10.19
CA THR A 177 11.25 13.23 -11.10
C THR A 177 10.12 12.23 -11.26
N HIS A 178 10.46 10.94 -11.26
CA HIS A 178 9.53 9.86 -11.51
C HIS A 178 8.72 9.50 -10.26
N VAL A 179 9.37 9.48 -9.09
CA VAL A 179 8.68 9.33 -7.79
C VAL A 179 7.74 10.51 -7.53
N LEU A 180 8.16 11.74 -7.88
CA LEU A 180 7.34 12.95 -7.80
C LEU A 180 6.11 12.90 -8.75
N ASN A 181 6.30 12.54 -10.03
CA ASN A 181 5.19 12.41 -10.99
C ASN A 181 4.24 11.26 -10.63
N TYR A 182 4.77 10.14 -10.12
CA TYR A 182 4.00 8.95 -9.77
C TYR A 182 2.95 9.20 -8.67
N ILE A 183 3.19 10.17 -7.78
CA ILE A 183 2.19 10.67 -6.83
C ILE A 183 0.89 11.07 -7.50
N LYS A 184 0.95 11.66 -8.70
CA LYS A 184 -0.24 12.16 -9.40
C LYS A 184 -0.97 11.08 -10.20
N LEU A 185 -0.40 9.88 -10.30
CA LEU A 185 -1.15 8.66 -10.66
C LEU A 185 -2.00 8.11 -9.51
N LEU A 186 -1.70 8.42 -8.24
CA LEU A 186 -2.41 7.86 -7.07
C LEU A 186 -3.89 8.29 -6.99
N PHE A 187 -4.27 9.37 -7.68
CA PHE A 187 -5.66 9.82 -7.80
C PHE A 187 -6.42 9.20 -8.98
N SER A 188 -5.82 8.25 -9.71
CA SER A 188 -6.20 7.88 -11.09
C SER A 188 -6.29 6.37 -11.35
N ARG A 189 -6.57 6.00 -12.61
CA ARG A 189 -7.07 4.67 -13.04
C ARG A 189 -8.35 4.33 -12.26
N GLU A 190 -8.72 3.06 -12.23
CA GLU A 190 -9.55 2.45 -11.19
C GLU A 190 -8.67 2.10 -9.99
N SER A 191 -7.46 1.62 -10.32
CA SER A 191 -6.46 0.97 -9.49
C SER A 191 -6.09 1.76 -8.23
N PHE A 192 -5.71 3.02 -8.38
CA PHE A 192 -5.31 3.89 -7.26
C PHE A 192 -6.45 4.81 -6.78
N LYS A 193 -7.30 5.28 -7.70
CA LYS A 193 -8.47 6.14 -7.41
C LYS A 193 -9.46 5.49 -6.44
N LYS A 194 -9.59 4.16 -6.45
CA LYS A 194 -10.40 3.39 -5.48
C LYS A 194 -9.70 3.13 -4.14
N THR A 195 -8.37 3.19 -4.10
CA THR A 195 -7.59 3.05 -2.85
C THR A 195 -7.35 4.37 -2.13
N ARG A 196 -7.60 5.52 -2.78
CA ARG A 196 -7.59 6.86 -2.17
C ARG A 196 -8.48 6.90 -0.93
N ALA A 197 -7.87 7.01 0.24
CA ALA A 197 -8.56 7.02 1.52
C ALA A 197 -8.88 8.46 1.98
N ALA A 198 -10.10 8.68 2.48
CA ALA A 198 -10.61 9.97 2.94
C ALA A 198 -9.69 10.61 4.01
N GLU A 199 -9.19 11.80 3.70
CA GLU A 199 -7.86 12.27 4.08
C GLU A 199 -7.70 12.55 5.59
N GLU A 200 -8.71 13.15 6.20
CA GLU A 200 -8.76 13.41 7.65
C GLU A 200 -8.70 12.12 8.49
N HIS A 201 -9.30 11.04 7.99
CA HIS A 201 -9.26 9.72 8.60
C HIS A 201 -7.97 8.94 8.33
N VAL A 202 -7.12 9.39 7.40
CA VAL A 202 -5.74 8.90 7.27
C VAL A 202 -4.86 9.54 8.35
N ILE A 203 -5.01 10.86 8.58
CA ILE A 203 -4.27 11.62 9.60
C ILE A 203 -4.61 11.14 11.02
N ALA A 204 -5.90 11.17 11.38
CA ALA A 204 -6.37 10.82 12.72
C ALA A 204 -6.19 9.34 13.08
N GLY A 205 -6.14 8.45 12.08
CA GLY A 205 -5.82 7.05 12.31
C GLY A 205 -4.31 6.76 12.32
N TRP A 206 -3.49 7.54 11.61
CA TRP A 206 -2.02 7.44 11.63
C TRP A 206 -1.43 7.88 12.97
N GLU A 207 -1.94 8.98 13.55
CA GLU A 207 -1.32 9.69 14.69
C GLU A 207 -0.75 8.81 15.83
N PRO A 208 -1.50 7.91 16.48
CA PRO A 208 -0.95 7.05 17.55
C PRO A 208 0.11 6.05 17.05
N LYS A 209 0.08 5.70 15.76
CA LYS A 209 1.06 4.81 15.10
C LYS A 209 2.35 5.52 14.69
N VAL A 210 2.51 6.80 15.03
CA VAL A 210 3.83 7.45 15.09
C VAL A 210 4.74 6.80 16.15
N ASN A 211 4.17 6.08 17.12
CA ASN A 211 4.89 5.24 18.09
C ASN A 211 4.42 3.78 18.13
N ALA A 212 3.13 3.48 17.87
CA ALA A 212 2.60 2.11 17.80
C ALA A 212 3.02 1.32 16.55
N MET A 1 -17.91 -17.25 -0.85
CA MET A 1 -17.77 -17.77 -2.23
C MET A 1 -17.15 -16.71 -3.13
N ALA A 2 -16.37 -17.11 -4.14
CA ALA A 2 -15.54 -16.22 -4.94
C ALA A 2 -14.62 -15.34 -4.06
N LEU A 3 -14.03 -14.26 -4.61
CA LEU A 3 -13.16 -13.38 -3.84
C LEU A 3 -13.96 -12.57 -2.80
N GLU A 4 -13.62 -12.75 -1.53
CA GLU A 4 -14.16 -11.97 -0.42
C GLU A 4 -13.01 -11.42 0.43
N ILE A 5 -12.58 -10.21 0.07
CA ILE A 5 -11.53 -9.46 0.76
C ILE A 5 -12.07 -9.04 2.13
N CYS A 6 -11.26 -9.12 3.19
CA CYS A 6 -11.54 -8.48 4.46
C CYS A 6 -10.36 -7.56 4.84
N VAL A 7 -10.63 -6.33 5.25
CA VAL A 7 -9.66 -5.22 5.20
C VAL A 7 -9.79 -4.32 6.42
N LYS A 8 -8.67 -3.82 6.96
CA LYS A 8 -8.73 -2.80 8.01
C LYS A 8 -9.33 -1.51 7.42
N ALA A 9 -10.38 -1.01 8.07
CA ALA A 9 -10.97 0.29 7.85
C ALA A 9 -10.23 1.39 8.61
N ALA A 10 -10.61 2.65 8.38
CA ALA A 10 -10.20 3.78 9.19
C ALA A 10 -10.49 3.55 10.68
N VAL A 11 -9.59 4.00 11.56
CA VAL A 11 -9.88 4.10 13.00
C VAL A 11 -11.17 4.91 13.23
N GLY A 12 -12.15 4.27 13.86
CA GLY A 12 -13.45 4.87 14.18
C GLY A 12 -14.51 4.83 13.07
N ALA A 13 -14.13 4.59 11.81
CA ALA A 13 -15.04 4.70 10.66
C ALA A 13 -14.99 3.44 9.75
N PRO A 14 -15.80 2.40 10.03
CA PRO A 14 -15.76 1.11 9.31
C PRO A 14 -16.19 1.16 7.84
N ASN A 15 -16.64 2.31 7.34
CA ASN A 15 -17.12 2.50 5.95
C ASN A 15 -16.03 2.97 4.98
N ILE A 16 -14.82 3.30 5.44
CA ILE A 16 -13.75 3.91 4.66
C ILE A 16 -12.37 3.35 5.03
N LEU A 17 -11.36 3.55 4.19
CA LEU A 17 -10.01 2.98 4.36
C LEU A 17 -9.13 3.71 5.39
N GLY A 18 -9.16 5.05 5.43
CA GLY A 18 -8.32 5.88 6.30
C GLY A 18 -6.84 5.47 6.36
N ASP A 19 -6.35 5.23 7.57
CA ASP A 19 -4.96 4.94 7.95
C ASP A 19 -4.35 3.63 7.42
N SER A 20 -4.95 2.96 6.42
CA SER A 20 -4.72 1.55 6.14
C SER A 20 -4.10 1.37 4.77
N PRO A 21 -2.78 1.70 4.54
CA PRO A 21 -2.11 1.46 3.27
C PRO A 21 -1.94 -0.04 2.99
N PHE A 22 -1.82 -0.88 4.03
CA PHE A 22 -1.81 -2.33 3.90
C PHE A 22 -3.13 -2.91 3.33
N CYS A 23 -4.33 -2.32 3.66
CA CYS A 23 -5.60 -2.69 3.06
C CYS A 23 -5.61 -2.35 1.58
N GLN A 24 -5.10 -1.20 1.21
CA GLN A 24 -5.11 -0.69 -0.15
C GLN A 24 -4.28 -1.57 -1.12
N ARG A 25 -3.26 -2.28 -0.63
CA ARG A 25 -2.45 -3.24 -1.42
C ARG A 25 -3.29 -4.34 -2.08
N VAL A 26 -4.25 -4.87 -1.31
CA VAL A 26 -5.10 -6.02 -1.70
C VAL A 26 -6.17 -5.61 -2.71
N LEU A 27 -6.70 -4.40 -2.56
CA LEU A 27 -7.61 -3.80 -3.54
C LEU A 27 -6.88 -3.48 -4.86
N LEU A 28 -5.64 -2.98 -4.78
CA LEU A 28 -4.88 -2.48 -5.92
C LEU A 28 -4.60 -3.55 -7.00
N SER A 29 -4.18 -4.77 -6.64
CA SER A 29 -3.89 -5.80 -7.66
C SER A 29 -5.16 -6.34 -8.33
N LEU A 30 -6.24 -6.51 -7.55
CA LEU A 30 -7.54 -6.97 -8.06
C LEU A 30 -8.26 -5.90 -8.90
N GLU A 31 -8.08 -4.63 -8.58
CA GLU A 31 -8.55 -3.50 -9.40
C GLU A 31 -7.70 -3.25 -10.65
N GLU A 32 -6.39 -3.52 -10.64
CA GLU A 32 -5.60 -3.53 -11.88
C GLU A 32 -6.00 -4.70 -12.79
N LYS A 33 -6.19 -5.89 -12.22
CA LYS A 33 -6.75 -7.05 -12.92
C LYS A 33 -8.25 -6.90 -13.26
N LYS A 34 -8.91 -5.86 -12.74
CA LYS A 34 -10.33 -5.49 -12.97
C LYS A 34 -11.32 -6.62 -12.58
N ILE A 35 -10.91 -7.47 -11.65
CA ILE A 35 -11.66 -8.65 -11.16
C ILE A 35 -12.64 -8.23 -10.05
N PRO A 36 -13.91 -8.67 -10.08
CA PRO A 36 -14.89 -8.38 -9.03
C PRO A 36 -14.61 -9.14 -7.72
N TYR A 37 -14.95 -8.51 -6.60
CA TYR A 37 -14.78 -9.03 -5.23
C TYR A 37 -15.89 -8.52 -4.29
N LYS A 38 -16.07 -9.18 -3.14
CA LYS A 38 -16.63 -8.54 -1.92
C LYS A 38 -15.49 -7.87 -1.13
N SER A 39 -15.81 -6.80 -0.40
CA SER A 39 -14.85 -6.11 0.47
C SER A 39 -15.49 -5.79 1.82
N HIS A 40 -15.01 -6.46 2.86
CA HIS A 40 -15.47 -6.37 4.24
C HIS A 40 -14.50 -5.47 5.03
N LEU A 41 -14.74 -4.16 4.99
CA LEU A 41 -14.02 -3.19 5.81
C LEU A 41 -14.33 -3.40 7.30
N ILE A 42 -13.29 -3.43 8.15
CA ILE A 42 -13.37 -3.73 9.59
C ILE A 42 -12.66 -2.62 10.39
N ASN A 43 -13.40 -1.91 11.24
CA ASN A 43 -12.81 -0.99 12.22
C ASN A 43 -12.35 -1.79 13.45
N LEU A 44 -11.04 -2.08 13.53
CA LEU A 44 -10.37 -2.62 14.72
C LEU A 44 -10.98 -3.91 15.32
N GLY A 45 -11.69 -4.71 14.51
CA GLY A 45 -12.34 -5.96 14.92
C GLY A 45 -13.87 -5.89 15.06
N ASP A 46 -14.56 -4.88 14.53
CA ASP A 46 -16.03 -4.73 14.61
C ASP A 46 -16.87 -5.79 13.87
N LYS A 47 -16.28 -6.91 13.41
CA LYS A 47 -16.95 -7.99 12.64
C LYS A 47 -16.45 -9.36 13.11
N PRO A 48 -17.31 -10.40 13.08
CA PRO A 48 -17.02 -11.69 13.73
C PRO A 48 -15.78 -12.38 13.16
N GLN A 49 -15.20 -13.27 13.96
CA GLN A 49 -13.87 -13.85 13.72
C GLN A 49 -13.75 -14.73 12.46
N TRP A 50 -14.89 -15.09 11.85
CA TRP A 50 -15.02 -15.58 10.46
C TRP A 50 -14.37 -14.70 9.37
N PHE A 51 -14.22 -13.39 9.62
CA PHE A 51 -13.56 -12.42 8.74
C PHE A 51 -12.12 -12.06 9.18
N LEU A 52 -11.60 -12.71 10.23
CA LEU A 52 -10.33 -12.43 10.93
C LEU A 52 -9.39 -13.65 11.00
N GLU A 53 -9.94 -14.85 11.27
CA GLU A 53 -9.26 -16.16 11.31
C GLU A 53 -8.57 -16.55 10.00
N ILE A 54 -8.94 -15.85 8.91
CA ILE A 54 -8.32 -15.90 7.59
C ILE A 54 -6.82 -15.52 7.65
N SER A 55 -6.39 -14.81 8.71
CA SER A 55 -5.01 -14.82 9.19
C SER A 55 -4.90 -15.52 10.57
N PRO A 56 -3.77 -16.20 10.87
CA PRO A 56 -3.51 -16.75 12.20
C PRO A 56 -3.26 -15.67 13.26
N GLU A 57 -3.06 -14.42 12.83
CA GLU A 57 -2.92 -13.23 13.67
C GLU A 57 -4.27 -12.69 14.19
N GLY A 58 -5.40 -13.12 13.62
CA GLY A 58 -6.71 -12.48 13.80
C GLY A 58 -6.81 -11.07 13.21
N LYS A 59 -5.85 -10.69 12.36
CA LYS A 59 -5.76 -9.38 11.71
C LYS A 59 -6.53 -9.37 10.39
N VAL A 60 -6.70 -8.14 9.88
CA VAL A 60 -6.96 -7.84 8.47
C VAL A 60 -6.05 -6.68 8.03
N PRO A 61 -5.66 -6.54 6.75
CA PRO A 61 -6.13 -7.24 5.54
C PRO A 61 -5.93 -8.75 5.47
N VAL A 62 -6.81 -9.43 4.72
CA VAL A 62 -6.83 -10.86 4.37
C VAL A 62 -7.70 -11.09 3.10
N VAL A 63 -7.70 -12.29 2.52
CA VAL A 63 -8.70 -12.71 1.51
C VAL A 63 -9.21 -14.14 1.71
N LYS A 64 -10.52 -14.33 1.47
CA LYS A 64 -11.08 -15.62 1.05
C LYS A 64 -10.95 -15.74 -0.48
N ILE A 65 -10.27 -16.78 -0.97
CA ILE A 65 -10.23 -17.14 -2.39
C ILE A 65 -11.22 -18.28 -2.64
N ASP A 66 -12.49 -17.90 -2.76
CA ASP A 66 -13.63 -18.83 -2.68
C ASP A 66 -13.63 -19.65 -1.38
N ASP A 67 -13.56 -18.92 -0.26
CA ASP A 67 -13.42 -19.45 1.11
C ASP A 67 -12.17 -20.32 1.39
N LYS A 68 -11.18 -20.31 0.50
CA LYS A 68 -9.83 -20.85 0.75
C LYS A 68 -8.92 -19.70 1.19
N TRP A 69 -8.53 -19.71 2.47
CA TRP A 69 -8.04 -18.51 3.15
C TRP A 69 -6.58 -18.16 2.80
N VAL A 70 -6.28 -16.86 2.80
CA VAL A 70 -4.92 -16.29 2.70
C VAL A 70 -4.81 -15.12 3.69
N ALA A 71 -3.71 -15.13 4.46
CA ALA A 71 -3.42 -14.20 5.54
C ALA A 71 -3.03 -12.79 5.03
N ASP A 72 -2.06 -12.11 5.68
CA ASP A 72 -1.85 -10.67 5.51
C ASP A 72 -1.47 -10.22 4.08
N SER A 73 -1.49 -8.91 3.87
CA SER A 73 -1.05 -8.24 2.65
C SER A 73 0.35 -8.62 2.13
N ASP A 74 1.37 -8.82 2.99
CA ASP A 74 2.73 -9.20 2.57
C ASP A 74 2.84 -10.66 2.10
N VAL A 75 1.91 -11.54 2.52
CA VAL A 75 1.76 -12.86 1.89
C VAL A 75 0.72 -12.89 0.75
N ILE A 76 -0.26 -11.99 0.71
CA ILE A 76 -1.22 -11.85 -0.39
C ILE A 76 -0.51 -11.47 -1.70
N VAL A 77 0.47 -10.55 -1.66
CA VAL A 77 1.23 -10.14 -2.86
C VAL A 77 2.07 -11.26 -3.48
N GLY A 78 2.17 -12.42 -2.84
CA GLY A 78 2.54 -13.69 -3.47
C GLY A 78 1.36 -14.65 -3.67
N ILE A 79 0.68 -15.05 -2.59
CA ILE A 79 -0.25 -16.20 -2.56
C ILE A 79 -1.60 -15.93 -3.26
N LEU A 80 -2.12 -14.69 -3.21
CA LEU A 80 -3.26 -14.32 -4.07
C LEU A 80 -2.81 -14.19 -5.52
N GLU A 81 -1.66 -13.56 -5.74
CA GLU A 81 -1.10 -13.31 -7.07
C GLU A 81 -0.72 -14.59 -7.84
N GLU A 82 -0.35 -15.67 -7.14
CA GLU A 82 -0.18 -17.04 -7.63
C GLU A 82 -1.51 -17.70 -8.02
N LYS A 83 -2.54 -17.55 -7.19
CA LYS A 83 -3.81 -18.31 -7.28
C LYS A 83 -4.90 -17.59 -8.08
N ASN A 84 -4.65 -16.34 -8.46
CA ASN A 84 -5.48 -15.56 -9.36
C ASN A 84 -5.25 -16.01 -10.83
N PRO A 85 -6.29 -16.08 -11.68
CA PRO A 85 -6.11 -16.51 -13.07
C PRO A 85 -5.32 -15.51 -13.93
N GLU A 86 -5.33 -14.22 -13.59
CA GLU A 86 -4.48 -13.23 -14.24
C GLU A 86 -3.06 -13.24 -13.64
N PRO A 87 -1.98 -13.06 -14.43
CA PRO A 87 -0.61 -13.33 -14.02
C PRO A 87 -0.13 -12.64 -12.71
N PRO A 88 0.81 -13.26 -11.96
CA PRO A 88 1.32 -12.71 -10.72
C PRO A 88 2.09 -11.39 -10.92
N LEU A 89 1.57 -10.33 -10.30
CA LEU A 89 2.31 -9.09 -10.04
C LEU A 89 3.44 -9.28 -9.02
N ALA A 90 3.51 -10.43 -8.35
CA ALA A 90 4.65 -10.92 -7.57
C ALA A 90 5.95 -11.04 -8.38
N THR A 91 5.86 -11.13 -9.72
CA THR A 91 7.02 -11.27 -10.62
C THR A 91 7.93 -10.04 -10.50
N PRO A 92 9.18 -10.18 -10.00
CA PRO A 92 10.00 -9.03 -9.63
C PRO A 92 10.64 -8.35 -10.85
N PRO A 93 10.45 -7.03 -11.05
CA PRO A 93 11.37 -6.21 -11.84
C PRO A 93 12.65 -5.91 -11.03
N GLU A 94 13.64 -5.26 -11.64
CA GLU A 94 14.88 -4.83 -10.97
C GLU A 94 14.62 -3.96 -9.72
N PHE A 95 13.56 -3.13 -9.79
CA PHE A 95 13.08 -2.26 -8.72
C PHE A 95 12.72 -2.98 -7.42
N ALA A 96 12.43 -4.29 -7.42
CA ALA A 96 12.18 -5.06 -6.20
C ALA A 96 13.39 -5.10 -5.25
N SER A 97 14.61 -5.05 -5.81
CA SER A 97 15.87 -4.95 -5.05
C SER A 97 16.06 -3.60 -4.31
N VAL A 98 15.27 -2.59 -4.66
CA VAL A 98 15.31 -1.24 -4.08
C VAL A 98 14.05 -0.94 -3.26
N GLY A 99 12.88 -1.35 -3.75
CA GLY A 99 11.59 -1.24 -3.07
C GLY A 99 11.49 -2.04 -1.77
N SER A 100 12.30 -3.09 -1.61
CA SER A 100 12.50 -3.81 -0.35
C SER A 100 13.18 -3.00 0.76
N LYS A 101 13.89 -1.90 0.43
CA LYS A 101 14.35 -0.88 1.39
C LYS A 101 13.30 0.19 1.65
N ILE A 102 12.64 0.65 0.58
CA ILE A 102 11.68 1.76 0.62
C ILE A 102 10.40 1.38 1.41
N PHE A 103 9.97 0.12 1.30
CA PHE A 103 8.79 -0.39 2.00
C PHE A 103 8.86 -0.30 3.53
N PRO A 104 9.98 -0.69 4.21
CA PRO A 104 10.21 -0.39 5.62
C PRO A 104 10.76 1.02 5.90
N SER A 105 11.42 1.72 4.97
CA SER A 105 11.89 3.09 5.25
C SER A 105 10.80 4.15 5.23
N PHE A 106 9.71 3.92 4.50
CA PHE A 106 8.43 4.59 4.72
C PHE A 106 7.86 4.32 6.12
N VAL A 107 7.97 3.08 6.65
CA VAL A 107 7.49 2.76 8.01
C VAL A 107 8.30 3.48 9.08
N LYS A 108 9.63 3.61 8.92
CA LYS A 108 10.47 4.46 9.80
C LYS A 108 10.08 5.95 9.72
N PHE A 109 9.88 6.47 8.51
CA PHE A 109 9.57 7.87 8.26
C PHE A 109 8.16 8.27 8.75
N LEU A 110 7.22 7.32 8.74
CA LEU A 110 5.91 7.38 9.38
C LEU A 110 5.91 7.05 10.89
N LYS A 111 7.05 6.68 11.46
CA LYS A 111 7.23 6.33 12.88
C LYS A 111 8.28 7.25 13.51
N SER A 112 8.00 8.54 13.42
CA SER A 112 8.90 9.70 13.57
C SER A 112 9.49 9.93 14.98
N LYS A 113 9.58 8.87 15.78
CA LYS A 113 10.58 8.72 16.84
C LYS A 113 11.99 8.56 16.27
N ASP A 114 12.14 7.98 15.07
CA ASP A 114 13.35 8.16 14.27
C ASP A 114 13.46 9.62 13.78
N PRO A 115 14.64 10.26 13.74
CA PRO A 115 14.75 11.67 13.33
C PRO A 115 14.44 11.88 11.84
N ASN A 116 13.21 12.30 11.54
CA ASN A 116 12.67 12.38 10.18
C ASN A 116 13.55 13.15 9.17
N ASP A 117 14.13 14.29 9.54
CA ASP A 117 15.02 15.06 8.65
C ASP A 117 16.31 14.31 8.24
N GLY A 118 16.74 13.30 9.03
CA GLY A 118 17.78 12.35 8.66
C GLY A 118 17.24 11.09 7.95
N THR A 119 16.02 10.65 8.28
CA THR A 119 15.30 9.60 7.55
C THR A 119 15.00 10.00 6.10
N GLU A 120 14.79 11.30 5.84
CA GLU A 120 14.65 11.90 4.52
C GLU A 120 15.91 11.75 3.68
N GLN A 121 17.11 11.99 4.26
CA GLN A 121 18.38 11.79 3.56
C GLN A 121 18.64 10.30 3.25
N ALA A 122 18.25 9.39 4.14
CA ALA A 122 18.30 7.95 3.88
C ALA A 122 17.33 7.53 2.75
N LEU A 123 16.11 8.10 2.72
CA LEU A 123 15.15 7.91 1.63
C LEU A 123 15.62 8.50 0.31
N LEU A 124 16.37 9.61 0.29
CA LEU A 124 16.94 10.14 -0.95
C LEU A 124 17.91 9.15 -1.62
N GLU A 125 18.78 8.50 -0.86
CA GLU A 125 19.70 7.49 -1.44
C GLU A 125 19.02 6.18 -1.84
N GLU A 126 17.96 5.78 -1.12
CA GLU A 126 17.10 4.65 -1.52
C GLU A 126 16.30 4.96 -2.82
N LEU A 127 15.72 6.16 -2.93
CA LEU A 127 14.91 6.58 -4.07
C LEU A 127 15.74 6.97 -5.31
N LYS A 128 16.97 7.47 -5.16
CA LYS A 128 17.89 7.74 -6.29
C LYS A 128 18.21 6.47 -7.10
N ALA A 129 18.39 5.33 -6.43
CA ALA A 129 18.61 4.04 -7.07
C ALA A 129 17.39 3.55 -7.87
N LEU A 130 16.19 4.02 -7.52
CA LEU A 130 14.92 3.72 -8.19
C LEU A 130 14.67 4.65 -9.39
N ASP A 131 14.71 5.97 -9.14
CA ASP A 131 14.08 6.99 -9.96
C ASP A 131 14.71 7.20 -11.35
N GLY A 132 16.05 7.09 -11.43
CA GLY A 132 16.76 7.19 -12.70
C GLY A 132 16.47 6.03 -13.65
N HIS A 133 16.24 4.83 -13.10
CA HIS A 133 15.91 3.63 -13.88
C HIS A 133 14.41 3.52 -14.21
N LEU A 134 13.52 4.10 -13.39
CA LEU A 134 12.10 4.24 -13.72
C LEU A 134 11.88 5.15 -14.94
N LYS A 135 12.66 6.24 -15.06
CA LYS A 135 12.69 7.13 -16.23
C LYS A 135 13.20 6.47 -17.53
N VAL A 136 13.68 5.23 -17.48
CA VAL A 136 13.99 4.41 -18.66
C VAL A 136 12.90 3.36 -18.96
N HIS A 137 12.28 2.78 -17.93
CA HIS A 137 11.28 1.71 -18.07
C HIS A 137 9.86 2.19 -18.41
N GLY A 138 9.29 3.11 -17.61
CA GLY A 138 7.86 3.45 -17.74
C GLY A 138 7.23 4.10 -16.51
N PRO A 139 5.93 4.45 -16.61
CA PRO A 139 5.26 5.44 -15.74
C PRO A 139 4.89 4.96 -14.33
N PHE A 140 4.95 3.66 -14.04
CA PHE A 140 4.61 3.12 -12.72
C PHE A 140 5.82 3.14 -11.78
N ILE A 141 5.65 2.89 -10.46
CA ILE A 141 6.81 2.81 -9.53
C ILE A 141 7.56 1.46 -9.65
N ALA A 142 7.20 0.68 -10.66
CA ALA A 142 7.88 -0.53 -11.13
C ALA A 142 8.31 -0.45 -12.61
N GLY A 143 8.10 0.67 -13.31
CA GLY A 143 8.40 0.81 -14.73
C GLY A 143 7.18 0.67 -15.64
N GLU A 144 7.29 -0.19 -16.66
CA GLU A 144 6.34 -0.30 -17.78
C GLU A 144 4.95 -0.82 -17.38
N LYS A 145 4.86 -1.55 -16.26
CA LYS A 145 3.64 -2.13 -15.71
C LYS A 145 3.60 -1.94 -14.19
N ILE A 146 2.40 -1.97 -13.61
CA ILE A 146 2.20 -2.13 -12.16
C ILE A 146 2.71 -3.52 -11.71
N THR A 147 3.42 -3.61 -10.59
CA THR A 147 3.92 -4.87 -9.99
C THR A 147 3.78 -4.87 -8.47
N ALA A 148 4.29 -5.91 -7.80
CA ALA A 148 4.43 -5.96 -6.35
C ALA A 148 5.24 -4.81 -5.73
N VAL A 149 6.02 -4.06 -6.52
CA VAL A 149 6.66 -2.81 -6.07
C VAL A 149 5.63 -1.69 -5.89
N ASP A 150 4.67 -1.51 -6.80
CA ASP A 150 3.49 -0.66 -6.58
C ASP A 150 2.58 -1.19 -5.48
N LEU A 151 2.34 -2.51 -5.42
CA LEU A 151 1.55 -3.12 -4.34
C LEU A 151 2.19 -2.93 -2.95
N SER A 152 3.49 -2.58 -2.89
CA SER A 152 4.20 -2.29 -1.65
C SER A 152 4.30 -0.78 -1.38
N LEU A 153 4.71 0.02 -2.37
CA LEU A 153 5.07 1.43 -2.21
C LEU A 153 3.91 2.41 -2.46
N ALA A 154 3.02 2.14 -3.40
CA ALA A 154 2.01 3.10 -3.86
C ALA A 154 1.00 3.54 -2.77
N PRO A 155 0.38 2.63 -2.00
CA PRO A 155 -0.52 3.06 -0.93
C PRO A 155 0.22 3.66 0.27
N LYS A 156 1.48 3.27 0.51
CA LYS A 156 2.35 3.91 1.51
C LYS A 156 2.75 5.33 1.10
N LEU A 157 2.94 5.62 -0.18
CA LEU A 157 3.12 6.98 -0.70
C LEU A 157 1.87 7.85 -0.51
N TYR A 158 0.67 7.34 -0.77
CA TYR A 158 -0.55 8.10 -0.51
C TYR A 158 -0.76 8.39 0.99
N HIS A 159 -0.54 7.38 1.83
CA HIS A 159 -0.61 7.51 3.27
C HIS A 159 0.46 8.49 3.82
N LEU A 160 1.63 8.58 3.18
CA LEU A 160 2.70 9.52 3.50
C LEU A 160 2.40 10.96 3.06
N GLU A 161 1.89 11.17 1.83
CA GLU A 161 1.46 12.48 1.29
C GLU A 161 0.39 13.13 2.18
N VAL A 162 -0.52 12.33 2.72
CA VAL A 162 -1.62 12.82 3.58
C VAL A 162 -1.23 12.89 5.06
N ALA A 163 -0.84 11.77 5.69
CA ALA A 163 -0.74 11.68 7.15
C ALA A 163 0.47 12.43 7.72
N LEU A 164 1.67 12.16 7.19
CA LEU A 164 2.87 12.90 7.57
C LEU A 164 2.89 14.30 6.95
N GLY A 165 2.40 14.43 5.71
CA GLY A 165 2.35 15.70 4.99
C GLY A 165 1.52 16.80 5.67
N HIS A 166 0.52 16.42 6.48
CA HIS A 166 -0.22 17.33 7.35
C HIS A 166 0.66 18.05 8.40
N PHE A 167 1.72 17.42 8.89
CA PHE A 167 2.64 17.99 9.90
C PHE A 167 4.00 18.41 9.33
N LYS A 168 4.48 17.74 8.28
CA LYS A 168 5.62 18.15 7.45
C LYS A 168 5.44 17.62 6.02
N ASN A 169 4.93 18.48 5.14
CA ASN A 169 4.90 18.24 3.69
C ASN A 169 6.31 18.38 3.09
N TRP A 170 7.14 17.35 3.32
CA TRP A 170 8.49 17.27 2.76
C TRP A 170 8.42 17.09 1.23
N PRO A 171 8.95 18.03 0.42
CA PRO A 171 8.92 17.89 -1.03
C PRO A 171 9.88 16.80 -1.49
N ILE A 172 9.33 15.80 -2.18
CA ILE A 172 10.11 14.88 -3.03
C ILE A 172 10.78 15.73 -4.12
N PRO A 173 12.13 15.88 -4.15
CA PRO A 173 12.77 16.86 -5.03
C PRO A 173 12.57 16.54 -6.51
N ASP A 174 12.66 17.54 -7.38
CA ASP A 174 12.50 17.43 -8.84
C ASP A 174 13.52 16.50 -9.52
N ASN A 175 14.66 16.25 -8.88
CA ASN A 175 15.63 15.23 -9.29
C ASN A 175 15.08 13.80 -9.19
N LEU A 176 14.28 13.51 -8.16
CA LEU A 176 13.43 12.31 -8.03
C LEU A 176 12.12 12.47 -8.81
N THR A 177 12.25 12.88 -10.07
CA THR A 177 11.16 13.36 -10.93
C THR A 177 10.06 12.33 -11.12
N HIS A 178 10.43 11.04 -11.13
CA HIS A 178 9.49 9.95 -11.38
C HIS A 178 8.72 9.56 -10.13
N VAL A 179 9.37 9.56 -8.96
CA VAL A 179 8.70 9.40 -7.66
C VAL A 179 7.73 10.57 -7.40
N LEU A 180 8.14 11.80 -7.75
CA LEU A 180 7.31 13.00 -7.67
C LEU A 180 6.10 12.97 -8.63
N ASN A 181 6.29 12.53 -9.88
CA ASN A 181 5.18 12.37 -10.84
C ASN A 181 4.24 11.20 -10.48
N TYR A 182 4.77 10.10 -9.94
CA TYR A 182 3.99 8.90 -9.62
C TYR A 182 2.91 9.15 -8.55
N ILE A 183 3.11 10.15 -7.68
CA ILE A 183 2.09 10.67 -6.78
C ILE A 183 0.78 11.03 -7.51
N LYS A 184 0.88 11.57 -8.73
CA LYS A 184 -0.29 12.00 -9.50
C LYS A 184 -1.03 10.84 -10.18
N LEU A 185 -0.42 9.65 -10.25
CA LEU A 185 -1.14 8.42 -10.59
C LEU A 185 -2.01 7.89 -9.44
N LEU A 186 -1.70 8.22 -8.18
CA LEU A 186 -2.46 7.75 -7.00
C LEU A 186 -3.92 8.22 -6.99
N PHE A 187 -4.21 9.32 -7.68
CA PHE A 187 -5.56 9.87 -7.83
C PHE A 187 -6.35 9.28 -9.02
N SER A 188 -5.78 8.32 -9.74
CA SER A 188 -6.13 7.99 -11.14
C SER A 188 -6.40 6.51 -11.39
N ARG A 189 -6.77 6.18 -12.64
CA ARG A 189 -7.21 4.85 -13.11
C ARG A 189 -8.42 4.35 -12.29
N GLU A 190 -8.80 3.09 -12.46
CA GLU A 190 -9.55 2.39 -11.42
C GLU A 190 -8.66 2.03 -10.22
N SER A 191 -7.41 1.64 -10.49
CA SER A 191 -6.54 0.91 -9.55
C SER A 191 -6.20 1.70 -8.30
N PHE A 192 -5.76 2.96 -8.44
CA PHE A 192 -5.38 3.80 -7.30
C PHE A 192 -6.52 4.73 -6.83
N LYS A 193 -7.34 5.22 -7.75
CA LYS A 193 -8.44 6.13 -7.42
C LYS A 193 -9.48 5.52 -6.49
N LYS A 194 -9.68 4.19 -6.53
CA LYS A 194 -10.52 3.44 -5.58
C LYS A 194 -9.86 3.20 -4.22
N THR A 195 -8.53 3.19 -4.15
CA THR A 195 -7.78 3.01 -2.89
C THR A 195 -7.46 4.33 -2.17
N ARG A 196 -7.68 5.48 -2.84
CA ARG A 196 -7.59 6.82 -2.23
C ARG A 196 -8.55 6.92 -1.03
N ALA A 197 -7.99 6.90 0.18
CA ALA A 197 -8.73 7.04 1.42
C ALA A 197 -9.16 8.49 1.70
N ALA A 198 -10.28 8.67 2.43
CA ALA A 198 -10.68 9.95 3.02
C ALA A 198 -9.63 10.44 4.04
N GLU A 199 -9.26 11.71 3.87
CA GLU A 199 -7.90 12.22 4.12
C GLU A 199 -7.65 12.59 5.59
N GLU A 200 -8.67 13.13 6.23
CA GLU A 200 -8.76 13.33 7.68
C GLU A 200 -8.65 12.01 8.48
N HIS A 201 -9.27 10.92 7.99
CA HIS A 201 -9.16 9.59 8.58
C HIS A 201 -7.87 8.84 8.21
N VAL A 202 -7.04 9.32 7.28
CA VAL A 202 -5.64 8.88 7.20
C VAL A 202 -4.84 9.48 8.35
N ILE A 203 -4.96 10.79 8.58
CA ILE A 203 -4.21 11.54 9.61
C ILE A 203 -4.60 11.07 11.02
N ALA A 204 -5.89 11.12 11.36
CA ALA A 204 -6.40 10.80 12.70
C ALA A 204 -6.26 9.32 13.07
N GLY A 205 -6.20 8.43 12.07
CA GLY A 205 -5.90 7.02 12.30
C GLY A 205 -4.39 6.73 12.36
N TRP A 206 -3.56 7.48 11.64
CA TRP A 206 -2.09 7.37 11.69
C TRP A 206 -1.51 7.88 13.01
N GLU A 207 -2.07 8.95 13.59
CA GLU A 207 -1.44 9.76 14.66
C GLU A 207 -0.72 8.95 15.77
N PRO A 208 -1.34 8.00 16.51
CA PRO A 208 -0.64 7.22 17.53
C PRO A 208 0.43 6.24 16.96
N LYS A 209 0.29 5.84 15.70
CA LYS A 209 1.23 4.98 14.97
C LYS A 209 2.50 5.70 14.49
N VAL A 210 2.65 6.99 14.82
CA VAL A 210 3.95 7.66 14.89
C VAL A 210 4.87 7.07 15.96
N ASN A 211 4.33 6.34 16.94
CA ASN A 211 5.10 5.61 17.96
C ASN A 211 4.69 4.13 18.13
N ALA A 212 3.42 3.76 17.90
CA ALA A 212 2.91 2.39 18.04
C ALA A 212 3.42 1.43 16.97
N MET A 1 -17.57 -17.47 -0.88
CA MET A 1 -17.72 -17.75 -2.34
C MET A 1 -17.00 -16.70 -3.15
N ALA A 2 -16.26 -17.11 -4.18
CA ALA A 2 -15.39 -16.22 -4.97
C ALA A 2 -14.46 -15.36 -4.08
N LEU A 3 -13.98 -14.22 -4.58
CA LEU A 3 -13.14 -13.30 -3.78
C LEU A 3 -13.98 -12.55 -2.75
N GLU A 4 -13.64 -12.74 -1.47
CA GLU A 4 -14.10 -11.92 -0.35
C GLU A 4 -12.88 -11.38 0.39
N ILE A 5 -12.52 -10.13 0.08
CA ILE A 5 -11.46 -9.39 0.77
C ILE A 5 -11.99 -8.97 2.14
N CYS A 6 -11.19 -9.14 3.20
CA CYS A 6 -11.48 -8.55 4.51
C CYS A 6 -10.32 -7.62 4.90
N VAL A 7 -10.62 -6.39 5.30
CA VAL A 7 -9.67 -5.26 5.23
C VAL A 7 -9.80 -4.37 6.45
N LYS A 8 -8.67 -3.88 7.00
CA LYS A 8 -8.75 -2.87 8.05
C LYS A 8 -9.34 -1.58 7.48
N ALA A 9 -10.40 -1.09 8.11
CA ALA A 9 -11.00 0.22 7.90
C ALA A 9 -10.26 1.32 8.67
N ALA A 10 -10.67 2.57 8.45
CA ALA A 10 -10.28 3.70 9.29
C ALA A 10 -10.56 3.44 10.78
N VAL A 11 -9.65 3.87 11.66
CA VAL A 11 -9.92 3.92 13.11
C VAL A 11 -11.21 4.71 13.37
N GLY A 12 -12.18 4.06 14.02
CA GLY A 12 -13.49 4.63 14.37
C GLY A 12 -14.53 4.66 13.24
N ALA A 13 -14.17 4.42 11.98
CA ALA A 13 -15.05 4.60 10.82
C ALA A 13 -15.02 3.36 9.88
N PRO A 14 -15.82 2.31 10.16
CA PRO A 14 -15.73 1.02 9.47
C PRO A 14 -16.11 1.00 7.98
N ASN A 15 -16.65 2.10 7.43
CA ASN A 15 -17.12 2.16 6.04
C ASN A 15 -16.06 2.65 5.03
N ILE A 16 -14.84 3.00 5.49
CA ILE A 16 -13.79 3.66 4.69
C ILE A 16 -12.40 3.14 5.05
N LEU A 17 -11.39 3.38 4.20
CA LEU A 17 -10.02 2.84 4.37
C LEU A 17 -9.17 3.59 5.42
N GLY A 18 -9.23 4.93 5.45
CA GLY A 18 -8.42 5.79 6.34
C GLY A 18 -6.93 5.42 6.41
N ASP A 19 -6.44 5.20 7.63
CA ASP A 19 -5.04 4.95 8.02
C ASP A 19 -4.39 3.65 7.50
N SER A 20 -4.99 2.96 6.53
CA SER A 20 -4.71 1.56 6.22
C SER A 20 -4.09 1.41 4.85
N PRO A 21 -2.79 1.78 4.62
CA PRO A 21 -2.10 1.55 3.36
C PRO A 21 -1.90 0.06 3.07
N PHE A 22 -1.77 -0.77 4.12
CA PHE A 22 -1.76 -2.23 3.99
C PHE A 22 -3.06 -2.80 3.40
N CYS A 23 -4.27 -2.26 3.76
CA CYS A 23 -5.55 -2.64 3.16
C CYS A 23 -5.58 -2.28 1.69
N GLN A 24 -5.08 -1.10 1.34
CA GLN A 24 -5.09 -0.60 -0.03
C GLN A 24 -4.31 -1.50 -1.01
N ARG A 25 -3.23 -2.16 -0.56
CA ARG A 25 -2.42 -3.11 -1.36
C ARG A 25 -3.27 -4.21 -2.02
N VAL A 26 -4.21 -4.76 -1.26
CA VAL A 26 -5.01 -5.93 -1.62
C VAL A 26 -6.15 -5.58 -2.59
N LEU A 27 -6.69 -4.36 -2.49
CA LEU A 27 -7.59 -3.82 -3.50
C LEU A 27 -6.85 -3.50 -4.81
N LEU A 28 -5.60 -3.00 -4.70
CA LEU A 28 -4.90 -2.34 -5.80
C LEU A 28 -4.62 -3.27 -7.00
N SER A 29 -4.20 -4.52 -6.76
CA SER A 29 -3.98 -5.47 -7.87
C SER A 29 -5.27 -6.01 -8.47
N LEU A 30 -6.28 -6.28 -7.64
CA LEU A 30 -7.58 -6.78 -8.10
C LEU A 30 -8.36 -5.73 -8.91
N GLU A 31 -8.24 -4.45 -8.56
CA GLU A 31 -8.78 -3.35 -9.37
C GLU A 31 -7.93 -3.00 -10.58
N GLU A 32 -6.62 -3.29 -10.60
CA GLU A 32 -5.84 -3.17 -11.84
C GLU A 32 -6.15 -4.29 -12.83
N LYS A 33 -6.27 -5.53 -12.33
CA LYS A 33 -6.80 -6.72 -13.04
C LYS A 33 -8.31 -6.60 -13.35
N LYS A 34 -8.99 -5.63 -12.74
CA LYS A 34 -10.43 -5.29 -12.90
C LYS A 34 -11.39 -6.42 -12.51
N ILE A 35 -10.92 -7.36 -11.68
CA ILE A 35 -11.67 -8.52 -11.19
C ILE A 35 -12.55 -8.09 -9.98
N PRO A 36 -13.87 -8.36 -9.99
CA PRO A 36 -14.76 -7.99 -8.88
C PRO A 36 -14.57 -8.88 -7.64
N TYR A 37 -14.88 -8.30 -6.48
CA TYR A 37 -14.74 -8.92 -5.16
C TYR A 37 -15.85 -8.42 -4.21
N LYS A 38 -16.03 -9.10 -3.07
CA LYS A 38 -16.64 -8.50 -1.86
C LYS A 38 -15.56 -7.86 -0.99
N SER A 39 -15.90 -6.80 -0.26
CA SER A 39 -14.96 -6.06 0.59
C SER A 39 -15.58 -5.82 1.96
N HIS A 40 -15.06 -6.53 2.96
CA HIS A 40 -15.50 -6.51 4.35
C HIS A 40 -14.54 -5.61 5.13
N LEU A 41 -14.79 -4.29 5.09
CA LEU A 41 -14.04 -3.30 5.87
C LEU A 41 -14.35 -3.44 7.36
N ILE A 42 -13.32 -3.50 8.21
CA ILE A 42 -13.39 -3.79 9.65
C ILE A 42 -12.66 -2.71 10.45
N ASN A 43 -13.38 -2.01 11.32
CA ASN A 43 -12.77 -1.12 12.32
C ASN A 43 -12.33 -1.96 13.53
N LEU A 44 -11.04 -2.31 13.58
CA LEU A 44 -10.38 -2.88 14.77
C LEU A 44 -11.06 -4.13 15.39
N GLY A 45 -11.74 -4.94 14.56
CA GLY A 45 -12.45 -6.16 14.99
C GLY A 45 -13.96 -6.01 15.17
N ASP A 46 -14.61 -4.95 14.65
CA ASP A 46 -16.08 -4.76 14.72
C ASP A 46 -16.93 -5.79 13.95
N LYS A 47 -16.34 -6.87 13.44
CA LYS A 47 -17.00 -7.93 12.63
C LYS A 47 -16.43 -9.31 13.01
N PRO A 48 -17.25 -10.38 12.99
CA PRO A 48 -16.91 -11.66 13.63
C PRO A 48 -15.68 -12.33 13.03
N GLN A 49 -15.11 -13.26 13.80
CA GLN A 49 -13.81 -13.89 13.52
C GLN A 49 -13.75 -14.78 12.25
N TRP A 50 -14.92 -15.07 11.65
CA TRP A 50 -15.09 -15.50 10.25
C TRP A 50 -14.43 -14.59 9.18
N PHE A 51 -14.15 -13.32 9.50
CA PHE A 51 -13.47 -12.36 8.64
C PHE A 51 -12.02 -12.03 9.10
N LEU A 52 -11.52 -12.71 10.13
CA LEU A 52 -10.26 -12.44 10.84
C LEU A 52 -9.33 -13.67 10.90
N GLU A 53 -9.89 -14.87 11.15
CA GLU A 53 -9.20 -16.19 11.21
C GLU A 53 -8.51 -16.58 9.88
N ILE A 54 -8.86 -15.86 8.82
CA ILE A 54 -8.22 -15.89 7.50
C ILE A 54 -6.73 -15.51 7.59
N SER A 55 -6.31 -14.81 8.66
CA SER A 55 -4.95 -14.81 9.18
C SER A 55 -4.86 -15.53 10.54
N PRO A 56 -3.73 -16.22 10.85
CA PRO A 56 -3.49 -16.78 12.18
C PRO A 56 -3.26 -15.70 13.26
N GLU A 57 -2.95 -14.47 12.84
CA GLU A 57 -2.79 -13.29 13.70
C GLU A 57 -4.14 -12.68 14.16
N GLY A 58 -5.27 -13.12 13.58
CA GLY A 58 -6.58 -12.47 13.76
C GLY A 58 -6.69 -11.06 13.14
N LYS A 59 -5.73 -10.69 12.29
CA LYS A 59 -5.62 -9.41 11.60
C LYS A 59 -6.50 -9.35 10.36
N VAL A 60 -6.61 -8.12 9.86
CA VAL A 60 -6.89 -7.78 8.45
C VAL A 60 -5.96 -6.63 8.02
N PRO A 61 -5.59 -6.50 6.73
CA PRO A 61 -6.10 -7.18 5.53
C PRO A 61 -5.79 -8.69 5.39
N VAL A 62 -6.69 -9.38 4.71
CA VAL A 62 -6.67 -10.81 4.33
C VAL A 62 -7.54 -11.02 3.07
N VAL A 63 -7.49 -12.21 2.45
CA VAL A 63 -8.49 -12.63 1.44
C VAL A 63 -8.96 -14.07 1.61
N LYS A 64 -10.23 -14.29 1.30
CA LYS A 64 -10.72 -15.58 0.82
C LYS A 64 -10.57 -15.67 -0.70
N ILE A 65 -10.16 -16.83 -1.19
CA ILE A 65 -10.13 -17.19 -2.62
C ILE A 65 -11.06 -18.38 -2.84
N ASP A 66 -12.36 -18.06 -2.93
CA ASP A 66 -13.46 -19.02 -2.83
C ASP A 66 -13.44 -19.82 -1.52
N ASP A 67 -13.43 -19.07 -0.41
CA ASP A 67 -13.28 -19.55 0.99
C ASP A 67 -12.03 -20.42 1.28
N LYS A 68 -11.00 -20.32 0.44
CA LYS A 68 -9.64 -20.81 0.72
C LYS A 68 -8.78 -19.62 1.13
N TRP A 69 -8.37 -19.61 2.39
CA TRP A 69 -7.90 -18.40 3.09
C TRP A 69 -6.44 -18.04 2.78
N VAL A 70 -6.14 -16.74 2.84
CA VAL A 70 -4.80 -16.14 2.72
C VAL A 70 -4.68 -14.98 3.71
N ALA A 71 -3.63 -15.00 4.53
CA ALA A 71 -3.34 -14.07 5.62
C ALA A 71 -2.88 -12.67 5.16
N ASP A 72 -2.07 -11.99 5.97
CA ASP A 72 -1.68 -10.57 5.81
C ASP A 72 -1.19 -10.17 4.41
N SER A 73 -1.29 -8.86 4.11
CA SER A 73 -1.01 -8.30 2.78
C SER A 73 0.38 -8.63 2.20
N ASP A 74 1.39 -8.86 3.05
CA ASP A 74 2.76 -9.24 2.67
C ASP A 74 2.88 -10.69 2.18
N VAL A 75 1.95 -11.59 2.51
CA VAL A 75 1.83 -12.90 1.83
C VAL A 75 0.83 -12.88 0.67
N ILE A 76 -0.16 -11.96 0.67
CA ILE A 76 -1.11 -11.78 -0.44
C ILE A 76 -0.40 -11.39 -1.74
N VAL A 77 0.58 -10.48 -1.69
CA VAL A 77 1.35 -10.06 -2.88
C VAL A 77 2.18 -11.18 -3.53
N GLY A 78 2.24 -12.36 -2.92
CA GLY A 78 2.59 -13.62 -3.60
C GLY A 78 1.38 -14.55 -3.81
N ILE A 79 0.69 -14.94 -2.74
CA ILE A 79 -0.26 -16.08 -2.72
C ILE A 79 -1.61 -15.75 -3.39
N LEU A 80 -2.09 -14.51 -3.34
CA LEU A 80 -3.24 -14.10 -4.18
C LEU A 80 -2.82 -13.97 -5.64
N GLU A 81 -1.65 -13.41 -5.90
CA GLU A 81 -1.09 -13.22 -7.24
C GLU A 81 -0.80 -14.56 -7.96
N GLU A 82 -0.44 -15.60 -7.22
CA GLU A 82 -0.33 -17.01 -7.68
C GLU A 82 -1.69 -17.62 -8.06
N LYS A 83 -2.74 -17.37 -7.24
CA LYS A 83 -4.03 -18.07 -7.30
C LYS A 83 -5.11 -17.31 -8.09
N ASN A 84 -4.82 -16.07 -8.49
CA ASN A 84 -5.63 -15.29 -9.42
C ASN A 84 -5.35 -15.76 -10.87
N PRO A 85 -6.36 -15.82 -11.76
CA PRO A 85 -6.14 -16.26 -13.15
C PRO A 85 -5.33 -15.25 -14.00
N GLU A 86 -5.32 -13.96 -13.65
CA GLU A 86 -4.43 -12.99 -14.29
C GLU A 86 -3.01 -13.11 -13.73
N PRO A 87 -1.95 -13.01 -14.57
CA PRO A 87 -0.56 -13.30 -14.17
C PRO A 87 -0.08 -12.59 -12.89
N PRO A 88 0.81 -13.24 -12.11
CA PRO A 88 1.25 -12.73 -10.82
C PRO A 88 2.03 -11.42 -10.94
N LEU A 89 1.52 -10.37 -10.31
CA LEU A 89 2.26 -9.13 -10.04
C LEU A 89 3.39 -9.32 -9.02
N ALA A 90 3.45 -10.49 -8.37
CA ALA A 90 4.60 -10.98 -7.61
C ALA A 90 5.90 -11.09 -8.45
N THR A 91 5.79 -11.20 -9.78
CA THR A 91 6.93 -11.37 -10.70
C THR A 91 7.86 -10.16 -10.59
N PRO A 92 9.10 -10.30 -10.07
CA PRO A 92 9.90 -9.17 -9.66
C PRO A 92 10.51 -8.42 -10.87
N PRO A 93 10.36 -7.08 -10.95
CA PRO A 93 11.24 -6.23 -11.74
C PRO A 93 12.57 -6.01 -11.01
N GLU A 94 13.53 -5.33 -11.63
CA GLU A 94 14.79 -4.88 -11.01
C GLU A 94 14.56 -4.08 -9.71
N PHE A 95 13.50 -3.26 -9.71
CA PHE A 95 13.07 -2.42 -8.59
C PHE A 95 12.70 -3.18 -7.32
N ALA A 96 12.46 -4.50 -7.36
CA ALA A 96 12.27 -5.31 -6.16
C ALA A 96 13.49 -5.28 -5.20
N SER A 97 14.70 -5.13 -5.76
CA SER A 97 15.96 -4.96 -5.01
C SER A 97 16.10 -3.58 -4.31
N VAL A 98 15.20 -2.64 -4.58
CA VAL A 98 15.25 -1.26 -4.09
C VAL A 98 13.98 -0.89 -3.30
N GLY A 99 12.81 -1.31 -3.77
CA GLY A 99 11.52 -1.18 -3.08
C GLY A 99 11.43 -1.98 -1.78
N SER A 100 12.24 -3.04 -1.63
CA SER A 100 12.46 -3.76 -0.37
C SER A 100 13.18 -2.95 0.72
N LYS A 101 13.87 -1.85 0.37
CA LYS A 101 14.36 -0.82 1.32
C LYS A 101 13.31 0.27 1.57
N ILE A 102 12.67 0.71 0.50
CA ILE A 102 11.73 1.85 0.54
C ILE A 102 10.44 1.50 1.32
N PHE A 103 9.99 0.25 1.26
CA PHE A 103 8.82 -0.23 2.00
C PHE A 103 8.95 -0.10 3.54
N PRO A 104 10.05 -0.54 4.17
CA PRO A 104 10.33 -0.25 5.59
C PRO A 104 10.91 1.15 5.86
N SER A 105 11.55 1.85 4.90
CA SER A 105 11.99 3.24 5.16
C SER A 105 10.84 4.24 5.18
N PHE A 106 9.76 3.99 4.43
CA PHE A 106 8.46 4.62 4.63
C PHE A 106 7.82 4.28 5.99
N VAL A 107 8.02 3.07 6.53
CA VAL A 107 7.55 2.73 7.90
C VAL A 107 8.27 3.56 8.96
N LYS A 108 9.59 3.76 8.86
CA LYS A 108 10.36 4.65 9.75
C LYS A 108 9.93 6.12 9.62
N PHE A 109 9.74 6.59 8.39
CA PHE A 109 9.35 7.97 8.10
C PHE A 109 7.91 8.29 8.60
N LEU A 110 7.05 7.28 8.61
CA LEU A 110 5.73 7.28 9.25
C LEU A 110 5.74 6.78 10.71
N LYS A 111 6.90 6.80 11.38
CA LYS A 111 7.09 6.40 12.79
C LYS A 111 8.03 7.39 13.49
N SER A 112 7.56 8.64 13.55
CA SER A 112 8.28 9.89 13.86
C SER A 112 8.98 10.00 15.23
N LYS A 113 9.12 8.89 15.97
CA LYS A 113 10.08 8.75 17.06
C LYS A 113 11.52 8.74 16.55
N ASP A 114 11.76 8.15 15.38
CA ASP A 114 13.03 8.27 14.66
C ASP A 114 13.12 9.65 13.98
N PRO A 115 14.34 10.23 13.82
CA PRO A 115 14.48 11.58 13.27
C PRO A 115 14.10 11.60 11.78
N ASN A 116 12.95 12.17 11.45
CA ASN A 116 12.42 12.20 10.08
C ASN A 116 13.32 12.97 9.10
N ASP A 117 13.93 14.07 9.51
CA ASP A 117 14.92 14.82 8.70
C ASP A 117 16.18 14.01 8.34
N GLY A 118 16.57 13.04 9.17
CA GLY A 118 17.65 12.08 8.86
C GLY A 118 17.17 10.86 8.08
N THR A 119 15.91 10.44 8.30
CA THR A 119 15.24 9.37 7.56
C THR A 119 14.94 9.78 6.11
N GLU A 120 14.71 11.06 5.86
CA GLU A 120 14.61 11.70 4.54
C GLU A 120 15.93 11.58 3.76
N GLN A 121 17.08 11.82 4.40
CA GLN A 121 18.38 11.63 3.74
C GLN A 121 18.68 10.16 3.44
N ALA A 122 18.29 9.23 4.31
CA ALA A 122 18.39 7.79 4.02
C ALA A 122 17.47 7.36 2.86
N LEU A 123 16.23 7.87 2.83
CA LEU A 123 15.25 7.63 1.77
C LEU A 123 15.69 8.20 0.42
N LEU A 124 16.37 9.36 0.38
CA LEU A 124 16.88 9.94 -0.87
C LEU A 124 17.89 9.02 -1.58
N GLU A 125 18.78 8.35 -0.84
CA GLU A 125 19.74 7.41 -1.42
C GLU A 125 19.10 6.08 -1.85
N GLU A 126 18.01 5.66 -1.21
CA GLU A 126 17.17 4.55 -1.68
C GLU A 126 16.39 4.90 -2.97
N LEU A 127 15.80 6.09 -3.04
CA LEU A 127 15.03 6.56 -4.20
C LEU A 127 15.92 6.92 -5.41
N LYS A 128 17.18 7.35 -5.21
CA LYS A 128 18.13 7.59 -6.31
C LYS A 128 18.44 6.34 -7.13
N ALA A 129 18.53 5.17 -6.47
CA ALA A 129 18.70 3.89 -7.15
C ALA A 129 17.46 3.46 -7.95
N LEU A 130 16.28 4.00 -7.61
CA LEU A 130 15.01 3.72 -8.25
C LEU A 130 14.75 4.64 -9.45
N ASP A 131 14.76 5.96 -9.22
CA ASP A 131 14.13 6.96 -10.10
C ASP A 131 14.79 7.09 -11.48
N GLY A 132 16.12 6.98 -11.54
CA GLY A 132 16.87 7.01 -12.80
C GLY A 132 16.54 5.84 -13.74
N HIS A 133 16.26 4.66 -13.18
CA HIS A 133 15.95 3.45 -13.93
C HIS A 133 14.45 3.29 -14.22
N LEU A 134 13.56 3.91 -13.42
CA LEU A 134 12.13 4.06 -13.75
C LEU A 134 11.93 4.94 -14.99
N LYS A 135 12.72 6.02 -15.12
CA LYS A 135 12.78 6.88 -16.31
C LYS A 135 13.31 6.19 -17.59
N VAL A 136 13.77 4.94 -17.50
CA VAL A 136 14.07 4.07 -18.65
C VAL A 136 12.96 3.05 -18.91
N HIS A 137 12.32 2.50 -17.87
CA HIS A 137 11.31 1.44 -18.00
C HIS A 137 9.90 1.93 -18.33
N GLY A 138 9.36 2.92 -17.63
CA GLY A 138 7.95 3.29 -17.74
C GLY A 138 7.33 4.00 -16.52
N PRO A 139 6.06 4.42 -16.61
CA PRO A 139 5.43 5.42 -15.74
C PRO A 139 5.07 4.95 -14.31
N PHE A 140 5.08 3.65 -14.03
CA PHE A 140 4.75 3.12 -12.70
C PHE A 140 5.96 3.17 -11.75
N ILE A 141 5.80 2.92 -10.44
CA ILE A 141 6.95 2.84 -9.50
C ILE A 141 7.69 1.48 -9.59
N ALA A 142 7.34 0.71 -10.62
CA ALA A 142 8.01 -0.51 -11.08
C ALA A 142 8.35 -0.50 -12.58
N GLY A 143 8.14 0.61 -13.29
CA GLY A 143 8.41 0.70 -14.73
C GLY A 143 7.17 0.52 -15.60
N GLU A 144 7.18 -0.49 -16.48
CA GLU A 144 6.24 -0.61 -17.61
C GLU A 144 4.79 -0.94 -17.18
N LYS A 145 4.63 -1.52 -15.99
CA LYS A 145 3.37 -1.95 -15.38
C LYS A 145 3.35 -1.73 -13.87
N ILE A 146 2.17 -1.87 -13.27
CA ILE A 146 2.01 -2.09 -11.83
C ILE A 146 2.56 -3.49 -11.46
N THR A 147 3.39 -3.58 -10.43
CA THR A 147 3.89 -4.85 -9.85
C THR A 147 3.71 -4.88 -8.33
N ALA A 148 4.18 -5.95 -7.66
CA ALA A 148 4.27 -6.04 -6.20
C ALA A 148 5.10 -4.91 -5.54
N VAL A 149 5.93 -4.18 -6.30
CA VAL A 149 6.58 -2.94 -5.84
C VAL A 149 5.57 -1.80 -5.70
N ASP A 150 4.68 -1.56 -6.66
CA ASP A 150 3.53 -0.66 -6.51
C ASP A 150 2.54 -1.13 -5.43
N LEU A 151 2.27 -2.45 -5.38
CA LEU A 151 1.45 -3.05 -4.31
C LEU A 151 2.09 -2.96 -2.92
N SER A 152 3.27 -2.36 -2.79
CA SER A 152 3.96 -2.15 -1.51
C SER A 152 4.24 -0.66 -1.24
N LEU A 153 4.69 0.08 -2.26
CA LEU A 153 5.08 1.49 -2.15
C LEU A 153 3.91 2.47 -2.37
N ALA A 154 3.02 2.23 -3.33
CA ALA A 154 2.00 3.19 -3.75
C ALA A 154 1.03 3.64 -2.64
N PRO A 155 0.45 2.73 -1.83
CA PRO A 155 -0.44 3.17 -0.75
C PRO A 155 0.32 3.78 0.44
N LYS A 156 1.60 3.41 0.64
CA LYS A 156 2.47 4.09 1.61
C LYS A 156 2.82 5.51 1.17
N LEU A 157 2.99 5.77 -0.13
CA LEU A 157 3.15 7.12 -0.68
C LEU A 157 1.88 7.98 -0.50
N TYR A 158 0.68 7.42 -0.71
CA TYR A 158 -0.55 8.18 -0.44
C TYR A 158 -0.74 8.49 1.06
N HIS A 159 -0.44 7.51 1.93
CA HIS A 159 -0.45 7.72 3.37
C HIS A 159 0.62 8.73 3.83
N LEU A 160 1.76 8.83 3.13
CA LEU A 160 2.82 9.81 3.39
C LEU A 160 2.46 11.23 2.92
N GLU A 161 1.90 11.39 1.72
CA GLU A 161 1.42 12.68 1.17
C GLU A 161 0.34 13.30 2.07
N VAL A 162 -0.52 12.48 2.68
CA VAL A 162 -1.62 12.95 3.53
C VAL A 162 -1.25 13.01 5.02
N ALA A 163 -0.81 11.91 5.64
CA ALA A 163 -0.72 11.81 7.10
C ALA A 163 0.45 12.62 7.69
N LEU A 164 1.66 12.42 7.17
CA LEU A 164 2.82 13.24 7.57
C LEU A 164 2.77 14.64 6.93
N GLY A 165 2.24 14.75 5.71
CA GLY A 165 2.13 16.03 4.99
C GLY A 165 1.34 17.12 5.73
N HIS A 166 0.38 16.73 6.57
CA HIS A 166 -0.35 17.61 7.50
C HIS A 166 0.55 18.33 8.54
N PHE A 167 1.70 17.75 8.91
CA PHE A 167 2.62 18.31 9.91
C PHE A 167 3.98 18.72 9.31
N LYS A 168 4.45 18.00 8.28
CA LYS A 168 5.63 18.32 7.47
C LYS A 168 5.42 17.77 6.06
N ASN A 169 4.93 18.63 5.16
CA ASN A 169 4.90 18.36 3.72
C ASN A 169 6.31 18.42 3.11
N TRP A 170 7.10 17.37 3.34
CA TRP A 170 8.43 17.20 2.75
C TRP A 170 8.30 16.97 1.24
N PRO A 171 8.88 17.85 0.38
CA PRO A 171 8.83 17.65 -1.06
C PRO A 171 9.76 16.50 -1.46
N ILE A 172 9.23 15.54 -2.24
CA ILE A 172 10.04 14.65 -3.07
C ILE A 172 10.75 15.52 -4.11
N PRO A 173 12.10 15.65 -4.11
CA PRO A 173 12.77 16.66 -4.95
C PRO A 173 12.58 16.43 -6.45
N ASP A 174 12.67 17.49 -7.26
CA ASP A 174 12.54 17.50 -8.72
C ASP A 174 13.55 16.58 -9.43
N ASN A 175 14.71 16.32 -8.82
CA ASN A 175 15.71 15.34 -9.29
C ASN A 175 15.16 13.90 -9.31
N LEU A 176 14.34 13.56 -8.32
CA LEU A 176 13.57 12.32 -8.23
C LEU A 176 12.20 12.47 -8.91
N THR A 177 12.24 12.98 -10.14
CA THR A 177 11.08 13.49 -10.88
C THR A 177 10.03 12.41 -11.13
N HIS A 178 10.45 11.15 -11.22
CA HIS A 178 9.56 10.03 -11.51
C HIS A 178 8.79 9.55 -10.28
N VAL A 179 9.43 9.54 -9.11
CA VAL A 179 8.76 9.33 -7.81
C VAL A 179 7.80 10.48 -7.49
N LEU A 180 8.19 11.72 -7.81
CA LEU A 180 7.32 12.90 -7.70
C LEU A 180 6.12 12.87 -8.65
N ASN A 181 6.32 12.49 -9.93
CA ASN A 181 5.23 12.33 -10.90
C ASN A 181 4.30 11.15 -10.56
N TYR A 182 4.83 10.06 -9.99
CA TYR A 182 4.06 8.87 -9.64
C TYR A 182 2.98 9.14 -8.58
N ILE A 183 3.18 10.16 -7.73
CA ILE A 183 2.15 10.68 -6.83
C ILE A 183 0.88 11.08 -7.58
N LYS A 184 1.00 11.61 -8.80
CA LYS A 184 -0.15 12.06 -9.60
C LYS A 184 -0.84 10.93 -10.37
N LEU A 185 -0.27 9.72 -10.38
CA LEU A 185 -1.00 8.48 -10.71
C LEU A 185 -1.84 7.94 -9.54
N LEU A 186 -1.60 8.34 -8.29
CA LEU A 186 -2.38 7.85 -7.12
C LEU A 186 -3.87 8.24 -7.18
N PHE A 187 -4.22 9.24 -8.00
CA PHE A 187 -5.60 9.72 -8.24
C PHE A 187 -6.29 9.04 -9.44
N SER A 188 -5.65 8.06 -10.10
CA SER A 188 -5.95 7.64 -11.47
C SER A 188 -6.29 6.14 -11.62
N ARG A 189 -6.61 5.73 -12.87
CA ARG A 189 -7.03 4.37 -13.24
C ARG A 189 -8.29 3.92 -12.49
N GLU A 190 -8.60 2.63 -12.53
CA GLU A 190 -9.57 1.98 -11.65
C GLU A 190 -8.92 1.67 -10.29
N SER A 191 -7.65 1.27 -10.32
CA SER A 191 -6.82 0.86 -9.18
C SER A 191 -6.59 1.96 -8.15
N PHE A 192 -5.64 2.88 -8.39
CA PHE A 192 -5.21 3.83 -7.34
C PHE A 192 -6.34 4.76 -6.85
N LYS A 193 -7.18 5.21 -7.80
CA LYS A 193 -8.33 6.08 -7.53
C LYS A 193 -9.36 5.46 -6.58
N LYS A 194 -9.52 4.13 -6.56
CA LYS A 194 -10.38 3.42 -5.58
C LYS A 194 -9.67 3.18 -4.25
N THR A 195 -8.34 3.03 -4.23
CA THR A 195 -7.58 2.91 -2.98
C THR A 195 -7.40 4.23 -2.22
N ARG A 196 -7.62 5.37 -2.88
CA ARG A 196 -7.47 6.72 -2.31
C ARG A 196 -8.39 6.96 -1.11
N ALA A 197 -7.84 6.83 0.10
CA ALA A 197 -8.59 6.95 1.34
C ALA A 197 -8.98 8.40 1.69
N ALA A 198 -10.10 8.56 2.41
CA ALA A 198 -10.61 9.84 2.92
C ALA A 198 -9.64 10.46 3.95
N GLU A 199 -9.20 11.68 3.67
CA GLU A 199 -7.94 12.27 4.12
C GLU A 199 -7.80 12.46 5.64
N GLU A 200 -8.83 13.00 6.30
CA GLU A 200 -8.82 13.24 7.75
C GLU A 200 -8.70 11.94 8.56
N HIS A 201 -9.29 10.86 8.06
CA HIS A 201 -9.17 9.52 8.63
C HIS A 201 -7.85 8.80 8.29
N VAL A 202 -7.04 9.31 7.35
CA VAL A 202 -5.64 8.89 7.20
C VAL A 202 -4.79 9.52 8.30
N ILE A 203 -4.96 10.82 8.56
CA ILE A 203 -4.22 11.60 9.58
C ILE A 203 -4.58 11.13 11.00
N ALA A 204 -5.85 11.19 11.38
CA ALA A 204 -6.30 10.91 12.75
C ALA A 204 -6.12 9.43 13.14
N GLY A 205 -6.14 8.50 12.18
CA GLY A 205 -5.80 7.10 12.43
C GLY A 205 -4.29 6.84 12.44
N TRP A 206 -3.46 7.69 11.83
CA TRP A 206 -2.00 7.61 11.88
C TRP A 206 -1.39 8.18 13.16
N GLU A 207 -2.05 9.11 13.85
CA GLU A 207 -1.48 9.83 15.02
C GLU A 207 -0.78 8.94 16.09
N PRO A 208 -1.40 7.89 16.67
CA PRO A 208 -0.70 6.99 17.61
C PRO A 208 0.38 6.10 16.97
N LYS A 209 0.33 5.93 15.64
CA LYS A 209 1.27 5.13 14.83
C LYS A 209 2.57 5.85 14.49
N VAL A 210 2.78 7.07 15.01
CA VAL A 210 4.14 7.61 15.21
C VAL A 210 4.96 6.77 16.22
N ASN A 211 4.30 5.95 17.05
CA ASN A 211 4.94 5.01 17.98
C ASN A 211 4.50 3.55 17.80
N ALA A 212 3.22 3.29 17.46
CA ALA A 212 2.69 1.94 17.21
C ALA A 212 3.14 1.32 15.89
N MET A 1 -17.34 -17.32 -0.68
CA MET A 1 -17.56 -17.73 -2.09
C MET A 1 -16.95 -16.69 -3.02
N ALA A 2 -16.21 -17.12 -4.05
CA ALA A 2 -15.39 -16.23 -4.90
C ALA A 2 -14.45 -15.34 -4.05
N LEU A 3 -13.96 -14.23 -4.60
CA LEU A 3 -13.13 -13.28 -3.84
C LEU A 3 -13.96 -12.54 -2.80
N GLU A 4 -13.57 -12.70 -1.54
CA GLU A 4 -14.12 -11.96 -0.39
C GLU A 4 -12.94 -11.41 0.42
N ILE A 5 -12.56 -10.17 0.10
CA ILE A 5 -11.48 -9.44 0.75
C ILE A 5 -11.95 -8.99 2.13
N CYS A 6 -11.09 -9.09 3.14
CA CYS A 6 -11.30 -8.46 4.44
C CYS A 6 -10.16 -7.48 4.72
N VAL A 7 -10.47 -6.28 5.21
CA VAL A 7 -9.56 -5.13 5.19
C VAL A 7 -9.72 -4.29 6.45
N LYS A 8 -8.62 -3.76 7.01
CA LYS A 8 -8.73 -2.78 8.11
C LYS A 8 -9.38 -1.51 7.55
N ALA A 9 -10.44 -1.06 8.22
CA ALA A 9 -11.08 0.23 8.02
C ALA A 9 -10.36 1.35 8.79
N ALA A 10 -10.78 2.60 8.55
CA ALA A 10 -10.38 3.76 9.35
C ALA A 10 -10.67 3.54 10.85
N VAL A 11 -9.75 3.97 11.71
CA VAL A 11 -10.00 4.02 13.16
C VAL A 11 -11.27 4.83 13.45
N GLY A 12 -12.25 4.19 14.09
CA GLY A 12 -13.56 4.76 14.42
C GLY A 12 -14.60 4.78 13.30
N ALA A 13 -14.24 4.51 12.04
CA ALA A 13 -15.14 4.64 10.89
C ALA A 13 -15.13 3.36 10.00
N PRO A 14 -15.93 2.33 10.34
CA PRO A 14 -15.85 0.99 9.75
C PRO A 14 -16.19 0.85 8.26
N ASN A 15 -16.65 1.91 7.60
CA ASN A 15 -17.15 1.87 6.22
C ASN A 15 -16.16 2.41 5.17
N ILE A 16 -14.96 2.83 5.60
CA ILE A 16 -13.95 3.51 4.76
C ILE A 16 -12.52 3.05 5.12
N LEU A 17 -11.55 3.30 4.25
CA LEU A 17 -10.16 2.83 4.43
C LEU A 17 -9.35 3.60 5.50
N GLY A 18 -9.37 4.93 5.47
CA GLY A 18 -8.56 5.80 6.35
C GLY A 18 -7.08 5.40 6.44
N ASP A 19 -6.59 5.21 7.66
CA ASP A 19 -5.19 4.98 8.06
C ASP A 19 -4.53 3.66 7.60
N SER A 20 -5.02 3.02 6.52
CA SER A 20 -4.79 1.61 6.26
C SER A 20 -4.11 1.41 4.92
N PRO A 21 -2.79 1.78 4.74
CA PRO A 21 -2.04 1.58 3.50
C PRO A 21 -1.82 0.10 3.19
N PHE A 22 -1.73 -0.75 4.22
CA PHE A 22 -1.74 -2.21 4.07
C PHE A 22 -3.04 -2.75 3.45
N CYS A 23 -4.26 -2.20 3.80
CA CYS A 23 -5.52 -2.58 3.19
C CYS A 23 -5.53 -2.25 1.72
N GLN A 24 -5.10 -1.04 1.35
CA GLN A 24 -5.11 -0.56 -0.02
C GLN A 24 -4.31 -1.47 -0.98
N ARG A 25 -3.23 -2.12 -0.51
CA ARG A 25 -2.41 -3.09 -1.30
C ARG A 25 -3.26 -4.21 -1.90
N VAL A 26 -4.16 -4.75 -1.08
CA VAL A 26 -4.95 -5.97 -1.36
C VAL A 26 -6.08 -5.71 -2.36
N LEU A 27 -6.57 -4.47 -2.40
CA LEU A 27 -7.50 -4.00 -3.44
C LEU A 27 -6.77 -3.74 -4.76
N LEU A 28 -5.58 -3.12 -4.68
CA LEU A 28 -4.95 -2.45 -5.82
C LEU A 28 -4.64 -3.36 -7.02
N SER A 29 -4.21 -4.62 -6.80
CA SER A 29 -3.95 -5.56 -7.91
C SER A 29 -5.22 -6.07 -8.58
N LEU A 30 -6.23 -6.42 -7.78
CA LEU A 30 -7.53 -6.88 -8.26
C LEU A 30 -8.30 -5.77 -8.99
N GLU A 31 -8.13 -4.52 -8.58
CA GLU A 31 -8.74 -3.37 -9.25
C GLU A 31 -8.02 -2.91 -10.52
N GLU A 32 -6.72 -3.15 -10.65
CA GLU A 32 -6.00 -2.98 -11.93
C GLU A 32 -6.28 -4.12 -12.91
N LYS A 33 -6.37 -5.36 -12.40
CA LYS A 33 -6.90 -6.55 -13.09
C LYS A 33 -8.43 -6.48 -13.35
N LYS A 34 -9.12 -5.50 -12.76
CA LYS A 34 -10.57 -5.23 -12.87
C LYS A 34 -11.48 -6.38 -12.42
N ILE A 35 -10.96 -7.28 -11.60
CA ILE A 35 -11.70 -8.45 -11.08
C ILE A 35 -12.58 -8.01 -9.90
N PRO A 36 -13.91 -8.24 -9.93
CA PRO A 36 -14.80 -7.87 -8.83
C PRO A 36 -14.63 -8.80 -7.61
N TYR A 37 -14.93 -8.25 -6.43
CA TYR A 37 -14.79 -8.90 -5.13
C TYR A 37 -15.83 -8.37 -4.13
N LYS A 38 -16.12 -9.11 -3.05
CA LYS A 38 -16.73 -8.52 -1.83
C LYS A 38 -15.64 -7.88 -0.98
N SER A 39 -15.97 -6.80 -0.28
CA SER A 39 -15.06 -6.13 0.66
C SER A 39 -15.68 -6.03 2.05
N HIS A 40 -14.94 -6.51 3.05
CA HIS A 40 -15.32 -6.51 4.45
C HIS A 40 -14.35 -5.61 5.23
N LEU A 41 -14.61 -4.29 5.18
CA LEU A 41 -13.90 -3.28 5.97
C LEU A 41 -14.23 -3.45 7.46
N ILE A 42 -13.21 -3.48 8.32
CA ILE A 42 -13.34 -3.74 9.77
C ILE A 42 -12.62 -2.67 10.59
N ASN A 43 -13.34 -1.96 11.45
CA ASN A 43 -12.75 -1.08 12.47
C ASN A 43 -12.46 -1.90 13.73
N LEU A 44 -11.18 -2.28 13.92
CA LEU A 44 -10.66 -2.84 15.18
C LEU A 44 -11.43 -4.05 15.75
N GLY A 45 -12.07 -4.85 14.88
CA GLY A 45 -12.84 -6.04 15.26
C GLY A 45 -14.37 -5.88 15.31
N ASP A 46 -14.95 -4.83 14.71
CA ASP A 46 -16.42 -4.63 14.68
C ASP A 46 -17.21 -5.68 13.86
N LYS A 47 -16.56 -6.72 13.31
CA LYS A 47 -17.13 -7.77 12.46
C LYS A 47 -16.51 -9.13 12.82
N PRO A 48 -17.27 -10.25 12.73
CA PRO A 48 -16.90 -11.51 13.36
C PRO A 48 -15.59 -12.10 12.84
N GLN A 49 -15.02 -13.01 13.65
CA GLN A 49 -13.71 -13.61 13.43
C GLN A 49 -13.58 -14.48 12.17
N TRP A 50 -14.70 -14.78 11.51
CA TRP A 50 -14.80 -15.32 10.14
C TRP A 50 -14.10 -14.47 9.06
N PHE A 51 -13.84 -13.20 9.35
CA PHE A 51 -13.17 -12.22 8.50
C PHE A 51 -11.75 -11.85 8.99
N LEU A 52 -11.22 -12.59 9.98
CA LEU A 52 -9.98 -12.34 10.73
C LEU A 52 -9.10 -13.60 10.85
N GLU A 53 -9.70 -14.76 11.12
CA GLU A 53 -9.10 -16.10 11.22
C GLU A 53 -8.42 -16.58 9.92
N ILE A 54 -8.71 -15.88 8.83
CA ILE A 54 -8.07 -15.97 7.52
C ILE A 54 -6.56 -15.63 7.63
N SER A 55 -6.15 -14.91 8.69
CA SER A 55 -4.78 -14.89 9.23
C SER A 55 -4.71 -15.66 10.57
N PRO A 56 -3.55 -16.27 10.91
CA PRO A 56 -3.32 -16.83 12.24
C PRO A 56 -3.20 -15.76 13.34
N GLU A 57 -2.96 -14.51 12.94
CA GLU A 57 -2.84 -13.35 13.84
C GLU A 57 -4.20 -12.75 14.25
N GLY A 58 -5.32 -13.18 13.63
CA GLY A 58 -6.64 -12.56 13.82
C GLY A 58 -6.75 -11.13 13.25
N LYS A 59 -5.89 -10.79 12.29
CA LYS A 59 -5.76 -9.46 11.66
C LYS A 59 -6.67 -9.28 10.44
N VAL A 60 -6.66 -8.03 9.97
CA VAL A 60 -6.91 -7.62 8.59
C VAL A 60 -5.80 -6.65 8.16
N PRO A 61 -5.48 -6.54 6.85
CA PRO A 61 -6.15 -7.17 5.71
C PRO A 61 -5.75 -8.62 5.44
N VAL A 62 -6.68 -9.38 4.85
CA VAL A 62 -6.61 -10.82 4.52
C VAL A 62 -7.57 -11.11 3.33
N VAL A 63 -7.46 -12.26 2.66
CA VAL A 63 -8.43 -12.64 1.59
C VAL A 63 -8.90 -14.09 1.67
N LYS A 64 -10.18 -14.28 1.32
CA LYS A 64 -10.69 -15.55 0.82
C LYS A 64 -10.53 -15.62 -0.70
N ILE A 65 -10.01 -16.73 -1.20
CA ILE A 65 -9.98 -17.09 -2.62
C ILE A 65 -10.95 -18.26 -2.84
N ASP A 66 -12.25 -17.92 -2.91
CA ASP A 66 -13.36 -18.86 -2.80
C ASP A 66 -13.32 -19.69 -1.50
N ASP A 67 -13.31 -18.97 -0.37
CA ASP A 67 -13.18 -19.53 0.99
C ASP A 67 -11.90 -20.36 1.27
N LYS A 68 -10.88 -20.27 0.39
CA LYS A 68 -9.52 -20.78 0.63
C LYS A 68 -8.64 -19.62 1.08
N TRP A 69 -8.30 -19.62 2.37
CA TRP A 69 -7.85 -18.45 3.11
C TRP A 69 -6.38 -18.07 2.82
N VAL A 70 -6.07 -16.78 2.88
CA VAL A 70 -4.73 -16.18 2.76
C VAL A 70 -4.59 -15.02 3.74
N ALA A 71 -3.52 -15.04 4.55
CA ALA A 71 -3.23 -14.12 5.65
C ALA A 71 -2.77 -12.71 5.17
N ASP A 72 -1.98 -12.01 5.99
CA ASP A 72 -1.64 -10.59 5.87
C ASP A 72 -1.14 -10.15 4.47
N SER A 73 -1.23 -8.84 4.19
CA SER A 73 -0.93 -8.27 2.86
C SER A 73 0.46 -8.60 2.30
N ASP A 74 1.46 -8.82 3.15
CA ASP A 74 2.83 -9.20 2.77
C ASP A 74 2.98 -10.65 2.29
N VAL A 75 2.01 -11.54 2.53
CA VAL A 75 1.91 -12.83 1.83
C VAL A 75 0.88 -12.81 0.70
N ILE A 76 -0.10 -11.90 0.71
CA ILE A 76 -1.05 -11.71 -0.41
C ILE A 76 -0.34 -11.30 -1.70
N VAL A 77 0.66 -10.42 -1.61
CA VAL A 77 1.47 -9.99 -2.78
C VAL A 77 2.26 -11.12 -3.46
N GLY A 78 2.29 -12.33 -2.88
CA GLY A 78 2.65 -13.57 -3.58
C GLY A 78 1.46 -14.53 -3.79
N ILE A 79 0.77 -14.91 -2.71
CA ILE A 79 -0.17 -16.04 -2.69
C ILE A 79 -1.52 -15.73 -3.37
N LEU A 80 -2.00 -14.47 -3.33
CA LEU A 80 -3.14 -14.08 -4.16
C LEU A 80 -2.74 -13.99 -5.63
N GLU A 81 -1.57 -13.42 -5.91
CA GLU A 81 -1.04 -13.27 -7.26
C GLU A 81 -0.73 -14.60 -7.95
N GLU A 82 -0.33 -15.63 -7.19
CA GLU A 82 -0.20 -17.03 -7.63
C GLU A 82 -1.55 -17.68 -8.02
N LYS A 83 -2.59 -17.43 -7.21
CA LYS A 83 -3.88 -18.17 -7.27
C LYS A 83 -4.98 -17.42 -8.03
N ASN A 84 -4.70 -16.19 -8.45
CA ASN A 84 -5.53 -15.40 -9.36
C ASN A 84 -5.31 -15.86 -10.81
N PRO A 85 -6.36 -15.90 -11.68
CA PRO A 85 -6.20 -16.39 -13.05
C PRO A 85 -5.45 -15.41 -13.97
N GLU A 86 -5.39 -14.12 -13.65
CA GLU A 86 -4.51 -13.18 -14.34
C GLU A 86 -3.08 -13.30 -13.79
N PRO A 87 -2.01 -13.12 -14.61
CA PRO A 87 -0.63 -13.39 -14.22
C PRO A 87 -0.16 -12.69 -12.92
N PRO A 88 0.76 -13.31 -12.16
CA PRO A 88 1.20 -12.78 -10.87
C PRO A 88 1.95 -11.45 -11.00
N LEU A 89 1.42 -10.41 -10.35
CA LEU A 89 2.17 -9.16 -10.10
C LEU A 89 3.32 -9.35 -9.10
N ALA A 90 3.38 -10.51 -8.44
CA ALA A 90 4.52 -10.99 -7.66
C ALA A 90 5.83 -11.14 -8.46
N THR A 91 5.74 -11.23 -9.81
CA THR A 91 6.90 -11.40 -10.69
C THR A 91 7.87 -10.22 -10.52
N PRO A 92 9.08 -10.42 -9.97
CA PRO A 92 9.90 -9.31 -9.49
C PRO A 92 10.51 -8.51 -10.66
N PRO A 93 10.31 -7.18 -10.71
CA PRO A 93 11.18 -6.29 -11.47
C PRO A 93 12.59 -6.21 -10.86
N GLU A 94 13.56 -5.70 -11.60
CA GLU A 94 14.85 -5.19 -11.10
C GLU A 94 14.67 -4.14 -9.97
N PHE A 95 13.59 -3.34 -10.04
CA PHE A 95 13.18 -2.41 -8.97
C PHE A 95 12.85 -3.07 -7.62
N ALA A 96 12.58 -4.38 -7.56
CA ALA A 96 12.30 -5.09 -6.31
C ALA A 96 13.47 -5.08 -5.33
N SER A 97 14.71 -5.02 -5.84
CA SER A 97 15.93 -4.87 -5.05
C SER A 97 16.08 -3.52 -4.35
N VAL A 98 15.28 -2.52 -4.75
CA VAL A 98 15.27 -1.16 -4.20
C VAL A 98 13.97 -0.88 -3.44
N GLY A 99 12.84 -1.37 -3.95
CA GLY A 99 11.53 -1.30 -3.28
C GLY A 99 11.46 -2.08 -1.97
N SER A 100 12.27 -3.13 -1.81
CA SER A 100 12.44 -3.85 -0.54
C SER A 100 13.13 -3.04 0.56
N LYS A 101 13.86 -1.95 0.22
CA LYS A 101 14.34 -0.94 1.19
C LYS A 101 13.33 0.18 1.44
N ILE A 102 12.71 0.67 0.36
CA ILE A 102 11.77 1.80 0.44
C ILE A 102 10.51 1.40 1.24
N PHE A 103 10.09 0.13 1.17
CA PHE A 103 8.93 -0.38 1.91
C PHE A 103 9.05 -0.26 3.44
N PRO A 104 10.15 -0.70 4.10
CA PRO A 104 10.43 -0.40 5.50
C PRO A 104 10.95 1.03 5.75
N SER A 105 11.55 1.72 4.77
CA SER A 105 11.90 3.15 4.93
C SER A 105 10.69 4.08 5.04
N PHE A 106 9.58 3.75 4.38
CA PHE A 106 8.28 4.36 4.65
C PHE A 106 7.70 3.97 6.03
N VAL A 107 8.03 2.81 6.60
CA VAL A 107 7.60 2.47 7.98
C VAL A 107 8.33 3.34 9.01
N LYS A 108 9.64 3.58 8.86
CA LYS A 108 10.39 4.56 9.69
C LYS A 108 9.82 5.97 9.54
N PHE A 109 9.59 6.41 8.30
CA PHE A 109 9.18 7.78 7.98
C PHE A 109 7.76 8.09 8.49
N LEU A 110 6.89 7.08 8.50
CA LEU A 110 5.56 7.09 9.12
C LEU A 110 5.57 6.67 10.61
N LYS A 111 6.73 6.69 11.27
CA LYS A 111 6.92 6.34 12.69
C LYS A 111 7.82 7.37 13.37
N SER A 112 7.32 8.61 13.42
CA SER A 112 8.02 9.86 13.79
C SER A 112 8.61 9.95 15.21
N LYS A 113 8.67 8.84 15.95
CA LYS A 113 9.60 8.64 17.07
C LYS A 113 11.06 8.64 16.58
N ASP A 114 11.30 8.13 15.37
CA ASP A 114 12.59 8.16 14.71
C ASP A 114 12.83 9.53 14.03
N PRO A 115 14.07 10.02 13.91
CA PRO A 115 14.36 11.35 13.40
C PRO A 115 14.07 11.44 11.89
N ASN A 116 12.90 11.95 11.53
CA ASN A 116 12.42 11.94 10.15
C ASN A 116 13.31 12.71 9.16
N ASP A 117 13.98 13.79 9.58
CA ASP A 117 14.97 14.50 8.75
C ASP A 117 16.19 13.63 8.37
N GLY A 118 16.56 12.65 9.20
CA GLY A 118 17.57 11.64 8.88
C GLY A 118 17.02 10.44 8.11
N THR A 119 15.74 10.11 8.29
CA THR A 119 15.04 9.12 7.47
C THR A 119 14.79 9.60 6.05
N GLU A 120 14.60 10.90 5.85
CA GLU A 120 14.55 11.58 4.55
C GLU A 120 15.89 11.46 3.82
N GLN A 121 17.02 11.69 4.51
CA GLN A 121 18.35 11.49 3.95
C GLN A 121 18.63 10.02 3.57
N ALA A 122 18.23 9.06 4.40
CA ALA A 122 18.33 7.64 4.06
C ALA A 122 17.43 7.25 2.86
N LEU A 123 16.20 7.77 2.82
CA LEU A 123 15.23 7.54 1.75
C LEU A 123 15.68 8.15 0.43
N LEU A 124 16.33 9.32 0.42
CA LEU A 124 16.82 9.96 -0.81
C LEU A 124 17.84 9.09 -1.57
N GLU A 125 18.72 8.37 -0.87
CA GLU A 125 19.67 7.45 -1.52
C GLU A 125 19.00 6.17 -2.04
N GLU A 126 17.92 5.74 -1.41
CA GLU A 126 17.08 4.62 -1.86
C GLU A 126 16.19 5.02 -3.06
N LEU A 127 15.66 6.24 -3.09
CA LEU A 127 14.94 6.80 -4.23
C LEU A 127 15.86 7.14 -5.43
N LYS A 128 17.11 7.56 -5.19
CA LYS A 128 18.11 7.78 -6.26
C LYS A 128 18.44 6.51 -7.04
N ALA A 129 18.53 5.37 -6.36
CA ALA A 129 18.72 4.07 -7.00
C ALA A 129 17.51 3.64 -7.86
N LEU A 130 16.31 4.15 -7.54
CA LEU A 130 15.06 3.87 -8.24
C LEU A 130 14.84 4.80 -9.45
N ASP A 131 14.82 6.11 -9.21
CA ASP A 131 14.17 7.12 -10.07
C ASP A 131 14.78 7.26 -11.47
N GLY A 132 16.11 7.30 -11.54
CA GLY A 132 16.84 7.37 -12.82
C GLY A 132 16.64 6.15 -13.70
N HIS A 133 16.32 4.99 -13.10
CA HIS A 133 16.00 3.76 -13.82
C HIS A 133 14.50 3.64 -14.14
N LEU A 134 13.59 4.19 -13.35
CA LEU A 134 12.15 4.28 -13.71
C LEU A 134 11.94 5.07 -15.01
N LYS A 135 12.71 6.16 -15.17
CA LYS A 135 12.78 7.01 -16.38
C LYS A 135 13.26 6.28 -17.64
N VAL A 136 13.81 5.05 -17.53
CA VAL A 136 14.15 4.16 -18.65
C VAL A 136 13.06 3.13 -18.94
N HIS A 137 12.30 2.67 -17.93
CA HIS A 137 11.42 1.50 -18.03
C HIS A 137 9.91 1.82 -18.16
N GLY A 138 9.43 2.96 -17.64
CA GLY A 138 8.02 3.35 -17.78
C GLY A 138 7.42 4.08 -16.57
N PRO A 139 6.14 4.51 -16.66
CA PRO A 139 5.51 5.50 -15.78
C PRO A 139 5.17 5.02 -14.37
N PHE A 140 5.22 3.72 -14.08
CA PHE A 140 4.91 3.17 -12.75
C PHE A 140 6.13 3.21 -11.81
N ILE A 141 5.96 2.87 -10.52
CA ILE A 141 7.09 2.75 -9.57
C ILE A 141 7.84 1.40 -9.71
N ALA A 142 7.56 0.70 -10.82
CA ALA A 142 8.24 -0.48 -11.34
C ALA A 142 8.40 -0.46 -12.88
N GLY A 143 8.40 0.73 -13.50
CA GLY A 143 8.57 0.86 -14.95
C GLY A 143 7.27 0.63 -15.73
N GLU A 144 7.23 -0.40 -16.59
CA GLU A 144 6.19 -0.56 -17.62
C GLU A 144 4.77 -0.78 -17.07
N LYS A 145 4.63 -1.28 -15.82
CA LYS A 145 3.36 -1.77 -15.24
C LYS A 145 3.33 -1.64 -13.72
N ILE A 146 2.13 -1.80 -13.15
CA ILE A 146 1.94 -2.10 -11.72
C ILE A 146 2.50 -3.50 -11.43
N THR A 147 3.35 -3.61 -10.41
CA THR A 147 3.91 -4.87 -9.88
C THR A 147 3.69 -4.97 -8.36
N ALA A 148 4.16 -6.04 -7.72
CA ALA A 148 4.22 -6.14 -6.26
C ALA A 148 5.07 -5.05 -5.56
N VAL A 149 5.91 -4.30 -6.30
CA VAL A 149 6.56 -3.09 -5.80
C VAL A 149 5.55 -1.94 -5.66
N ASP A 150 4.69 -1.70 -6.65
CA ASP A 150 3.54 -0.79 -6.55
C ASP A 150 2.52 -1.24 -5.49
N LEU A 151 2.24 -2.55 -5.41
CA LEU A 151 1.40 -3.14 -4.34
C LEU A 151 2.04 -3.04 -2.93
N SER A 152 3.24 -2.47 -2.80
CA SER A 152 3.93 -2.28 -1.52
C SER A 152 4.23 -0.80 -1.24
N LEU A 153 4.60 -0.03 -2.28
CA LEU A 153 5.00 1.37 -2.17
C LEU A 153 3.85 2.37 -2.40
N ALA A 154 2.94 2.11 -3.35
CA ALA A 154 1.96 3.10 -3.80
C ALA A 154 0.99 3.60 -2.71
N PRO A 155 0.36 2.73 -1.89
CA PRO A 155 -0.51 3.22 -0.82
C PRO A 155 0.27 3.80 0.37
N LYS A 156 1.54 3.40 0.56
CA LYS A 156 2.43 4.04 1.53
C LYS A 156 2.85 5.45 1.09
N LEU A 157 3.03 5.71 -0.20
CA LEU A 157 3.19 7.07 -0.75
C LEU A 157 1.93 7.92 -0.59
N TYR A 158 0.74 7.35 -0.81
CA TYR A 158 -0.53 8.07 -0.59
C TYR A 158 -0.70 8.49 0.88
N HIS A 159 -0.49 7.54 1.79
CA HIS A 159 -0.53 7.76 3.23
C HIS A 159 0.58 8.72 3.71
N LEU A 160 1.71 8.83 2.98
CA LEU A 160 2.79 9.77 3.27
C LEU A 160 2.52 11.21 2.81
N GLU A 161 1.96 11.40 1.59
CA GLU A 161 1.54 12.72 1.08
C GLU A 161 0.45 13.34 1.96
N VAL A 162 -0.41 12.51 2.56
CA VAL A 162 -1.53 12.94 3.41
C VAL A 162 -1.16 12.98 4.90
N ALA A 163 -0.81 11.86 5.54
CA ALA A 163 -0.74 11.74 6.99
C ALA A 163 0.44 12.52 7.60
N LEU A 164 1.66 12.31 7.09
CA LEU A 164 2.83 13.09 7.51
C LEU A 164 2.82 14.49 6.87
N GLY A 165 2.35 14.61 5.62
CA GLY A 165 2.30 15.88 4.89
C GLY A 165 1.47 16.99 5.57
N HIS A 166 0.48 16.61 6.39
CA HIS A 166 -0.26 17.50 7.27
C HIS A 166 0.61 18.23 8.32
N PHE A 167 1.68 17.61 8.80
CA PHE A 167 2.58 18.16 9.82
C PHE A 167 3.94 18.61 9.27
N LYS A 168 4.44 17.93 8.23
CA LYS A 168 5.63 18.30 7.45
C LYS A 168 5.46 17.81 6.01
N ASN A 169 4.99 18.70 5.13
CA ASN A 169 4.97 18.47 3.69
C ASN A 169 6.39 18.52 3.09
N TRP A 170 7.14 17.44 3.29
CA TRP A 170 8.46 17.24 2.69
C TRP A 170 8.30 16.87 1.20
N PRO A 171 8.75 17.71 0.25
CA PRO A 171 8.68 17.38 -1.17
C PRO A 171 9.71 16.29 -1.51
N ILE A 172 9.30 15.33 -2.35
CA ILE A 172 10.25 14.58 -3.18
C ILE A 172 10.89 15.57 -4.17
N PRO A 173 12.22 15.78 -4.18
CA PRO A 173 12.84 16.80 -5.03
C PRO A 173 12.60 16.56 -6.52
N ASP A 174 12.66 17.64 -7.32
CA ASP A 174 12.50 17.62 -8.78
C ASP A 174 13.55 16.78 -9.52
N ASN A 175 14.72 16.54 -8.90
CA ASN A 175 15.71 15.56 -9.38
C ASN A 175 15.13 14.14 -9.46
N LEU A 176 14.37 13.74 -8.43
CA LEU A 176 13.64 12.48 -8.30
C LEU A 176 12.22 12.59 -8.91
N THR A 177 12.18 13.18 -10.11
CA THR A 177 10.97 13.63 -10.81
C THR A 177 9.97 12.50 -11.07
N HIS A 178 10.44 11.27 -11.24
CA HIS A 178 9.59 10.13 -11.60
C HIS A 178 8.83 9.58 -10.39
N VAL A 179 9.46 9.53 -9.21
CA VAL A 179 8.75 9.20 -7.96
C VAL A 179 7.83 10.35 -7.55
N LEU A 180 8.23 11.61 -7.78
CA LEU A 180 7.38 12.80 -7.64
C LEU A 180 6.15 12.78 -8.58
N ASN A 181 6.33 12.39 -9.84
CA ASN A 181 5.21 12.22 -10.79
C ASN A 181 4.33 10.99 -10.47
N TYR A 182 4.89 9.92 -9.92
CA TYR A 182 4.13 8.71 -9.57
C TYR A 182 3.07 8.97 -8.49
N ILE A 183 3.31 9.94 -7.59
CA ILE A 183 2.29 10.45 -6.66
C ILE A 183 1.03 10.92 -7.40
N LYS A 184 1.17 11.51 -8.59
CA LYS A 184 0.04 12.02 -9.37
C LYS A 184 -0.71 10.95 -10.19
N LEU A 185 -0.21 9.70 -10.21
CA LEU A 185 -1.00 8.53 -10.57
C LEU A 185 -1.96 8.07 -9.46
N LEU A 186 -1.70 8.39 -8.18
CA LEU A 186 -2.43 7.82 -7.03
C LEU A 186 -3.91 8.22 -6.98
N PHE A 187 -4.32 9.24 -7.73
CA PHE A 187 -5.72 9.69 -7.85
C PHE A 187 -6.48 9.06 -9.05
N SER A 188 -5.85 8.14 -9.78
CA SER A 188 -6.20 7.78 -11.16
C SER A 188 -6.31 6.27 -11.41
N ARG A 189 -6.52 5.89 -12.68
CA ARG A 189 -6.86 4.52 -13.15
C ARG A 189 -8.16 4.01 -12.51
N GLU A 190 -8.45 2.73 -12.76
CA GLU A 190 -9.42 1.96 -11.98
C GLU A 190 -8.91 1.64 -10.57
N SER A 191 -7.60 1.40 -10.44
CA SER A 191 -6.91 0.93 -9.23
C SER A 191 -6.71 2.04 -8.19
N PHE A 192 -5.69 2.89 -8.35
CA PHE A 192 -5.28 3.82 -7.29
C PHE A 192 -6.43 4.73 -6.80
N LYS A 193 -7.25 5.20 -7.74
CA LYS A 193 -8.45 6.03 -7.52
C LYS A 193 -9.47 5.41 -6.55
N LYS A 194 -9.70 4.10 -6.60
CA LYS A 194 -10.62 3.39 -5.68
C LYS A 194 -9.99 3.12 -4.32
N THR A 195 -8.68 2.87 -4.31
CA THR A 195 -7.91 2.76 -3.06
C THR A 195 -7.68 4.10 -2.34
N ARG A 196 -8.06 5.26 -2.93
CA ARG A 196 -7.92 6.57 -2.31
C ARG A 196 -8.74 6.64 -1.01
N ALA A 197 -8.04 6.69 0.12
CA ALA A 197 -8.66 6.80 1.44
C ALA A 197 -8.96 8.26 1.82
N ALA A 198 -10.10 8.48 2.48
CA ALA A 198 -10.54 9.80 2.97
C ALA A 198 -9.52 10.43 3.94
N GLU A 199 -9.11 11.66 3.63
CA GLU A 199 -7.80 12.20 4.00
C GLU A 199 -7.68 12.60 5.48
N GLU A 200 -8.76 13.12 6.06
CA GLU A 200 -8.88 13.34 7.51
C GLU A 200 -8.80 12.04 8.32
N HIS A 201 -9.40 10.95 7.84
CA HIS A 201 -9.31 9.62 8.44
C HIS A 201 -7.97 8.90 8.16
N VAL A 202 -7.22 9.32 7.14
CA VAL A 202 -5.80 8.92 6.95
C VAL A 202 -4.92 9.56 8.02
N ILE A 203 -5.08 10.86 8.29
CA ILE A 203 -4.32 11.59 9.32
C ILE A 203 -4.68 11.11 10.73
N ALA A 204 -5.97 11.15 11.09
CA ALA A 204 -6.43 10.92 12.47
C ALA A 204 -6.19 9.48 12.96
N GLY A 205 -6.29 8.48 12.07
CA GLY A 205 -5.91 7.12 12.42
C GLY A 205 -4.39 6.87 12.39
N TRP A 206 -3.59 7.72 11.74
CA TRP A 206 -2.12 7.65 11.77
C TRP A 206 -1.50 8.31 13.01
N GLU A 207 -2.18 9.22 13.70
CA GLU A 207 -1.65 9.95 14.87
C GLU A 207 -0.91 9.08 15.92
N PRO A 208 -1.47 7.96 16.44
CA PRO A 208 -0.74 7.09 17.39
C PRO A 208 0.38 6.25 16.75
N LYS A 209 0.37 6.07 15.42
CA LYS A 209 1.34 5.27 14.66
C LYS A 209 2.69 5.96 14.42
N VAL A 210 2.84 7.18 14.93
CA VAL A 210 4.17 7.75 15.23
C VAL A 210 4.93 6.92 16.28
N ASN A 211 4.25 6.09 17.10
CA ASN A 211 4.84 5.14 18.04
C ASN A 211 4.40 3.68 17.81
N ALA A 212 3.16 3.42 17.35
CA ALA A 212 2.60 2.08 17.10
C ALA A 212 3.02 1.43 15.77
N MET A 1 -17.17 -17.50 -1.06
CA MET A 1 -17.56 -17.73 -2.47
C MET A 1 -16.94 -16.68 -3.38
N ALA A 2 -16.18 -17.11 -4.39
CA ALA A 2 -15.34 -16.23 -5.21
C ALA A 2 -14.42 -15.32 -4.34
N LEU A 3 -13.88 -14.23 -4.88
CA LEU A 3 -13.00 -13.34 -4.13
C LEU A 3 -13.78 -12.52 -3.10
N GLU A 4 -13.35 -12.60 -1.84
CA GLU A 4 -13.94 -11.85 -0.72
C GLU A 4 -12.80 -11.31 0.16
N ILE A 5 -12.52 -10.02 -0.02
CA ILE A 5 -11.42 -9.30 0.60
C ILE A 5 -11.87 -8.78 1.95
N CYS A 6 -11.07 -9.03 2.99
CA CYS A 6 -11.24 -8.43 4.31
C CYS A 6 -10.09 -7.44 4.57
N VAL A 7 -10.43 -6.26 5.07
CA VAL A 7 -9.52 -5.10 5.08
C VAL A 7 -9.70 -4.28 6.35
N LYS A 8 -8.60 -3.77 6.93
CA LYS A 8 -8.69 -2.81 8.04
C LYS A 8 -9.31 -1.51 7.50
N ALA A 9 -10.36 -1.05 8.16
CA ALA A 9 -10.98 0.25 7.98
C ALA A 9 -10.27 1.33 8.80
N ALA A 10 -10.67 2.59 8.60
CA ALA A 10 -10.26 3.71 9.43
C ALA A 10 -10.54 3.46 10.91
N VAL A 11 -9.62 3.85 11.79
CA VAL A 11 -9.88 3.86 13.25
C VAL A 11 -11.14 4.68 13.56
N GLY A 12 -12.15 4.02 14.13
CA GLY A 12 -13.46 4.60 14.47
C GLY A 12 -14.51 4.61 13.35
N ALA A 13 -14.16 4.30 12.09
CA ALA A 13 -15.08 4.40 10.96
C ALA A 13 -15.04 3.15 10.04
N PRO A 14 -15.82 2.09 10.37
CA PRO A 14 -15.71 0.74 9.77
C PRO A 14 -16.11 0.59 8.29
N ASN A 15 -16.43 1.68 7.59
CA ASN A 15 -16.94 1.68 6.21
C ASN A 15 -16.03 2.44 5.22
N ILE A 16 -14.87 2.91 5.65
CA ILE A 16 -13.87 3.65 4.84
C ILE A 16 -12.44 3.20 5.20
N LEU A 17 -11.46 3.46 4.33
CA LEU A 17 -10.08 2.96 4.50
C LEU A 17 -9.26 3.69 5.58
N GLY A 18 -9.24 5.03 5.57
CA GLY A 18 -8.41 5.86 6.45
C GLY A 18 -6.94 5.41 6.54
N ASP A 19 -6.46 5.19 7.76
CA ASP A 19 -5.06 4.93 8.15
C ASP A 19 -4.42 3.62 7.64
N SER A 20 -4.94 3.00 6.58
CA SER A 20 -4.72 1.58 6.29
C SER A 20 -4.06 1.39 4.94
N PRO A 21 -2.76 1.76 4.74
CA PRO A 21 -2.05 1.56 3.49
C PRO A 21 -1.80 0.08 3.18
N PHE A 22 -1.67 -0.76 4.22
CA PHE A 22 -1.68 -2.21 4.09
C PHE A 22 -2.98 -2.76 3.49
N CYS A 23 -4.19 -2.20 3.82
CA CYS A 23 -5.45 -2.57 3.20
C CYS A 23 -5.47 -2.20 1.74
N GLN A 24 -5.04 -0.99 1.42
CA GLN A 24 -5.03 -0.48 0.05
C GLN A 24 -4.25 -1.40 -0.91
N ARG A 25 -3.15 -2.03 -0.46
CA ARG A 25 -2.35 -3.02 -1.25
C ARG A 25 -3.22 -4.15 -1.83
N VAL A 26 -4.09 -4.70 -0.99
CA VAL A 26 -4.86 -5.92 -1.24
C VAL A 26 -6.04 -5.65 -2.19
N LEU A 27 -6.61 -4.46 -2.12
CA LEU A 27 -7.57 -3.96 -3.10
C LEU A 27 -6.88 -3.66 -4.45
N LEU A 28 -5.70 -3.05 -4.40
CA LEU A 28 -5.03 -2.46 -5.56
C LEU A 28 -4.73 -3.45 -6.69
N SER A 29 -4.32 -4.70 -6.38
CA SER A 29 -3.96 -5.68 -7.41
C SER A 29 -5.17 -6.22 -8.17
N LEU A 30 -6.24 -6.54 -7.44
CA LEU A 30 -7.50 -7.02 -8.00
C LEU A 30 -8.29 -5.90 -8.69
N GLU A 31 -8.18 -4.66 -8.22
CA GLU A 31 -8.79 -3.50 -8.87
C GLU A 31 -8.01 -2.98 -10.09
N GLU A 32 -6.70 -3.24 -10.18
CA GLU A 32 -5.90 -3.04 -11.40
C GLU A 32 -6.19 -4.11 -12.46
N LYS A 33 -6.31 -5.38 -12.03
CA LYS A 33 -6.84 -6.51 -12.82
C LYS A 33 -8.35 -6.39 -13.10
N LYS A 34 -9.03 -5.43 -12.48
CA LYS A 34 -10.49 -5.15 -12.57
C LYS A 34 -11.41 -6.31 -12.15
N ILE A 35 -10.89 -7.29 -11.42
CA ILE A 35 -11.63 -8.47 -10.98
C ILE A 35 -12.58 -8.10 -9.83
N PRO A 36 -13.90 -8.37 -9.91
CA PRO A 36 -14.84 -8.05 -8.84
C PRO A 36 -14.63 -8.94 -7.60
N TYR A 37 -14.95 -8.37 -6.43
CA TYR A 37 -14.78 -8.99 -5.12
C TYR A 37 -15.84 -8.47 -4.13
N LYS A 38 -16.10 -9.19 -3.03
CA LYS A 38 -16.82 -8.63 -1.87
C LYS A 38 -15.86 -7.90 -0.95
N SER A 39 -16.18 -6.68 -0.53
CA SER A 39 -15.40 -5.92 0.45
C SER A 39 -15.92 -6.12 1.88
N HIS A 40 -15.01 -6.42 2.81
CA HIS A 40 -15.27 -6.53 4.25
C HIS A 40 -14.31 -5.61 5.02
N LEU A 41 -14.56 -4.30 4.97
CA LEU A 41 -13.88 -3.29 5.81
C LEU A 41 -14.24 -3.50 7.30
N ILE A 42 -13.25 -3.47 8.19
CA ILE A 42 -13.41 -3.74 9.64
C ILE A 42 -12.66 -2.69 10.48
N ASN A 43 -13.33 -2.02 11.42
CA ASN A 43 -12.70 -1.21 12.45
C ASN A 43 -12.37 -2.09 13.67
N LEU A 44 -11.11 -2.51 13.79
CA LEU A 44 -10.54 -3.09 15.03
C LEU A 44 -11.31 -4.30 15.62
N GLY A 45 -12.06 -5.04 14.79
CA GLY A 45 -12.84 -6.22 15.20
C GLY A 45 -14.35 -5.99 15.37
N ASP A 46 -14.92 -4.90 14.84
CA ASP A 46 -16.38 -4.66 14.87
C ASP A 46 -17.22 -5.68 14.05
N LYS A 47 -16.57 -6.56 13.29
CA LYS A 47 -17.16 -7.58 12.42
C LYS A 47 -16.43 -8.92 12.66
N PRO A 48 -17.14 -10.07 12.63
CA PRO A 48 -16.73 -11.29 13.32
C PRO A 48 -15.43 -11.91 12.82
N GLN A 49 -14.90 -12.83 13.63
CA GLN A 49 -13.63 -13.54 13.40
C GLN A 49 -13.58 -14.39 12.11
N TRP A 50 -14.73 -14.65 11.48
CA TRP A 50 -14.88 -15.21 10.12
C TRP A 50 -14.16 -14.43 9.00
N PHE A 51 -13.82 -13.17 9.28
CA PHE A 51 -13.14 -12.22 8.38
C PHE A 51 -11.71 -11.86 8.86
N LEU A 52 -11.18 -12.60 9.84
CA LEU A 52 -9.94 -12.34 10.59
C LEU A 52 -9.09 -13.61 10.80
N GLU A 53 -9.74 -14.76 11.07
CA GLU A 53 -9.18 -16.13 11.15
C GLU A 53 -8.53 -16.61 9.84
N ILE A 54 -8.81 -15.89 8.75
CA ILE A 54 -8.16 -15.98 7.45
C ILE A 54 -6.64 -15.68 7.56
N SER A 55 -6.22 -14.99 8.63
CA SER A 55 -4.89 -15.06 9.22
C SER A 55 -4.90 -15.85 10.54
N PRO A 56 -3.79 -16.55 10.90
CA PRO A 56 -3.64 -17.14 12.23
C PRO A 56 -3.48 -16.10 13.35
N GLU A 57 -3.25 -14.83 12.98
CA GLU A 57 -3.07 -13.68 13.87
C GLU A 57 -4.38 -13.01 14.28
N GLY A 58 -5.52 -13.35 13.64
CA GLY A 58 -6.81 -12.67 13.87
C GLY A 58 -6.87 -11.23 13.32
N LYS A 59 -6.10 -10.93 12.27
CA LYS A 59 -5.94 -9.59 11.68
C LYS A 59 -6.74 -9.40 10.39
N VAL A 60 -6.78 -8.14 9.96
CA VAL A 60 -6.97 -7.70 8.57
C VAL A 60 -5.79 -6.79 8.17
N PRO A 61 -5.46 -6.65 6.87
CA PRO A 61 -6.12 -7.23 5.70
C PRO A 61 -5.72 -8.69 5.39
N VAL A 62 -6.66 -9.44 4.83
CA VAL A 62 -6.62 -10.89 4.52
C VAL A 62 -7.62 -11.20 3.38
N VAL A 63 -7.48 -12.31 2.65
CA VAL A 63 -8.41 -12.65 1.54
C VAL A 63 -8.91 -14.09 1.52
N LYS A 64 -10.14 -14.25 1.06
CA LYS A 64 -10.71 -15.52 0.61
C LYS A 64 -10.56 -15.64 -0.91
N ILE A 65 -9.93 -16.72 -1.38
CA ILE A 65 -9.89 -17.13 -2.78
C ILE A 65 -10.92 -18.25 -2.98
N ASP A 66 -12.19 -17.87 -3.09
CA ASP A 66 -13.35 -18.77 -2.98
C ASP A 66 -13.38 -19.54 -1.65
N ASP A 67 -13.34 -18.79 -0.55
CA ASP A 67 -13.25 -19.30 0.83
C ASP A 67 -12.03 -20.20 1.14
N LYS A 68 -10.98 -20.15 0.30
CA LYS A 68 -9.65 -20.73 0.58
C LYS A 68 -8.72 -19.59 1.01
N TRP A 69 -8.27 -19.63 2.26
CA TRP A 69 -7.80 -18.45 3.00
C TRP A 69 -6.33 -18.07 2.71
N VAL A 70 -6.04 -16.77 2.77
CA VAL A 70 -4.68 -16.19 2.68
C VAL A 70 -4.57 -15.02 3.68
N ALA A 71 -3.52 -15.05 4.51
CA ALA A 71 -3.24 -14.11 5.60
C ALA A 71 -2.75 -12.72 5.10
N ASP A 72 -1.89 -12.04 5.88
CA ASP A 72 -1.49 -10.63 5.72
C ASP A 72 -1.17 -10.16 4.29
N SER A 73 -1.23 -8.84 4.08
CA SER A 73 -0.88 -8.18 2.81
C SER A 73 0.52 -8.50 2.26
N ASP A 74 1.51 -8.74 3.13
CA ASP A 74 2.88 -9.13 2.73
C ASP A 74 3.03 -10.59 2.25
N VAL A 75 2.07 -11.49 2.54
CA VAL A 75 1.99 -12.79 1.86
C VAL A 75 0.98 -12.77 0.70
N ILE A 76 -0.02 -11.88 0.71
CA ILE A 76 -0.96 -11.69 -0.41
C ILE A 76 -0.24 -11.24 -1.70
N VAL A 77 0.74 -10.33 -1.60
CA VAL A 77 1.52 -9.86 -2.76
C VAL A 77 2.34 -10.95 -3.47
N GLY A 78 2.42 -12.16 -2.90
CA GLY A 78 2.79 -13.39 -3.61
C GLY A 78 1.58 -14.32 -3.82
N ILE A 79 0.98 -14.81 -2.73
CA ILE A 79 0.07 -15.97 -2.72
C ILE A 79 -1.28 -15.69 -3.40
N LEU A 80 -1.81 -14.47 -3.34
CA LEU A 80 -3.01 -14.11 -4.12
C LEU A 80 -2.68 -14.04 -5.61
N GLU A 81 -1.58 -13.37 -5.94
CA GLU A 81 -1.12 -13.14 -7.31
C GLU A 81 -0.72 -14.45 -8.03
N GLU A 82 -0.15 -15.41 -7.30
CA GLU A 82 0.12 -16.79 -7.73
C GLU A 82 -1.17 -17.55 -8.13
N LYS A 83 -2.25 -17.36 -7.38
CA LYS A 83 -3.49 -18.17 -7.46
C LYS A 83 -4.62 -17.46 -8.21
N ASN A 84 -4.33 -16.30 -8.80
CA ASN A 84 -5.27 -15.49 -9.56
C ASN A 84 -5.27 -15.89 -11.06
N PRO A 85 -6.42 -15.85 -11.76
CA PRO A 85 -6.47 -16.23 -13.18
C PRO A 85 -5.81 -15.21 -14.14
N GLU A 86 -5.66 -13.94 -13.74
CA GLU A 86 -4.77 -13.00 -14.42
C GLU A 86 -3.32 -13.20 -13.91
N PRO A 87 -2.28 -13.06 -14.75
CA PRO A 87 -0.89 -13.32 -14.37
C PRO A 87 -0.40 -12.54 -13.13
N PRO A 88 0.54 -13.11 -12.34
CA PRO A 88 0.99 -12.53 -11.08
C PRO A 88 1.70 -11.18 -11.27
N LEU A 89 1.20 -10.15 -10.58
CA LEU A 89 1.94 -8.91 -10.31
C LEU A 89 3.12 -9.14 -9.34
N ALA A 90 3.18 -10.31 -8.69
CA ALA A 90 4.33 -10.80 -7.92
C ALA A 90 5.62 -11.04 -8.73
N THR A 91 5.53 -11.04 -10.07
CA THR A 91 6.69 -11.25 -10.95
C THR A 91 7.73 -10.14 -10.71
N PRO A 92 8.96 -10.45 -10.23
CA PRO A 92 9.86 -9.42 -9.72
C PRO A 92 10.53 -8.63 -10.86
N PRO A 93 10.41 -7.29 -10.88
CA PRO A 93 11.31 -6.42 -11.66
C PRO A 93 12.67 -6.32 -10.95
N GLU A 94 13.66 -5.69 -11.61
CA GLU A 94 14.94 -5.31 -10.97
C GLU A 94 14.77 -4.40 -9.75
N PHE A 95 13.74 -3.54 -9.81
CA PHE A 95 13.28 -2.66 -8.74
C PHE A 95 12.82 -3.37 -7.45
N ALA A 96 12.59 -4.69 -7.47
CA ALA A 96 12.32 -5.47 -6.26
C ALA A 96 13.47 -5.39 -5.23
N SER A 97 14.72 -5.27 -5.69
CA SER A 97 15.90 -5.06 -4.86
C SER A 97 16.00 -3.66 -4.22
N VAL A 98 15.19 -2.70 -4.68
CA VAL A 98 15.21 -1.30 -4.22
C VAL A 98 13.93 -0.95 -3.44
N GLY A 99 12.77 -1.40 -3.93
CA GLY A 99 11.48 -1.27 -3.25
C GLY A 99 11.37 -2.08 -1.96
N SER A 100 12.12 -3.18 -1.82
CA SER A 100 12.26 -3.91 -0.56
C SER A 100 13.03 -3.16 0.53
N LYS A 101 13.81 -2.11 0.20
CA LYS A 101 14.31 -1.12 1.17
C LYS A 101 13.29 -0.01 1.46
N ILE A 102 12.71 0.55 0.39
CA ILE A 102 11.83 1.71 0.51
C ILE A 102 10.54 1.36 1.27
N PHE A 103 10.08 0.10 1.21
CA PHE A 103 8.90 -0.37 1.94
C PHE A 103 9.03 -0.25 3.47
N PRO A 104 10.10 -0.73 4.14
CA PRO A 104 10.38 -0.43 5.55
C PRO A 104 10.91 0.99 5.82
N SER A 105 11.61 1.64 4.88
CA SER A 105 12.03 3.05 5.05
C SER A 105 10.84 4.02 5.15
N PHE A 106 9.75 3.76 4.42
CA PHE A 106 8.46 4.42 4.61
C PHE A 106 7.79 4.10 5.96
N VAL A 107 8.02 2.94 6.58
CA VAL A 107 7.50 2.65 7.93
C VAL A 107 8.17 3.56 8.96
N LYS A 108 9.49 3.76 8.87
CA LYS A 108 10.22 4.69 9.74
C LYS A 108 9.80 6.15 9.56
N PHE A 109 9.64 6.59 8.31
CA PHE A 109 9.26 7.97 8.01
C PHE A 109 7.79 8.26 8.40
N LEU A 110 6.98 7.20 8.51
CA LEU A 110 5.65 7.19 9.12
C LEU A 110 5.65 6.73 10.59
N LYS A 111 6.79 6.80 11.29
CA LYS A 111 6.95 6.44 12.70
C LYS A 111 7.89 7.43 13.38
N SER A 112 7.39 8.66 13.52
CA SER A 112 8.11 9.88 13.94
C SER A 112 8.75 9.85 15.34
N LYS A 113 8.78 8.69 16.00
CA LYS A 113 9.71 8.38 17.08
C LYS A 113 11.16 8.20 16.58
N ASP A 114 11.35 7.69 15.37
CA ASP A 114 12.59 7.86 14.61
C ASP A 114 12.72 9.34 14.15
N PRO A 115 13.95 9.88 14.00
CA PRO A 115 14.15 11.24 13.50
C PRO A 115 13.80 11.30 12.00
N ASN A 116 12.60 11.82 11.68
CA ASN A 116 12.10 11.87 10.31
C ASN A 116 13.01 12.64 9.34
N ASP A 117 13.61 13.76 9.76
CA ASP A 117 14.56 14.52 8.91
C ASP A 117 15.90 13.81 8.65
N GLY A 118 16.26 12.81 9.46
CA GLY A 118 17.38 11.90 9.18
C GLY A 118 16.96 10.65 8.39
N THR A 119 15.72 10.21 8.56
CA THR A 119 15.09 9.13 7.78
C THR A 119 14.84 9.56 6.33
N GLU A 120 14.54 10.84 6.13
CA GLU A 120 14.46 11.53 4.83
C GLU A 120 15.78 11.44 4.06
N GLN A 121 16.92 11.68 4.73
CA GLN A 121 18.25 11.54 4.13
C GLN A 121 18.56 10.10 3.71
N ALA A 122 18.20 9.11 4.54
CA ALA A 122 18.35 7.69 4.17
C ALA A 122 17.47 7.29 2.99
N LEU A 123 16.21 7.75 2.96
CA LEU A 123 15.24 7.50 1.90
C LEU A 123 15.66 8.14 0.56
N LEU A 124 16.25 9.33 0.58
CA LEU A 124 16.70 10.02 -0.63
C LEU A 124 17.76 9.23 -1.41
N GLU A 125 18.68 8.54 -0.73
CA GLU A 125 19.68 7.68 -1.40
C GLU A 125 19.05 6.41 -2.00
N GLU A 126 18.02 5.86 -1.35
CA GLU A 126 17.25 4.71 -1.86
C GLU A 126 16.37 5.08 -3.06
N LEU A 127 15.81 6.30 -3.08
CA LEU A 127 15.08 6.86 -4.22
C LEU A 127 15.98 7.23 -5.40
N LYS A 128 17.24 7.64 -5.17
CA LYS A 128 18.21 7.89 -6.27
C LYS A 128 18.56 6.62 -7.04
N ALA A 129 18.65 5.47 -6.36
CA ALA A 129 18.84 4.18 -7.02
C ALA A 129 17.63 3.76 -7.88
N LEU A 130 16.43 4.21 -7.52
CA LEU A 130 15.18 3.91 -8.22
C LEU A 130 14.92 4.83 -9.43
N ASP A 131 14.88 6.14 -9.21
CA ASP A 131 14.16 7.10 -10.06
C ASP A 131 14.75 7.25 -11.47
N GLY A 132 16.08 7.29 -11.59
CA GLY A 132 16.77 7.36 -12.87
C GLY A 132 16.58 6.12 -13.76
N HIS A 133 16.32 4.96 -13.14
CA HIS A 133 16.08 3.71 -13.86
C HIS A 133 14.59 3.49 -14.18
N LEU A 134 13.66 4.06 -13.41
CA LEU A 134 12.25 4.16 -13.80
C LEU A 134 12.06 4.99 -15.07
N LYS A 135 12.80 6.10 -15.19
CA LYS A 135 12.86 6.96 -16.39
C LYS A 135 13.37 6.26 -17.66
N VAL A 136 13.98 5.08 -17.54
CA VAL A 136 14.37 4.21 -18.67
C VAL A 136 13.30 3.17 -19.00
N HIS A 137 12.58 2.65 -18.01
CA HIS A 137 11.61 1.56 -18.17
C HIS A 137 10.19 2.03 -18.53
N GLY A 138 9.60 2.94 -17.74
CA GLY A 138 8.17 3.27 -17.89
C GLY A 138 7.53 3.96 -16.69
N PRO A 139 6.24 4.34 -16.79
CA PRO A 139 5.58 5.34 -15.95
C PRO A 139 5.20 4.92 -14.53
N PHE A 140 5.31 3.64 -14.17
CA PHE A 140 4.96 3.12 -12.84
C PHE A 140 6.18 3.11 -11.89
N ILE A 141 6.00 2.80 -10.60
CA ILE A 141 7.12 2.72 -9.63
C ILE A 141 7.90 1.39 -9.72
N ALA A 142 7.63 0.65 -10.80
CA ALA A 142 8.36 -0.52 -11.27
C ALA A 142 8.65 -0.51 -12.78
N GLY A 143 8.41 0.62 -13.48
CA GLY A 143 8.64 0.72 -14.92
C GLY A 143 7.37 0.58 -15.76
N GLU A 144 7.41 -0.30 -16.76
CA GLU A 144 6.40 -0.44 -17.82
C GLU A 144 5.03 -0.95 -17.34
N LYS A 145 4.98 -1.66 -16.19
CA LYS A 145 3.75 -2.13 -15.54
C LYS A 145 3.78 -1.90 -14.02
N ILE A 146 2.59 -1.84 -13.43
CA ILE A 146 2.35 -2.06 -11.99
C ILE A 146 2.77 -3.50 -11.61
N THR A 147 3.54 -3.63 -10.53
CA THR A 147 4.03 -4.89 -9.95
C THR A 147 3.78 -4.95 -8.44
N ALA A 148 4.23 -6.01 -7.75
CA ALA A 148 4.25 -6.10 -6.29
C ALA A 148 5.11 -5.02 -5.60
N VAL A 149 5.97 -4.30 -6.33
CA VAL A 149 6.64 -3.07 -5.84
C VAL A 149 5.62 -1.92 -5.69
N ASP A 150 4.77 -1.68 -6.70
CA ASP A 150 3.62 -0.77 -6.61
C ASP A 150 2.59 -1.21 -5.54
N LEU A 151 2.29 -2.50 -5.46
CA LEU A 151 1.44 -3.08 -4.39
C LEU A 151 2.05 -2.96 -2.99
N SER A 152 3.27 -2.44 -2.85
CA SER A 152 3.94 -2.23 -1.56
C SER A 152 4.23 -0.76 -1.29
N LEU A 153 4.64 0.01 -2.32
CA LEU A 153 5.03 1.41 -2.20
C LEU A 153 3.89 2.40 -2.42
N ALA A 154 2.97 2.16 -3.36
CA ALA A 154 1.98 3.15 -3.79
C ALA A 154 1.04 3.65 -2.66
N PRO A 155 0.44 2.79 -1.81
CA PRO A 155 -0.40 3.27 -0.73
C PRO A 155 0.40 3.85 0.45
N LYS A 156 1.68 3.46 0.61
CA LYS A 156 2.58 4.10 1.58
C LYS A 156 3.02 5.50 1.13
N LEU A 157 3.19 5.75 -0.17
CA LEU A 157 3.33 7.10 -0.74
C LEU A 157 2.07 7.96 -0.53
N TYR A 158 0.87 7.39 -0.71
CA TYR A 158 -0.38 8.10 -0.44
C TYR A 158 -0.51 8.50 1.05
N HIS A 159 -0.21 7.56 1.95
CA HIS A 159 -0.18 7.80 3.39
C HIS A 159 0.93 8.79 3.81
N LEU A 160 2.02 8.90 3.04
CA LEU A 160 3.09 9.89 3.26
C LEU A 160 2.72 11.31 2.79
N GLU A 161 2.11 11.45 1.59
CA GLU A 161 1.61 12.74 1.08
C GLU A 161 0.50 13.32 1.98
N VAL A 162 -0.34 12.45 2.55
CA VAL A 162 -1.47 12.86 3.41
C VAL A 162 -1.10 12.97 4.89
N ALA A 163 -0.66 11.87 5.54
CA ALA A 163 -0.58 11.79 6.99
C ALA A 163 0.66 12.50 7.57
N LEU A 164 1.85 12.24 7.01
CA LEU A 164 3.03 13.04 7.36
C LEU A 164 2.91 14.48 6.83
N GLY A 165 2.32 14.65 5.64
CA GLY A 165 2.15 15.95 4.99
C GLY A 165 1.36 16.99 5.80
N HIS A 166 0.44 16.55 6.67
CA HIS A 166 -0.27 17.40 7.63
C HIS A 166 0.65 18.08 8.67
N PHE A 167 1.78 17.45 9.04
CA PHE A 167 2.72 17.97 10.05
C PHE A 167 4.06 18.44 9.45
N LYS A 168 4.49 17.81 8.35
CA LYS A 168 5.60 18.23 7.49
C LYS A 168 5.31 17.78 6.05
N ASN A 169 4.84 18.71 5.22
CA ASN A 169 4.75 18.51 3.77
C ASN A 169 6.15 18.44 3.14
N TRP A 170 6.71 17.23 3.09
CA TRP A 170 7.95 16.93 2.39
C TRP A 170 7.68 16.70 0.89
N PRO A 171 8.14 17.60 -0.01
CA PRO A 171 8.10 17.32 -1.44
C PRO A 171 9.17 16.29 -1.80
N ILE A 172 8.82 15.32 -2.64
CA ILE A 172 9.82 14.52 -3.37
C ILE A 172 10.56 15.46 -4.34
N PRO A 173 11.90 15.65 -4.23
CA PRO A 173 12.61 16.66 -5.01
C PRO A 173 12.48 16.45 -6.52
N ASP A 174 12.60 17.54 -7.28
CA ASP A 174 12.46 17.56 -8.76
C ASP A 174 13.49 16.69 -9.50
N ASN A 175 14.65 16.40 -8.89
CA ASN A 175 15.61 15.42 -9.40
C ASN A 175 15.03 13.99 -9.43
N LEU A 176 14.28 13.62 -8.39
CA LEU A 176 13.52 12.38 -8.22
C LEU A 176 12.12 12.49 -8.88
N THR A 177 12.11 13.04 -10.10
CA THR A 177 10.92 13.49 -10.81
C THR A 177 9.93 12.36 -11.09
N HIS A 178 10.40 11.13 -11.23
CA HIS A 178 9.55 10.00 -11.61
C HIS A 178 8.71 9.50 -10.44
N VAL A 179 9.28 9.41 -9.24
CA VAL A 179 8.53 9.11 -8.02
C VAL A 179 7.64 10.31 -7.60
N LEU A 180 8.08 11.54 -7.87
CA LEU A 180 7.25 12.75 -7.76
C LEU A 180 6.04 12.73 -8.71
N ASN A 181 6.22 12.32 -9.97
CA ASN A 181 5.12 12.14 -10.93
C ASN A 181 4.22 10.95 -10.57
N TYR A 182 4.77 9.88 -9.98
CA TYR A 182 4.01 8.71 -9.57
C TYR A 182 2.97 9.00 -8.48
N ILE A 183 3.20 10.02 -7.65
CA ILE A 183 2.19 10.59 -6.74
C ILE A 183 0.91 10.96 -7.51
N LYS A 184 1.04 11.53 -8.71
CA LYS A 184 -0.12 11.99 -9.50
C LYS A 184 -0.86 10.87 -10.24
N LEU A 185 -0.28 9.65 -10.27
CA LEU A 185 -1.01 8.43 -10.59
C LEU A 185 -1.89 7.90 -9.43
N LEU A 186 -1.61 8.26 -8.17
CA LEU A 186 -2.36 7.76 -7.01
C LEU A 186 -3.85 8.15 -7.02
N PHE A 187 -4.21 9.21 -7.75
CA PHE A 187 -5.59 9.69 -7.91
C PHE A 187 -6.35 9.04 -9.09
N SER A 188 -5.74 8.07 -9.78
CA SER A 188 -6.08 7.66 -11.15
C SER A 188 -6.28 6.14 -11.33
N ARG A 189 -6.51 5.71 -12.59
CA ARG A 189 -6.87 4.33 -12.99
C ARG A 189 -8.19 3.87 -12.35
N GLU A 190 -8.49 2.58 -12.48
CA GLU A 190 -9.45 1.91 -11.60
C GLU A 190 -8.86 1.76 -10.19
N SER A 191 -7.63 1.24 -10.14
CA SER A 191 -6.90 0.80 -8.95
C SER A 191 -6.64 1.92 -7.94
N PHE A 192 -5.66 2.78 -8.18
CA PHE A 192 -5.22 3.74 -7.16
C PHE A 192 -6.37 4.64 -6.68
N LYS A 193 -7.21 5.08 -7.62
CA LYS A 193 -8.41 5.91 -7.37
C LYS A 193 -9.45 5.25 -6.46
N LYS A 194 -9.73 3.94 -6.59
CA LYS A 194 -10.63 3.22 -5.66
C LYS A 194 -10.01 3.04 -4.28
N THR A 195 -8.69 2.83 -4.22
CA THR A 195 -7.95 2.76 -2.96
C THR A 195 -7.69 4.11 -2.29
N ARG A 196 -8.10 5.25 -2.87
CA ARG A 196 -7.90 6.59 -2.31
C ARG A 196 -8.67 6.75 -0.99
N ALA A 197 -7.98 6.61 0.13
CA ALA A 197 -8.57 6.73 1.46
C ALA A 197 -8.89 8.20 1.81
N ALA A 198 -10.08 8.45 2.36
CA ALA A 198 -10.53 9.79 2.76
C ALA A 198 -9.58 10.42 3.79
N GLU A 199 -9.06 11.61 3.44
CA GLU A 199 -7.75 12.09 3.84
C GLU A 199 -7.61 12.41 5.34
N GLU A 200 -8.65 13.02 5.92
CA GLU A 200 -8.73 13.32 7.37
C GLU A 200 -8.69 12.04 8.23
N HIS A 201 -9.26 10.94 7.74
CA HIS A 201 -9.22 9.64 8.41
C HIS A 201 -7.90 8.88 8.20
N VAL A 202 -7.05 9.29 7.25
CA VAL A 202 -5.66 8.83 7.17
C VAL A 202 -4.82 9.51 8.27
N ILE A 203 -4.98 10.82 8.42
CA ILE A 203 -4.27 11.64 9.44
C ILE A 203 -4.66 11.21 10.86
N ALA A 204 -5.97 11.21 11.16
CA ALA A 204 -6.48 10.94 12.51
C ALA A 204 -6.17 9.52 13.01
N GLY A 205 -6.17 8.53 12.11
CA GLY A 205 -5.76 7.17 12.46
C GLY A 205 -4.23 6.95 12.43
N TRP A 206 -3.44 7.84 11.82
CA TRP A 206 -1.98 7.81 11.87
C TRP A 206 -1.39 8.45 13.14
N GLU A 207 -2.12 9.32 13.83
CA GLU A 207 -1.64 10.04 15.03
C GLU A 207 -0.97 9.14 16.11
N PRO A 208 -1.53 7.98 16.54
CA PRO A 208 -0.83 7.08 17.47
C PRO A 208 0.31 6.27 16.82
N LYS A 209 0.28 6.07 15.50
CA LYS A 209 1.26 5.29 14.71
C LYS A 209 2.58 6.01 14.45
N VAL A 210 2.72 7.26 14.90
CA VAL A 210 4.03 7.88 15.14
C VAL A 210 4.86 7.12 16.18
N ASN A 211 4.22 6.31 17.05
CA ASN A 211 4.88 5.37 17.97
C ASN A 211 4.52 3.89 17.76
N ALA A 212 3.29 3.58 17.31
CA ALA A 212 2.79 2.20 17.16
C ALA A 212 3.25 1.49 15.88
#